data_8VGK
#
_entry.id   8VGK
#
_cell.length_a   1.00
_cell.length_b   1.00
_cell.length_c   1.00
_cell.angle_alpha   90.00
_cell.angle_beta   90.00
_cell.angle_gamma   90.00
#
_symmetry.space_group_name_H-M   'P 1'
#
loop_
_entity.id
_entity.type
_entity.pdbx_description
1 polymer 'Tryptase alpha/beta-1'
2 polymer 'Fab E104.v1.6DS light chain'
3 polymer 'Fab E104.v1.6DS light chain'
4 water water
#
loop_
_entity_poly.entity_id
_entity_poly.type
_entity_poly.pdbx_seq_one_letter_code
_entity_poly.pdbx_strand_id
1 'polypeptide(L)'
;IVGGQEAPRSKWPWQVSLRVHGPYWMHFCGGSLIHPQWVLTAAHCVGPDVKDLAALRVQLREQHLYYQDQLLPVSRIIVH
PQFYTAQIGADIALLELEEPVNVSSHVHTVTLPPASETFPPGMPCWVTGWGDVDNDERLPPPFPLKQVKVPIMENHICDA
KYHLGAYTGDDVRIVRDDMLCAGNTRRDSCQGDSGGPLVCKVNGTWLQAGVVSWGEGCAQPNRPGIYTRVTYYLDWIHHY
VPKKP
;
A,B,C,D
2 'polypeptide(L)'
;DIQMTQSPSSLSASVGDRVTITCQSIKSVYNNRLGWYQQKCGKAPKLLIYETSILTSGVPSRFSGSGSGTDFTLTISSLQ
CEDFATYYCAGGFDRSGDTTFGQGTKVEIKRTVAAPSVCIFPPSDECLKSGTASVVCLLNNFYPREAKVQWKVDNALQSG
NSQESVTCQDSKDCTYSLSSTLTLSKADYEKHKVYACEVTHQGLSSPVTKSFNRGEC
;
E,G,I,L
3 'polypeptide(L)'
;EVQLVESGPGCVKPSETLSLTCTVSRFSLIGYAITWIRQPPGKGLEWIGGISSAATTFYSSWAKSRVTISVDTSKNQFSL
KLSSVTAADTAVYYCARDPRGYGAALDRLDLWGQGTCVTVSSFASTKGPSVCPLAPSSKSTSGGTACLGCLVKDYFCECP
VTVSWNSGALTSGVHTFPAVLQSSGLYSLSSVVTVPSSSLGTQTYICNVNHKPSNTKVDKKVEPKSCDKTHTHHHHHHP
;
F,H,J,K
#
# COMPACT_ATOMS: atom_id res chain seq x y z
N ILE A 1 -13.09 -17.93 -4.21
CA ILE A 1 -13.41 -19.08 -5.05
C ILE A 1 -12.81 -18.88 -6.44
N VAL A 2 -11.93 -19.78 -6.85
CA VAL A 2 -11.36 -19.75 -8.20
C VAL A 2 -12.16 -20.68 -9.09
N GLY A 3 -12.58 -20.18 -10.25
CA GLY A 3 -13.60 -20.83 -11.04
C GLY A 3 -15.02 -20.65 -10.50
N GLY A 4 -15.96 -21.25 -11.22
CA GLY A 4 -17.36 -21.25 -10.86
C GLY A 4 -18.01 -19.87 -10.93
N GLN A 5 -19.31 -19.86 -10.64
CA GLN A 5 -20.17 -18.72 -10.91
C GLN A 5 -20.80 -18.22 -9.62
N GLU A 6 -21.58 -17.14 -9.74
CA GLU A 6 -22.51 -16.74 -8.69
C GLU A 6 -23.46 -17.90 -8.35
N ALA A 7 -23.66 -18.12 -7.06
CA ALA A 7 -24.59 -19.12 -6.58
C ALA A 7 -26.06 -18.71 -6.78
N PRO A 8 -26.93 -19.63 -7.19
CA PRO A 8 -28.37 -19.39 -7.16
C PRO A 8 -28.90 -19.11 -5.75
N ARG A 9 -29.98 -18.33 -5.69
CA ARG A 9 -30.41 -17.71 -4.44
C ARG A 9 -30.99 -18.69 -3.42
N SER A 10 -31.50 -19.84 -3.85
CA SER A 10 -31.95 -20.88 -2.92
C SER A 10 -30.87 -21.90 -2.52
N LYS A 11 -29.73 -21.95 -3.20
CA LYS A 11 -29.01 -23.22 -3.29
C LYS A 11 -28.24 -23.62 -2.02
N TRP A 12 -27.72 -22.70 -1.20
CA TRP A 12 -26.84 -23.07 -0.08
C TRP A 12 -27.25 -22.41 1.23
N PRO A 13 -28.38 -22.82 1.80
CA PRO A 13 -29.03 -22.03 2.86
C PRO A 13 -28.29 -22.00 4.19
N TRP A 14 -27.31 -22.85 4.39
CA TRP A 14 -26.52 -22.95 5.62
C TRP A 14 -25.28 -22.05 5.67
N GLN A 15 -24.88 -21.42 4.56
CA GLN A 15 -23.67 -20.61 4.51
C GLN A 15 -23.72 -19.43 5.49
N VAL A 16 -22.62 -19.23 6.23
CA VAL A 16 -22.49 -18.19 7.25
C VAL A 16 -21.32 -17.27 6.90
N SER A 17 -21.46 -15.99 7.24
CA SER A 17 -20.38 -15.00 7.20
C SER A 17 -20.00 -14.52 8.61
N LEU A 18 -18.71 -14.57 8.93
CA LEU A 18 -18.17 -13.98 10.16
C LEU A 18 -17.64 -12.57 9.92
N ARG A 19 -18.01 -11.63 10.80
CA ARG A 19 -17.71 -10.22 10.68
C ARG A 19 -16.89 -9.71 11.86
N VAL A 20 -15.87 -8.90 11.58
CA VAL A 20 -15.05 -8.30 12.63
C VAL A 20 -15.29 -6.79 12.65
N HIS A 21 -15.31 -6.23 13.85
CA HIS A 21 -15.49 -4.80 14.05
C HIS A 21 -14.32 -3.96 13.58
N GLY A 22 -14.64 -2.83 12.95
CA GLY A 22 -13.67 -1.88 12.45
C GLY A 22 -14.37 -0.60 12.01
N PRO A 23 -13.90 0.00 10.90
CA PRO A 23 -14.68 1.08 10.28
C PRO A 23 -16.03 0.60 9.77
N TYR A 24 -16.19 -0.70 9.59
CA TYR A 24 -17.46 -1.35 9.32
C TYR A 24 -17.27 -2.81 9.73
N TRP A 25 -18.39 -3.51 9.81
CA TRP A 25 -18.41 -4.94 10.13
C TRP A 25 -17.98 -5.78 8.92
N MET A 26 -16.69 -6.06 8.85
CA MET A 26 -16.05 -6.62 7.66
C MET A 26 -16.02 -8.14 7.69
N HIS A 27 -16.37 -8.76 6.57
CA HIS A 27 -16.22 -10.20 6.36
C HIS A 27 -14.76 -10.63 6.46
N PHE A 28 -14.49 -11.62 7.31
CA PHE A 28 -13.16 -12.21 7.36
C PHE A 28 -13.15 -13.73 7.20
N CYS A 29 -14.24 -14.44 7.51
CA CYS A 29 -14.18 -15.90 7.55
C CYS A 29 -15.56 -16.49 7.23
N GLY A 30 -15.56 -17.72 6.71
CA GLY A 30 -16.79 -18.48 6.51
C GLY A 30 -17.20 -19.36 7.69
N GLY A 31 -18.36 -19.99 7.54
CA GLY A 31 -18.86 -20.99 8.47
C GLY A 31 -20.10 -21.66 7.91
N SER A 32 -20.62 -22.64 8.68
CA SER A 32 -21.88 -23.30 8.35
C SER A 32 -22.77 -23.47 9.58
N LEU A 33 -24.07 -23.25 9.40
CA LEU A 33 -25.07 -23.52 10.43
C LEU A 33 -25.42 -25.00 10.49
N ILE A 34 -25.05 -25.63 11.60
CA ILE A 34 -25.21 -27.07 11.79
C ILE A 34 -26.34 -27.40 12.74
N HIS A 35 -26.78 -26.45 13.55
CA HIS A 35 -27.88 -26.59 14.48
C HIS A 35 -28.46 -25.20 14.64
N PRO A 36 -29.73 -25.08 15.03
CA PRO A 36 -30.31 -23.74 15.18
C PRO A 36 -29.55 -22.79 16.10
N GLN A 37 -28.69 -23.30 16.97
CA GLN A 37 -27.92 -22.42 17.84
C GLN A 37 -26.40 -22.53 17.64
N TRP A 38 -25.93 -23.28 16.65
CA TRP A 38 -24.49 -23.57 16.53
C TRP A 38 -23.95 -23.40 15.12
N VAL A 39 -22.81 -22.73 15.01
CA VAL A 39 -22.06 -22.57 13.76
C VAL A 39 -20.76 -23.35 13.88
N LEU A 40 -20.44 -24.12 12.84
CA LEU A 40 -19.16 -24.81 12.70
C LEU A 40 -18.22 -23.99 11.81
N THR A 41 -16.98 -23.79 12.26
CA THR A 41 -15.99 -23.04 11.48
C THR A 41 -14.59 -23.61 11.73
N ALA A 42 -13.58 -22.93 11.18
CA ALA A 42 -12.17 -23.24 11.41
C ALA A 42 -11.64 -22.61 12.69
N ALA A 43 -10.67 -23.28 13.32
CA ALA A 43 -10.02 -22.76 14.52
C ALA A 43 -9.08 -21.58 14.27
N HIS A 44 -8.32 -21.58 13.16
CA HIS A 44 -7.41 -20.48 12.88
C HIS A 44 -8.11 -19.15 12.58
N CYS A 45 -9.41 -19.15 12.29
CA CYS A 45 -10.15 -17.89 12.19
C CYS A 45 -10.35 -17.21 13.54
N VAL A 46 -10.34 -17.96 14.64
CA VAL A 46 -10.72 -17.39 15.93
C VAL A 46 -9.65 -17.61 16.99
N GLY A 47 -8.65 -18.44 16.69
CA GLY A 47 -7.62 -18.74 17.66
C GLY A 47 -6.26 -18.88 17.03
N PRO A 48 -5.24 -19.29 17.81
CA PRO A 48 -5.31 -19.85 19.16
C PRO A 48 -5.42 -18.85 20.30
N ASP A 49 -5.12 -17.57 20.07
CA ASP A 49 -5.29 -16.55 21.08
C ASP A 49 -6.76 -16.20 21.30
N VAL A 50 -7.10 -15.88 22.54
CA VAL A 50 -8.49 -15.60 22.93
C VAL A 50 -8.94 -14.25 22.39
N LYS A 51 -10.20 -14.21 21.94
CA LYS A 51 -10.81 -13.04 21.30
C LYS A 51 -11.88 -12.47 22.22
N ASP A 52 -11.98 -11.14 22.24
CA ASP A 52 -13.14 -10.49 22.86
C ASP A 52 -14.37 -10.68 21.98
N LEU A 53 -15.43 -11.25 22.55
CA LEU A 53 -16.69 -11.48 21.85
C LEU A 53 -17.42 -10.19 21.46
N ALA A 54 -17.04 -9.06 22.04
CA ALA A 54 -17.55 -7.77 21.58
C ALA A 54 -17.21 -7.49 20.11
N ALA A 55 -16.10 -8.02 19.61
CA ALA A 55 -15.62 -7.71 18.28
C ALA A 55 -16.14 -8.63 17.18
N LEU A 56 -16.99 -9.61 17.48
CA LEU A 56 -17.45 -10.58 16.51
C LEU A 56 -18.97 -10.55 16.33
N ARG A 57 -19.44 -10.72 15.09
CA ARG A 57 -20.84 -11.00 14.79
C ARG A 57 -20.97 -12.05 13.68
N VAL A 58 -22.13 -12.71 13.65
CA VAL A 58 -22.50 -13.69 12.62
C VAL A 58 -23.55 -13.08 11.69
N GLN A 59 -23.36 -13.27 10.38
CA GLN A 59 -24.37 -12.96 9.36
C GLN A 59 -24.82 -14.25 8.67
N LEU A 60 -26.13 -14.47 8.62
CA LEU A 60 -26.70 -15.59 7.87
C LEU A 60 -26.78 -15.29 6.37
N ARG A 61 -27.15 -16.33 5.61
CA ARG A 61 -27.10 -16.38 4.15
C ARG A 61 -27.65 -15.15 3.45
N GLU A 62 -26.77 -14.25 3.04
CA GLU A 62 -27.05 -13.21 2.06
C GLU A 62 -26.83 -13.73 0.64
N GLN A 63 -27.38 -13.01 -0.32
CA GLN A 63 -26.89 -13.12 -1.69
C GLN A 63 -25.66 -12.24 -1.91
N HIS A 64 -25.68 -11.01 -1.38
CA HIS A 64 -24.61 -10.04 -1.52
C HIS A 64 -24.21 -9.55 -0.12
N LEU A 65 -22.91 -9.52 0.17
CA LEU A 65 -22.45 -8.99 1.45
C LEU A 65 -22.87 -7.54 1.64
N TYR A 66 -23.14 -7.18 2.89
CA TYR A 66 -23.32 -5.81 3.37
C TYR A 66 -24.63 -5.15 2.93
N TYR A 67 -25.31 -5.70 1.94
CA TYR A 67 -26.48 -5.04 1.37
C TYR A 67 -27.67 -5.04 2.35
N GLN A 68 -27.85 -6.11 3.10
CA GLN A 68 -29.04 -6.30 3.96
C GLN A 68 -28.64 -6.91 5.30
N ASP A 69 -27.63 -6.36 5.94
CA ASP A 69 -27.07 -6.90 7.17
C ASP A 69 -28.07 -7.03 8.32
N GLN A 70 -28.09 -8.20 8.96
CA GLN A 70 -28.73 -8.42 10.25
C GLN A 70 -27.76 -9.23 11.13
N LEU A 71 -27.03 -8.55 12.02
CA LEU A 71 -25.85 -9.10 12.69
C LEU A 71 -26.18 -9.78 14.02
N LEU A 72 -25.99 -11.10 14.11
CA LEU A 72 -26.29 -11.89 15.31
C LEU A 72 -25.15 -11.85 16.32
N PRO A 73 -25.43 -11.64 17.60
CA PRO A 73 -24.40 -11.77 18.64
C PRO A 73 -24.05 -13.22 18.98
N VAL A 74 -22.81 -13.40 19.47
CA VAL A 74 -22.23 -14.70 19.78
C VAL A 74 -22.06 -14.84 21.29
N SER A 75 -22.56 -15.94 21.85
CA SER A 75 -22.41 -16.16 23.30
C SER A 75 -21.12 -16.87 23.70
N ARG A 76 -20.58 -17.78 22.88
CA ARG A 76 -19.48 -18.61 23.33
C ARG A 76 -18.65 -19.09 22.14
N ILE A 77 -17.33 -19.21 22.35
CA ILE A 77 -16.39 -19.76 21.39
C ILE A 77 -15.73 -20.99 21.98
N ILE A 78 -15.77 -22.12 21.26
CA ILE A 78 -15.17 -23.37 21.71
C ILE A 78 -14.21 -23.89 20.64
N VAL A 79 -12.91 -23.80 20.91
CA VAL A 79 -11.85 -24.24 20.00
C VAL A 79 -11.33 -25.58 20.49
N HIS A 80 -11.09 -26.49 19.56
CA HIS A 80 -10.60 -27.82 19.90
C HIS A 80 -9.26 -27.73 20.65
N PRO A 81 -9.14 -28.42 21.80
CA PRO A 81 -7.95 -28.24 22.65
C PRO A 81 -6.61 -28.55 22.01
N GLN A 82 -6.54 -29.41 21.01
CA GLN A 82 -5.29 -29.76 20.35
C GLN A 82 -4.78 -28.73 19.35
N PHE A 83 -5.57 -27.73 18.96
CA PHE A 83 -5.15 -26.78 17.95
C PHE A 83 -4.08 -25.81 18.41
N TYR A 84 -3.08 -25.59 17.55
CA TYR A 84 -2.21 -24.43 17.67
C TYR A 84 -1.91 -23.82 16.31
N THR A 85 -1.65 -24.64 15.29
CA THR A 85 -1.52 -24.19 13.91
C THR A 85 -2.19 -25.21 12.99
N ALA A 86 -2.63 -24.72 11.83
CA ALA A 86 -3.44 -25.51 10.90
C ALA A 86 -2.69 -26.66 10.25
N GLN A 87 -1.39 -26.52 9.99
CA GLN A 87 -0.63 -27.65 9.45
C GLN A 87 -0.42 -28.77 10.46
N ILE A 88 -0.46 -28.49 11.75
CA ILE A 88 -0.40 -29.57 12.73
C ILE A 88 -1.73 -30.31 12.81
N GLY A 89 -2.86 -29.62 12.67
CA GLY A 89 -4.18 -30.23 12.64
C GLY A 89 -5.09 -29.71 13.74
N ALA A 90 -6.22 -30.43 13.90
CA ALA A 90 -7.33 -30.07 14.80
C ALA A 90 -7.94 -28.70 14.53
N ASP A 91 -7.96 -28.26 13.27
CA ASP A 91 -8.39 -26.91 12.88
C ASP A 91 -9.92 -26.82 12.81
N ILE A 92 -10.56 -26.88 13.98
CA ILE A 92 -12.02 -26.94 14.07
C ILE A 92 -12.49 -26.13 15.27
N ALA A 93 -13.56 -25.36 15.09
CA ALA A 93 -14.13 -24.55 16.18
C ALA A 93 -15.65 -24.49 16.09
N LEU A 94 -16.27 -24.23 17.24
CA LEU A 94 -17.72 -24.07 17.37
C LEU A 94 -18.08 -22.70 17.93
N LEU A 95 -19.07 -22.05 17.32
CA LEU A 95 -19.68 -20.84 17.86
C LEU A 95 -21.10 -21.14 18.34
N GLU A 96 -21.39 -20.79 19.57
CA GLU A 96 -22.75 -20.83 20.09
C GLU A 96 -23.41 -19.46 19.96
N LEU A 97 -24.56 -19.40 19.29
CA LEU A 97 -25.31 -18.17 19.19
C LEU A 97 -25.97 -17.80 20.52
N GLU A 98 -26.12 -16.50 20.74
CA GLU A 98 -26.88 -16.01 21.88
C GLU A 98 -28.36 -16.38 21.78
N GLU A 99 -28.96 -16.22 20.59
CA GLU A 99 -30.35 -16.53 20.27
C GLU A 99 -30.44 -17.64 19.22
N PRO A 100 -31.43 -18.51 19.31
CA PRO A 100 -31.63 -19.50 18.25
C PRO A 100 -32.23 -18.88 16.99
N VAL A 101 -31.87 -19.47 15.84
CA VAL A 101 -32.37 -19.05 14.54
C VAL A 101 -33.71 -19.72 14.27
N ASN A 102 -34.66 -18.98 13.71
CA ASN A 102 -35.89 -19.57 13.19
C ASN A 102 -35.61 -20.24 11.85
N VAL A 103 -35.60 -21.58 11.86
CA VAL A 103 -35.40 -22.37 10.65
C VAL A 103 -36.52 -22.11 9.63
N SER A 104 -36.16 -22.16 8.35
CA SER A 104 -36.95 -21.63 7.26
C SER A 104 -36.56 -22.34 5.98
N SER A 105 -37.28 -22.03 4.89
CA SER A 105 -36.81 -22.41 3.57
C SER A 105 -35.52 -21.70 3.21
N HIS A 106 -35.42 -20.42 3.53
CA HIS A 106 -34.26 -19.62 3.18
C HIS A 106 -33.08 -19.83 4.13
N VAL A 107 -33.32 -20.39 5.31
CA VAL A 107 -32.25 -20.67 6.28
C VAL A 107 -32.51 -22.04 6.90
N HIS A 108 -31.61 -22.99 6.63
CA HIS A 108 -31.78 -24.37 7.06
C HIS A 108 -30.39 -24.94 7.34
N THR A 109 -30.34 -25.97 8.17
CA THR A 109 -29.07 -26.56 8.57
C THR A 109 -28.56 -27.56 7.53
N VAL A 110 -27.24 -27.73 7.49
CA VAL A 110 -26.62 -28.84 6.78
C VAL A 110 -26.56 -30.06 7.68
N THR A 111 -26.54 -31.25 7.08
CA THR A 111 -26.40 -32.52 7.79
C THR A 111 -24.94 -32.98 7.86
N LEU A 112 -24.51 -33.43 9.04
CA LEU A 112 -23.19 -34.02 9.22
C LEU A 112 -23.14 -35.50 8.83
N PRO A 113 -22.02 -35.96 8.27
CA PRO A 113 -21.94 -37.33 7.77
C PRO A 113 -21.92 -38.35 8.88
N PRO A 114 -22.38 -39.58 8.61
CA PRO A 114 -22.05 -40.71 9.50
C PRO A 114 -20.57 -41.06 9.46
N ALA A 115 -20.04 -41.45 10.61
CA ALA A 115 -18.60 -41.67 10.78
C ALA A 115 -18.01 -42.69 9.81
N SER A 116 -18.82 -43.57 9.23
CA SER A 116 -18.35 -44.55 8.26
C SER A 116 -18.09 -44.01 6.86
N GLU A 117 -18.61 -42.84 6.51
CA GLU A 117 -18.40 -42.30 5.17
C GLU A 117 -16.98 -41.82 4.96
N THR A 118 -16.42 -42.15 3.79
CA THR A 118 -15.01 -41.92 3.49
C THR A 118 -14.79 -40.91 2.38
N PHE A 119 -15.81 -40.65 1.55
CA PHE A 119 -15.74 -39.76 0.41
C PHE A 119 -14.63 -40.10 -0.58
N PRO A 120 -14.78 -41.16 -1.36
CA PRO A 120 -13.77 -41.51 -2.35
C PRO A 120 -13.79 -40.56 -3.53
N PRO A 121 -12.74 -40.54 -4.34
CA PRO A 121 -12.77 -39.82 -5.61
C PRO A 121 -13.96 -40.19 -6.49
N GLY A 122 -14.43 -39.19 -7.24
CA GLY A 122 -15.67 -39.24 -7.98
C GLY A 122 -16.88 -38.72 -7.24
N MET A 123 -16.82 -38.62 -5.91
CA MET A 123 -17.84 -37.93 -5.13
C MET A 123 -18.08 -36.52 -5.66
N PRO A 124 -19.33 -36.15 -5.96
CA PRO A 124 -19.64 -34.79 -6.44
C PRO A 124 -19.72 -33.75 -5.33
N CYS A 125 -18.66 -32.97 -5.14
CA CYS A 125 -18.55 -32.02 -4.03
C CYS A 125 -18.39 -30.58 -4.51
N TRP A 126 -18.96 -29.66 -3.74
CA TRP A 126 -18.89 -28.22 -3.97
C TRP A 126 -18.31 -27.49 -2.75
N VAL A 127 -17.65 -26.37 -3.01
CA VAL A 127 -17.25 -25.42 -1.98
C VAL A 127 -17.71 -24.02 -2.34
N THR A 128 -18.16 -23.26 -1.33
CA THR A 128 -18.80 -21.95 -1.50
C THR A 128 -18.19 -20.91 -0.57
N GLY A 129 -18.24 -19.65 -0.97
CA GLY A 129 -17.76 -18.58 -0.09
C GLY A 129 -17.61 -17.25 -0.78
N TRP A 130 -17.16 -16.28 0.01
CA TRP A 130 -16.90 -14.90 -0.40
C TRP A 130 -15.43 -14.53 -0.41
N GLY A 131 -14.54 -15.49 -0.64
CA GLY A 131 -13.13 -15.18 -0.77
C GLY A 131 -12.70 -14.54 -2.08
N ASP A 132 -11.38 -14.34 -2.16
CA ASP A 132 -10.70 -13.87 -3.36
C ASP A 132 -10.92 -14.76 -4.58
N VAL A 133 -10.84 -14.15 -5.75
CA VAL A 133 -11.26 -14.78 -6.99
C VAL A 133 -10.05 -15.17 -7.84
N ASP A 134 -8.91 -14.52 -7.63
CA ASP A 134 -7.63 -14.91 -8.17
C ASP A 134 -6.59 -14.68 -7.07
N ASN A 135 -5.38 -15.20 -7.32
CA ASN A 135 -4.38 -15.31 -6.26
C ASN A 135 -4.13 -13.99 -5.56
N ASP A 136 -4.15 -12.88 -6.30
CA ASP A 136 -3.81 -11.58 -5.75
C ASP A 136 -4.99 -10.64 -5.49
N GLU A 137 -6.19 -10.92 -5.99
CA GLU A 137 -7.20 -9.87 -6.08
C GLU A 137 -8.55 -10.19 -5.43
N ARG A 138 -9.15 -9.14 -4.86
CA ARG A 138 -10.40 -9.21 -4.11
C ARG A 138 -11.60 -9.56 -4.98
N LEU A 139 -12.61 -10.13 -4.35
CA LEU A 139 -13.98 -10.17 -4.85
C LEU A 139 -14.49 -8.75 -5.10
N PRO A 140 -14.98 -8.44 -6.29
CA PRO A 140 -15.42 -7.07 -6.60
C PRO A 140 -16.68 -6.62 -5.87
N PRO A 141 -16.81 -5.30 -5.74
CA PRO A 141 -17.77 -4.63 -4.84
C PRO A 141 -19.26 -4.92 -4.96
N PRO A 142 -19.78 -5.73 -5.88
CA PRO A 142 -21.11 -6.29 -5.57
C PRO A 142 -21.09 -7.40 -4.52
N PHE A 143 -20.00 -8.13 -4.39
CA PHE A 143 -19.76 -9.22 -3.44
C PHE A 143 -20.71 -10.42 -3.50
N PRO A 144 -20.94 -11.03 -4.67
CA PRO A 144 -21.82 -12.21 -4.74
C PRO A 144 -21.20 -13.46 -4.10
N LEU A 145 -22.06 -14.29 -3.49
CA LEU A 145 -21.65 -15.63 -3.10
C LEU A 145 -21.33 -16.49 -4.32
N LYS A 146 -20.14 -17.08 -4.34
CA LYS A 146 -19.70 -17.95 -5.43
C LYS A 146 -19.62 -19.41 -5.01
N GLN A 147 -19.78 -20.30 -5.99
CA GLN A 147 -19.67 -21.75 -5.81
C GLN A 147 -18.71 -22.34 -6.85
N VAL A 148 -18.04 -23.44 -6.50
CA VAL A 148 -17.33 -24.25 -7.49
C VAL A 148 -17.36 -25.73 -7.09
N LYS A 149 -17.52 -26.60 -8.09
CA LYS A 149 -17.40 -28.04 -7.94
C LYS A 149 -15.93 -28.49 -8.01
N VAL A 150 -15.50 -29.28 -7.03
CA VAL A 150 -14.09 -29.65 -6.90
C VAL A 150 -13.87 -31.16 -6.83
N PRO A 151 -12.86 -31.69 -7.52
CA PRO A 151 -12.51 -33.12 -7.40
C PRO A 151 -11.79 -33.46 -6.10
N ILE A 152 -12.26 -34.52 -5.44
CA ILE A 152 -11.59 -35.11 -4.29
C ILE A 152 -10.36 -35.92 -4.72
N MET A 153 -9.29 -35.83 -3.93
CA MET A 153 -8.11 -36.68 -4.04
C MET A 153 -7.98 -37.60 -2.83
N GLU A 154 -7.45 -38.80 -3.07
CA GLU A 154 -7.01 -39.68 -1.98
C GLU A 154 -5.79 -39.13 -1.25
N ASN A 155 -5.75 -39.33 0.07
CA ASN A 155 -4.74 -38.71 0.91
C ASN A 155 -3.30 -39.09 0.54
N HIS A 156 -3.06 -40.36 0.19
CA HIS A 156 -1.70 -40.75 -0.16
C HIS A 156 -1.23 -40.13 -1.48
N ILE A 157 -2.12 -40.04 -2.47
CA ILE A 157 -1.76 -39.39 -3.72
C ILE A 157 -1.54 -37.89 -3.50
N CYS A 158 -2.28 -37.29 -2.58
CA CYS A 158 -2.11 -35.88 -2.24
C CYS A 158 -0.80 -35.60 -1.50
N ASP A 159 -0.46 -36.44 -0.52
CA ASP A 159 0.82 -36.30 0.17
C ASP A 159 2.01 -36.43 -0.77
N ALA A 160 1.94 -37.36 -1.72
CA ALA A 160 2.98 -37.47 -2.74
C ALA A 160 3.13 -36.20 -3.59
N LYS A 161 2.02 -35.61 -3.99
CA LYS A 161 2.07 -34.35 -4.74
C LYS A 161 2.71 -33.21 -3.97
N TYR A 162 2.46 -33.11 -2.67
CA TYR A 162 3.11 -32.10 -1.84
C TYR A 162 4.62 -32.30 -1.70
N HIS A 163 5.14 -33.52 -1.89
CA HIS A 163 6.58 -33.72 -1.92
C HIS A 163 7.27 -33.33 -3.23
N LEU A 164 6.55 -33.21 -4.34
CA LEU A 164 7.15 -32.74 -5.58
C LEU A 164 7.60 -31.29 -5.48
N GLY A 165 8.87 -31.04 -5.83
CA GLY A 165 9.43 -29.71 -5.76
C GLY A 165 9.68 -29.18 -4.37
N ALA A 166 9.83 -30.07 -3.40
CA ALA A 166 10.09 -29.72 -2.01
C ALA A 166 11.35 -30.42 -1.53
N TYR A 167 11.98 -29.85 -0.51
CA TYR A 167 13.10 -30.53 0.14
C TYR A 167 12.65 -31.58 1.14
N THR A 168 11.41 -31.54 1.59
CA THR A 168 10.93 -32.42 2.64
C THR A 168 11.09 -33.88 2.24
N GLY A 169 11.63 -34.68 3.17
CA GLY A 169 11.82 -36.10 2.91
C GLY A 169 10.50 -36.84 2.76
N ASP A 170 10.49 -37.83 1.87
CA ASP A 170 9.27 -38.59 1.58
C ASP A 170 8.71 -39.33 2.78
N ASP A 171 9.53 -39.69 3.76
CA ASP A 171 9.06 -40.27 5.01
C ASP A 171 8.23 -39.33 5.89
N VAL A 172 8.36 -38.01 5.74
CA VAL A 172 7.59 -37.07 6.56
C VAL A 172 6.20 -36.89 5.97
N ARG A 173 5.18 -37.20 6.77
CA ARG A 173 3.77 -36.96 6.44
C ARG A 173 3.41 -35.48 6.50
N ILE A 174 3.11 -34.88 5.34
CA ILE A 174 2.61 -33.51 5.30
C ILE A 174 1.08 -33.50 5.44
N VAL A 175 0.40 -34.37 4.72
CA VAL A 175 -1.05 -34.47 4.77
C VAL A 175 -1.42 -35.57 5.76
N ARG A 176 -2.21 -35.21 6.76
CA ARG A 176 -2.51 -36.08 7.88
C ARG A 176 -3.90 -36.68 7.73
N ASP A 177 -4.19 -37.69 8.55
CA ASP A 177 -5.42 -38.45 8.39
C ASP A 177 -6.65 -37.78 9.00
N ASP A 178 -6.47 -36.71 9.76
CA ASP A 178 -7.53 -35.78 10.08
C ASP A 178 -7.82 -34.75 8.96
N MET A 179 -7.18 -34.88 7.80
CA MET A 179 -7.31 -33.95 6.69
C MET A 179 -7.90 -34.62 5.45
N LEU A 180 -8.29 -33.78 4.48
CA LEU A 180 -8.82 -34.20 3.19
C LEU A 180 -8.34 -33.22 2.12
N CYS A 181 -8.14 -33.72 0.90
CA CYS A 181 -7.66 -32.94 -0.23
C CYS A 181 -8.68 -32.84 -1.35
N ALA A 182 -8.81 -31.65 -1.94
CA ALA A 182 -9.68 -31.43 -3.08
C ALA A 182 -9.17 -30.24 -3.89
N GLY A 183 -9.61 -30.17 -5.15
CA GLY A 183 -9.32 -29.06 -6.04
C GLY A 183 -8.18 -29.33 -7.02
N ASN A 184 -8.00 -28.38 -7.92
CA ASN A 184 -6.92 -28.42 -8.92
C ASN A 184 -6.58 -27.00 -9.37
N THR A 185 -5.67 -26.92 -10.34
CA THR A 185 -5.17 -25.68 -10.91
C THR A 185 -6.24 -24.78 -11.52
N ARG A 186 -7.48 -25.22 -11.64
CA ARG A 186 -8.55 -24.37 -12.14
C ARG A 186 -9.66 -24.08 -11.13
N ARG A 187 -9.69 -24.78 -10.00
CA ARG A 187 -10.91 -24.89 -9.21
C ARG A 187 -10.50 -25.03 -7.75
N ASP A 188 -10.64 -23.96 -6.99
CA ASP A 188 -10.14 -23.99 -5.63
C ASP A 188 -10.83 -22.94 -4.77
N SER A 189 -10.73 -23.14 -3.46
CA SER A 189 -10.89 -22.13 -2.42
C SER A 189 -9.69 -21.19 -2.39
N CYS A 190 -9.90 -19.99 -1.87
CA CYS A 190 -8.83 -19.00 -1.74
C CYS A 190 -9.03 -18.22 -0.44
N GLN A 191 -8.17 -17.23 -0.20
CA GLN A 191 -8.24 -16.37 0.99
C GLN A 191 -9.62 -15.74 1.19
N GLY A 192 -10.12 -15.82 2.42
CA GLY A 192 -11.47 -15.48 2.79
C GLY A 192 -12.50 -16.59 2.70
N ASP A 193 -12.21 -17.70 2.04
CA ASP A 193 -13.08 -18.88 2.08
C ASP A 193 -12.84 -19.76 3.29
N SER A 194 -11.71 -19.63 3.98
CA SER A 194 -11.40 -20.44 5.15
C SER A 194 -12.56 -20.48 6.13
N GLY A 195 -12.75 -21.65 6.74
CA GLY A 195 -13.87 -21.95 7.60
C GLY A 195 -15.16 -22.35 6.93
N GLY A 196 -15.28 -22.20 5.62
CA GLY A 196 -16.47 -22.58 4.91
C GLY A 196 -16.64 -24.06 4.65
N PRO A 197 -17.87 -24.47 4.36
CA PRO A 197 -18.18 -25.89 4.18
C PRO A 197 -17.81 -26.44 2.82
N LEU A 198 -17.28 -27.67 2.82
CA LEU A 198 -17.23 -28.53 1.65
C LEU A 198 -18.34 -29.58 1.78
N VAL A 199 -19.24 -29.62 0.80
CA VAL A 199 -20.43 -30.47 0.86
C VAL A 199 -20.49 -31.38 -0.36
N CYS A 200 -20.87 -32.63 -0.12
CA CYS A 200 -21.01 -33.64 -1.17
C CYS A 200 -22.43 -34.19 -1.11
N LYS A 201 -23.01 -34.48 -2.27
CA LYS A 201 -24.36 -35.04 -2.34
C LYS A 201 -24.28 -36.56 -2.40
N VAL A 202 -24.77 -37.22 -1.35
CA VAL A 202 -24.67 -38.66 -1.19
C VAL A 202 -26.09 -39.21 -1.06
N ASN A 203 -26.48 -40.07 -2.00
CA ASN A 203 -27.82 -40.67 -2.02
C ASN A 203 -28.92 -39.62 -1.91
N GLY A 204 -28.77 -38.54 -2.68
CA GLY A 204 -29.70 -37.42 -2.65
C GLY A 204 -29.52 -36.41 -1.53
N THR A 205 -28.77 -36.72 -0.48
CA THR A 205 -28.66 -35.84 0.67
C THR A 205 -27.33 -35.10 0.65
N TRP A 206 -27.37 -33.79 0.91
CA TRP A 206 -26.16 -33.00 1.11
C TRP A 206 -25.50 -33.30 2.46
N LEU A 207 -24.23 -33.69 2.43
CA LEU A 207 -23.43 -33.88 3.63
C LEU A 207 -22.23 -32.95 3.58
N GLN A 208 -21.88 -32.35 4.73
CA GLN A 208 -20.63 -31.60 4.87
C GLN A 208 -19.45 -32.53 5.08
N ALA A 209 -18.62 -32.68 4.05
CA ALA A 209 -17.39 -33.46 4.18
C ALA A 209 -16.27 -32.71 4.90
N GLY A 210 -16.14 -31.38 4.71
CA GLY A 210 -14.93 -30.69 5.12
C GLY A 210 -15.11 -29.24 5.51
N VAL A 211 -14.08 -28.71 6.18
CA VAL A 211 -13.92 -27.28 6.43
C VAL A 211 -12.65 -26.79 5.74
N VAL A 212 -12.76 -25.70 4.97
CA VAL A 212 -11.62 -25.07 4.31
C VAL A 212 -10.56 -24.67 5.33
N SER A 213 -9.36 -25.23 5.21
CA SER A 213 -8.33 -25.11 6.24
C SER A 213 -7.07 -24.41 5.76
N TRP A 214 -6.29 -24.99 4.86
CA TRP A 214 -5.02 -24.38 4.48
C TRP A 214 -4.58 -24.90 3.12
N GLY A 215 -3.57 -24.22 2.56
CA GLY A 215 -2.90 -24.70 1.36
C GLY A 215 -1.77 -23.77 0.99
N GLU A 216 -0.95 -24.21 0.02
CA GLU A 216 0.16 -23.41 -0.51
C GLU A 216 -0.24 -22.48 -1.65
N GLY A 217 -1.09 -21.52 -1.35
CA GLY A 217 -1.57 -20.58 -2.35
C GLY A 217 -2.66 -21.13 -3.25
N CYS A 218 -3.39 -20.21 -3.86
CA CYS A 218 -4.61 -20.55 -4.59
C CYS A 218 -4.31 -21.14 -5.97
N ALA A 219 -4.84 -22.32 -6.23
CA ALA A 219 -4.77 -23.03 -7.52
C ALA A 219 -3.36 -23.23 -8.04
N GLN A 220 -2.37 -23.37 -7.17
CA GLN A 220 -1.02 -23.61 -7.67
C GLN A 220 -0.84 -25.05 -8.14
N PRO A 221 0.00 -25.27 -9.15
CA PRO A 221 0.26 -26.63 -9.63
C PRO A 221 0.84 -27.57 -8.58
N ASN A 222 0.29 -28.78 -8.52
CA ASN A 222 0.60 -29.81 -7.53
C ASN A 222 0.35 -29.41 -6.08
N ARG A 223 -0.48 -28.41 -5.81
CA ARG A 223 -0.80 -28.02 -4.43
C ARG A 223 -2.31 -27.96 -4.22
N PRO A 224 -2.98 -29.12 -4.14
CA PRO A 224 -4.40 -29.13 -3.77
C PRO A 224 -4.68 -28.51 -2.41
N GLY A 225 -5.90 -27.98 -2.27
CA GLY A 225 -6.35 -27.45 -1.00
C GLY A 225 -6.56 -28.53 0.07
N ILE A 226 -6.24 -28.17 1.31
CA ILE A 226 -6.36 -29.06 2.46
C ILE A 226 -7.59 -28.67 3.28
N TYR A 227 -8.41 -29.66 3.62
CA TYR A 227 -9.63 -29.48 4.41
C TYR A 227 -9.54 -30.30 5.69
N THR A 228 -10.11 -29.77 6.77
CA THR A 228 -10.33 -30.56 7.98
C THR A 228 -11.43 -31.60 7.74
N ARG A 229 -11.11 -32.87 7.98
CA ARG A 229 -12.03 -33.99 7.79
C ARG A 229 -13.04 -34.06 8.93
N VAL A 230 -14.31 -33.80 8.61
CA VAL A 230 -15.36 -33.65 9.61
C VAL A 230 -15.66 -34.95 10.36
N THR A 231 -15.61 -36.11 9.69
CA THR A 231 -15.87 -37.37 10.36
C THR A 231 -14.92 -37.66 11.50
N TYR A 232 -13.69 -37.16 11.43
CA TYR A 232 -12.69 -37.37 12.47
C TYR A 232 -13.06 -36.72 13.80
N TYR A 233 -13.92 -35.71 13.80
CA TYR A 233 -14.19 -34.93 15.01
C TYR A 233 -15.62 -35.02 15.52
N LEU A 234 -16.42 -35.97 15.02
CA LEU A 234 -17.83 -36.07 15.42
C LEU A 234 -18.02 -36.24 16.93
N ASP A 235 -17.20 -37.07 17.58
CA ASP A 235 -17.32 -37.23 19.03
C ASP A 235 -17.07 -35.94 19.80
N TRP A 236 -16.12 -35.13 19.36
CA TRP A 236 -15.88 -33.85 20.02
C TRP A 236 -17.04 -32.86 19.78
N ILE A 237 -17.60 -32.85 18.57
CA ILE A 237 -18.74 -31.98 18.28
C ILE A 237 -19.95 -32.33 19.14
N HIS A 238 -20.24 -33.62 19.31
CA HIS A 238 -21.38 -34.09 20.09
C HIS A 238 -21.22 -33.96 21.61
N HIS A 239 -20.06 -33.57 22.12
CA HIS A 239 -20.00 -33.11 23.52
C HIS A 239 -20.62 -31.75 23.75
N TYR A 240 -20.98 -31.02 22.71
CA TYR A 240 -21.53 -29.67 22.87
C TYR A 240 -22.85 -29.46 22.14
N VAL A 241 -23.01 -30.01 20.95
CA VAL A 241 -24.20 -29.79 20.13
C VAL A 241 -25.15 -30.95 20.39
N PRO A 242 -26.36 -30.70 20.91
CA PRO A 242 -27.05 -31.69 21.73
C PRO A 242 -27.58 -32.90 20.98
N LYS A 243 -27.56 -32.92 19.65
CA LYS A 243 -28.05 -34.04 18.82
C LYS A 243 -29.34 -34.66 19.36
N ILE B 1 -18.31 13.18 1.42
CA ILE B 1 -19.11 14.15 2.18
C ILE B 1 -18.71 14.10 3.65
N VAL B 2 -18.19 15.20 4.17
CA VAL B 2 -17.87 15.30 5.60
C VAL B 2 -19.05 15.90 6.34
N GLY B 3 -19.45 15.26 7.42
CA GLY B 3 -20.74 15.54 8.05
C GLY B 3 -21.93 15.00 7.28
N GLY B 4 -23.11 15.30 7.82
CA GLY B 4 -24.36 14.97 7.18
C GLY B 4 -24.68 13.47 7.13
N GLN B 5 -25.88 13.18 6.64
CA GLN B 5 -26.54 11.89 6.79
C GLN B 5 -26.59 11.15 5.47
N GLU B 6 -27.04 9.91 5.52
CA GLU B 6 -27.60 9.25 4.34
C GLU B 6 -28.77 10.07 3.79
N ALA B 7 -28.86 10.15 2.47
CA ALA B 7 -29.95 10.81 1.76
C ALA B 7 -31.23 9.97 1.73
N PRO B 8 -32.40 10.60 1.95
CA PRO B 8 -33.68 9.95 1.67
C PRO B 8 -33.84 9.55 0.20
N ARG B 9 -34.59 8.47 -0.02
CA ARG B 9 -34.57 7.80 -1.33
C ARG B 9 -35.23 8.59 -2.46
N SER B 10 -36.09 9.57 -2.15
CA SER B 10 -36.63 10.46 -3.16
C SER B 10 -35.88 11.77 -3.37
N LYS B 11 -34.95 12.14 -2.49
CA LYS B 11 -34.66 13.56 -2.30
C LYS B 11 -33.86 14.20 -3.44
N TRP B 12 -32.97 13.49 -4.14
CA TRP B 12 -32.06 14.12 -5.10
C TRP B 12 -32.02 13.40 -6.45
N PRO B 13 -33.11 13.49 -7.22
CA PRO B 13 -33.31 12.56 -8.34
C PRO B 13 -32.37 12.77 -9.53
N TRP B 14 -31.67 13.90 -9.59
CA TRP B 14 -30.74 14.25 -10.67
C TRP B 14 -29.30 13.75 -10.48
N GLN B 15 -28.93 13.24 -9.30
CA GLN B 15 -27.56 12.82 -9.02
C GLN B 15 -27.10 11.70 -9.96
N VAL B 16 -25.87 11.86 -10.50
CA VAL B 16 -25.27 10.92 -11.45
C VAL B 16 -23.96 10.38 -10.89
N SER B 17 -23.66 9.13 -11.22
CA SER B 17 -22.36 8.50 -10.97
C SER B 17 -21.62 8.20 -12.28
N LEU B 18 -20.36 8.63 -12.38
CA LEU B 18 -19.47 8.26 -13.48
C LEU B 18 -18.60 7.06 -13.12
N ARG B 19 -18.53 6.08 -14.03
CA ARG B 19 -17.85 4.82 -13.82
C ARG B 19 -16.72 4.63 -14.83
N VAL B 20 -15.57 4.16 -14.36
CA VAL B 20 -14.42 3.84 -15.21
C VAL B 20 -14.21 2.34 -15.21
N HIS B 21 -13.82 1.79 -16.35
CA HIS B 21 -13.58 0.36 -16.49
C HIS B 21 -12.27 -0.10 -15.85
N GLY B 22 -12.32 -1.32 -15.31
CA GLY B 22 -11.22 -1.98 -14.66
C GLY B 22 -11.59 -3.39 -14.28
N PRO B 23 -11.18 -3.86 -13.11
CA PRO B 23 -11.72 -5.12 -12.59
C PRO B 23 -13.22 -5.07 -12.35
N TYR B 24 -13.78 -3.88 -12.24
CA TYR B 24 -15.22 -3.65 -12.21
C TYR B 24 -15.42 -2.20 -12.61
N TRP B 25 -16.66 -1.85 -12.92
CA TRP B 25 -17.02 -0.47 -13.24
C TRP B 25 -17.08 0.42 -12.01
N MET B 26 -15.95 1.07 -11.71
CA MET B 26 -15.74 1.75 -10.44
C MET B 26 -16.13 3.22 -10.52
N HIS B 27 -16.84 3.68 -9.48
CA HIS B 27 -17.14 5.11 -9.30
C HIS B 27 -15.90 5.96 -9.14
N PHE B 28 -15.79 7.00 -9.97
CA PHE B 28 -14.71 7.97 -9.81
C PHE B 28 -15.19 9.41 -9.70
N CYS B 29 -16.36 9.77 -10.22
CA CYS B 29 -16.73 11.18 -10.27
C CYS B 29 -18.26 11.34 -10.22
N GLY B 30 -18.71 12.50 -9.73
CA GLY B 30 -20.11 12.87 -9.77
C GLY B 30 -20.56 13.61 -11.02
N GLY B 31 -21.87 13.86 -11.09
CA GLY B 31 -22.48 14.70 -12.11
C GLY B 31 -23.94 14.96 -11.79
N SER B 32 -24.58 15.76 -12.66
CA SER B 32 -26.02 16.01 -12.57
C SER B 32 -26.69 15.95 -13.94
N LEU B 33 -27.88 15.35 -13.98
CA LEU B 33 -28.72 15.33 -15.17
C LEU B 33 -29.47 16.66 -15.33
N ILE B 34 -29.13 17.40 -16.38
CA ILE B 34 -29.68 18.73 -16.62
C ILE B 34 -30.67 18.73 -17.77
N HIS B 35 -30.67 17.72 -18.61
CA HIS B 35 -31.59 17.55 -19.71
C HIS B 35 -31.69 16.05 -19.94
N PRO B 36 -32.78 15.57 -20.54
CA PRO B 36 -32.91 14.13 -20.76
C PRO B 36 -31.76 13.47 -21.51
N GLN B 37 -30.94 14.23 -22.23
CA GLN B 37 -29.80 13.64 -22.93
C GLN B 37 -28.44 14.18 -22.47
N TRP B 38 -28.39 15.02 -21.44
CA TRP B 38 -27.15 15.72 -21.09
C TRP B 38 -26.84 15.67 -19.59
N VAL B 39 -25.58 15.38 -19.28
CA VAL B 39 -25.05 15.41 -17.92
C VAL B 39 -24.03 16.54 -17.83
N LEU B 40 -24.13 17.34 -16.77
CA LEU B 40 -23.17 18.38 -16.42
C LEU B 40 -22.19 17.85 -15.37
N THR B 41 -20.89 18.04 -15.59
CA THR B 41 -19.87 17.59 -14.64
C THR B 41 -18.68 18.56 -14.66
N ALA B 42 -17.62 18.19 -13.93
CA ALA B 42 -16.35 18.92 -13.92
C ALA B 42 -15.44 18.49 -15.08
N ALA B 43 -14.62 19.44 -15.55
CA ALA B 43 -13.65 19.16 -16.61
C ALA B 43 -12.47 18.31 -16.17
N HIS B 44 -11.95 18.50 -14.95
CA HIS B 44 -10.81 17.71 -14.49
C HIS B 44 -11.13 16.22 -14.28
N CYS B 45 -12.39 15.84 -14.21
CA CYS B 45 -12.74 14.42 -14.20
C CYS B 45 -12.49 13.74 -15.55
N VAL B 46 -12.52 14.49 -16.65
CA VAL B 46 -12.48 13.86 -17.97
C VAL B 46 -11.35 14.42 -18.84
N GLY B 47 -10.72 15.50 -18.40
CA GLY B 47 -9.67 16.11 -19.18
C GLY B 47 -8.54 16.64 -18.33
N PRO B 48 -7.58 17.34 -18.94
CA PRO B 48 -7.57 17.90 -20.30
C PRO B 48 -7.18 16.93 -21.42
N ASP B 49 -6.57 15.80 -21.10
CA ASP B 49 -6.25 14.80 -22.10
C ASP B 49 -7.50 14.04 -22.55
N VAL B 50 -7.51 13.65 -23.82
CA VAL B 50 -8.67 13.00 -24.43
C VAL B 50 -8.78 11.56 -23.95
N LYS B 51 -10.03 11.14 -23.72
CA LYS B 51 -10.37 9.83 -23.16
C LYS B 51 -11.05 8.98 -24.23
N ASP B 52 -10.75 7.68 -24.23
CA ASP B 52 -11.54 6.74 -25.03
C ASP B 52 -12.90 6.52 -24.38
N LEU B 53 -13.96 6.79 -25.13
CA LEU B 53 -15.34 6.61 -24.67
C LEU B 53 -15.71 5.16 -24.38
N ALA B 54 -14.92 4.20 -24.85
CA ALA B 54 -15.11 2.81 -24.44
C ALA B 54 -14.95 2.60 -22.95
N ALA B 55 -14.15 3.42 -22.28
CA ALA B 55 -13.83 3.24 -20.87
C ALA B 55 -14.79 3.92 -19.91
N LEU B 56 -15.82 4.61 -20.37
CA LEU B 56 -16.70 5.40 -19.51
C LEU B 56 -18.15 4.90 -19.60
N ARG B 57 -18.85 4.90 -18.46
CA ARG B 57 -20.32 4.74 -18.41
C ARG B 57 -20.93 5.69 -17.38
N VAL B 58 -22.22 5.96 -17.56
CA VAL B 58 -23.03 6.76 -16.64
C VAL B 58 -24.00 5.85 -15.88
N GLN B 59 -24.10 6.06 -14.57
CA GLN B 59 -25.13 5.45 -13.72
C GLN B 59 -26.06 6.53 -13.15
N LEU B 60 -27.36 6.35 -13.34
CA LEU B 60 -28.36 7.23 -12.74
C LEU B 60 -28.61 6.89 -11.27
N ARG B 61 -29.40 7.76 -10.61
CA ARG B 61 -29.64 7.79 -9.17
C ARG B 61 -29.90 6.42 -8.55
N GLU B 62 -28.85 5.82 -7.98
CA GLU B 62 -28.94 4.72 -7.05
C GLU B 62 -29.12 5.23 -5.63
N GLN B 63 -29.53 4.32 -4.74
CA GLN B 63 -29.37 4.59 -3.32
C GLN B 63 -28.03 4.07 -2.81
N HIS B 64 -27.64 2.86 -3.24
CA HIS B 64 -26.36 2.22 -2.94
C HIS B 64 -25.62 1.95 -4.24
N LEU B 65 -24.35 2.36 -4.32
CA LEU B 65 -23.54 2.03 -5.50
C LEU B 65 -23.46 0.53 -5.72
N TYR B 66 -23.37 0.14 -7.00
CA TYR B 66 -23.02 -1.19 -7.48
C TYR B 66 -24.11 -2.26 -7.33
N TYR B 67 -25.07 -2.07 -6.44
CA TYR B 67 -26.03 -3.14 -6.19
C TYR B 67 -27.14 -3.25 -7.24
N GLN B 68 -27.42 -2.21 -8.01
CA GLN B 68 -28.52 -2.25 -9.00
C GLN B 68 -28.09 -1.63 -10.33
N ASP B 69 -26.85 -1.87 -10.74
CA ASP B 69 -26.25 -1.18 -11.89
C ASP B 69 -27.03 -1.34 -13.18
N GLN B 70 -27.29 -0.22 -13.84
CA GLN B 70 -27.74 -0.17 -15.24
C GLN B 70 -26.92 0.91 -15.95
N LEU B 71 -25.88 0.50 -16.68
CA LEU B 71 -24.83 1.40 -17.15
C LEU B 71 -25.11 1.97 -18.55
N LEU B 72 -25.29 3.31 -18.65
CA LEU B 72 -25.60 4.00 -19.90
C LEU B 72 -24.34 4.34 -20.69
N PRO B 73 -24.32 4.08 -22.00
CA PRO B 73 -23.21 4.55 -22.84
C PRO B 73 -23.24 6.04 -23.16
N VAL B 74 -22.06 6.59 -23.43
CA VAL B 74 -21.84 8.02 -23.68
C VAL B 74 -21.46 8.24 -25.14
N SER B 75 -22.16 9.15 -25.81
CA SER B 75 -21.85 9.44 -27.20
C SER B 75 -20.78 10.50 -27.41
N ARG B 76 -20.68 11.50 -26.53
CA ARG B 76 -19.82 12.65 -26.79
C ARG B 76 -19.38 13.32 -25.50
N ILE B 77 -18.14 13.81 -25.49
CA ILE B 77 -17.58 14.60 -24.38
C ILE B 77 -17.22 15.99 -24.88
N ILE B 78 -17.71 17.03 -24.21
CA ILE B 78 -17.45 18.41 -24.58
C ILE B 78 -16.88 19.16 -23.38
N VAL B 79 -15.59 19.46 -23.42
CA VAL B 79 -14.88 20.18 -22.35
C VAL B 79 -14.71 21.63 -22.78
N HIS B 80 -14.90 22.54 -21.85
CA HIS B 80 -14.77 23.96 -22.14
C HIS B 80 -13.36 24.29 -22.66
N PRO B 81 -13.25 25.02 -23.77
CA PRO B 81 -11.95 25.22 -24.40
C PRO B 81 -10.88 25.89 -23.55
N GLN B 82 -11.25 26.72 -22.59
CA GLN B 82 -10.28 27.40 -21.72
C GLN B 82 -9.67 26.53 -20.62
N PHE B 83 -10.18 25.35 -20.36
CA PHE B 83 -9.68 24.53 -19.25
C PHE B 83 -8.31 23.93 -19.50
N TYR B 84 -7.45 24.00 -18.49
CA TYR B 84 -6.27 23.16 -18.42
C TYR B 84 -6.03 22.63 -17.01
N THR B 85 -6.21 23.46 -16.00
CA THR B 85 -6.20 23.02 -14.61
C THR B 85 -7.27 23.78 -13.83
N ALA B 86 -7.75 23.15 -12.75
CA ALA B 86 -8.89 23.63 -11.99
C ALA B 86 -8.64 24.94 -11.25
N GLN B 87 -7.42 25.19 -10.77
CA GLN B 87 -7.14 26.48 -10.13
C GLN B 87 -7.09 27.63 -11.12
N ILE B 88 -6.85 27.38 -12.41
CA ILE B 88 -6.93 28.45 -13.38
C ILE B 88 -8.40 28.79 -13.70
N GLY B 89 -9.28 27.78 -13.73
CA GLY B 89 -10.70 27.98 -13.97
C GLY B 89 -11.22 27.25 -15.18
N ALA B 90 -12.46 27.59 -15.55
CA ALA B 90 -13.24 26.95 -16.62
C ALA B 90 -13.46 25.44 -16.42
N ASP B 91 -13.56 24.99 -15.17
CA ASP B 91 -13.63 23.57 -14.83
C ASP B 91 -15.05 23.03 -15.01
N ILE B 92 -15.47 22.92 -16.27
CA ILE B 92 -16.85 22.55 -16.61
C ILE B 92 -16.84 21.67 -17.85
N ALA B 93 -17.65 20.61 -17.84
CA ALA B 93 -17.76 19.72 -19.00
C ALA B 93 -19.19 19.19 -19.17
N LEU B 94 -19.50 18.80 -20.40
CA LEU B 94 -20.79 18.22 -20.76
C LEU B 94 -20.64 16.81 -21.34
N LEU B 95 -21.48 15.89 -20.90
CA LEU B 95 -21.60 14.57 -21.51
C LEU B 95 -22.93 14.45 -22.22
N GLU B 96 -22.90 14.06 -23.49
CA GLU B 96 -24.10 13.71 -24.22
C GLU B 96 -24.32 12.20 -24.18
N LEU B 97 -25.50 11.79 -23.71
CA LEU B 97 -25.86 10.38 -23.70
C LEU B 97 -26.14 9.86 -25.11
N GLU B 98 -25.86 8.58 -25.33
CA GLU B 98 -26.23 7.92 -26.57
C GLU B 98 -27.75 7.84 -26.74
N GLU B 99 -28.47 7.48 -25.68
CA GLU B 99 -29.92 7.38 -25.61
C GLU B 99 -30.51 8.38 -24.63
N PRO B 100 -31.70 8.91 -24.91
CA PRO B 100 -32.37 9.75 -23.91
C PRO B 100 -32.90 8.93 -22.74
N VAL B 101 -33.07 9.60 -21.62
CA VAL B 101 -33.58 9.00 -20.39
C VAL B 101 -35.08 9.27 -20.28
N ASN B 102 -35.85 8.25 -19.91
CA ASN B 102 -37.26 8.44 -19.60
C ASN B 102 -37.42 9.14 -18.26
N VAL B 103 -37.81 10.42 -18.30
CA VAL B 103 -38.08 11.21 -17.10
C VAL B 103 -39.22 10.61 -16.28
N SER B 104 -39.11 10.72 -14.96
CA SER B 104 -39.88 9.94 -14.00
C SER B 104 -39.92 10.70 -12.69
N SER B 105 -40.71 10.18 -11.74
CA SER B 105 -40.62 10.63 -10.36
C SER B 105 -39.24 10.32 -9.77
N HIS B 106 -38.72 9.14 -10.07
CA HIS B 106 -37.44 8.71 -9.50
C HIS B 106 -36.24 9.29 -10.23
N VAL B 107 -36.43 9.79 -11.45
CA VAL B 107 -35.35 10.39 -12.24
C VAL B 107 -35.89 11.64 -12.93
N HIS B 108 -35.37 12.79 -12.53
CA HIS B 108 -35.85 14.09 -13.02
C HIS B 108 -34.67 15.04 -13.07
N THR B 109 -34.78 16.06 -13.91
CA THR B 109 -33.70 17.01 -14.09
C THR B 109 -33.70 18.09 -13.01
N VAL B 110 -32.52 18.64 -12.75
CA VAL B 110 -32.38 19.87 -11.97
C VAL B 110 -32.53 21.08 -12.89
N THR B 111 -32.96 22.20 -12.32
CA THR B 111 -33.08 23.47 -13.04
C THR B 111 -31.84 24.34 -12.86
N LEU B 112 -31.37 24.94 -13.97
CA LEU B 112 -30.26 25.90 -13.93
C LEU B 112 -30.73 27.31 -13.58
N PRO B 113 -29.90 28.07 -12.85
CA PRO B 113 -30.34 29.38 -12.37
C PRO B 113 -30.42 30.40 -13.50
N PRO B 114 -31.25 31.43 -13.35
CA PRO B 114 -31.13 32.63 -14.18
C PRO B 114 -29.84 33.40 -13.90
N ALA B 115 -29.26 33.97 -14.96
CA ALA B 115 -27.94 34.60 -14.88
C ALA B 115 -27.84 35.70 -13.83
N SER B 116 -28.96 36.30 -13.41
CA SER B 116 -28.97 37.34 -12.39
C SER B 116 -28.80 36.85 -10.96
N GLU B 117 -29.00 35.56 -10.68
CA GLU B 117 -28.90 35.07 -9.31
C GLU B 117 -27.46 35.00 -8.82
N THR B 118 -27.22 35.57 -7.65
CA THR B 118 -25.88 35.73 -7.10
C THR B 118 -25.57 34.80 -5.94
N PHE B 119 -26.60 34.23 -5.30
CA PHE B 119 -26.48 33.36 -4.13
C PHE B 119 -25.71 33.99 -2.98
N PRO B 120 -26.31 34.94 -2.28
CA PRO B 120 -25.65 35.55 -1.13
C PRO B 120 -25.57 34.61 0.06
N PRO B 121 -24.67 34.87 1.00
CA PRO B 121 -24.68 34.14 2.27
C PRO B 121 -26.03 34.11 2.96
N GLY B 122 -26.34 32.97 3.58
CA GLY B 122 -27.65 32.66 4.11
C GLY B 122 -28.52 31.81 3.20
N MET B 123 -28.22 31.77 1.91
CA MET B 123 -28.85 30.82 1.00
C MET B 123 -28.75 29.40 1.54
N PRO B 124 -29.87 28.67 1.62
CA PRO B 124 -29.86 27.26 2.06
C PRO B 124 -29.45 26.30 0.96
N CYS B 125 -28.23 25.76 1.06
CA CYS B 125 -27.62 24.98 -0.01
C CYS B 125 -27.10 23.64 0.51
N TRP B 126 -27.23 22.61 -0.32
CA TRP B 126 -26.76 21.25 -0.06
C TRP B 126 -25.80 20.78 -1.13
N VAL B 127 -24.87 19.90 -0.73
CA VAL B 127 -24.04 19.15 -1.66
C VAL B 127 -24.13 17.65 -1.35
N THR B 128 -24.16 16.82 -2.39
CA THR B 128 -24.41 15.38 -2.31
C THR B 128 -23.36 14.60 -3.10
N GLY B 129 -23.12 13.36 -2.69
CA GLY B 129 -22.21 12.51 -3.43
C GLY B 129 -21.78 11.26 -2.69
N TRP B 130 -20.93 10.49 -3.37
CA TRP B 130 -20.36 9.24 -2.89
C TRP B 130 -18.86 9.33 -2.60
N GLY B 131 -18.35 10.50 -2.26
CA GLY B 131 -16.96 10.63 -1.88
C GLY B 131 -16.59 10.08 -0.51
N ASP B 132 -15.32 10.31 -0.19
CA ASP B 132 -14.75 10.00 1.11
C ASP B 132 -15.41 10.77 2.25
N VAL B 133 -15.35 10.17 3.44
CA VAL B 133 -16.15 10.62 4.58
C VAL B 133 -15.28 11.32 5.61
N ASP B 134 -13.98 11.05 5.62
CA ASP B 134 -12.97 11.77 6.36
C ASP B 134 -11.74 11.90 5.47
N ASN B 135 -10.80 12.74 5.89
CA ASN B 135 -9.72 13.17 5.02
C ASN B 135 -8.96 12.00 4.41
N ASP B 136 -8.79 10.91 5.16
CA ASP B 136 -7.99 9.79 4.71
C ASP B 136 -8.77 8.54 4.28
N GLU B 137 -10.07 8.42 4.57
CA GLU B 137 -10.71 7.11 4.49
C GLU B 137 -11.97 7.06 3.64
N ARG B 138 -12.15 5.91 2.97
CA ARG B 138 -13.20 5.62 2.02
C ARG B 138 -14.60 5.58 2.66
N LEU B 139 -15.60 5.84 1.83
CA LEU B 139 -16.98 5.45 2.09
C LEU B 139 -17.09 3.95 2.28
N PRO B 140 -17.67 3.47 3.39
CA PRO B 140 -17.74 2.02 3.66
C PRO B 140 -18.67 1.25 2.73
N PRO B 141 -18.42 -0.06 2.63
CA PRO B 141 -18.98 -0.96 1.60
C PRO B 141 -20.49 -1.08 1.40
N PRO B 142 -21.39 -0.56 2.24
CA PRO B 142 -22.74 -0.37 1.69
C PRO B 142 -22.89 0.81 0.72
N PHE B 143 -21.93 1.74 0.69
CA PHE B 143 -21.89 2.86 -0.24
C PHE B 143 -23.14 3.73 -0.38
N PRO B 144 -23.71 4.22 0.73
CA PRO B 144 -24.88 5.10 0.64
C PRO B 144 -24.58 6.49 0.07
N LEU B 145 -25.54 7.04 -0.68
CA LEU B 145 -25.50 8.45 -1.04
C LEU B 145 -25.65 9.34 0.19
N LYS B 146 -24.70 10.26 0.39
CA LYS B 146 -24.73 11.19 1.52
C LYS B 146 -25.01 12.62 1.08
N GLN B 147 -25.59 13.40 2.00
CA GLN B 147 -25.91 14.81 1.80
C GLN B 147 -25.37 15.64 2.97
N VAL B 148 -24.98 16.88 2.72
CA VAL B 148 -24.73 17.85 3.79
C VAL B 148 -25.11 19.25 3.35
N LYS B 149 -25.74 20.00 4.27
CA LYS B 149 -26.00 21.43 4.10
C LYS B 149 -24.76 22.26 4.40
N VAL B 150 -24.43 23.20 3.51
CA VAL B 150 -23.20 23.98 3.62
C VAL B 150 -23.44 25.49 3.56
N PRO B 151 -22.74 26.27 4.40
CA PRO B 151 -22.81 27.75 4.30
C PRO B 151 -22.02 28.32 3.13
N ILE B 152 -22.63 29.25 2.41
CA ILE B 152 -21.98 30.03 1.37
C ILE B 152 -21.14 31.16 1.98
N MET B 153 -19.98 31.41 1.38
CA MET B 153 -19.14 32.57 1.66
C MET B 153 -19.09 33.51 0.47
N GLU B 154 -18.99 34.82 0.75
CA GLU B 154 -18.65 35.79 -0.29
C GLU B 154 -17.21 35.62 -0.78
N ASN B 155 -17.00 35.87 -2.07
CA ASN B 155 -15.72 35.62 -2.72
C ASN B 155 -14.55 36.41 -2.11
N HIS B 156 -14.77 37.67 -1.75
CA HIS B 156 -13.68 38.45 -1.16
C HIS B 156 -13.27 37.94 0.21
N ILE B 157 -14.24 37.56 1.04
CA ILE B 157 -13.92 37.00 2.35
C ILE B 157 -13.22 35.64 2.21
N CYS B 158 -13.58 34.87 1.18
CA CYS B 158 -12.96 33.59 0.90
C CYS B 158 -11.52 33.73 0.40
N ASP B 159 -11.28 34.66 -0.52
CA ASP B 159 -9.92 34.92 -0.98
C ASP B 159 -9.00 35.37 0.15
N ALA B 160 -9.50 36.21 1.04
CA ALA B 160 -8.73 36.60 2.23
C ALA B 160 -8.36 35.42 3.12
N LYS B 161 -9.30 34.50 3.34
CA LYS B 161 -9.01 33.31 4.14
C LYS B 161 -7.94 32.42 3.51
N TYR B 162 -7.93 32.29 2.19
CA TYR B 162 -6.87 31.54 1.51
C TYR B 162 -5.48 32.19 1.62
N HIS B 163 -5.39 33.48 1.89
CA HIS B 163 -4.10 34.10 2.15
C HIS B 163 -3.56 33.90 3.55
N LEU B 164 -4.40 33.55 4.53
CA LEU B 164 -3.89 33.26 5.87
C LEU B 164 -3.03 32.00 5.88
N GLY B 165 -1.83 32.12 6.46
CA GLY B 165 -0.91 31.01 6.52
C GLY B 165 -0.26 30.62 5.21
N ALA B 166 -0.23 31.54 4.25
CA ALA B 166 0.36 31.31 2.94
C ALA B 166 1.42 32.37 2.66
N TYR B 167 2.35 32.04 1.77
CA TYR B 167 3.32 33.04 1.31
C TYR B 167 2.76 33.94 0.22
N THR B 168 1.67 33.54 -0.43
CA THR B 168 1.14 34.27 -1.58
C THR B 168 0.80 35.70 -1.19
N GLY B 169 1.22 36.64 -2.04
CA GLY B 169 0.94 38.05 -1.78
C GLY B 169 -0.54 38.36 -1.88
N ASP B 170 -1.00 39.28 -1.03
CA ASP B 170 -2.41 39.62 -0.95
C ASP B 170 -2.98 40.18 -2.26
N ASP B 171 -2.14 40.80 -3.09
CA ASP B 171 -2.56 41.25 -4.42
C ASP B 171 -2.87 40.14 -5.42
N VAL B 172 -2.38 38.92 -5.21
CA VAL B 172 -2.68 37.81 -6.12
C VAL B 172 -4.04 37.21 -5.77
N ARG B 173 -4.96 37.24 -6.75
CA ARG B 173 -6.27 36.58 -6.67
C ARG B 173 -6.16 35.07 -6.75
N ILE B 174 -6.47 34.38 -5.64
CA ILE B 174 -6.55 32.92 -5.65
C ILE B 174 -7.95 32.46 -6.05
N VAL B 175 -8.97 33.06 -5.47
CA VAL B 175 -10.36 32.74 -5.77
C VAL B 175 -10.85 33.70 -6.85
N ARG B 176 -11.31 33.15 -7.96
CA ARG B 176 -11.66 33.93 -9.13
C ARG B 176 -13.17 34.09 -9.25
N ASP B 177 -13.60 34.99 -10.12
CA ASP B 177 -15.02 35.35 -10.19
C ASP B 177 -15.85 34.36 -10.99
N ASP B 178 -15.24 33.41 -11.68
CA ASP B 178 -15.92 32.21 -12.15
C ASP B 178 -16.08 31.13 -11.07
N MET B 179 -15.73 31.40 -9.82
CA MET B 179 -15.76 30.44 -8.72
C MET B 179 -16.73 30.88 -7.62
N LEU B 180 -17.01 29.93 -6.71
CA LEU B 180 -17.85 30.15 -5.54
C LEU B 180 -17.29 29.33 -4.38
N CYS B 181 -17.46 29.84 -3.16
CA CYS B 181 -16.96 29.20 -1.94
C CYS B 181 -18.09 28.78 -1.01
N ALA B 182 -17.96 27.58 -0.43
CA ALA B 182 -18.90 27.08 0.55
C ALA B 182 -18.21 26.08 1.48
N GLY B 183 -18.81 25.84 2.64
CA GLY B 183 -18.36 24.85 3.59
C GLY B 183 -17.55 25.42 4.74
N ASN B 184 -17.26 24.54 5.70
CA ASN B 184 -16.43 24.87 6.85
C ASN B 184 -15.77 23.59 7.40
N THR B 185 -15.06 23.76 8.51
CA THR B 185 -14.30 22.70 9.18
C THR B 185 -15.16 21.51 9.63
N ARG B 186 -16.48 21.57 9.52
CA ARG B 186 -17.32 20.44 9.86
C ARG B 186 -18.12 19.87 8.69
N ARG B 187 -18.17 20.56 7.55
CA ARG B 187 -19.23 20.34 6.58
C ARG B 187 -18.62 20.61 5.20
N ASP B 188 -18.30 19.55 4.46
CA ASP B 188 -17.60 19.77 3.21
C ASP B 188 -17.79 18.59 2.26
N SER B 189 -17.53 18.85 0.99
CA SER B 189 -17.20 17.86 -0.03
C SER B 189 -15.78 17.32 0.16
N CYS B 190 -15.54 16.12 -0.36
CA CYS B 190 -14.22 15.50 -0.29
C CYS B 190 -13.96 14.73 -1.58
N GLN B 191 -12.80 14.06 -1.65
CA GLN B 191 -12.43 13.25 -2.80
C GLN B 191 -13.50 12.24 -3.22
N GLY B 192 -13.77 12.21 -4.52
CA GLY B 192 -14.88 11.49 -5.12
C GLY B 192 -16.19 12.24 -5.24
N ASP B 193 -16.35 13.36 -4.56
CA ASP B 193 -17.51 14.23 -4.78
C ASP B 193 -17.35 15.18 -5.96
N SER B 194 -16.12 15.40 -6.43
CA SER B 194 -15.87 16.30 -7.56
C SER B 194 -16.81 16.02 -8.72
N GLY B 195 -17.23 17.10 -9.38
CA GLY B 195 -18.22 17.07 -10.43
C GLY B 195 -19.66 17.06 -10.00
N GLY B 196 -19.95 16.83 -8.72
CA GLY B 196 -21.31 16.84 -8.23
C GLY B 196 -21.95 18.20 -8.05
N PRO B 197 -23.28 18.22 -7.98
CA PRO B 197 -24.01 19.48 -7.90
C PRO B 197 -24.07 20.08 -6.51
N LEU B 198 -23.93 21.40 -6.45
CA LEU B 198 -24.35 22.21 -5.32
C LEU B 198 -25.67 22.89 -5.66
N VAL B 199 -26.70 22.64 -4.85
CA VAL B 199 -28.06 23.10 -5.14
C VAL B 199 -28.60 23.92 -3.98
N CYS B 200 -29.28 25.02 -4.31
CA CYS B 200 -29.88 25.90 -3.33
C CYS B 200 -31.37 26.03 -3.63
N LYS B 201 -32.17 26.11 -2.57
CA LYS B 201 -33.62 26.23 -2.71
C LYS B 201 -34.03 27.70 -2.70
N VAL B 202 -34.48 28.19 -3.85
CA VAL B 202 -34.80 29.60 -4.06
C VAL B 202 -36.27 29.70 -4.44
N ASN B 203 -37.05 30.40 -3.61
CA ASN B 203 -38.48 30.59 -3.84
C ASN B 203 -39.20 29.26 -4.10
N GLY B 204 -38.88 28.25 -3.29
CA GLY B 204 -39.42 26.91 -3.45
C GLY B 204 -38.78 26.03 -4.51
N THR B 205 -37.95 26.56 -5.40
CA THR B 205 -37.39 25.79 -6.49
C THR B 205 -35.93 25.46 -6.21
N TRP B 206 -35.54 24.22 -6.46
CA TRP B 206 -34.14 23.81 -6.43
C TRP B 206 -33.38 24.33 -7.65
N LEU B 207 -32.31 25.08 -7.41
CA LEU B 207 -31.40 25.53 -8.46
C LEU B 207 -30.01 25.00 -8.20
N GLN B 208 -29.31 24.57 -9.25
CA GLN B 208 -27.90 24.23 -9.15
C GLN B 208 -27.02 25.47 -9.17
N ALA B 209 -26.46 25.83 -8.01
CA ALA B 209 -25.51 26.93 -7.95
C ALA B 209 -24.11 26.57 -8.46
N GLY B 210 -23.63 25.35 -8.21
CA GLY B 210 -22.22 25.06 -8.40
C GLY B 210 -21.89 23.62 -8.76
N VAL B 211 -20.66 23.43 -9.24
CA VAL B 211 -20.04 22.12 -9.42
C VAL B 211 -18.82 22.01 -8.51
N VAL B 212 -18.73 20.91 -7.75
CA VAL B 212 -17.59 20.63 -6.88
C VAL B 212 -16.30 20.59 -7.70
N SER B 213 -15.36 21.48 -7.39
CA SER B 213 -14.18 21.69 -8.22
C SER B 213 -12.86 21.38 -7.52
N TRP B 214 -12.46 22.15 -6.51
CA TRP B 214 -11.15 21.92 -5.90
C TRP B 214 -11.12 22.50 -4.50
N GLY B 215 -10.08 22.14 -3.76
CA GLY B 215 -9.79 22.76 -2.47
C GLY B 215 -8.50 22.21 -1.89
N GLU B 216 -8.05 22.84 -0.81
CA GLU B 216 -6.86 22.40 -0.08
C GLU B 216 -7.14 21.35 1.01
N GLY B 217 -7.60 20.19 0.59
CA GLY B 217 -7.94 19.13 1.52
C GLY B 217 -9.29 19.31 2.19
N CYS B 218 -9.81 18.20 2.71
CA CYS B 218 -11.18 18.14 3.20
C CYS B 218 -11.31 18.75 4.59
N ALA B 219 -12.22 19.73 4.71
CA ALA B 219 -12.58 20.39 5.98
C ALA B 219 -11.39 20.99 6.73
N GLN B 220 -10.36 21.46 6.04
CA GLN B 220 -9.25 22.06 6.76
C GLN B 220 -9.59 23.49 7.22
N PRO B 221 -9.03 23.91 8.36
CA PRO B 221 -9.26 25.27 8.85
C PRO B 221 -8.82 26.36 7.88
N ASN B 222 -9.68 27.36 7.71
CA ASN B 222 -9.53 28.46 6.74
C ASN B 222 -9.39 28.03 5.29
N ARG B 223 -9.83 26.84 4.91
CA ARG B 223 -9.78 26.42 3.50
C ARG B 223 -11.14 25.92 3.05
N PRO B 224 -12.10 26.83 2.81
CA PRO B 224 -13.38 26.44 2.20
C PRO B 224 -13.24 25.79 0.83
N GLY B 225 -14.19 24.93 0.50
CA GLY B 225 -14.25 24.32 -0.82
C GLY B 225 -14.57 25.31 -1.93
N ILE B 226 -13.96 25.10 -3.09
CA ILE B 226 -14.14 25.95 -4.26
C ILE B 226 -15.04 25.24 -5.27
N TYR B 227 -16.05 25.96 -5.78
CA TYR B 227 -17.00 25.44 -6.75
C TYR B 227 -16.94 26.27 -8.02
N THR B 228 -17.13 25.64 -9.17
CA THR B 228 -17.37 26.36 -10.42
C THR B 228 -18.75 27.02 -10.40
N ARG B 229 -18.79 28.33 -10.61
CA ARG B 229 -20.01 29.13 -10.60
C ARG B 229 -20.80 28.91 -11.90
N VAL B 230 -21.98 28.29 -11.80
CA VAL B 230 -22.74 27.86 -12.96
C VAL B 230 -23.27 29.03 -13.78
N THR B 231 -23.67 30.13 -13.15
CA THR B 231 -24.18 31.29 -13.91
C THR B 231 -23.16 31.85 -14.89
N TYR B 232 -21.87 31.74 -14.59
CA TYR B 232 -20.82 32.26 -15.45
C TYR B 232 -20.74 31.57 -16.80
N TYR B 233 -21.26 30.35 -16.92
CA TYR B 233 -21.08 29.56 -18.14
C TYR B 233 -22.38 29.23 -18.89
N LEU B 234 -23.49 29.88 -18.55
CA LEU B 234 -24.77 29.59 -19.19
C LEU B 234 -24.74 29.75 -20.70
N ASP B 235 -24.10 30.79 -21.23
CA ASP B 235 -24.02 30.95 -22.68
C ASP B 235 -23.28 29.81 -23.36
N TRP B 236 -22.21 29.30 -22.74
CA TRP B 236 -21.51 28.17 -23.32
C TRP B 236 -22.34 26.88 -23.24
N ILE B 237 -23.07 26.67 -22.16
CA ILE B 237 -23.94 25.50 -22.04
C ILE B 237 -25.03 25.49 -23.10
N HIS B 238 -25.65 26.65 -23.36
CA HIS B 238 -26.72 26.77 -24.33
C HIS B 238 -26.27 26.74 -25.79
N HIS B 239 -24.99 26.73 -26.10
CA HIS B 239 -24.55 26.35 -27.44
C HIS B 239 -24.70 24.86 -27.74
N TYR B 240 -24.98 24.03 -26.76
CA TYR B 240 -25.09 22.58 -26.98
C TYR B 240 -26.38 21.98 -26.49
N VAL B 241 -26.89 22.42 -25.35
CA VAL B 241 -28.09 21.84 -24.75
C VAL B 241 -29.29 22.66 -25.19
N PRO B 242 -30.25 22.08 -25.90
CA PRO B 242 -31.07 22.84 -26.85
C PRO B 242 -32.05 23.83 -26.24
N LYS B 243 -32.26 23.82 -24.92
CA LYS B 243 -33.19 24.73 -24.23
C LYS B 243 -34.49 24.96 -25.00
N ILE C 1 15.68 10.60 -12.37
CA ILE C 1 16.32 10.81 -13.65
C ILE C 1 16.08 9.60 -14.55
N VAL C 2 15.43 9.81 -15.69
CA VAL C 2 15.22 8.75 -16.67
C VAL C 2 16.34 8.83 -17.71
N GLY C 3 16.98 7.69 -17.97
CA GLY C 3 18.23 7.68 -18.70
C GLY C 3 19.43 8.10 -17.87
N GLY C 4 20.59 8.09 -18.52
CA GLY C 4 21.84 8.51 -17.93
C GLY C 4 22.33 7.60 -16.81
N GLN C 5 23.50 7.95 -16.28
CA GLN C 5 24.27 7.07 -15.41
C GLN C 5 24.48 7.74 -14.06
N GLU C 6 25.15 7.01 -13.16
CA GLU C 6 25.73 7.61 -11.96
C GLU C 6 26.69 8.75 -12.34
N ALA C 7 26.57 9.86 -11.63
CA ALA C 7 27.46 10.99 -11.81
C ALA C 7 28.87 10.72 -11.27
N PRO C 8 29.90 11.15 -11.98
CA PRO C 8 31.26 11.18 -11.41
C PRO C 8 31.38 12.07 -10.18
N ARG C 9 32.31 11.70 -9.30
CA ARG C 9 32.34 12.24 -7.94
C ARG C 9 32.74 13.71 -7.84
N SER C 10 33.48 14.25 -8.82
CA SER C 10 33.78 15.67 -8.87
C SER C 10 32.77 16.53 -9.63
N LYS C 11 31.85 15.94 -10.39
CA LYS C 11 31.32 16.65 -11.55
C LYS C 11 30.30 17.76 -11.23
N TRP C 12 29.50 17.67 -10.17
CA TRP C 12 28.40 18.63 -9.95
C TRP C 12 28.39 19.19 -8.53
N PRO C 13 29.38 20.00 -8.17
CA PRO C 13 29.64 20.31 -6.75
C PRO C 13 28.59 21.17 -6.07
N TRP C 14 27.69 21.80 -6.82
CA TRP C 14 26.63 22.66 -6.30
C TRP C 14 25.32 21.95 -5.94
N GLN C 15 25.15 20.67 -6.28
CA GLN C 15 23.91 19.94 -6.03
C GLN C 15 23.58 19.85 -4.54
N VAL C 16 22.31 20.13 -4.20
CA VAL C 16 21.81 20.15 -2.83
C VAL C 16 20.67 19.14 -2.68
N SER C 17 20.58 18.54 -1.50
CA SER C 17 19.44 17.72 -1.08
C SER C 17 18.66 18.37 0.07
N LEU C 18 17.34 18.49 -0.09
CA LEU C 18 16.44 18.92 0.98
C LEU C 18 15.84 17.73 1.72
N ARG C 19 15.86 17.78 3.06
CA ARG C 19 15.44 16.69 3.93
C ARG C 19 14.29 17.11 4.84
N VAL C 20 13.30 16.25 4.99
CA VAL C 20 12.16 16.50 5.88
C VAL C 20 12.23 15.53 7.05
N HIS C 21 11.88 16.02 8.24
CA HIS C 21 11.84 15.21 9.45
C HIS C 21 10.74 14.16 9.46
N GLY C 22 11.08 12.98 9.96
CA GLY C 22 10.17 11.86 10.08
C GLY C 22 10.81 10.75 10.90
N PRO C 23 10.58 9.48 10.52
CA PRO C 23 11.36 8.39 11.09
C PRO C 23 12.84 8.49 10.77
N TYR C 24 13.19 9.27 9.75
CA TYR C 24 14.55 9.66 9.42
C TYR C 24 14.44 10.92 8.58
N TRP C 25 15.56 11.58 8.41
CA TRP C 25 15.66 12.79 7.58
C TRP C 25 15.65 12.43 6.09
N MET C 26 14.46 12.43 5.51
CA MET C 26 14.22 11.87 4.18
C MET C 26 14.34 12.92 3.10
N HIS C 27 15.04 12.56 2.02
CA HIS C 27 15.11 13.37 0.81
C HIS C 27 13.73 13.58 0.18
N PHE C 28 13.37 14.83 -0.06
CA PHE C 28 12.16 15.12 -0.80
C PHE C 28 12.36 16.04 -2.00
N CYS C 29 13.39 16.88 -2.04
CA CYS C 29 13.50 17.88 -3.09
C CYS C 29 14.96 18.20 -3.36
N GLY C 30 15.25 18.66 -4.60
CA GLY C 30 16.55 19.18 -4.97
C GLY C 30 16.75 20.68 -4.74
N GLY C 31 17.97 21.12 -5.00
CA GLY C 31 18.33 22.53 -5.01
C GLY C 31 19.74 22.73 -5.54
N SER C 32 20.15 23.99 -5.63
CA SER C 32 21.52 24.35 -5.99
C SER C 32 22.07 25.46 -5.10
N LEU C 33 23.35 25.33 -4.73
CA LEU C 33 24.07 26.37 -4.00
C LEU C 33 24.56 27.46 -4.95
N ILE C 34 24.00 28.66 -4.80
CA ILE C 34 24.27 29.78 -5.68
C ILE C 34 25.15 30.83 -5.01
N HIS C 35 25.26 30.82 -3.70
CA HIS C 35 26.09 31.71 -2.93
C HIS C 35 26.45 30.94 -1.67
N PRO C 36 27.56 31.29 -1.02
CA PRO C 36 27.92 30.55 0.21
C PRO C 36 26.85 30.49 1.29
N GLN C 37 25.86 31.37 1.26
CA GLN C 37 24.80 31.32 2.26
C GLN C 37 23.40 31.08 1.66
N TRP C 38 23.27 30.82 0.37
CA TRP C 38 21.97 30.77 -0.29
C TRP C 38 21.80 29.56 -1.21
N VAL C 39 20.65 28.90 -1.08
CA VAL C 39 20.23 27.80 -1.96
C VAL C 39 19.03 28.27 -2.78
N LEU C 40 19.08 28.00 -4.08
CA LEU C 40 17.97 28.22 -5.00
C LEU C 40 17.20 26.92 -5.22
N THR C 41 15.87 26.97 -5.09
CA THR C 41 15.04 25.78 -5.30
C THR C 41 13.69 26.19 -5.92
N ALA C 42 12.78 25.22 -6.03
CA ALA C 42 11.40 25.44 -6.47
C ALA C 42 10.50 25.88 -5.32
N ALA C 43 9.48 26.68 -5.66
CA ALA C 43 8.49 27.12 -4.67
C ALA C 43 7.52 26.04 -4.22
N HIS C 44 7.08 25.14 -5.12
CA HIS C 44 6.15 24.09 -4.73
C HIS C 44 6.74 23.05 -3.78
N CYS C 45 8.07 22.98 -3.65
CA CYS C 45 8.65 22.13 -2.60
C CYS C 45 8.44 22.68 -1.20
N VAL C 46 8.23 23.98 -1.05
CA VAL C 46 8.20 24.57 0.29
C VAL C 46 6.92 25.36 0.53
N GLY C 47 6.12 25.59 -0.50
CA GLY C 47 4.92 26.39 -0.36
C GLY C 47 3.79 25.89 -1.23
N PRO C 48 2.67 26.62 -1.27
CA PRO C 48 2.46 28.00 -0.78
C PRO C 48 2.16 28.14 0.71
N ASP C 49 1.78 27.06 1.39
CA ASP C 49 1.57 27.11 2.83
C ASP C 49 2.89 27.21 3.59
N VAL C 50 2.87 27.94 4.70
CA VAL C 50 4.06 28.19 5.49
C VAL C 50 4.49 26.94 6.25
N LYS C 51 5.81 26.72 6.31
CA LYS C 51 6.43 25.54 6.90
C LYS C 51 7.15 25.93 8.17
N ASP C 52 7.10 25.06 9.18
CA ASP C 52 7.98 25.20 10.35
C ASP C 52 9.41 24.82 9.96
N LEU C 53 10.34 25.74 10.18
CA LEU C 53 11.75 25.54 9.89
C LEU C 53 12.41 24.46 10.76
N ALA C 54 11.78 24.06 11.85
CA ALA C 54 12.24 22.92 12.63
C ALA C 54 12.25 21.63 11.81
N ALA C 55 11.37 21.50 10.82
CA ALA C 55 11.21 20.27 10.07
C ALA C 55 12.10 20.15 8.84
N LEU C 56 12.95 21.12 8.54
CA LEU C 56 13.75 21.14 7.32
C LEU C 56 15.25 21.16 7.62
N ARG C 57 16.03 20.42 6.82
CA ARG C 57 17.50 20.55 6.78
C ARG C 57 18.01 20.49 5.34
N VAL C 58 19.21 21.03 5.15
CA VAL C 58 19.94 20.99 3.87
C VAL C 58 21.10 20.03 3.99
N GLN C 59 21.29 19.19 2.96
CA GLN C 59 22.47 18.34 2.79
C GLN C 59 23.23 18.77 1.53
N LEU C 60 24.53 19.03 1.67
CA LEU C 60 25.40 19.31 0.53
C LEU C 60 25.83 18.03 -0.19
N ARG C 61 26.49 18.23 -1.34
CA ARG C 61 26.83 17.21 -2.32
C ARG C 61 27.39 15.92 -1.72
N GLU C 62 26.54 14.92 -1.58
CA GLU C 62 26.92 13.53 -1.37
C GLU C 62 27.14 12.82 -2.70
N GLN C 63 27.82 11.69 -2.63
CA GLN C 63 27.73 10.73 -3.74
C GLN C 63 26.50 9.82 -3.56
N HIS C 64 26.25 9.37 -2.33
CA HIS C 64 25.13 8.49 -1.99
C HIS C 64 24.34 9.13 -0.85
N LEU C 65 23.01 9.18 -0.98
CA LEU C 65 22.19 9.70 0.12
C LEU C 65 22.40 8.90 1.40
N TYR C 66 22.30 9.60 2.53
CA TYR C 66 22.19 9.03 3.88
C TYR C 66 23.47 8.43 4.43
N TYR C 67 24.44 8.13 3.56
CA TYR C 67 25.63 7.41 4.02
C TYR C 67 26.54 8.26 4.90
N GLN C 68 26.64 9.56 4.65
CA GLN C 68 27.60 10.44 5.33
C GLN C 68 26.96 11.79 5.67
N ASP C 69 25.75 11.75 6.23
CA ASP C 69 24.97 12.96 6.47
C ASP C 69 25.63 13.98 7.39
N GLN C 70 25.62 15.24 6.94
CA GLN C 70 25.93 16.41 7.77
C GLN C 70 24.88 17.49 7.51
N LEU C 71 23.87 17.59 8.38
CA LEU C 71 22.63 18.32 8.09
C LEU C 71 22.69 19.78 8.55
N LEU C 72 22.62 20.71 7.59
CA LEU C 72 22.69 22.15 7.87
C LEU C 72 21.33 22.74 8.25
N PRO C 73 21.25 23.55 9.29
CA PRO C 73 20.00 24.28 9.59
C PRO C 73 19.75 25.47 8.68
N VAL C 74 18.46 25.81 8.54
CA VAL C 74 17.97 26.85 7.65
C VAL C 74 17.43 28.01 8.46
N SER C 75 17.89 29.23 8.15
CA SER C 75 17.41 30.41 8.88
C SER C 75 16.14 31.04 8.29
N ARG C 76 15.94 31.00 6.98
CA ARG C 76 14.86 31.76 6.37
C ARG C 76 14.42 31.13 5.06
N ILE C 77 13.12 31.22 4.77
CA ILE C 77 12.52 30.79 3.51
C ILE C 77 11.87 31.98 2.83
N ILE C 78 12.22 32.21 1.56
CA ILE C 78 11.68 33.32 0.78
C ILE C 78 11.09 32.79 -0.52
N VAL C 79 9.76 32.79 -0.62
CA VAL C 79 9.02 32.31 -1.78
C VAL C 79 8.55 33.52 -2.58
N HIS C 80 8.66 33.43 -3.89
CA HIS C 80 8.24 34.52 -4.76
C HIS C 80 6.76 34.87 -4.55
N PRO C 81 6.43 36.15 -4.35
CA PRO C 81 5.06 36.52 -3.98
C PRO C 81 3.96 36.12 -4.95
N GLN C 82 4.26 35.99 -6.24
CA GLN C 82 3.29 35.60 -7.25
C GLN C 82 2.92 34.13 -7.27
N PHE C 83 3.63 33.26 -6.56
CA PHE C 83 3.39 31.82 -6.64
C PHE C 83 2.14 31.37 -5.91
N TYR C 84 1.38 30.48 -6.56
CA TYR C 84 0.38 29.68 -5.86
C TYR C 84 0.37 28.23 -6.37
N THR C 85 0.48 28.03 -7.68
CA THR C 85 0.66 26.70 -8.27
C THR C 85 1.63 26.79 -9.43
N ALA C 86 2.29 25.67 -9.70
CA ALA C 86 3.40 25.62 -10.67
C ALA C 86 2.98 25.84 -12.11
N GLN C 87 1.78 25.42 -12.51
CA GLN C 87 1.32 25.69 -13.86
C GLN C 87 0.98 27.17 -14.09
N ILE C 88 0.69 27.93 -13.04
CA ILE C 88 0.49 29.36 -13.22
C ILE C 88 1.82 30.08 -13.38
N GLY C 89 2.86 29.65 -12.65
CA GLY C 89 4.20 30.21 -12.78
C GLY C 89 4.76 30.73 -11.48
N ALA C 90 5.87 31.46 -11.59
CA ALA C 90 6.67 32.00 -10.47
C ALA C 90 7.17 30.93 -9.50
N ASP C 91 7.46 29.72 -9.99
CA ASP C 91 7.81 28.58 -9.14
C ASP C 91 9.29 28.63 -8.75
N ILE C 92 9.62 29.58 -7.87
CA ILE C 92 11.00 29.86 -7.49
C ILE C 92 11.05 30.23 -6.02
N ALA C 93 12.04 29.70 -5.29
CA ALA C 93 12.22 30.01 -3.87
C ALA C 93 13.70 30.07 -3.49
N LEU C 94 13.97 30.80 -2.41
CA LEU C 94 15.31 30.95 -1.85
C LEU C 94 15.36 30.47 -0.40
N LEU C 95 16.40 29.70 -0.06
CA LEU C 95 16.70 29.33 1.31
C LEU C 95 17.98 30.05 1.76
N GLU C 96 17.91 30.73 2.88
CA GLU C 96 19.08 31.29 3.52
C GLU C 96 19.59 30.34 4.61
N LEU C 97 20.86 29.94 4.52
CA LEU C 97 21.47 29.11 5.54
C LEU C 97 21.73 29.91 6.82
N GLU C 98 21.66 29.20 7.95
CA GLU C 98 22.05 29.79 9.23
C GLU C 98 23.54 30.13 9.27
N GLU C 99 24.40 29.22 8.78
CA GLU C 99 25.85 29.36 8.70
C GLU C 99 26.33 29.37 7.25
N PRO C 100 27.36 30.13 6.93
CA PRO C 100 27.93 30.05 5.58
C PRO C 100 28.76 28.79 5.38
N VAL C 101 28.76 28.32 4.14
CA VAL C 101 29.54 27.14 3.73
C VAL C 101 30.97 27.55 3.41
N ASN C 102 31.93 26.75 3.83
CA ASN C 102 33.32 26.91 3.38
C ASN C 102 33.47 26.36 1.97
N VAL C 103 33.61 27.27 1.00
CA VAL C 103 33.82 26.91 -0.39
C VAL C 103 35.12 26.13 -0.58
N SER C 104 35.10 25.18 -1.52
CA SER C 104 36.08 24.13 -1.63
C SER C 104 36.10 23.63 -3.07
N SER C 105 37.05 22.72 -3.35
CA SER C 105 36.98 21.96 -4.60
C SER C 105 35.75 21.08 -4.64
N HIS C 106 35.42 20.42 -3.53
CA HIS C 106 34.31 19.50 -3.47
C HIS C 106 32.96 20.19 -3.31
N VAL C 107 32.95 21.46 -2.90
CA VAL C 107 31.71 22.23 -2.76
C VAL C 107 31.96 23.63 -3.29
N HIS C 108 31.27 23.99 -4.38
CA HIS C 108 31.47 25.26 -5.07
C HIS C 108 30.13 25.69 -5.66
N THR C 109 29.99 26.99 -5.88
CA THR C 109 28.73 27.53 -6.38
C THR C 109 28.62 27.40 -7.89
N VAL C 110 27.39 27.34 -8.39
CA VAL C 110 27.09 27.51 -9.80
C VAL C 110 26.94 28.99 -10.13
N THR C 111 27.21 29.35 -11.38
CA THR C 111 27.04 30.71 -11.88
C THR C 111 25.67 30.91 -12.55
N LEU C 112 25.01 32.03 -12.23
CA LEU C 112 23.75 32.41 -12.88
C LEU C 112 23.98 33.13 -14.21
N PRO C 113 23.10 32.91 -15.19
CA PRO C 113 23.33 33.46 -16.53
C PRO C 113 23.13 34.97 -16.56
N PRO C 114 23.77 35.66 -17.51
CA PRO C 114 23.35 37.02 -17.86
C PRO C 114 21.97 37.06 -18.51
N ALA C 115 21.21 38.11 -18.19
CA ALA C 115 19.82 38.21 -18.61
C ALA C 115 19.60 38.11 -20.12
N SER C 116 20.63 38.36 -20.93
CA SER C 116 20.53 38.27 -22.38
C SER C 116 20.57 36.85 -22.94
N GLU C 117 21.03 35.86 -22.18
CA GLU C 117 21.14 34.50 -22.68
C GLU C 117 19.78 33.83 -22.83
N THR C 118 19.54 33.27 -24.01
CA THR C 118 18.24 32.71 -24.38
C THR C 118 18.21 31.19 -24.40
N PHE C 119 19.37 30.54 -24.49
CA PHE C 119 19.52 29.09 -24.58
C PHE C 119 18.75 28.48 -25.75
N PRO C 120 19.22 28.66 -26.98
CA PRO C 120 18.55 28.07 -28.14
C PRO C 120 18.75 26.56 -28.20
N PRO C 121 17.90 25.85 -28.94
CA PRO C 121 18.14 24.44 -29.21
C PRO C 121 19.52 24.14 -29.76
N GLY C 122 20.10 23.03 -29.30
CA GLY C 122 21.47 22.67 -29.53
C GLY C 122 22.42 22.99 -28.40
N MET C 123 22.02 23.88 -27.50
CA MET C 123 22.75 24.08 -26.24
C MET C 123 22.94 22.76 -25.50
N PRO C 124 24.18 22.43 -25.11
CA PRO C 124 24.43 21.19 -24.35
C PRO C 124 24.11 21.29 -22.87
N CYS C 125 22.97 20.75 -22.44
CA CYS C 125 22.47 20.92 -21.08
C CYS C 125 22.28 19.57 -20.38
N TRP C 126 22.53 19.56 -19.07
CA TRP C 126 22.35 18.42 -18.19
C TRP C 126 21.40 18.74 -17.04
N VAL C 127 20.69 17.72 -16.56
CA VAL C 127 19.93 17.79 -15.32
C VAL C 127 20.32 16.61 -14.41
N THR C 128 20.42 16.88 -13.10
CA THR C 128 20.93 15.95 -12.10
C THR C 128 19.98 15.85 -10.91
N GLY C 129 19.99 14.71 -10.23
CA GLY C 129 19.18 14.57 -9.03
C GLY C 129 19.06 13.14 -8.54
N TRP C 130 18.34 13.00 -7.43
CA TRP C 130 18.03 11.74 -6.76
C TRP C 130 16.59 11.29 -6.90
N GLY C 131 15.89 11.70 -7.94
CA GLY C 131 14.54 11.24 -8.15
C GLY C 131 14.38 9.81 -8.63
N ASP C 132 13.11 9.47 -8.89
CA ASP C 132 12.70 8.21 -9.49
C ASP C 132 13.32 7.95 -10.85
N VAL C 133 13.48 6.68 -11.17
CA VAL C 133 14.27 6.24 -12.32
C VAL C 133 13.38 5.76 -13.44
N ASP C 134 12.16 5.34 -13.14
CA ASP C 134 11.10 5.06 -14.09
C ASP C 134 9.80 5.58 -13.50
N ASN C 135 8.77 5.63 -14.34
CA ASN C 135 7.55 6.37 -14.00
C ASN C 135 6.97 5.95 -12.66
N ASP C 136 7.06 4.66 -12.32
CA ASP C 136 6.44 4.14 -11.11
C ASP C 136 7.40 3.82 -9.96
N GLU C 137 8.72 3.78 -10.18
CA GLU C 137 9.58 3.10 -9.20
C GLU C 137 10.75 3.94 -8.68
N ARG C 138 11.07 3.72 -7.41
CA ARG C 138 12.08 4.44 -6.65
C ARG C 138 13.49 4.19 -7.16
N LEU C 139 14.37 5.16 -6.92
CA LEU C 139 15.82 4.98 -6.92
C LEU C 139 16.21 3.89 -5.92
N PRO C 140 16.94 2.86 -6.34
CA PRO C 140 17.28 1.75 -5.43
C PRO C 140 18.27 2.12 -4.31
N PRO C 141 18.21 1.33 -3.24
CA PRO C 141 18.83 1.65 -1.93
C PRO C 141 20.31 1.91 -1.84
N PRO C 142 21.14 1.86 -2.88
CA PRO C 142 22.41 2.61 -2.75
C PRO C 142 22.25 4.12 -2.88
N PHE C 143 21.25 4.60 -3.61
CA PHE C 143 20.89 6.00 -3.85
C PHE C 143 21.96 6.88 -4.52
N PRO C 144 22.55 6.48 -5.64
CA PRO C 144 23.54 7.33 -6.32
C PRO C 144 22.93 8.56 -6.98
N LEU C 145 23.70 9.66 -6.97
CA LEU C 145 23.36 10.82 -7.80
C LEU C 145 23.46 10.48 -9.28
N LYS C 146 22.38 10.73 -10.04
CA LYS C 146 22.34 10.48 -11.47
C LYS C 146 22.32 11.77 -12.28
N GLN C 147 22.82 11.68 -13.51
CA GLN C 147 22.84 12.78 -14.48
C GLN C 147 22.25 12.32 -15.82
N VAL C 148 21.63 13.24 -16.57
CA VAL C 148 21.31 12.99 -17.96
C VAL C 148 21.39 14.28 -18.77
N LYS C 149 21.90 14.16 -20.00
CA LYS C 149 21.91 15.23 -20.99
C LYS C 149 20.57 15.33 -21.73
N VAL C 150 19.99 16.52 -21.79
CA VAL C 150 18.64 16.71 -22.33
C VAL C 150 18.60 17.75 -23.43
N PRO C 151 17.85 17.50 -24.52
CA PRO C 151 17.65 18.52 -25.57
C PRO C 151 16.67 19.62 -25.17
N ILE C 152 17.04 20.87 -25.45
CA ILE C 152 16.16 22.02 -25.30
C ILE C 152 15.20 22.11 -26.48
N MET C 153 13.96 22.53 -26.20
CA MET C 153 12.96 22.88 -27.20
C MET C 153 12.65 24.38 -27.12
N GLU C 154 12.31 24.97 -28.28
CA GLU C 154 11.70 26.30 -28.27
C GLU C 154 10.29 26.29 -27.70
N ASN C 155 9.93 27.40 -27.04
CA ASN C 155 8.66 27.49 -26.31
C ASN C 155 7.43 27.33 -27.21
N HIS C 156 7.45 27.89 -28.42
CA HIS C 156 6.29 27.75 -29.29
C HIS C 156 6.11 26.31 -29.77
N ILE C 157 7.19 25.63 -30.10
CA ILE C 157 7.09 24.22 -30.50
C ILE C 157 6.64 23.36 -29.33
N CYS C 158 7.05 23.70 -28.12
CA CYS C 158 6.65 22.99 -26.91
C CYS C 158 5.16 23.18 -26.58
N ASP C 159 4.68 24.42 -26.65
CA ASP C 159 3.26 24.69 -26.43
C ASP C 159 2.37 23.96 -27.43
N ALA C 160 2.79 23.90 -28.70
CA ALA C 160 2.07 23.13 -29.70
C ALA C 160 2.00 21.64 -29.37
N LYS C 161 3.11 21.06 -28.89
CA LYS C 161 3.11 19.65 -28.48
C LYS C 161 2.17 19.37 -27.32
N TYR C 162 2.06 20.27 -26.36
CA TYR C 162 1.11 20.12 -25.26
C TYR C 162 -0.36 20.18 -25.70
N HIS C 163 -0.66 20.81 -26.84
CA HIS C 163 -2.02 20.76 -27.37
C HIS C 163 -2.39 19.47 -28.10
N LEU C 164 -1.43 18.67 -28.54
CA LEU C 164 -1.75 17.39 -29.15
C LEU C 164 -2.37 16.42 -28.15
N GLY C 165 -3.51 15.85 -28.51
CA GLY C 165 -4.23 14.93 -27.64
C GLY C 165 -4.89 15.55 -26.44
N ALA C 166 -5.18 16.84 -26.50
CA ALA C 166 -5.81 17.59 -25.42
C ALA C 166 -7.07 18.26 -25.95
N TYR C 167 -8.00 18.55 -25.04
CA TYR C 167 -9.16 19.36 -25.40
C TYR C 167 -8.87 20.85 -25.42
N THR C 168 -7.79 21.28 -24.78
CA THR C 168 -7.50 22.70 -24.62
C THR C 168 -7.40 23.38 -25.98
N GLY C 169 -8.06 24.54 -26.11
CA GLY C 169 -8.02 25.28 -27.35
C GLY C 169 -6.63 25.84 -27.64
N ASP C 170 -6.28 25.86 -28.92
CA ASP C 170 -4.95 26.30 -29.35
C ASP C 170 -4.63 27.74 -28.98
N ASP C 171 -5.63 28.59 -28.82
CA ASP C 171 -5.43 29.96 -28.33
C ASP C 171 -4.95 30.05 -26.87
N VAL C 172 -5.20 29.03 -26.04
CA VAL C 172 -4.77 29.07 -24.64
C VAL C 172 -3.31 28.68 -24.53
N ARG C 173 -2.49 29.59 -24.00
CA ARG C 173 -1.08 29.35 -23.66
C ARG C 173 -0.92 28.41 -22.46
N ILE C 174 -0.41 27.21 -22.68
CA ILE C 174 -0.06 26.31 -21.59
C ILE C 174 1.36 26.57 -21.10
N VAL C 175 2.31 26.75 -22.01
CA VAL C 175 3.71 27.00 -21.69
C VAL C 175 3.95 28.49 -21.77
N ARG C 176 4.37 29.07 -20.66
CA ARG C 176 4.46 30.51 -20.51
C ARG C 176 5.90 30.99 -20.70
N ASP C 177 6.05 32.31 -20.82
CA ASP C 177 7.35 32.90 -21.15
C ASP C 177 8.32 32.91 -19.97
N ASP C 178 7.86 32.71 -18.75
CA ASP C 178 8.71 32.45 -17.62
C ASP C 178 9.16 30.97 -17.52
N MET C 179 8.88 30.15 -18.52
CA MET C 179 9.15 28.72 -18.51
C MET C 179 10.12 28.32 -19.63
N LEU C 180 10.66 27.11 -19.52
CA LEU C 180 11.54 26.52 -20.51
C LEU C 180 11.24 25.03 -20.60
N CYS C 181 11.41 24.47 -21.81
CA CYS C 181 11.12 23.07 -22.10
C CYS C 181 12.38 22.29 -22.50
N ALA C 182 12.53 21.08 -21.96
CA ALA C 182 13.63 20.20 -22.30
C ALA C 182 13.21 18.74 -22.09
N GLY C 183 13.95 17.83 -22.72
CA GLY C 183 13.76 16.40 -22.55
C GLY C 183 12.96 15.76 -23.67
N ASN C 184 12.92 14.42 -23.61
CA ASN C 184 12.14 13.62 -24.55
C ASN C 184 11.77 12.28 -23.91
N THR C 185 11.13 11.42 -24.71
CA THR C 185 10.66 10.10 -24.28
C THR C 185 11.74 9.17 -23.75
N ARG C 186 13.01 9.53 -23.83
CA ARG C 186 14.07 8.71 -23.26
C ARG C 186 14.83 9.37 -22.13
N ARG C 187 14.66 10.67 -21.89
CA ARG C 187 15.64 11.46 -21.16
C ARG C 187 14.87 12.56 -20.44
N ASP C 188 14.67 12.40 -19.13
CA ASP C 188 13.86 13.38 -18.42
C ASP C 188 14.21 13.36 -16.94
N SER C 189 13.83 14.44 -16.27
CA SER C 189 13.59 14.51 -14.83
C SER C 189 12.33 13.74 -14.45
N CYS C 190 12.26 13.35 -13.18
CA CYS C 190 11.09 12.65 -12.65
C CYS C 190 10.86 13.09 -11.20
N GLN C 191 9.86 12.50 -10.56
CA GLN C 191 9.53 12.78 -9.17
C GLN C 191 10.71 12.64 -8.22
N GLY C 192 10.89 13.65 -7.36
CA GLY C 192 12.06 13.84 -6.52
C GLY C 192 13.20 14.65 -7.12
N ASP C 193 13.20 14.88 -8.43
CA ASP C 193 14.16 15.81 -9.03
C ASP C 193 13.73 17.27 -8.95
N SER C 194 12.45 17.54 -8.72
CA SER C 194 11.94 18.91 -8.63
C SER C 194 12.81 19.78 -7.74
N GLY C 195 12.97 21.04 -8.16
CA GLY C 195 13.86 21.99 -7.53
C GLY C 195 15.32 21.92 -7.92
N GLY C 196 15.75 20.88 -8.62
CA GLY C 196 17.12 20.75 -9.05
C GLY C 196 17.51 21.60 -10.25
N PRO C 197 18.81 21.80 -10.41
CA PRO C 197 19.32 22.67 -11.48
C PRO C 197 19.37 22.01 -12.85
N LEU C 198 19.00 22.79 -13.87
CA LEU C 198 19.35 22.52 -15.25
C LEU C 198 20.51 23.45 -15.64
N VAL C 199 21.62 22.87 -16.08
CA VAL C 199 22.85 23.62 -16.35
C VAL C 199 23.32 23.36 -17.78
N CYS C 200 23.76 24.42 -18.43
CA CYS C 200 24.29 24.37 -19.80
C CYS C 200 25.69 24.94 -19.80
N LYS C 201 26.57 24.36 -20.60
CA LYS C 201 27.95 24.84 -20.71
C LYS C 201 28.05 25.83 -21.87
N VAL C 202 28.33 27.09 -21.54
CA VAL C 202 28.37 28.17 -22.51
C VAL C 202 29.76 28.80 -22.48
N ASN C 203 30.46 28.75 -23.60
CA ASN C 203 31.82 29.29 -23.71
C ASN C 203 32.74 28.78 -22.60
N GLY C 204 32.68 27.47 -22.34
CA GLY C 204 33.42 26.84 -21.28
C GLY C 204 32.86 26.94 -19.88
N THR C 205 31.90 27.83 -19.62
CA THR C 205 31.40 28.06 -18.27
C THR C 205 30.04 27.39 -18.08
N TRP C 206 29.87 26.69 -16.95
CA TRP C 206 28.57 26.17 -16.56
C TRP C 206 27.63 27.27 -16.09
N LEU C 207 26.46 27.38 -16.71
CA LEU C 207 25.40 28.28 -16.28
C LEU C 207 24.15 27.49 -15.94
N GLN C 208 23.46 27.88 -14.87
CA GLN C 208 22.15 27.33 -14.56
C GLN C 208 21.06 27.98 -15.41
N ALA C 209 20.54 27.24 -16.39
CA ALA C 209 19.42 27.70 -17.18
C ALA C 209 18.07 27.60 -16.45
N GLY C 210 17.84 26.56 -15.66
CA GLY C 210 16.50 26.25 -15.19
C GLY C 210 16.40 25.56 -13.84
N VAL C 211 15.19 25.57 -13.29
CA VAL C 211 14.81 24.76 -12.13
C VAL C 211 13.71 23.79 -12.55
N VAL C 212 13.89 22.50 -12.21
CA VAL C 212 12.89 21.46 -12.47
C VAL C 212 11.57 21.81 -11.80
N SER C 213 10.51 21.97 -12.59
CA SER C 213 9.26 22.52 -12.09
C SER C 213 8.07 21.56 -12.22
N TRP C 214 7.62 21.21 -13.41
CA TRP C 214 6.43 20.37 -13.54
C TRP C 214 6.41 19.68 -14.89
N GLY C 215 5.54 18.69 -15.01
CA GLY C 215 5.27 18.04 -16.29
C GLY C 215 4.12 17.06 -16.16
N GLU C 216 3.69 16.54 -17.31
CA GLU C 216 2.66 15.50 -17.36
C GLU C 216 3.21 14.07 -17.32
N GLY C 217 3.82 13.72 -16.21
CA GLY C 217 4.43 12.41 -16.06
C GLY C 217 5.77 12.26 -16.77
N CYS C 218 6.56 11.31 -16.28
CA CYS C 218 7.95 11.16 -16.68
C CYS C 218 8.08 10.52 -18.07
N ALA C 219 8.78 11.21 -18.96
CA ALA C 219 9.12 10.74 -20.32
C ALA C 219 7.90 10.32 -21.14
N GLN C 220 6.74 10.93 -20.92
CA GLN C 220 5.60 10.57 -21.75
C GLN C 220 5.71 11.20 -23.14
N PRO C 221 5.19 10.53 -24.17
CA PRO C 221 5.22 11.07 -25.53
C PRO C 221 4.49 12.41 -25.69
N ASN C 222 5.14 13.33 -26.39
CA ASN C 222 4.71 14.72 -26.59
C ASN C 222 4.53 15.52 -25.30
N ARG C 223 5.16 15.14 -24.20
CA ARG C 223 5.07 15.91 -22.95
C ARG C 223 6.45 16.18 -22.38
N PRO C 224 7.21 17.09 -23.01
CA PRO C 224 8.49 17.53 -22.43
C PRO C 224 8.35 18.14 -21.04
N GLY C 225 9.41 18.02 -20.25
CA GLY C 225 9.44 18.65 -18.93
C GLY C 225 9.49 20.17 -18.98
N ILE C 226 8.84 20.79 -18.01
CA ILE C 226 8.76 22.24 -17.88
C ILE C 226 9.70 22.71 -16.76
N TYR C 227 10.52 23.71 -17.05
CA TYR C 227 11.46 24.30 -16.11
C TYR C 227 11.15 25.77 -15.91
N THR C 228 11.35 26.27 -14.70
CA THR C 228 11.35 27.71 -14.45
C THR C 228 12.57 28.36 -15.08
N ARG C 229 12.35 29.37 -15.93
CA ARG C 229 13.41 30.08 -16.63
C ARG C 229 14.11 31.07 -15.69
N VAL C 230 15.38 30.81 -15.39
CA VAL C 230 16.11 31.56 -14.36
C VAL C 230 16.35 33.02 -14.75
N THR C 231 16.58 33.31 -16.04
CA THR C 231 16.81 34.70 -16.46
C THR C 231 15.63 35.61 -16.14
N TYR C 232 14.41 35.07 -16.13
CA TYR C 232 13.21 35.87 -15.87
C TYR C 232 13.16 36.43 -14.45
N TYR C 233 13.88 35.84 -13.50
CA TYR C 233 13.77 36.20 -12.09
C TYR C 233 15.02 36.78 -11.48
N LEU C 234 16.02 37.16 -12.29
CA LEU C 234 17.29 37.67 -11.76
C LEU C 234 17.12 38.91 -10.88
N ASP C 235 16.24 39.83 -11.24
CA ASP C 235 16.03 41.02 -10.42
C ASP C 235 15.43 40.71 -9.05
N TRP C 236 14.49 39.77 -8.99
CA TRP C 236 13.97 39.33 -7.70
C TRP C 236 15.02 38.62 -6.87
N ILE C 237 15.86 37.78 -7.48
CA ILE C 237 16.93 37.11 -6.75
C ILE C 237 17.93 38.10 -6.14
N HIS C 238 18.30 39.14 -6.89
CA HIS C 238 19.25 40.15 -6.43
C HIS C 238 18.70 41.14 -5.41
N HIS C 239 17.39 41.12 -5.10
CA HIS C 239 16.93 41.80 -3.89
C HIS C 239 17.34 41.12 -2.59
N TYR C 240 17.86 39.91 -2.63
CA TYR C 240 18.20 39.18 -1.41
C TYR C 240 19.62 38.65 -1.39
N VAL C 241 20.13 38.17 -2.51
CA VAL C 241 21.46 37.57 -2.58
C VAL C 241 22.44 38.65 -3.01
N PRO C 242 23.45 38.97 -2.19
CA PRO C 242 24.01 40.33 -2.20
C PRO C 242 24.86 40.68 -3.42
N LYS C 243 25.17 39.72 -4.28
CA LYS C 243 25.98 39.94 -5.51
C LYS C 243 27.14 40.91 -5.29
N ILE D 1 15.75 -5.81 15.14
CA ILE D 1 16.20 -5.86 16.52
C ILE D 1 15.46 -4.79 17.33
N VAL D 2 14.72 -5.21 18.35
CA VAL D 2 14.05 -4.30 19.26
C VAL D 2 14.93 -4.06 20.48
N GLY D 3 15.15 -2.80 20.81
CA GLY D 3 16.20 -2.43 21.74
C GLY D 3 17.60 -2.46 21.14
N GLY D 4 18.56 -2.12 21.99
CA GLY D 4 19.98 -2.14 21.62
C GLY D 4 20.36 -1.10 20.57
N GLN D 5 21.65 -1.07 20.27
CA GLN D 5 22.26 0.01 19.51
C GLN D 5 22.89 -0.53 18.23
N GLU D 6 23.47 0.38 17.45
CA GLU D 6 24.40 0.03 16.39
C GLU D 6 25.57 -0.78 16.95
N ALA D 7 25.91 -1.85 16.25
CA ALA D 7 27.07 -2.68 16.59
C ALA D 7 28.40 -1.98 16.26
N PRO D 8 29.41 -2.12 17.13
CA PRO D 8 30.77 -1.70 16.78
C PRO D 8 31.36 -2.43 15.58
N ARG D 9 32.26 -1.73 14.88
CA ARG D 9 32.81 -2.22 13.61
C ARG D 9 33.45 -3.61 13.69
N SER D 10 34.15 -3.91 14.78
CA SER D 10 34.82 -5.20 14.94
C SER D 10 33.99 -6.32 15.54
N LYS D 11 32.82 -6.05 16.11
CA LYS D 11 32.34 -6.93 17.18
C LYS D 11 31.77 -8.28 16.72
N TRP D 12 31.19 -8.41 15.53
CA TRP D 12 30.49 -9.65 15.15
C TRP D 12 30.88 -10.15 13.76
N PRO D 13 32.11 -10.63 13.60
CA PRO D 13 32.69 -10.81 12.26
C PRO D 13 32.08 -11.92 11.43
N TRP D 14 31.28 -12.81 12.02
CA TRP D 14 30.64 -13.93 11.35
C TRP D 14 29.26 -13.62 10.75
N GLN D 15 28.67 -12.47 11.03
CA GLN D 15 27.33 -12.14 10.55
C GLN D 15 27.24 -12.11 9.03
N VAL D 16 26.20 -12.74 8.49
CA VAL D 16 25.96 -12.87 7.05
C VAL D 16 24.62 -12.24 6.68
N SER D 17 24.56 -11.66 5.48
CA SER D 17 23.31 -11.21 4.86
C SER D 17 22.97 -12.03 3.61
N LEU D 18 21.74 -12.54 3.54
CA LEU D 18 21.21 -13.18 2.34
C LEU D 18 20.41 -12.21 1.48
N ARG D 19 20.67 -12.21 0.17
CA ARG D 19 20.11 -11.27 -0.80
C ARG D 19 19.32 -12.00 -1.87
N VAL D 20 18.15 -11.45 -2.22
CA VAL D 20 17.32 -12.00 -3.29
C VAL D 20 17.29 -11.02 -4.46
N HIS D 21 17.32 -11.57 -5.67
CA HIS D 21 17.27 -10.78 -6.89
C HIS D 21 15.92 -10.10 -7.12
N GLY D 22 15.96 -8.84 -7.53
CA GLY D 22 14.80 -8.06 -7.86
C GLY D 22 15.21 -6.79 -8.59
N PRO D 23 14.54 -5.66 -8.30
CA PRO D 23 15.06 -4.37 -8.77
C PRO D 23 16.42 -4.04 -8.19
N TYR D 24 16.80 -4.70 -7.10
CA TYR D 24 18.14 -4.68 -6.54
C TYR D 24 18.26 -5.93 -5.70
N TRP D 25 19.49 -6.25 -5.31
CA TRP D 25 19.80 -7.38 -4.45
C TRP D 25 19.43 -7.08 -3.00
N MET D 26 18.21 -7.47 -2.62
CA MET D 26 17.59 -7.03 -1.37
C MET D 26 17.84 -8.02 -0.25
N HIS D 27 18.19 -7.50 0.93
CA HIS D 27 18.27 -8.28 2.16
C HIS D 27 16.94 -8.90 2.54
N PHE D 28 16.93 -10.20 2.73
CA PHE D 28 15.75 -10.87 3.26
C PHE D 28 16.00 -11.72 4.50
N CYS D 29 17.22 -12.20 4.74
CA CYS D 29 17.43 -13.15 5.82
C CYS D 29 18.86 -13.05 6.36
N GLY D 30 19.05 -13.44 7.62
CA GLY D 30 20.37 -13.54 8.23
C GLY D 30 21.03 -14.91 8.07
N GLY D 31 22.27 -14.98 8.55
CA GLY D 31 23.02 -16.23 8.65
C GLY D 31 24.31 -16.01 9.42
N SER D 32 25.06 -17.11 9.61
CA SER D 32 26.39 -17.05 10.22
C SER D 32 27.39 -17.92 9.47
N LEU D 33 28.62 -17.41 9.31
CA LEU D 33 29.73 -18.18 8.75
C LEU D 33 30.34 -19.11 9.80
N ILE D 34 30.20 -20.41 9.58
CA ILE D 34 30.63 -21.42 10.52
C ILE D 34 31.88 -22.15 10.06
N HIS D 35 32.20 -22.06 8.78
CA HIS D 35 33.39 -22.64 8.18
C HIS D 35 33.71 -21.78 6.98
N PRO D 36 34.97 -21.76 6.54
CA PRO D 36 35.30 -20.93 5.37
C PRO D 36 34.46 -21.15 4.12
N GLN D 37 33.78 -22.29 4.00
CA GLN D 37 32.93 -22.53 2.84
C GLN D 37 31.45 -22.72 3.17
N TRP D 38 31.04 -22.53 4.42
CA TRP D 38 29.68 -22.89 4.84
C TRP D 38 29.01 -21.81 5.69
N VAL D 39 27.75 -21.52 5.35
CA VAL D 39 26.89 -20.63 6.11
C VAL D 39 25.76 -21.44 6.73
N LEU D 40 25.50 -21.21 8.01
CA LEU D 40 24.37 -21.77 8.73
C LEU D 40 23.22 -20.76 8.78
N THR D 41 22.01 -21.20 8.43
CA THR D 41 20.84 -20.32 8.47
C THR D 41 19.59 -21.12 8.85
N ALA D 42 18.43 -20.46 8.79
CA ALA D 42 17.12 -21.09 8.98
C ALA D 42 16.59 -21.75 7.71
N ALA D 43 15.82 -22.82 7.89
CA ALA D 43 15.19 -23.51 6.76
C ALA D 43 14.03 -22.75 6.12
N HIS D 44 13.21 -22.05 6.91
CA HIS D 44 12.08 -21.31 6.34
C HIS D 44 12.50 -20.11 5.48
N CYS D 45 13.74 -19.66 5.56
CA CYS D 45 14.23 -18.64 4.62
C CYS D 45 14.42 -19.19 3.22
N VAL D 46 14.64 -20.49 3.05
CA VAL D 46 15.01 -21.04 1.75
C VAL D 46 14.09 -22.17 1.31
N GLY D 47 13.25 -22.66 2.22
CA GLY D 47 12.37 -23.76 1.89
C GLY D 47 11.01 -23.62 2.52
N PRO D 48 10.15 -24.65 2.41
CA PRO D 48 10.43 -26.02 1.94
C PRO D 48 10.45 -26.21 0.43
N ASP D 49 9.91 -25.28 -0.35
CA ASP D 49 9.97 -25.37 -1.80
C ASP D 49 11.37 -25.04 -2.32
N VAL D 50 11.75 -25.71 -3.40
CA VAL D 50 13.09 -25.57 -3.98
C VAL D 50 13.24 -24.23 -4.69
N LYS D 51 14.43 -23.63 -4.52
CA LYS D 51 14.76 -22.30 -5.03
C LYS D 51 15.78 -22.43 -6.15
N ASP D 52 15.64 -21.59 -7.18
CA ASP D 52 16.71 -21.43 -8.17
C ASP D 52 17.88 -20.65 -7.56
N LEU D 53 19.07 -21.26 -7.59
CA LEU D 53 20.28 -20.65 -7.07
C LEU D 53 20.73 -19.41 -7.83
N ALA D 54 20.20 -19.19 -9.03
CA ALA D 54 20.43 -17.93 -9.74
C ALA D 54 19.92 -16.72 -8.96
N ALA D 55 18.88 -16.89 -8.16
CA ALA D 55 18.23 -15.78 -7.47
C ALA D 55 18.83 -15.43 -6.10
N LEU D 56 19.87 -16.12 -5.65
CA LEU D 56 20.41 -15.93 -4.31
C LEU D 56 21.88 -15.50 -4.35
N ARG D 57 22.26 -14.58 -3.44
CA ARG D 57 23.68 -14.28 -3.15
C ARG D 57 23.89 -14.11 -1.65
N VAL D 58 25.15 -14.27 -1.23
CA VAL D 58 25.60 -14.06 0.14
C VAL D 58 26.44 -12.78 0.21
N GLN D 59 26.18 -11.95 1.23
CA GLN D 59 27.02 -10.81 1.59
C GLN D 59 27.65 -11.03 2.96
N LEU D 60 28.97 -10.89 3.05
CA LEU D 60 29.67 -10.94 4.33
C LEU D 60 29.58 -9.62 5.09
N ARG D 61 30.06 -9.65 6.33
CA ARG D 61 29.92 -8.60 7.33
C ARG D 61 30.16 -7.18 6.81
N GLU D 62 29.09 -6.47 6.50
CA GLU D 62 29.07 -5.03 6.31
C GLU D 62 28.82 -4.33 7.64
N GLN D 63 29.10 -3.04 7.66
CA GLN D 63 28.54 -2.19 8.70
C GLN D 63 27.16 -1.66 8.29
N HIS D 64 27.04 -1.18 7.05
CA HIS D 64 25.80 -0.67 6.46
C HIS D 64 25.46 -1.51 5.24
N LEU D 65 24.21 -1.98 5.14
CA LEU D 65 23.77 -2.69 3.94
C LEU D 65 23.94 -1.84 2.69
N TYR D 66 24.23 -2.52 1.57
CA TYR D 66 24.17 -2.01 0.20
C TYR D 66 25.30 -1.07 -0.20
N TYR D 67 25.95 -0.42 0.76
CA TYR D 67 26.95 0.58 0.39
C TYR D 67 28.29 0.02 -0.07
N GLN D 68 28.65 -1.22 0.26
CA GLN D 68 29.94 -1.79 -0.12
C GLN D 68 29.80 -3.22 -0.63
N ASP D 69 28.74 -3.49 -1.37
CA ASP D 69 28.38 -4.85 -1.76
C ASP D 69 29.48 -5.61 -2.52
N GLN D 70 29.77 -6.82 -2.06
CA GLN D 70 30.55 -7.82 -2.80
C GLN D 70 29.83 -9.16 -2.68
N LEU D 71 29.06 -9.53 -3.71
CA LEU D 71 28.06 -10.60 -3.62
C LEU D 71 28.63 -11.97 -4.02
N LEU D 72 28.68 -12.91 -3.06
CA LEU D 72 29.22 -14.25 -3.30
C LEU D 72 28.17 -15.20 -3.88
N PRO D 73 28.51 -15.98 -4.91
CA PRO D 73 27.61 -17.03 -5.39
C PRO D 73 27.57 -18.26 -4.50
N VAL D 74 26.43 -18.97 -4.58
CA VAL D 74 26.12 -20.13 -3.76
C VAL D 74 26.10 -21.38 -4.62
N SER D 75 26.84 -22.41 -4.21
CA SER D 75 26.87 -23.67 -4.97
C SER D 75 25.76 -24.65 -4.60
N ARG D 76 25.33 -24.72 -3.34
CA ARG D 76 24.44 -25.78 -2.91
C ARG D 76 23.61 -25.35 -1.70
N ILE D 77 22.36 -25.82 -1.65
CA ILE D 77 21.46 -25.61 -0.51
C ILE D 77 21.09 -26.96 0.08
N ILE D 78 21.27 -27.12 1.39
CA ILE D 78 20.95 -28.36 2.10
C ILE D 78 20.02 -28.05 3.27
N VAL D 79 18.75 -28.44 3.12
CA VAL D 79 17.71 -28.23 4.14
C VAL D 79 17.50 -29.54 4.88
N HIS D 80 17.34 -29.47 6.19
CA HIS D 80 17.13 -30.66 7.00
C HIS D 80 15.88 -31.41 6.55
N PRO D 81 15.97 -32.73 6.33
CA PRO D 81 14.86 -33.47 5.74
C PRO D 81 13.53 -33.43 6.50
N GLN D 82 13.55 -33.25 7.81
CA GLN D 82 12.33 -33.19 8.61
C GLN D 82 11.56 -31.88 8.53
N PHE D 83 12.11 -30.81 7.97
CA PHE D 83 11.44 -29.52 7.96
C PHE D 83 10.25 -29.45 7.01
N TYR D 84 9.17 -28.85 7.49
CA TYR D 84 8.11 -28.36 6.62
C TYR D 84 7.59 -27.01 7.07
N THR D 85 7.40 -26.81 8.38
CA THR D 85 7.08 -25.51 8.96
C THR D 85 7.84 -25.35 10.26
N ALA D 86 8.08 -24.08 10.62
CA ALA D 86 8.95 -23.74 11.76
C ALA D 86 8.36 -24.11 13.11
N GLN D 87 7.04 -24.07 13.28
CA GLN D 87 6.46 -24.52 14.54
C GLN D 87 6.54 -26.02 14.74
N ILE D 88 6.64 -26.80 13.68
CA ILE D 88 6.86 -28.24 13.85
C ILE D 88 8.31 -28.53 14.25
N GLY D 89 9.27 -27.76 13.73
CA GLY D 89 10.67 -27.89 14.09
C GLY D 89 11.57 -28.23 12.92
N ALA D 90 12.81 -28.59 13.26
CA ALA D 90 13.91 -28.85 12.31
C ALA D 90 14.23 -27.66 11.40
N ASP D 91 14.07 -26.44 11.89
CA ASP D 91 14.21 -25.22 11.09
C ASP D 91 15.69 -24.82 10.94
N ILE D 92 16.43 -25.61 10.17
CA ILE D 92 17.88 -25.46 10.04
C ILE D 92 18.28 -25.76 8.60
N ALA D 93 19.18 -24.94 8.05
CA ALA D 93 19.68 -25.16 6.69
C ALA D 93 21.15 -24.76 6.57
N LEU D 94 21.82 -25.35 5.57
CA LEU D 94 23.22 -25.07 5.24
C LEU D 94 23.37 -24.56 3.82
N LEU D 95 24.17 -23.51 3.64
CA LEU D 95 24.59 -23.05 2.32
C LEU D 95 26.07 -23.34 2.13
N GLU D 96 26.40 -24.00 1.02
CA GLU D 96 27.79 -24.15 0.61
C GLU D 96 28.16 -23.07 -0.40
N LEU D 97 29.21 -22.31 -0.09
CA LEU D 97 29.73 -21.31 -1.02
C LEU D 97 30.43 -21.96 -2.21
N GLU D 98 30.34 -21.28 -3.36
CA GLU D 98 31.10 -21.69 -4.54
C GLU D 98 32.61 -21.58 -4.32
N GLU D 99 33.05 -20.47 -3.71
CA GLU D 99 34.44 -20.17 -3.39
C GLU D 99 34.65 -20.07 -1.87
N PRO D 100 35.80 -20.51 -1.36
CA PRO D 100 36.08 -20.30 0.06
C PRO D 100 36.45 -18.86 0.38
N VAL D 101 36.11 -18.44 1.58
CA VAL D 101 36.42 -17.10 2.09
C VAL D 101 37.82 -17.07 2.67
N ASN D 102 38.57 -16.01 2.39
CA ASN D 102 39.84 -15.77 3.07
C ASN D 102 39.58 -15.23 4.48
N VAL D 103 39.81 -16.09 5.47
CA VAL D 103 39.66 -15.73 6.88
C VAL D 103 40.62 -14.59 7.27
N SER D 104 40.17 -13.72 8.17
CA SER D 104 40.76 -12.41 8.41
C SER D 104 40.39 -11.97 9.82
N SER D 105 40.95 -10.84 10.23
CA SER D 105 40.45 -10.16 11.43
C SER D 105 39.03 -9.68 11.24
N HIS D 106 38.72 -9.13 10.07
CA HIS D 106 37.41 -8.57 9.79
C HIS D 106 36.38 -9.63 9.44
N VAL D 107 36.81 -10.84 9.06
CA VAL D 107 35.90 -11.93 8.72
C VAL D 107 36.46 -13.21 9.32
N HIS D 108 35.73 -13.78 10.29
CA HIS D 108 36.16 -14.95 11.03
C HIS D 108 34.94 -15.77 11.39
N THR D 109 35.15 -17.07 11.63
CA THR D 109 34.05 -17.97 11.91
C THR D 109 33.64 -17.92 13.39
N VAL D 110 32.38 -18.24 13.65
CA VAL D 110 31.91 -18.52 15.01
C VAL D 110 32.15 -19.99 15.34
N THR D 111 32.30 -20.28 16.63
CA THR D 111 32.45 -21.65 17.13
C THR D 111 31.10 -22.25 17.55
N LEU D 112 30.88 -23.52 17.16
CA LEU D 112 29.69 -24.27 17.59
C LEU D 112 29.89 -24.92 18.97
N PRO D 113 28.82 -25.01 19.76
CA PRO D 113 28.96 -25.51 21.13
C PRO D 113 29.22 -27.00 21.17
N PRO D 114 29.87 -27.50 22.23
CA PRO D 114 29.81 -28.93 22.53
C PRO D 114 28.43 -29.39 22.93
N ALA D 115 28.07 -30.61 22.51
CA ALA D 115 26.72 -31.13 22.69
C ALA D 115 26.25 -31.18 24.14
N SER D 116 27.16 -31.12 25.10
CA SER D 116 26.80 -31.13 26.52
C SER D 116 26.33 -29.79 27.08
N GLU D 117 26.62 -28.68 26.40
CA GLU D 117 26.18 -27.38 26.88
C GLU D 117 24.67 -27.21 26.78
N THR D 118 24.10 -26.53 27.79
CA THR D 118 22.66 -26.43 27.94
C THR D 118 22.17 -24.99 27.95
N PHE D 119 23.03 -24.02 28.22
CA PHE D 119 22.71 -22.60 28.31
C PHE D 119 21.61 -22.29 29.31
N PRO D 120 21.90 -22.35 30.61
CA PRO D 120 20.90 -22.03 31.62
C PRO D 120 20.63 -20.53 31.68
N PRO D 121 19.50 -20.13 32.25
CA PRO D 121 19.26 -18.70 32.53
C PRO D 121 20.39 -18.04 33.30
N GLY D 122 20.68 -16.79 32.92
CA GLY D 122 21.84 -16.05 33.37
C GLY D 122 23.01 -16.05 32.41
N MET D 123 23.06 -17.01 31.48
CA MET D 123 24.00 -16.96 30.37
C MET D 123 23.92 -15.62 29.65
N PRO D 124 25.05 -14.92 29.46
CA PRO D 124 25.05 -13.65 28.72
C PRO D 124 25.04 -13.80 27.20
N CYS D 125 23.88 -13.62 26.58
CA CYS D 125 23.69 -13.88 25.15
C CYS D 125 23.23 -12.64 24.40
N TRP D 126 23.69 -12.53 23.15
CA TRP D 126 23.33 -11.46 22.22
C TRP D 126 22.73 -12.02 20.93
N VAL D 127 21.84 -11.24 20.31
CA VAL D 127 21.36 -11.48 18.96
C VAL D 127 21.54 -10.23 18.10
N THR D 128 21.93 -10.43 16.83
CA THR D 128 22.31 -9.35 15.91
C THR D 128 21.59 -9.51 14.57
N GLY D 129 21.38 -8.40 13.86
CA GLY D 129 20.79 -8.48 12.54
C GLY D 129 20.34 -7.14 12.00
N TRP D 130 19.79 -7.21 10.79
CA TRP D 130 19.25 -6.08 10.04
C TRP D 130 17.74 -6.11 9.88
N GLY D 131 17.02 -6.68 10.84
CA GLY D 131 15.57 -6.63 10.81
C GLY D 131 14.92 -5.32 11.23
N ASP D 132 13.60 -5.38 11.25
CA ASP D 132 12.74 -4.30 11.73
C ASP D 132 13.01 -3.92 13.18
N VAL D 133 12.72 -2.67 13.50
CA VAL D 133 13.14 -2.06 14.75
C VAL D 133 11.96 -1.88 15.70
N ASP D 134 10.74 -1.84 15.17
CA ASP D 134 9.50 -1.91 15.91
C ASP D 134 8.55 -2.79 15.12
N ASN D 135 7.43 -3.15 15.76
CA ASN D 135 6.56 -4.19 15.24
C ASN D 135 6.12 -3.92 13.80
N ASP D 136 5.89 -2.66 13.45
CA ASP D 136 5.36 -2.31 12.14
C ASP D 136 6.35 -1.69 11.16
N GLU D 137 7.55 -1.26 11.60
CA GLU D 137 8.33 -0.35 10.76
C GLU D 137 9.77 -0.79 10.50
N ARG D 138 10.23 -0.48 9.28
CA ARG D 138 11.53 -0.86 8.74
C ARG D 138 12.69 -0.20 9.47
N LEU D 139 13.84 -0.86 9.39
CA LEU D 139 15.16 -0.25 9.64
C LEU D 139 15.38 0.93 8.70
N PRO D 140 15.71 2.11 9.21
CA PRO D 140 15.86 3.30 8.34
C PRO D 140 17.09 3.26 7.44
N PRO D 141 16.99 4.04 6.35
CA PRO D 141 17.88 3.97 5.17
C PRO D 141 19.39 4.12 5.33
N PRO D 142 19.99 4.45 6.47
CA PRO D 142 21.40 4.08 6.57
C PRO D 142 21.68 2.58 6.77
N PHE D 143 20.73 1.82 7.31
CA PHE D 143 20.76 0.36 7.53
C PHE D 143 21.90 -0.18 8.39
N PRO D 144 22.13 0.35 9.60
CA PRO D 144 23.20 -0.20 10.46
C PRO D 144 22.88 -1.58 11.02
N LEU D 145 23.92 -2.40 11.17
CA LEU D 145 23.81 -3.63 11.96
C LEU D 145 23.55 -3.31 13.44
N LYS D 146 22.49 -3.89 13.99
CA LYS D 146 22.13 -3.70 15.39
C LYS D 146 22.35 -4.96 16.22
N GLN D 147 22.59 -4.76 17.52
CA GLN D 147 22.75 -5.83 18.50
C GLN D 147 21.83 -5.60 19.71
N VAL D 148 21.41 -6.68 20.36
CA VAL D 148 20.78 -6.58 21.68
C VAL D 148 21.11 -7.81 22.53
N LYS D 149 21.34 -7.57 23.82
CA LYS D 149 21.50 -8.62 24.81
C LYS D 149 20.14 -9.13 25.32
N VAL D 150 19.94 -10.45 25.31
CA VAL D 150 18.63 -11.04 25.62
C VAL D 150 18.70 -12.08 26.74
N PRO D 151 17.75 -12.08 27.66
CA PRO D 151 17.68 -13.14 28.69
C PRO D 151 17.15 -14.46 28.16
N ILE D 152 17.83 -15.55 28.52
CA ILE D 152 17.39 -16.91 28.25
C ILE D 152 16.30 -17.32 29.25
N MET D 153 15.29 -18.07 28.76
CA MET D 153 14.29 -18.74 29.56
C MET D 153 14.44 -20.26 29.47
N GLU D 154 14.13 -20.95 30.57
CA GLU D 154 13.95 -22.40 30.53
C GLU D 154 12.71 -22.80 29.73
N ASN D 155 12.82 -23.93 29.04
CA ASN D 155 11.77 -24.37 28.10
C ASN D 155 10.42 -24.61 28.76
N HIS D 156 10.40 -25.16 29.98
CA HIS D 156 9.11 -25.40 30.63
C HIS D 156 8.43 -24.10 31.04
N ILE D 157 9.18 -23.13 31.55
CA ILE D 157 8.60 -21.84 31.89
C ILE D 157 8.12 -21.10 30.64
N CYS D 158 8.81 -21.29 29.52
CA CYS D 158 8.43 -20.68 28.25
C CYS D 158 7.16 -21.30 27.66
N ASP D 159 7.06 -22.63 27.69
CA ASP D 159 5.84 -23.29 27.24
C ASP D 159 4.62 -22.89 28.06
N ALA D 160 4.77 -22.74 29.37
CA ALA D 160 3.69 -22.23 30.21
C ALA D 160 3.24 -20.82 29.83
N LYS D 161 4.19 -19.94 29.54
CA LYS D 161 3.85 -18.59 29.10
C LYS D 161 3.08 -18.56 27.78
N TYR D 162 3.42 -19.43 26.84
CA TYR D 162 2.66 -19.54 25.60
C TYR D 162 1.23 -20.04 25.78
N HIS D 163 0.93 -20.76 26.86
CA HIS D 163 -0.45 -21.13 27.16
C HIS D 163 -1.31 -20.03 27.77
N LEU D 164 -0.71 -18.99 28.35
CA LEU D 164 -1.50 -17.87 28.86
C LEU D 164 -2.20 -17.11 27.74
N GLY D 165 -3.50 -16.91 27.90
CA GLY D 165 -4.30 -16.22 26.89
C GLY D 165 -4.53 -16.98 25.61
N ALA D 166 -4.43 -18.30 25.65
CA ALA D 166 -4.62 -19.17 24.50
C ALA D 166 -5.69 -20.19 24.82
N TYR D 167 -6.33 -20.72 23.78
CA TYR D 167 -7.24 -21.85 23.95
C TYR D 167 -6.53 -23.18 24.06
N THR D 168 -5.28 -23.26 23.63
CA THR D 168 -4.57 -24.53 23.56
C THR D 168 -4.49 -25.19 24.93
N GLY D 169 -4.80 -26.49 24.97
CA GLY D 169 -4.76 -27.22 26.22
C GLY D 169 -3.33 -27.34 26.76
N ASP D 170 -3.21 -27.30 28.09
CA ASP D 170 -1.92 -27.34 28.75
C ASP D 170 -1.12 -28.61 28.47
N ASP D 171 -1.78 -29.72 28.17
CA ASP D 171 -1.11 -30.95 27.75
C ASP D 171 -0.38 -30.86 26.40
N VAL D 172 -0.77 -29.94 25.51
CA VAL D 172 -0.11 -29.81 24.21
C VAL D 172 1.16 -29.00 24.34
N ARG D 173 2.29 -29.61 23.98
CA ARG D 173 3.60 -28.96 23.88
C ARG D 173 3.68 -27.99 22.70
N ILE D 174 3.76 -26.69 22.98
CA ILE D 174 4.02 -25.70 21.94
C ILE D 174 5.51 -25.51 21.70
N VAL D 175 6.30 -25.43 22.77
CA VAL D 175 7.74 -25.24 22.69
C VAL D 175 8.40 -26.60 22.86
N ARG D 176 9.16 -27.00 21.85
CA ARG D 176 9.69 -28.35 21.76
C ARG D 176 11.15 -28.39 22.21
N ASP D 177 11.67 -29.61 22.39
CA ASP D 177 13.00 -29.79 22.94
C ASP D 177 14.13 -29.50 21.96
N ASP D 178 13.84 -29.41 20.67
CA ASP D 178 14.75 -28.87 19.69
C ASP D 178 14.76 -27.34 19.62
N MET D 179 14.06 -26.65 20.52
CA MET D 179 13.91 -25.20 20.53
C MET D 179 14.52 -24.58 21.78
N LEU D 180 14.66 -23.25 21.75
CA LEU D 180 15.14 -22.46 22.87
C LEU D 180 14.41 -21.12 22.88
N CYS D 181 14.21 -20.56 24.07
CA CYS D 181 13.49 -19.30 24.26
C CYS D 181 14.38 -18.22 24.84
N ALA D 182 14.24 -16.99 24.32
CA ALA D 182 14.96 -15.83 24.82
C ALA D 182 14.17 -14.56 24.51
N GLY D 183 14.49 -13.49 25.24
CA GLY D 183 13.94 -12.17 25.01
C GLY D 183 12.78 -11.82 25.96
N ASN D 184 12.35 -10.57 25.85
CA ASN D 184 11.22 -10.05 26.62
C ASN D 184 10.60 -8.87 25.88
N THR D 185 9.60 -8.26 26.54
CA THR D 185 8.84 -7.13 26.01
C THR D 185 9.68 -5.90 25.64
N ARG D 186 10.96 -5.88 25.95
CA ARG D 186 11.81 -4.77 25.54
C ARG D 186 12.92 -5.14 24.59
N ARG D 187 13.18 -6.42 24.36
CA ARG D 187 14.47 -6.86 23.83
C ARG D 187 14.21 -8.12 23.01
N ASP D 188 14.22 -7.99 21.70
CA ASP D 188 13.84 -9.12 20.87
C ASP D 188 14.40 -8.97 19.47
N SER D 189 14.45 -10.11 18.77
CA SER D 189 14.51 -10.21 17.33
C SER D 189 13.16 -9.87 16.69
N CYS D 190 13.19 -9.46 15.42
CA CYS D 190 11.99 -9.12 14.68
C CYS D 190 12.14 -9.58 13.23
N GLN D 191 11.13 -9.30 12.41
CA GLN D 191 11.15 -9.64 10.99
C GLN D 191 12.40 -9.13 10.27
N GLY D 192 13.01 -10.02 9.48
CA GLY D 192 14.30 -9.81 8.87
C GLY D 192 15.51 -10.28 9.66
N ASP D 193 15.35 -10.55 10.96
CA ASP D 193 16.43 -11.15 11.74
C ASP D 193 16.46 -12.68 11.63
N SER D 194 15.39 -13.31 11.16
CA SER D 194 15.34 -14.76 11.05
C SER D 194 16.57 -15.32 10.34
N GLY D 195 17.01 -16.49 10.80
CA GLY D 195 18.23 -17.11 10.35
C GLY D 195 19.51 -16.62 11.00
N GLY D 196 19.48 -15.51 11.72
CA GLY D 196 20.66 -15.00 12.38
C GLY D 196 21.07 -15.72 13.65
N PRO D 197 22.33 -15.53 14.04
CA PRO D 197 22.88 -16.24 15.20
C PRO D 197 22.51 -15.63 16.54
N LEU D 198 22.21 -16.51 17.49
CA LEU D 198 22.23 -16.19 18.92
C LEU D 198 23.52 -16.75 19.52
N VAL D 199 24.32 -15.87 20.13
CA VAL D 199 25.65 -16.23 20.63
C VAL D 199 25.77 -15.88 22.11
N CYS D 200 26.39 -16.78 22.86
CA CYS D 200 26.64 -16.61 24.29
C CYS D 200 28.13 -16.74 24.55
N LYS D 201 28.65 -15.95 25.47
CA LYS D 201 30.06 -16.01 25.82
C LYS D 201 30.25 -16.94 27.01
N VAL D 202 30.94 -18.06 26.77
CA VAL D 202 31.14 -19.11 27.76
C VAL D 202 32.63 -19.30 27.98
N ASN D 203 33.08 -19.07 29.21
CA ASN D 203 34.50 -19.19 29.56
C ASN D 203 35.40 -18.40 28.61
N GLY D 204 35.00 -17.17 28.31
CA GLY D 204 35.70 -16.31 27.38
C GLY D 204 35.44 -16.53 25.90
N THR D 205 34.84 -17.65 25.51
CA THR D 205 34.67 -18.00 24.10
C THR D 205 33.23 -17.75 23.67
N TRP D 206 33.05 -17.11 22.50
CA TRP D 206 31.75 -16.98 21.88
C TRP D 206 31.27 -18.30 21.28
N LEU D 207 30.10 -18.77 21.71
CA LEU D 207 29.44 -19.93 21.12
C LEU D 207 28.09 -19.52 20.56
N GLN D 208 27.75 -20.07 19.39
CA GLN D 208 26.40 -19.93 18.84
C GLN D 208 25.42 -20.89 19.50
N ALA D 209 24.55 -20.36 20.36
CA ALA D 209 23.49 -21.17 20.95
C ALA D 209 22.32 -21.45 20.01
N GLY D 210 21.93 -20.49 19.15
CA GLY D 210 20.66 -20.59 18.46
C GLY D 210 20.60 -19.92 17.10
N VAL D 211 19.56 -20.27 16.36
CA VAL D 211 19.15 -19.59 15.13
C VAL D 211 17.77 -18.99 15.32
N VAL D 212 17.61 -17.70 14.99
CA VAL D 212 16.32 -17.01 15.05
C VAL D 212 15.30 -17.72 14.17
N SER D 213 14.21 -18.20 14.77
CA SER D 213 13.27 -19.09 14.08
C SER D 213 11.86 -18.52 13.99
N TRP D 214 11.13 -18.34 15.08
CA TRP D 214 9.74 -17.90 14.97
C TRP D 214 9.29 -17.29 16.29
N GLY D 215 8.15 -16.61 16.23
CA GLY D 215 7.46 -16.15 17.43
C GLY D 215 6.15 -15.48 17.08
N GLU D 216 5.36 -15.20 18.11
CA GLU D 216 4.08 -14.49 17.95
C GLU D 216 4.20 -12.96 17.96
N GLY D 217 4.89 -12.43 16.96
CA GLY D 217 5.10 -10.99 16.87
C GLY D 217 6.19 -10.47 17.79
N CYS D 218 6.69 -9.28 17.44
CA CYS D 218 7.88 -8.74 18.07
C CYS D 218 7.59 -8.12 19.43
N ALA D 219 8.31 -8.59 20.45
CA ALA D 219 8.25 -8.08 21.83
C ALA D 219 6.86 -8.07 22.45
N GLN D 220 5.99 -9.00 22.06
CA GLN D 220 4.67 -9.01 22.68
C GLN D 220 4.71 -9.61 24.09
N PRO D 221 3.84 -9.14 24.98
CA PRO D 221 3.79 -9.68 26.34
C PRO D 221 3.49 -11.18 26.40
N ASN D 222 4.25 -11.89 27.23
CA ASN D 222 4.22 -13.35 27.39
C ASN D 222 4.51 -14.13 26.11
N ARG D 223 5.17 -13.56 25.12
CA ARG D 223 5.53 -14.29 23.90
C ARG D 223 7.02 -14.12 23.58
N PRO D 224 7.89 -14.79 24.34
CA PRO D 224 9.31 -14.83 24.00
C PRO D 224 9.59 -15.41 22.62
N GLY D 225 10.69 -14.95 22.02
CA GLY D 225 11.16 -15.49 20.76
C GLY D 225 11.64 -16.94 20.85
N ILE D 226 11.37 -17.70 19.80
CA ILE D 226 11.74 -19.11 19.70
C ILE D 226 12.95 -19.26 18.77
N TYR D 227 13.96 -19.99 19.23
CA TYR D 227 15.18 -20.24 18.47
C TYR D 227 15.36 -21.74 18.25
N THR D 228 15.90 -22.12 17.10
CA THR D 228 16.36 -23.48 16.88
C THR D 228 17.61 -23.75 17.73
N ARG D 229 17.56 -24.81 18.55
CA ARG D 229 18.65 -25.20 19.45
C ARG D 229 19.76 -25.92 18.66
N VAL D 230 20.91 -25.28 18.57
CA VAL D 230 22.01 -25.75 17.71
C VAL D 230 22.60 -27.08 18.18
N THR D 231 22.72 -27.30 19.50
CA THR D 231 23.24 -28.58 20.00
C THR D 231 22.45 -29.79 19.53
N TYR D 232 21.15 -29.64 19.30
CA TYR D 232 20.31 -30.75 18.87
C TYR D 232 20.66 -31.27 17.48
N TYR D 233 21.31 -30.47 16.64
CA TYR D 233 21.53 -30.83 15.24
C TYR D 233 23.00 -31.01 14.85
N LEU D 234 23.91 -31.08 15.82
CA LEU D 234 25.35 -31.21 15.52
C LEU D 234 25.69 -32.41 14.65
N ASP D 235 25.09 -33.57 14.92
CA ASP D 235 25.36 -34.75 14.08
C ASP D 235 24.94 -34.55 12.62
N TRP D 236 23.82 -33.88 12.38
CA TRP D 236 23.42 -33.61 11.01
C TRP D 236 24.34 -32.59 10.34
N ILE D 237 24.80 -31.57 11.06
CA ILE D 237 25.73 -30.59 10.51
C ILE D 237 27.06 -31.24 10.11
N HIS D 238 27.59 -32.14 10.94
CA HIS D 238 28.85 -32.81 10.68
C HIS D 238 28.80 -33.90 9.61
N HIS D 239 27.64 -34.26 9.08
CA HIS D 239 27.61 -35.02 7.83
C HIS D 239 27.99 -34.21 6.60
N TYR D 240 28.11 -32.90 6.70
CA TYR D 240 28.43 -32.07 5.53
C TYR D 240 29.61 -31.16 5.74
N VAL D 241 29.76 -30.57 6.92
CA VAL D 241 30.82 -29.61 7.19
C VAL D 241 32.00 -30.35 7.81
N PRO D 242 33.17 -30.35 7.18
CA PRO D 242 34.11 -31.47 7.33
C PRO D 242 34.79 -31.59 8.68
N LYS D 243 34.65 -30.60 9.57
CA LYS D 243 35.27 -30.62 10.91
C LYS D 243 36.68 -31.18 10.92
N GLN E 3 21.74 42.76 24.97
CA GLN E 3 21.48 42.80 26.41
C GLN E 3 20.07 43.33 26.68
N MET E 4 19.53 42.99 27.84
CA MET E 4 18.10 43.18 28.10
C MET E 4 17.91 43.60 29.55
N THR E 5 16.79 44.27 29.80
CA THR E 5 16.29 44.50 31.16
C THR E 5 14.82 44.11 31.22
N GLN E 6 14.46 43.37 32.25
CA GLN E 6 13.12 42.82 32.41
C GLN E 6 12.47 43.51 33.61
N SER E 7 11.18 43.80 33.51
CA SER E 7 10.47 44.56 34.54
C SER E 7 9.01 44.18 34.65
N PRO E 8 8.44 44.15 35.87
CA PRO E 8 9.07 44.36 37.18
C PRO E 8 9.85 43.16 37.70
N SER E 9 10.68 43.36 38.73
CA SER E 9 11.38 42.24 39.35
C SER E 9 10.44 41.32 40.12
N SER E 10 9.36 41.84 40.70
CA SER E 10 8.39 40.98 41.35
C SER E 10 7.00 41.61 41.32
N LEU E 11 5.99 40.74 41.41
CA LEU E 11 4.62 41.18 41.59
C LEU E 11 3.89 40.15 42.45
N SER E 12 2.80 40.61 43.08
CA SER E 12 1.89 39.72 43.78
C SER E 12 0.46 40.17 43.54
N ALA E 13 -0.43 39.21 43.31
CA ALA E 13 -1.75 39.51 42.78
C ALA E 13 -2.74 38.44 43.24
N SER E 14 -4.02 38.73 43.09
CA SER E 14 -5.07 37.82 43.50
C SER E 14 -5.05 36.57 42.63
N VAL E 15 -5.66 35.51 43.15
CA VAL E 15 -6.21 34.49 42.27
C VAL E 15 -7.21 35.15 41.34
N GLY E 16 -7.20 34.73 40.06
CA GLY E 16 -8.08 35.26 39.05
C GLY E 16 -7.60 36.54 38.39
N ASP E 17 -6.54 37.16 38.88
CA ASP E 17 -6.19 38.52 38.50
C ASP E 17 -5.45 38.55 37.16
N ARG E 18 -5.39 39.74 36.58
CA ARG E 18 -4.93 39.97 35.22
C ARG E 18 -3.60 40.69 35.30
N VAL E 19 -2.55 40.10 34.72
CA VAL E 19 -1.19 40.62 34.89
C VAL E 19 -0.44 40.53 33.58
N THR E 20 0.62 41.32 33.49
CA THR E 20 1.51 41.33 32.35
C THR E 20 2.94 41.56 32.81
N ILE E 21 3.88 41.11 31.98
CA ILE E 21 5.31 41.27 32.26
C ILE E 21 5.94 41.85 31.01
N THR E 22 6.88 42.76 31.19
CA THR E 22 7.51 43.46 30.07
C THR E 22 9.00 43.17 30.06
N CYS E 23 9.56 43.12 28.85
CA CYS E 23 10.97 42.91 28.61
C CYS E 23 11.39 43.84 27.49
N GLN E 24 12.50 44.53 27.66
CA GLN E 24 12.96 45.53 26.69
C GLN E 24 14.45 45.37 26.45
N SER E 25 14.90 45.88 25.30
CA SER E 25 16.28 45.65 24.87
C SER E 25 16.77 46.85 24.09
N ILE E 26 18.10 46.99 24.03
CA ILE E 26 18.72 48.10 23.31
C ILE E 26 18.82 47.82 21.82
N LYS E 27 18.68 46.56 21.40
CA LYS E 27 18.56 46.19 20.00
C LYS E 27 17.25 45.45 19.78
N SER E 28 16.73 45.54 18.57
CA SER E 28 15.63 44.67 18.16
C SER E 28 16.10 43.23 17.92
N VAL E 29 15.20 42.29 18.21
CA VAL E 29 15.51 40.88 18.00
C VAL E 29 15.57 40.57 16.50
N TYR E 30 16.42 39.61 16.15
CA TYR E 30 16.84 39.43 14.77
C TYR E 30 15.69 39.11 13.84
N ASN E 31 14.95 38.02 14.11
CA ASN E 31 13.77 37.75 13.32
C ASN E 31 12.70 37.01 14.15
N ASN E 32 12.05 37.77 15.03
CA ASN E 32 11.07 37.28 16.00
C ASN E 32 11.65 36.30 17.02
N ARG E 33 12.96 36.16 17.11
CA ARG E 33 13.60 35.28 18.08
C ARG E 33 13.48 35.81 19.51
N LEU E 34 12.29 35.74 20.08
CA LEU E 34 12.09 35.92 21.52
C LEU E 34 11.16 34.84 22.07
N GLY E 35 11.50 34.31 23.27
CA GLY E 35 10.67 33.34 23.92
C GLY E 35 10.51 33.61 25.41
N TRP E 36 9.57 32.89 26.02
CA TRP E 36 9.26 32.98 27.44
C TRP E 36 9.32 31.62 28.11
N TYR E 37 10.01 31.55 29.25
CA TYR E 37 10.17 30.31 30.01
C TYR E 37 9.58 30.46 31.41
N GLN E 38 8.98 29.38 31.91
CA GLN E 38 8.51 29.26 33.29
C GLN E 38 9.39 28.30 34.06
N GLN E 39 9.82 28.70 35.26
CA GLN E 39 10.56 27.83 36.17
C GLN E 39 9.87 27.76 37.53
N LYS E 40 9.80 26.55 38.08
CA LYS E 40 9.04 26.24 39.29
C LYS E 40 9.97 25.68 40.36
N CYS E 41 9.39 25.36 41.52
CA CYS E 41 10.13 24.96 42.71
C CYS E 41 11.10 23.81 42.44
N GLY E 42 12.35 24.11 42.16
CA GLY E 42 13.35 23.09 41.90
C GLY E 42 13.06 22.23 40.69
N LYS E 43 12.82 22.88 39.55
CA LYS E 43 12.54 22.20 38.30
C LYS E 43 13.31 22.90 37.18
N ALA E 44 13.58 22.16 36.12
CA ALA E 44 14.06 22.78 34.89
C ALA E 44 13.03 23.76 34.34
N PRO E 45 13.47 24.78 33.62
CA PRO E 45 12.52 25.65 32.90
C PRO E 45 11.69 24.87 31.89
N LYS E 46 10.46 25.34 31.68
CA LYS E 46 9.61 24.90 30.58
C LYS E 46 9.35 26.06 29.63
N LEU E 47 9.56 25.82 28.33
CA LEU E 47 9.13 26.74 27.30
C LEU E 47 7.62 26.91 27.25
N LEU E 48 7.16 28.16 27.31
CA LEU E 48 5.75 28.49 27.13
C LEU E 48 5.46 29.14 25.79
N ILE E 49 6.21 30.18 25.42
CA ILE E 49 6.00 30.93 24.19
C ILE E 49 7.31 30.97 23.43
N TYR E 50 7.24 30.79 22.11
CA TYR E 50 8.39 30.98 21.25
C TYR E 50 7.99 31.82 20.04
N GLU E 51 9.00 32.31 19.33
CA GLU E 51 8.83 33.11 18.11
C GLU E 51 7.84 34.25 18.33
N THR E 52 8.07 35.00 19.39
CA THR E 52 7.25 36.10 19.89
C THR E 52 5.88 35.71 20.40
N SER E 53 5.16 34.86 19.68
CA SER E 53 3.75 34.70 20.01
C SER E 53 3.20 33.29 19.83
N ILE E 54 3.97 32.32 19.35
CA ILE E 54 3.43 30.98 19.17
C ILE E 54 3.37 30.27 20.52
N LEU E 55 2.19 29.82 20.89
CA LEU E 55 1.97 29.07 22.12
C LEU E 55 2.46 27.63 21.98
N THR E 56 3.29 27.20 22.93
CA THR E 56 3.75 25.81 22.94
C THR E 56 2.57 24.90 23.26
N SER E 57 2.51 23.75 22.57
CA SER E 57 1.45 22.80 22.82
C SER E 57 1.43 22.33 24.27
N GLY E 58 0.23 21.97 24.73
CA GLY E 58 -0.06 21.62 26.10
C GLY E 58 -0.08 22.76 27.10
N VAL E 59 0.33 23.95 26.71
CA VAL E 59 0.18 25.12 27.58
C VAL E 59 -1.27 25.58 27.56
N PRO E 60 -1.91 25.76 28.72
CA PRO E 60 -3.29 26.26 28.73
C PRO E 60 -3.36 27.69 28.22
N SER E 61 -4.41 27.98 27.46
CA SER E 61 -4.54 29.28 26.80
C SER E 61 -4.73 30.46 27.75
N ARG E 62 -4.32 30.32 29.01
CA ARG E 62 -4.22 31.49 29.88
C ARG E 62 -3.15 32.46 29.39
N PHE E 63 -2.12 31.98 28.73
CA PHE E 63 -0.93 32.76 28.41
C PHE E 63 -0.97 33.20 26.95
N SER E 64 -0.57 34.44 26.72
CA SER E 64 -0.26 34.91 25.38
C SER E 64 0.76 36.04 25.48
N GLY E 65 1.39 36.34 24.36
CA GLY E 65 2.36 37.42 24.32
C GLY E 65 2.57 37.94 22.92
N SER E 66 3.07 39.17 22.84
CA SER E 66 3.52 39.76 21.59
C SER E 66 4.37 40.96 21.92
N GLY E 67 4.94 41.58 20.88
CA GLY E 67 5.84 42.69 21.08
C GLY E 67 6.31 43.41 19.83
N SER E 68 6.52 44.72 19.98
CA SER E 68 6.85 45.61 18.87
C SER E 68 8.31 45.56 18.43
N GLY E 69 8.87 44.37 18.26
CA GLY E 69 10.22 44.24 17.73
C GLY E 69 11.34 44.62 18.67
N THR E 70 11.11 45.55 19.58
CA THR E 70 12.11 45.97 20.55
C THR E 70 11.54 46.00 21.95
N ASP E 71 10.23 45.76 22.09
CA ASP E 71 9.51 45.79 23.35
C ASP E 71 8.51 44.65 23.32
N PHE E 72 8.45 43.86 24.40
CA PHE E 72 7.72 42.61 24.34
C PHE E 72 6.98 42.40 25.66
N THR E 73 5.79 41.81 25.56
CA THR E 73 4.93 41.62 26.71
C THR E 73 4.53 40.15 26.78
N LEU E 74 4.46 39.63 28.00
CA LEU E 74 3.79 38.37 28.30
C LEU E 74 2.62 38.66 29.23
N THR E 75 1.45 38.10 28.91
CA THR E 75 0.23 38.40 29.63
C THR E 75 -0.46 37.12 30.09
N ILE E 76 -0.89 37.09 31.35
CA ILE E 76 -1.67 36.00 31.93
C ILE E 76 -3.07 36.51 32.23
N SER E 77 -4.08 35.88 31.64
CA SER E 77 -5.44 36.40 31.68
C SER E 77 -6.10 36.21 33.04
N SER E 78 -5.81 35.10 33.74
CA SER E 78 -6.40 34.89 35.06
C SER E 78 -5.49 33.97 35.88
N LEU E 79 -4.69 34.59 36.76
CA LEU E 79 -3.66 33.89 37.51
C LEU E 79 -4.23 32.76 38.36
N GLN E 80 -3.67 31.57 38.22
CA GLN E 80 -3.94 30.49 39.16
C GLN E 80 -2.78 30.37 40.14
N CYS E 81 -3.02 29.70 41.26
CA CYS E 81 -1.91 29.41 42.16
C CYS E 81 -0.88 28.50 41.50
N GLU E 82 -1.32 27.63 40.57
CA GLU E 82 -0.42 26.89 39.70
C GLU E 82 0.54 27.76 38.91
N ASP E 83 0.24 29.04 38.73
CA ASP E 83 1.13 29.98 38.06
C ASP E 83 2.22 30.55 38.95
N PHE E 84 2.30 30.14 40.22
CA PHE E 84 3.44 30.47 41.06
C PHE E 84 4.74 29.95 40.46
N ALA E 85 5.64 30.86 40.06
CA ALA E 85 6.85 30.55 39.32
C ALA E 85 7.69 31.81 39.18
N THR E 86 8.94 31.64 38.74
CA THR E 86 9.69 32.68 38.04
C THR E 86 9.53 32.57 36.52
N TYR E 87 9.47 33.73 35.86
CA TYR E 87 9.39 33.84 34.40
C TYR E 87 10.57 34.63 33.84
N TYR E 88 11.14 34.15 32.73
CA TYR E 88 12.24 34.81 32.02
C TYR E 88 11.89 35.01 30.56
N CYS E 89 12.25 36.18 30.02
CA CYS E 89 12.42 36.33 28.58
C CYS E 89 13.81 35.83 28.14
N ALA E 90 13.87 35.31 26.92
CA ALA E 90 15.13 35.08 26.22
C ALA E 90 15.04 35.57 24.78
N GLY E 91 16.13 36.15 24.29
CA GLY E 91 16.14 36.77 22.98
C GLY E 91 17.46 36.54 22.27
N GLY E 92 17.40 36.65 20.94
CA GLY E 92 18.59 36.54 20.12
C GLY E 92 18.70 37.66 19.13
N PHE E 93 19.87 38.31 19.07
CA PHE E 93 20.01 39.53 18.29
C PHE E 93 20.80 39.37 17.01
N ASP E 94 21.53 38.28 16.84
CA ASP E 94 22.08 37.93 15.54
C ASP E 94 22.18 36.42 15.46
N ARG E 95 23.01 35.92 14.55
CA ARG E 95 23.35 34.50 14.45
C ARG E 95 24.82 34.32 14.80
N SER E 96 25.09 33.51 15.83
CA SER E 96 26.38 33.29 16.48
C SER E 96 26.62 34.20 17.67
N GLY E 97 26.12 35.42 17.63
CA GLY E 97 26.58 36.42 18.58
C GLY E 97 25.74 36.68 19.82
N ASP E 98 25.11 37.84 19.84
CA ASP E 98 24.41 38.34 21.03
C ASP E 98 23.11 37.56 21.24
N THR E 99 23.11 36.67 22.21
CA THR E 99 21.88 36.10 22.76
C THR E 99 22.01 36.03 24.28
N THR E 100 20.92 36.36 24.99
CA THR E 100 20.95 36.36 26.45
C THR E 100 19.55 36.11 26.99
N PHE E 101 19.50 35.66 28.25
CA PHE E 101 18.31 35.72 29.09
C PHE E 101 18.10 37.09 29.75
N GLY E 102 16.86 37.33 30.20
CA GLY E 102 16.55 38.36 31.16
C GLY E 102 16.74 37.97 32.63
N GLN E 103 16.52 38.97 33.51
CA GLN E 103 16.73 38.82 34.95
C GLN E 103 15.71 37.92 35.66
N GLY E 104 14.52 37.75 35.09
CA GLY E 104 13.48 36.91 35.70
C GLY E 104 12.59 37.57 36.75
N THR E 105 11.28 37.39 36.58
CA THR E 105 10.22 37.95 37.42
C THR E 105 9.57 36.90 38.32
N LYS E 106 9.47 37.20 39.62
CA LYS E 106 8.93 36.27 40.62
C LYS E 106 7.47 36.63 40.91
N VAL E 107 6.57 35.65 40.77
CA VAL E 107 5.13 35.87 40.92
C VAL E 107 4.63 35.08 42.12
N GLU E 108 4.10 35.80 43.13
CA GLU E 108 3.41 35.22 44.28
C GLU E 108 1.89 35.39 44.17
N ILE E 109 1.15 34.32 44.48
CA ILE E 109 -0.31 34.30 44.43
C ILE E 109 -0.90 34.49 45.83
N LYS E 110 -1.68 35.56 46.00
CA LYS E 110 -2.35 35.89 47.27
C LYS E 110 -3.59 35.02 47.50
N ARG E 111 -3.73 34.47 48.71
CA ARG E 111 -4.88 33.62 49.01
C ARG E 111 -5.45 33.94 50.40
N THR E 112 -6.68 33.48 50.60
CA THR E 112 -7.40 33.59 51.87
C THR E 112 -6.63 32.95 53.03
N VAL E 113 -6.60 33.65 54.17
CA VAL E 113 -5.75 33.27 55.31
C VAL E 113 -6.05 31.86 55.81
N ALA E 114 -5.04 31.25 56.42
CA ALA E 114 -5.15 29.97 57.12
C ALA E 114 -4.21 29.98 58.32
N ALA E 115 -4.61 29.28 59.39
CA ALA E 115 -3.80 29.28 60.60
C ALA E 115 -2.90 28.05 60.70
N PRO E 116 -1.69 28.24 61.25
CA PRO E 116 -0.71 27.15 61.35
C PRO E 116 -1.11 26.00 62.26
N SER E 117 -1.32 24.81 61.69
CA SER E 117 -1.54 23.60 62.47
C SER E 117 -0.21 23.08 63.02
N VAL E 118 -0.12 22.94 64.35
CA VAL E 118 1.16 22.78 65.04
C VAL E 118 1.34 21.34 65.49
N CYS E 119 2.49 20.75 65.17
CA CYS E 119 2.96 19.51 65.77
C CYS E 119 4.33 19.70 66.43
N ILE E 120 4.62 18.82 67.39
CA ILE E 120 5.91 18.79 68.06
C ILE E 120 6.36 17.33 68.22
N PHE E 121 7.66 17.10 68.04
CA PHE E 121 8.23 15.76 68.00
C PHE E 121 9.31 15.62 69.07
N PRO E 122 9.22 14.63 69.95
CA PRO E 122 10.23 14.50 71.03
C PRO E 122 11.59 14.06 70.50
N PRO E 123 12.66 14.67 71.03
CA PRO E 123 14.02 14.17 70.80
C PRO E 123 14.18 12.71 71.19
N SER E 124 14.44 11.84 70.22
CA SER E 124 14.44 10.41 70.48
C SER E 124 15.32 9.72 69.44
N ASP E 125 15.74 8.51 69.78
CA ASP E 125 16.76 7.76 69.06
C ASP E 125 17.96 8.64 68.69
N GLU E 126 18.32 8.72 67.41
CA GLU E 126 19.57 9.36 66.99
C GLU E 126 19.68 10.83 67.37
N CYS E 127 18.57 11.53 67.55
CA CYS E 127 18.63 12.90 68.04
C CYS E 127 18.80 12.98 69.55
N LEU E 128 19.20 11.87 70.16
CA LEU E 128 19.97 11.77 71.40
C LEU E 128 21.10 10.77 71.26
N LYS E 129 20.87 9.67 70.56
CA LYS E 129 21.90 8.65 70.37
C LYS E 129 23.14 9.18 69.66
N SER E 130 23.03 10.31 68.94
CA SER E 130 24.20 11.00 68.41
C SER E 130 24.91 11.89 69.43
N GLY E 131 24.40 11.98 70.66
CA GLY E 131 24.96 12.89 71.64
C GLY E 131 24.59 14.37 71.46
N THR E 132 24.44 14.83 70.22
CA THR E 132 23.64 16.03 69.96
C THR E 132 22.16 15.75 70.21
N ALA E 133 21.42 16.81 70.55
CA ALA E 133 19.97 16.73 70.66
C ALA E 133 19.30 17.78 69.79
N SER E 134 18.10 17.44 69.29
CA SER E 134 17.32 18.33 68.43
C SER E 134 15.84 18.08 68.63
N VAL E 135 15.06 19.17 68.66
CA VAL E 135 13.63 19.15 68.92
C VAL E 135 12.96 20.03 67.87
N VAL E 136 11.79 19.61 67.38
CA VAL E 136 11.18 20.24 66.21
C VAL E 136 9.74 20.66 66.51
N CYS E 137 9.41 21.90 66.13
CA CYS E 137 8.06 22.46 66.18
C CYS E 137 7.65 22.78 64.75
N LEU E 138 6.54 22.20 64.30
CA LEU E 138 6.14 22.22 62.89
C LEU E 138 4.85 22.99 62.69
N LEU E 139 4.90 24.08 61.90
CA LEU E 139 3.74 24.90 61.58
C LEU E 139 3.29 24.63 60.14
N ASN E 140 2.37 23.67 59.97
CA ASN E 140 1.88 23.32 58.65
C ASN E 140 0.88 24.34 58.11
N ASN E 141 0.90 24.50 56.78
CA ASN E 141 -0.22 25.00 55.98
C ASN E 141 -0.80 26.31 56.53
N PHE E 142 0.01 27.36 56.48
CA PHE E 142 -0.44 28.67 56.93
C PHE E 142 -0.24 29.70 55.83
N TYR E 143 -1.03 30.78 55.91
CA TYR E 143 -0.88 31.97 55.09
C TYR E 143 -1.39 33.18 55.87
N PRO E 144 -0.79 34.37 55.68
CA PRO E 144 0.49 34.67 55.02
C PRO E 144 1.71 34.22 55.78
N ARG E 145 2.89 34.56 55.23
CA ARG E 145 4.18 34.28 55.86
C ARG E 145 4.41 35.09 57.13
N GLU E 146 3.51 36.00 57.48
CA GLU E 146 3.55 36.62 58.79
C GLU E 146 3.18 35.56 59.82
N ALA E 147 4.19 34.85 60.31
CA ALA E 147 4.07 33.90 61.40
C ALA E 147 5.39 33.87 62.17
N LYS E 148 5.31 33.57 63.46
CA LYS E 148 6.49 33.67 64.33
C LYS E 148 6.41 32.61 65.41
N VAL E 149 7.59 32.21 65.89
CA VAL E 149 7.72 31.19 66.93
C VAL E 149 8.63 31.73 68.02
N GLN E 150 8.32 31.38 69.27
CA GLN E 150 9.24 31.53 70.39
C GLN E 150 9.46 30.17 71.03
N TRP E 151 10.72 29.73 71.08
CA TRP E 151 11.08 28.54 71.85
C TRP E 151 11.19 28.86 73.34
N LYS E 152 10.61 27.97 74.15
CA LYS E 152 10.65 28.06 75.61
C LYS E 152 11.00 26.70 76.21
N VAL E 153 11.89 26.72 77.20
CA VAL E 153 12.30 25.50 77.90
C VAL E 153 12.24 25.82 79.40
N ASP E 154 11.59 24.94 80.16
CA ASP E 154 11.25 25.19 81.57
C ASP E 154 10.65 26.58 81.77
N ASN E 155 9.81 27.01 80.82
CA ASN E 155 9.26 28.36 80.75
C ASN E 155 10.27 29.46 80.41
N ALA E 156 11.56 29.18 80.48
CA ALA E 156 12.54 30.18 80.09
C ALA E 156 12.52 30.40 78.57
N LEU E 157 12.51 31.67 78.16
CA LEU E 157 12.65 32.03 76.77
C LEU E 157 14.05 31.71 76.25
N GLN E 158 14.12 31.18 75.03
CA GLN E 158 15.37 30.76 74.42
C GLN E 158 15.67 31.68 73.24
N SER E 159 16.97 31.86 72.96
CA SER E 159 17.39 32.71 71.86
C SER E 159 18.71 32.19 71.30
N GLY E 160 18.96 32.53 70.03
CA GLY E 160 19.93 31.80 69.24
C GLY E 160 19.61 30.32 69.11
N ASN E 161 20.67 29.53 68.89
CA ASN E 161 20.63 28.08 69.05
C ASN E 161 19.48 27.45 68.26
N SER E 162 19.13 28.04 67.12
CA SER E 162 17.94 27.63 66.39
C SER E 162 18.05 28.08 64.94
N GLN E 163 17.25 27.43 64.09
CA GLN E 163 17.15 27.74 62.66
C GLN E 163 15.72 27.45 62.21
N GLU E 164 15.28 28.16 61.17
CA GLU E 164 13.95 27.94 60.59
C GLU E 164 14.05 27.86 59.07
N SER E 165 13.17 27.03 58.48
CA SER E 165 13.13 26.88 57.03
C SER E 165 11.69 26.63 56.59
N VAL E 166 11.40 26.96 55.32
CA VAL E 166 10.03 27.05 54.83
C VAL E 166 9.93 26.46 53.43
N THR E 167 8.82 25.77 53.16
CA THR E 167 8.52 25.25 51.83
C THR E 167 8.16 26.38 50.87
N CYS E 168 8.28 26.08 49.57
CA CYS E 168 7.61 26.89 48.56
C CYS E 168 6.09 26.70 48.62
N GLN E 169 5.39 27.57 47.90
CA GLN E 169 3.95 27.48 47.71
C GLN E 169 3.62 26.43 46.65
N ASP E 170 2.79 25.45 47.00
CA ASP E 170 2.39 24.41 46.06
C ASP E 170 1.23 24.84 45.16
N SER E 171 1.21 24.26 43.94
CA SER E 171 0.17 24.43 42.93
C SER E 171 -1.25 24.06 43.38
N LYS E 172 -1.43 23.37 44.49
CA LYS E 172 -2.76 23.01 44.96
C LYS E 172 -2.97 23.31 46.44
N ASP E 173 -1.98 23.01 47.29
CA ASP E 173 -2.07 23.41 48.68
C ASP E 173 -2.06 24.94 48.78
N CYS E 174 -1.11 25.59 48.11
CA CYS E 174 -1.01 27.04 47.98
C CYS E 174 -0.77 27.75 49.31
N THR E 175 -0.84 27.03 50.43
CA THR E 175 -0.21 27.45 51.67
C THR E 175 1.21 26.90 51.72
N TYR E 176 1.85 26.97 52.88
CA TYR E 176 3.21 26.50 53.03
C TYR E 176 3.47 26.15 54.48
N SER E 177 4.54 25.37 54.69
CA SER E 177 4.88 24.85 56.01
C SER E 177 6.23 25.39 56.45
N LEU E 178 6.38 25.56 57.76
CA LEU E 178 7.62 26.02 58.37
C LEU E 178 8.10 24.99 59.37
N SER E 179 9.41 24.70 59.33
CA SER E 179 10.07 23.80 60.27
C SER E 179 10.95 24.62 61.20
N SER E 180 10.64 24.57 62.50
CA SER E 180 11.44 25.22 63.53
C SER E 180 12.19 24.19 64.35
N THR E 181 13.47 24.46 64.63
CA THR E 181 14.37 23.51 65.28
C THR E 181 15.08 24.19 66.44
N LEU E 182 15.27 23.47 67.53
CA LEU E 182 16.19 23.88 68.59
C LEU E 182 17.25 22.80 68.80
N THR E 183 18.46 23.23 69.14
CA THR E 183 19.60 22.34 69.32
C THR E 183 20.05 22.34 70.78
N LEU E 184 20.61 21.20 71.20
CA LEU E 184 20.99 20.99 72.59
C LEU E 184 22.02 19.86 72.61
N SER E 185 22.68 19.68 73.75
CA SER E 185 23.33 18.40 73.97
C SER E 185 22.35 17.38 74.53
N LYS E 186 22.69 16.10 74.34
CA LYS E 186 21.96 15.02 75.02
C LYS E 186 21.94 15.18 76.53
N ALA E 187 23.08 15.54 77.13
CA ALA E 187 23.17 15.70 78.57
C ALA E 187 22.35 16.89 79.09
N ASP E 188 22.26 17.96 78.30
CA ASP E 188 21.49 19.14 78.70
C ASP E 188 20.00 18.99 78.40
N TYR E 189 19.64 18.14 77.44
CA TYR E 189 18.27 17.66 77.36
C TYR E 189 17.92 16.86 78.61
N GLU E 190 18.87 16.10 79.13
CA GLU E 190 18.67 15.32 80.35
C GLU E 190 18.72 16.16 81.62
N LYS E 191 19.08 17.44 81.55
CA LYS E 191 18.80 18.34 82.67
C LYS E 191 17.34 18.79 82.68
N HIS E 192 16.92 19.56 81.67
CA HIS E 192 15.62 20.21 81.70
C HIS E 192 14.52 19.23 81.32
N LYS E 193 13.29 19.60 81.68
CA LYS E 193 12.15 18.68 81.66
C LYS E 193 10.98 19.22 80.85
N VAL E 194 10.79 20.53 80.81
CA VAL E 194 9.68 21.14 80.09
C VAL E 194 10.20 21.74 78.79
N TYR E 195 9.56 21.36 77.69
CA TYR E 195 9.83 21.88 76.36
C TYR E 195 8.55 22.41 75.74
N ALA E 196 8.60 23.62 75.19
CA ALA E 196 7.43 24.21 74.58
C ALA E 196 7.86 25.06 73.38
N CYS E 197 6.95 25.22 72.42
CA CYS E 197 7.05 26.26 71.41
C CYS E 197 5.76 27.06 71.41
N GLU E 198 5.91 28.39 71.39
CA GLU E 198 4.80 29.32 71.30
C GLU E 198 4.69 29.84 69.88
N VAL E 199 3.48 29.84 69.34
CA VAL E 199 3.25 30.02 67.91
C VAL E 199 2.40 31.26 67.74
N THR E 200 2.66 32.00 66.66
CA THR E 200 1.91 33.21 66.35
C THR E 200 1.78 33.31 64.83
N HIS E 201 0.69 33.91 64.40
CA HIS E 201 0.36 34.10 62.99
C HIS E 201 -0.84 35.04 62.91
N GLN E 202 -0.77 35.97 61.97
CA GLN E 202 -1.65 37.14 61.97
C GLN E 202 -3.13 36.77 62.06
N GLY E 203 -3.55 35.74 61.35
CA GLY E 203 -4.87 35.20 61.57
C GLY E 203 -4.95 34.28 62.77
N LEU E 204 -4.99 34.87 63.96
CA LEU E 204 -5.26 34.15 65.19
C LEU E 204 -5.98 35.06 66.17
N SER E 205 -6.68 34.44 67.11
CA SER E 205 -7.27 35.17 68.22
C SER E 205 -6.23 35.71 69.19
N SER E 206 -5.04 35.12 69.23
CA SER E 206 -4.20 35.15 70.41
C SER E 206 -2.86 34.48 70.08
N PRO E 207 -1.88 34.45 70.99
CA PRO E 207 -0.87 33.38 70.93
C PRO E 207 -1.48 31.99 70.96
N VAL E 208 -0.67 31.03 70.54
CA VAL E 208 -0.97 29.60 70.64
C VAL E 208 0.23 28.92 71.28
N THR E 209 -0.01 27.80 71.95
CA THR E 209 1.07 27.06 72.59
C THR E 209 0.88 25.56 72.36
N LYS E 210 2.01 24.86 72.32
CA LYS E 210 2.05 23.41 72.37
C LYS E 210 3.30 23.01 73.13
N SER E 211 3.23 21.88 73.83
CA SER E 211 4.33 21.47 74.69
C SER E 211 4.47 19.95 74.67
N PHE E 212 5.61 19.49 75.18
CA PHE E 212 5.77 18.13 75.67
C PHE E 212 6.72 18.18 76.86
N ASN E 213 6.71 17.13 77.68
CA ASN E 213 7.46 17.12 78.92
C ASN E 213 8.27 15.83 79.05
N ARG E 214 9.52 15.97 79.49
CA ARG E 214 10.42 14.84 79.59
C ARG E 214 10.05 13.96 80.77
N GLY E 215 9.13 13.02 80.55
CA GLY E 215 8.67 12.14 81.60
C GLY E 215 7.52 12.74 82.41
N VAL F 2 11.35 10.65 24.67
CA VAL F 2 12.67 11.18 24.34
C VAL F 2 13.09 12.21 25.36
N GLN F 3 14.20 11.97 26.05
CA GLN F 3 14.55 12.81 27.19
C GLN F 3 16.07 12.82 27.37
N LEU F 4 16.53 13.87 28.04
CA LEU F 4 17.95 14.15 28.26
C LEU F 4 18.32 13.86 29.70
N VAL F 5 19.49 13.26 29.92
CA VAL F 5 20.03 13.07 31.25
C VAL F 5 21.47 13.58 31.32
N GLU F 6 21.73 14.49 32.25
CA GLU F 6 23.07 14.92 32.60
C GLU F 6 23.78 13.85 33.43
N SER F 7 25.11 13.98 33.52
CA SER F 7 25.90 13.26 34.50
C SER F 7 27.11 14.08 34.90
N GLY F 8 27.49 13.97 36.17
CA GLY F 8 28.56 14.78 36.71
C GLY F 8 28.93 14.45 38.15
N PRO F 9 30.01 15.07 38.64
CA PRO F 9 30.64 14.61 39.88
C PRO F 9 30.00 15.12 41.17
N GLY F 10 29.14 16.13 41.10
CA GLY F 10 28.56 16.72 42.30
C GLY F 10 29.46 17.60 43.13
N CYS F 11 30.66 17.11 43.46
CA CYS F 11 31.59 17.82 44.33
C CYS F 11 32.96 17.78 43.65
N VAL F 12 33.66 18.92 43.63
CA VAL F 12 34.91 19.05 42.89
C VAL F 12 35.87 19.93 43.67
N LYS F 13 37.22 19.72 43.45
CA LYS F 13 38.24 20.49 44.12
C LYS F 13 38.77 21.59 43.20
N PRO F 14 39.10 22.74 43.77
CA PRO F 14 39.63 23.86 42.98
C PRO F 14 40.80 23.47 42.09
N SER F 15 40.84 24.10 40.90
CA SER F 15 41.79 23.82 39.81
C SER F 15 41.59 22.50 39.07
N GLU F 16 40.68 21.63 39.51
CA GLU F 16 40.30 20.52 38.65
C GLU F 16 39.66 21.03 37.36
N THR F 17 39.39 20.09 36.45
CA THR F 17 38.56 20.32 35.28
C THR F 17 37.24 19.57 35.41
N LEU F 18 36.14 20.31 35.35
CA LEU F 18 34.80 19.71 35.36
C LEU F 18 34.49 19.04 34.03
N SER F 19 34.04 17.79 34.09
CA SER F 19 33.48 17.11 32.93
C SER F 19 32.01 16.80 33.17
N LEU F 20 31.16 17.18 32.22
CA LEU F 20 29.76 16.78 32.19
C LEU F 20 29.47 16.06 30.88
N THR F 21 28.51 15.13 30.92
CA THR F 21 27.98 14.52 29.71
C THR F 21 26.46 14.64 29.67
N CYS F 22 25.92 14.93 28.49
CA CYS F 22 24.50 14.84 28.24
C CYS F 22 24.25 13.62 27.36
N THR F 23 23.34 12.75 27.78
CA THR F 23 23.03 11.53 27.06
C THR F 23 21.61 11.59 26.51
N VAL F 24 21.42 11.12 25.29
CA VAL F 24 20.11 11.01 24.66
C VAL F 24 19.63 9.58 24.78
N SER F 25 18.39 9.40 25.25
CA SER F 25 17.94 8.13 25.80
C SER F 25 17.40 7.14 24.77
N ARG F 26 16.55 7.60 23.85
CA ARG F 26 16.16 6.80 22.70
C ARG F 26 15.99 7.68 21.47
N PHE F 27 16.26 7.09 20.30
CA PHE F 27 16.50 7.80 19.05
C PHE F 27 17.71 8.71 19.17
N SER F 28 17.92 9.59 18.20
CA SER F 28 19.17 10.32 18.17
C SER F 28 18.98 11.74 17.66
N LEU F 29 19.87 12.60 18.15
CA LEU F 29 19.89 14.03 17.85
C LEU F 29 20.69 14.36 16.60
N ILE F 30 20.66 13.49 15.59
CA ILE F 30 21.46 13.68 14.37
C ILE F 30 21.25 15.07 13.78
N GLY F 31 20.00 15.47 13.62
CA GLY F 31 19.73 16.79 13.11
C GLY F 31 19.53 17.89 14.13
N TYR F 32 20.07 17.75 15.34
CA TYR F 32 19.70 18.64 16.43
C TYR F 32 20.91 19.30 17.07
N ALA F 33 20.65 20.42 17.73
CA ALA F 33 21.63 21.16 18.51
C ALA F 33 21.48 20.87 20.01
N ILE F 34 22.58 21.03 20.74
CA ILE F 34 22.59 21.03 22.20
C ILE F 34 23.24 22.32 22.70
N THR F 35 22.63 22.95 23.71
CA THR F 35 23.21 24.06 24.44
C THR F 35 23.36 23.72 25.93
N TRP F 36 24.34 24.36 26.57
CA TRP F 36 24.60 24.25 28.00
C TRP F 36 24.26 25.54 28.72
N ILE F 37 23.45 25.42 29.78
CA ILE F 37 22.95 26.55 30.57
C ILE F 37 23.39 26.37 32.01
N ARG F 38 23.66 27.50 32.68
CA ARG F 38 24.16 27.52 34.04
C ARG F 38 23.27 28.41 34.90
N GLN F 39 23.06 28.01 36.16
CA GLN F 39 22.29 28.80 37.11
C GLN F 39 22.97 28.84 38.47
N PRO F 40 23.79 29.85 38.73
CA PRO F 40 24.39 29.99 40.05
C PRO F 40 23.31 30.25 41.10
N PRO F 41 23.54 29.82 42.35
CA PRO F 41 22.58 30.07 43.42
C PRO F 41 22.20 31.53 43.60
N GLY F 42 20.89 31.81 43.52
CA GLY F 42 20.34 33.14 43.65
C GLY F 42 20.43 34.02 42.42
N LYS F 43 21.17 33.62 41.39
CA LYS F 43 21.14 34.32 40.10
C LYS F 43 19.98 33.82 39.25
N GLY F 44 19.78 34.46 38.11
CA GLY F 44 19.08 33.86 36.98
C GLY F 44 19.89 32.90 36.13
N LEU F 45 19.37 32.66 34.92
CA LEU F 45 20.00 31.80 33.94
C LEU F 45 21.10 32.51 33.16
N GLU F 46 22.24 31.84 32.99
CA GLU F 46 23.31 32.31 32.12
C GLU F 46 23.69 31.23 31.12
N TRP F 47 24.01 31.64 29.89
CA TRP F 47 24.31 30.72 28.80
C TRP F 47 25.81 30.48 28.70
N ILE F 48 26.19 29.21 28.55
CA ILE F 48 27.59 28.83 28.36
C ILE F 48 27.92 28.75 26.88
N GLY F 49 27.19 27.94 26.14
CA GLY F 49 27.56 27.63 24.77
C GLY F 49 26.71 26.50 24.22
N GLY F 50 26.98 26.17 22.96
CA GLY F 50 26.28 25.08 22.32
C GLY F 50 26.97 24.60 21.06
N ILE F 51 26.44 23.52 20.51
CA ILE F 51 26.91 22.92 19.27
C ILE F 51 25.73 22.77 18.31
N SER F 52 25.90 23.20 17.07
CA SER F 52 24.85 23.11 16.07
C SER F 52 24.77 21.72 15.44
N SER F 53 23.65 21.50 14.75
CA SER F 53 23.44 20.32 13.91
C SER F 53 24.58 20.08 12.92
N ALA F 54 25.28 21.14 12.51
CA ALA F 54 26.42 21.04 11.60
C ALA F 54 27.73 20.70 12.30
N ALA F 55 27.74 20.57 13.62
CA ALA F 55 28.90 20.44 14.49
C ALA F 55 29.74 21.71 14.63
N THR F 56 29.22 22.86 14.20
CA THR F 56 29.84 24.14 14.56
C THR F 56 29.61 24.41 16.05
N THR F 57 30.59 25.02 16.71
CA THR F 57 30.49 25.35 18.12
C THR F 57 30.52 26.86 18.34
N PHE F 58 29.80 27.29 19.37
CA PHE F 58 29.64 28.68 19.73
C PHE F 58 29.80 28.82 21.24
N TYR F 59 30.52 29.85 21.67
CA TYR F 59 30.78 30.07 23.08
C TYR F 59 30.44 31.51 23.47
N SER F 60 30.00 31.68 24.71
CA SER F 60 29.67 33.00 25.23
C SER F 60 30.88 33.94 25.34
N SER F 61 30.62 35.16 25.79
CA SER F 61 31.66 36.17 25.95
C SER F 61 32.71 35.80 26.99
N TRP F 62 32.33 35.06 28.03
CA TRP F 62 33.28 34.59 29.03
C TRP F 62 33.77 33.17 28.79
N ALA F 63 32.96 32.31 28.18
CA ALA F 63 33.27 30.88 28.10
C ALA F 63 34.42 30.55 27.15
N LYS F 64 34.63 31.35 26.09
CA LYS F 64 35.71 31.06 25.12
C LYS F 64 37.08 30.89 25.77
N SER F 65 37.29 31.49 26.93
CA SER F 65 38.56 31.34 27.63
C SER F 65 38.80 29.92 28.11
N ARG F 66 37.76 29.17 28.43
CA ARG F 66 37.92 28.00 29.30
C ARG F 66 37.09 26.77 28.95
N VAL F 67 36.19 26.83 27.97
CA VAL F 67 35.18 25.80 27.77
C VAL F 67 35.43 25.09 26.44
N THR F 68 35.18 23.78 26.42
CA THR F 68 35.14 22.99 25.19
C THR F 68 33.89 22.12 25.19
N ILE F 69 33.19 22.10 24.05
CA ILE F 69 31.99 21.30 23.83
C ILE F 69 32.24 20.34 22.67
N SER F 70 31.68 19.14 22.75
CA SER F 70 31.97 18.09 21.79
C SER F 70 30.81 17.10 21.73
N VAL F 71 30.82 16.27 20.68
CA VAL F 71 29.78 15.29 20.41
C VAL F 71 30.43 13.96 20.06
N ASP F 72 29.80 12.87 20.49
CA ASP F 72 30.24 11.51 20.16
C ASP F 72 29.01 10.68 19.83
N THR F 73 28.78 10.45 18.53
CA THR F 73 27.63 9.66 18.09
C THR F 73 27.74 8.20 18.49
N SER F 74 28.95 7.67 18.67
CA SER F 74 29.11 6.28 19.06
C SER F 74 28.54 5.99 20.44
N LYS F 75 28.31 7.01 21.24
CA LYS F 75 27.77 6.86 22.58
C LYS F 75 26.45 7.60 22.75
N ASN F 76 25.99 8.33 21.72
CA ASN F 76 24.84 9.22 21.80
C ASN F 76 25.03 10.30 22.86
N GLN F 77 26.25 10.81 22.99
CA GLN F 77 26.63 11.67 24.11
C GLN F 77 27.10 13.03 23.62
N PHE F 78 26.84 14.05 24.45
CA PHE F 78 27.41 15.37 24.31
C PHE F 78 28.21 15.68 25.57
N SER F 79 29.32 16.38 25.44
CA SER F 79 30.19 16.63 26.58
C SER F 79 30.55 18.10 26.71
N LEU F 80 30.75 18.50 27.97
CA LEU F 80 31.22 19.82 28.34
C LEU F 80 32.48 19.67 29.19
N LYS F 81 33.50 20.48 28.92
CA LYS F 81 34.64 20.59 29.83
C LYS F 81 34.91 22.04 30.20
N LEU F 82 35.04 22.31 31.49
CA LEU F 82 35.42 23.64 32.00
C LEU F 82 36.70 23.52 32.79
N SER F 83 37.76 24.19 32.34
CA SER F 83 39.06 24.13 32.97
C SER F 83 39.19 25.15 34.11
N SER F 84 40.11 24.83 35.04
CA SER F 84 40.62 25.74 36.07
C SER F 84 39.49 26.37 36.90
N VAL F 85 38.69 25.50 37.50
CA VAL F 85 37.44 25.93 38.14
C VAL F 85 37.72 26.76 39.38
N THR F 86 36.97 27.84 39.54
CA THR F 86 36.92 28.60 40.77
C THR F 86 35.67 28.22 41.56
N ALA F 87 35.64 28.66 42.82
CA ALA F 87 34.44 28.49 43.64
C ALA F 87 33.21 29.11 43.00
N ALA F 88 33.37 30.23 42.28
CA ALA F 88 32.29 30.90 41.58
C ALA F 88 31.71 30.10 40.42
N ASP F 89 32.29 28.95 40.08
CA ASP F 89 31.69 28.00 39.15
C ASP F 89 30.67 27.06 39.77
N THR F 90 30.34 27.23 41.05
CA THR F 90 29.27 26.45 41.69
C THR F 90 27.89 26.82 41.15
N ALA F 91 27.19 25.85 40.57
CA ALA F 91 25.89 26.10 39.93
C ALA F 91 25.21 24.76 39.63
N VAL F 92 23.92 24.84 39.32
CA VAL F 92 23.22 23.82 38.54
C VAL F 92 23.49 24.00 37.05
N TYR F 93 23.83 22.90 36.38
CA TYR F 93 24.10 22.87 34.94
C TYR F 93 23.06 22.05 34.20
N TYR F 94 22.53 22.58 33.09
CA TYR F 94 21.54 21.90 32.27
C TYR F 94 22.02 21.75 30.83
N CYS F 95 21.62 20.66 30.19
CA CYS F 95 21.64 20.52 28.73
C CYS F 95 20.23 20.66 28.16
N ALA F 96 20.10 21.35 27.03
CA ALA F 96 18.82 21.54 26.36
C ALA F 96 18.98 21.45 24.84
N ARG F 97 17.90 21.08 24.16
CA ARG F 97 17.85 20.92 22.71
C ARG F 97 17.12 22.10 22.07
N ASP F 98 17.70 22.65 21.00
CA ASP F 98 16.96 23.45 20.02
C ASP F 98 16.48 22.57 18.87
N PRO F 99 15.17 22.49 18.60
CA PRO F 99 14.67 21.67 17.49
C PRO F 99 14.97 22.18 16.08
N ARG F 100 15.41 23.42 15.93
CA ARG F 100 15.78 23.94 14.61
C ARG F 100 17.23 23.65 14.24
N GLY F 101 18.05 23.21 15.19
CA GLY F 101 19.43 22.88 14.96
C GLY F 101 20.39 24.04 15.05
N TYR F 102 19.95 25.20 15.51
CA TYR F 102 20.82 26.36 15.64
C TYR F 102 21.73 26.19 16.85
N GLY F 103 23.01 26.52 16.66
CA GLY F 103 23.97 26.37 17.73
C GLY F 103 24.11 27.54 18.68
N ALA F 104 23.48 28.67 18.38
CA ALA F 104 23.59 29.86 19.22
C ALA F 104 22.22 30.53 19.35
N ALA F 105 21.27 29.80 19.93
CA ALA F 105 19.92 30.31 20.08
C ALA F 105 19.33 29.89 21.42
N LEU F 106 18.57 30.79 22.02
CA LEU F 106 17.95 30.56 23.32
C LEU F 106 16.44 30.74 23.31
N ASP F 107 15.86 31.15 22.18
CA ASP F 107 14.44 31.49 22.11
C ASP F 107 13.52 30.28 21.99
N ARG F 108 14.03 29.11 21.68
CA ARG F 108 13.17 27.94 21.44
C ARG F 108 13.80 26.66 21.99
N LEU F 109 14.21 26.69 23.26
CA LEU F 109 14.73 25.50 23.92
C LEU F 109 13.57 24.63 24.41
N ASP F 110 13.20 23.64 23.59
CA ASP F 110 11.97 22.90 23.77
C ASP F 110 12.09 21.73 24.75
N LEU F 111 13.27 21.11 24.85
CA LEU F 111 13.46 19.96 25.71
C LEU F 111 14.68 20.16 26.59
N TRP F 112 14.53 19.87 27.89
CA TRP F 112 15.58 20.07 28.89
C TRP F 112 15.84 18.78 29.64
N GLY F 113 17.06 18.62 30.13
CA GLY F 113 17.34 17.65 31.16
C GLY F 113 16.85 18.10 32.53
N GLN F 114 17.06 17.25 33.54
CA GLN F 114 16.71 17.62 34.90
C GLN F 114 17.81 18.42 35.61
N GLY F 115 19.05 18.31 35.17
CA GLY F 115 20.15 19.09 35.71
C GLY F 115 21.03 18.40 36.74
N THR F 116 22.34 18.67 36.69
CA THR F 116 23.28 18.28 37.72
C THR F 116 23.80 19.50 38.47
N CYS F 117 23.69 19.48 39.79
CA CYS F 117 24.33 20.48 40.63
C CYS F 117 25.79 20.11 40.87
N VAL F 118 26.67 21.11 40.81
CA VAL F 118 28.09 20.93 41.07
C VAL F 118 28.55 21.96 42.09
N THR F 119 29.16 21.49 43.18
CA THR F 119 29.78 22.34 44.19
C THR F 119 31.29 22.20 44.14
N VAL F 120 32.00 23.32 44.11
CA VAL F 120 33.46 23.34 44.14
C VAL F 120 33.91 23.74 45.55
N SER F 121 34.66 22.86 46.21
CA SER F 121 35.07 23.14 47.57
C SER F 121 36.31 22.32 47.92
N SER F 122 37.03 22.80 48.93
CA SER F 122 38.19 22.10 49.47
C SER F 122 37.82 20.94 50.39
N PHE F 123 36.61 20.96 50.95
CA PHE F 123 36.20 20.08 52.03
C PHE F 123 36.22 18.59 51.68
N SER F 125 35.90 17.75 52.65
CA SER F 125 35.51 16.36 52.42
C SER F 125 34.01 16.18 52.60
N THR F 126 33.42 15.37 51.71
CA THR F 126 32.06 14.90 51.91
C THR F 126 31.93 13.99 53.14
N LYS F 127 30.78 14.10 53.81
CA LYS F 127 30.38 13.17 54.87
C LYS F 127 28.90 12.86 54.74
N GLY F 128 28.56 11.58 54.85
CA GLY F 128 27.17 11.14 54.83
C GLY F 128 26.44 11.41 56.13
N PRO F 129 25.11 11.28 56.07
CA PRO F 129 24.26 11.74 57.17
C PRO F 129 23.89 10.64 58.17
N SER F 130 23.47 11.08 59.36
CA SER F 130 22.59 10.37 60.26
C SER F 130 21.11 10.66 59.96
N VAL F 131 20.23 9.83 60.53
CA VAL F 131 18.80 9.92 60.26
C VAL F 131 17.93 9.73 61.51
N CYS F 132 17.56 10.83 62.16
CA CYS F 132 16.63 10.75 63.31
C CYS F 132 15.22 10.48 62.83
N PRO F 133 14.53 9.48 63.41
CA PRO F 133 13.07 9.42 63.27
C PRO F 133 12.39 10.45 64.14
N LEU F 134 11.33 11.05 63.61
CA LEU F 134 10.49 12.00 64.35
C LEU F 134 9.13 11.36 64.64
N ALA F 135 9.05 10.63 65.75
CA ALA F 135 7.87 9.85 66.10
C ALA F 135 6.76 10.78 66.61
N PRO F 136 5.49 10.41 66.39
CA PRO F 136 4.31 11.23 66.71
C PRO F 136 4.32 11.83 68.12
N CYS F 147 0.91 13.55 61.73
CA CYS F 147 2.26 14.09 61.56
C CYS F 147 3.32 13.17 62.17
N LEU F 148 4.29 12.81 61.33
CA LEU F 148 5.52 12.14 61.73
C LEU F 148 6.56 12.40 60.65
N GLY F 149 7.80 12.05 60.92
CA GLY F 149 8.84 12.42 59.98
C GLY F 149 10.12 11.65 60.07
N CYS F 150 11.06 12.04 59.21
CA CYS F 150 12.38 11.42 59.05
C CYS F 150 13.36 12.56 58.80
N LEU F 151 14.27 12.79 59.73
CA LEU F 151 15.15 13.96 59.72
C LEU F 151 16.60 13.57 59.43
N VAL F 152 17.15 14.14 58.37
CA VAL F 152 18.47 13.80 57.83
C VAL F 152 19.45 14.93 58.14
N LYS F 153 20.64 14.58 58.64
CA LYS F 153 21.43 15.51 59.43
C LYS F 153 22.91 15.33 59.15
N ASP F 154 23.68 16.40 59.41
CA ASP F 154 25.16 16.45 59.40
C ASP F 154 25.82 16.02 58.09
N TYR F 155 25.16 16.20 56.94
CA TYR F 155 25.84 15.87 55.68
C TYR F 155 26.51 17.12 55.09
N PHE F 156 27.43 16.87 54.14
CA PHE F 156 28.10 17.94 53.41
C PHE F 156 28.16 17.62 51.91
N CYS F 157 28.39 18.68 51.14
CA CYS F 157 28.09 18.76 49.70
C CYS F 157 26.59 18.51 49.51
N GLU F 158 25.86 19.55 49.91
CA GLU F 158 24.41 19.48 50.12
C GLU F 158 23.64 19.05 48.88
N CYS F 159 24.10 19.44 47.70
CA CYS F 159 23.19 19.65 46.58
C CYS F 159 22.59 18.37 45.99
N PRO F 160 23.29 17.24 45.93
CA PRO F 160 22.70 16.01 45.38
C PRO F 160 21.94 15.13 46.37
N VAL F 161 21.69 15.55 47.61
CA VAL F 161 21.03 14.68 48.58
C VAL F 161 19.56 14.51 48.20
N THR F 162 19.03 13.31 48.43
CA THR F 162 17.64 12.98 48.15
C THR F 162 17.09 12.03 49.21
N VAL F 163 15.79 12.15 49.47
CA VAL F 163 15.09 11.34 50.45
C VAL F 163 13.76 10.87 49.87
N SER F 164 13.33 9.68 50.29
CA SER F 164 12.14 9.04 49.74
C SER F 164 11.53 8.13 50.81
N TRP F 165 10.30 7.67 50.54
CA TRP F 165 9.52 6.94 51.53
C TRP F 165 8.86 5.71 50.95
N ASN F 166 8.76 4.65 51.77
CA ASN F 166 8.33 3.31 51.36
C ASN F 166 8.96 2.88 50.04
N SER F 167 10.25 3.16 49.88
CA SER F 167 10.99 2.91 48.65
C SER F 167 10.33 3.57 47.44
N GLY F 168 9.74 4.75 47.66
CA GLY F 168 9.03 5.47 46.62
C GLY F 168 7.53 5.23 46.53
N ALA F 169 7.02 4.16 47.15
CA ALA F 169 5.59 3.88 47.06
C ALA F 169 4.74 4.81 47.92
N LEU F 170 5.33 5.50 48.90
CA LEU F 170 4.62 6.54 49.67
C LEU F 170 4.76 7.87 48.95
N THR F 171 4.09 7.97 47.81
CA THR F 171 4.08 9.14 46.94
C THR F 171 3.44 10.38 47.55
N SER F 172 2.86 10.30 48.74
CA SER F 172 1.78 11.20 49.13
C SER F 172 2.04 11.79 50.51
N GLY F 173 1.71 13.07 50.66
CA GLY F 173 1.87 13.77 51.92
C GLY F 173 3.28 14.11 52.34
N VAL F 174 4.30 13.66 51.60
CA VAL F 174 5.70 13.96 51.93
C VAL F 174 5.99 15.41 51.55
N HIS F 175 5.96 16.30 52.55
CA HIS F 175 6.66 17.57 52.48
C HIS F 175 8.14 17.36 52.72
N THR F 176 8.95 18.26 52.17
CA THR F 176 10.39 18.22 52.38
C THR F 176 10.91 19.65 52.29
N PHE F 177 11.98 19.94 53.03
CA PHE F 177 12.35 21.31 53.34
C PHE F 177 13.70 21.68 52.74
N PRO F 178 13.92 22.96 52.43
CA PRO F 178 15.27 23.42 52.09
C PRO F 178 16.27 23.12 53.19
N ALA F 179 17.47 22.71 52.79
CA ALA F 179 18.55 22.47 53.73
C ALA F 179 18.93 23.77 54.44
N VAL F 180 19.54 23.61 55.61
CA VAL F 180 20.06 24.73 56.39
C VAL F 180 21.52 24.44 56.74
N LEU F 181 22.33 25.51 56.77
CA LEU F 181 23.71 25.40 57.21
C LEU F 181 23.76 25.25 58.72
N GLN F 182 24.14 24.07 59.19
CA GLN F 182 24.51 23.90 60.59
C GLN F 182 25.68 24.81 60.93
N SER F 183 25.75 25.24 62.19
CA SER F 183 26.87 26.05 62.65
C SER F 183 28.21 25.35 62.44
N SER F 184 28.20 24.02 62.32
CA SER F 184 29.38 23.25 61.97
C SER F 184 29.77 23.37 60.51
N GLY F 185 29.03 24.12 59.71
CA GLY F 185 29.26 24.15 58.27
C GLY F 185 28.75 22.94 57.54
N LEU F 186 27.94 22.10 58.18
CA LEU F 186 27.28 20.97 57.54
C LEU F 186 25.81 21.32 57.31
N TYR F 187 25.07 20.38 56.74
CA TYR F 187 23.69 20.62 56.35
C TYR F 187 22.76 19.60 57.01
N SER F 188 21.53 20.05 57.28
CA SER F 188 20.49 19.19 57.81
C SER F 188 19.15 19.52 57.15
N LEU F 189 18.29 18.52 57.06
CA LEU F 189 17.02 18.64 56.35
C LEU F 189 16.01 17.71 57.01
N SER F 190 14.74 18.07 56.89
CA SER F 190 13.66 17.29 57.50
C SER F 190 12.63 16.88 56.46
N SER F 191 12.10 15.67 56.60
CA SER F 191 11.04 15.13 55.76
C SER F 191 9.90 14.66 56.64
N VAL F 192 8.66 15.02 56.27
CA VAL F 192 7.50 14.94 57.15
C VAL F 192 6.31 14.43 56.35
N VAL F 193 5.54 13.52 56.93
CA VAL F 193 4.24 13.13 56.40
C VAL F 193 3.19 13.17 57.51
N THR F 194 2.04 13.77 57.21
CA THR F 194 0.88 13.72 58.08
C THR F 194 0.21 12.35 58.00
N VAL F 195 -0.08 11.75 59.15
CA VAL F 195 -0.66 10.42 59.21
C VAL F 195 -1.89 10.39 60.11
N PRO F 196 -2.98 9.73 59.71
CA PRO F 196 -4.13 9.55 60.61
C PRO F 196 -3.85 8.53 61.70
N SER F 197 -4.39 8.80 62.89
CA SER F 197 -4.03 8.02 64.08
C SER F 197 -4.35 6.54 63.92
N SER F 198 -5.38 6.20 63.14
CA SER F 198 -5.66 4.80 62.84
C SER F 198 -4.54 4.15 62.02
N SER F 199 -3.82 4.94 61.24
CA SER F 199 -2.77 4.44 60.37
C SER F 199 -1.48 4.13 61.12
N LEU F 200 -1.38 4.51 62.39
CA LEU F 200 -0.22 4.18 63.20
C LEU F 200 -0.11 2.68 63.41
N GLY F 201 1.08 2.13 63.13
CA GLY F 201 1.24 0.69 62.95
C GLY F 201 0.58 0.14 61.69
N THR F 202 -0.67 0.54 61.45
CA THR F 202 -1.45 0.03 60.34
C THR F 202 -0.87 0.39 58.98
N GLN F 203 0.03 1.36 58.90
CA GLN F 203 0.76 1.64 57.66
C GLN F 203 2.27 1.63 57.91
N THR F 204 3.03 1.23 56.87
CA THR F 204 4.44 0.91 57.02
C THR F 204 5.31 2.14 57.29
N TYR F 205 5.04 3.25 56.62
CA TYR F 205 5.82 4.50 56.77
C TYR F 205 7.32 4.26 56.93
N ILE F 206 7.89 3.60 55.91
CA ILE F 206 9.33 3.43 55.76
C ILE F 206 9.94 4.69 55.16
N CYS F 207 11.17 4.99 55.57
CA CYS F 207 11.95 6.11 55.04
C CYS F 207 13.22 5.61 54.36
N ASN F 208 13.58 6.24 53.25
CA ASN F 208 14.68 5.83 52.40
C ASN F 208 15.51 7.04 52.02
N VAL F 209 16.83 6.96 52.25
CA VAL F 209 17.73 8.09 52.09
C VAL F 209 18.93 7.61 51.29
N ASN F 210 19.50 8.50 50.47
CA ASN F 210 20.83 8.24 49.95
C ASN F 210 21.56 9.56 49.71
N HIS F 211 22.89 9.51 49.80
CA HIS F 211 23.75 10.63 49.45
C HIS F 211 24.83 10.09 48.53
N LYS F 212 24.75 10.41 47.25
CA LYS F 212 25.49 9.65 46.25
C LYS F 212 27.00 9.96 46.31
N PRO F 213 27.42 11.22 46.45
CA PRO F 213 28.86 11.47 46.64
C PRO F 213 29.45 10.81 47.87
N SER F 214 28.78 10.87 49.02
CA SER F 214 29.22 10.12 50.19
C SER F 214 28.87 8.63 50.14
N ASN F 215 28.50 8.11 48.96
CA ASN F 215 28.25 6.68 48.73
C ASN F 215 27.23 6.08 49.69
N THR F 216 26.41 6.91 50.35
CA THR F 216 25.69 6.49 51.55
C THR F 216 24.24 6.19 51.18
N LYS F 217 23.73 5.04 51.63
CA LYS F 217 22.30 4.77 51.64
C LYS F 217 21.93 4.24 53.02
N VAL F 218 20.78 4.68 53.55
CA VAL F 218 20.26 4.21 54.83
C VAL F 218 18.74 4.13 54.78
N ASP F 219 18.18 3.37 55.74
CA ASP F 219 16.75 3.12 55.82
C ASP F 219 16.35 3.06 57.29
N LYS F 220 15.06 3.29 57.56
CA LYS F 220 14.55 3.29 58.93
C LYS F 220 13.04 3.07 58.90
N LYS F 221 12.48 2.83 60.10
CA LYS F 221 11.05 2.90 60.32
C LYS F 221 10.72 3.97 61.35
N VAL F 222 9.56 4.62 61.18
CA VAL F 222 8.97 5.47 62.20
C VAL F 222 7.78 4.75 62.83
N GLU F 223 7.71 4.80 64.16
CA GLU F 223 6.53 4.30 64.87
C GLU F 223 6.55 4.94 66.26
N PRO F 224 5.39 5.07 66.93
CA PRO F 224 5.43 5.48 68.33
C PRO F 224 6.28 4.57 69.22
N GLN G 3 -32.07 -13.36 41.44
CA GLN G 3 -32.18 -12.32 42.46
C GLN G 3 -30.97 -12.31 43.37
N MET G 4 -30.70 -11.18 44.01
CA MET G 4 -29.43 -10.97 44.67
C MET G 4 -29.65 -10.17 45.95
N THR G 5 -28.72 -10.33 46.88
CA THR G 5 -28.61 -9.44 48.03
C THR G 5 -27.17 -8.96 48.18
N GLN G 6 -27.00 -7.67 48.39
CA GLN G 6 -25.69 -7.03 48.44
C GLN G 6 -25.45 -6.55 49.87
N SER G 7 -24.21 -6.68 50.35
CA SER G 7 -23.89 -6.37 51.74
C SER G 7 -22.46 -5.87 51.90
N PRO G 8 -22.22 -4.90 52.79
CA PRO G 8 -23.19 -4.16 53.63
C PRO G 8 -23.93 -3.06 52.89
N SER G 9 -25.02 -2.54 53.49
CA SER G 9 -25.72 -1.40 52.90
C SER G 9 -24.92 -0.11 52.96
N SER G 10 -24.08 0.07 53.98
CA SER G 10 -23.22 1.24 54.02
C SER G 10 -21.95 0.95 54.81
N LEU G 11 -20.90 1.72 54.50
CA LEU G 11 -19.68 1.70 55.28
C LEU G 11 -19.08 3.11 55.27
N SER G 12 -18.25 3.37 56.28
CA SER G 12 -17.45 4.59 56.32
C SER G 12 -16.07 4.27 56.86
N ALA G 13 -15.05 4.85 56.23
CA ALA G 13 -13.68 4.42 56.46
C ALA G 13 -12.73 5.59 56.22
N SER G 14 -11.50 5.42 56.67
CA SER G 14 -10.49 6.46 56.54
C SER G 14 -10.15 6.68 55.08
N VAL G 15 -9.58 7.85 54.79
CA VAL G 15 -8.70 7.96 53.62
C VAL G 15 -7.57 6.95 53.76
N GLY G 16 -7.22 6.31 52.64
CA GLY G 16 -6.19 5.31 52.60
C GLY G 16 -6.61 3.91 52.99
N ASP G 17 -7.83 3.73 53.48
CA ASP G 17 -8.23 2.50 54.13
C ASP G 17 -8.59 1.41 53.11
N ARG G 18 -8.66 0.18 53.60
CA ARG G 18 -8.77 -1.02 52.79
C ARG G 18 -10.17 -1.59 53.01
N VAL G 19 -10.94 -1.74 51.95
CA VAL G 19 -12.35 -2.12 52.07
C VAL G 19 -12.72 -3.10 50.98
N THR G 20 -13.80 -3.83 51.23
CA THR G 20 -14.37 -4.76 50.28
C THR G 20 -15.88 -4.73 50.37
N ILE G 21 -16.53 -5.14 49.28
CA ILE G 21 -17.98 -5.21 49.19
C ILE G 21 -18.33 -6.59 48.67
N THR G 22 -19.39 -7.19 49.21
CA THR G 22 -19.79 -8.53 48.84
C THR G 22 -21.18 -8.51 48.24
N CYS G 23 -21.40 -9.41 47.29
CA CYS G 23 -22.68 -9.61 46.62
C CYS G 23 -22.88 -11.11 46.47
N GLN G 24 -24.09 -11.58 46.80
CA GLN G 24 -24.39 -13.01 46.79
C GLN G 24 -25.74 -13.24 46.14
N SER G 25 -25.94 -14.46 45.66
CA SER G 25 -27.12 -14.78 44.86
C SER G 25 -27.53 -16.23 45.12
N ILE G 26 -28.80 -16.51 44.83
CA ILE G 26 -29.36 -17.85 45.02
C ILE G 26 -29.03 -18.75 43.84
N LYS G 27 -28.64 -18.19 42.70
CA LYS G 27 -28.13 -18.94 41.56
C LYS G 27 -26.74 -18.44 41.22
N SER G 28 -25.93 -19.33 40.64
CA SER G 28 -24.67 -18.91 40.03
C SER G 28 -24.90 -18.17 38.72
N VAL G 29 -24.01 -17.21 38.45
CA VAL G 29 -24.09 -16.44 37.21
C VAL G 29 -23.74 -17.34 36.02
N TYR G 30 -24.35 -17.02 34.87
CA TYR G 30 -24.39 -17.95 33.76
C TYR G 30 -23.00 -18.27 33.22
N ASN G 31 -22.25 -17.26 32.80
CA ASN G 31 -20.87 -17.51 32.39
C ASN G 31 -19.97 -16.29 32.66
N ASN G 32 -19.66 -16.09 33.93
CA ASN G 32 -18.92 -14.94 34.45
C ASN G 32 -19.62 -13.61 34.24
N ARG G 33 -20.89 -13.59 33.86
CA ARG G 33 -21.65 -12.36 33.69
C ARG G 33 -21.96 -11.67 35.01
N LEU G 34 -20.95 -11.07 35.64
CA LEU G 34 -21.15 -10.13 36.73
C LEU G 34 -20.27 -8.90 36.54
N GLY G 35 -20.84 -7.71 36.82
CA GLY G 35 -20.09 -6.48 36.76
C GLY G 35 -20.36 -5.56 37.95
N TRP G 36 -19.53 -4.53 38.05
CA TRP G 36 -19.60 -3.53 39.11
C TRP G 36 -19.68 -2.12 38.53
N TYR G 37 -20.62 -1.32 39.03
CA TYR G 37 -20.83 0.05 38.58
C TYR G 37 -20.65 1.04 39.73
N GLN G 38 -20.07 2.20 39.42
CA GLN G 38 -19.96 3.33 40.34
C GLN G 38 -20.90 4.44 39.91
N GLN G 39 -21.65 5.00 40.86
CA GLN G 39 -22.50 6.16 40.62
C GLN G 39 -22.18 7.27 41.60
N LYS G 40 -22.12 8.50 41.10
CA LYS G 40 -21.66 9.67 41.85
C LYS G 40 -22.76 10.73 41.88
N CYS G 41 -22.46 11.85 42.55
CA CYS G 41 -23.44 12.90 42.83
C CYS G 41 -24.16 13.38 41.57
N GLY G 42 -25.33 12.84 41.29
CA GLY G 42 -26.11 13.22 40.13
C GLY G 42 -25.43 12.95 38.80
N LYS G 43 -24.98 11.72 38.60
CA LYS G 43 -24.31 11.30 37.39
C LYS G 43 -24.84 9.93 36.99
N ALA G 44 -24.75 9.63 35.70
CA ALA G 44 -24.96 8.27 35.24
C ALA G 44 -23.94 7.32 35.86
N PRO G 45 -24.30 6.05 36.04
CA PRO G 45 -23.30 5.05 36.45
C PRO G 45 -22.16 4.94 35.45
N LYS G 46 -20.98 4.60 35.97
CA LYS G 46 -19.83 4.20 35.16
C LYS G 46 -19.48 2.75 35.46
N LEU G 47 -19.31 1.96 34.41
CA LEU G 47 -18.74 0.62 34.52
C LEU G 47 -17.30 0.65 35.00
N LEU G 48 -17.01 -0.10 36.06
CA LEU G 48 -15.65 -0.30 36.54
C LEU G 48 -15.10 -1.68 36.23
N ILE G 49 -15.84 -2.74 36.56
CA ILE G 49 -15.41 -4.12 36.37
C ILE G 49 -16.48 -4.84 35.58
N TYR G 50 -16.06 -5.68 34.62
CA TYR G 50 -16.97 -6.56 33.92
C TYR G 50 -16.36 -7.96 33.86
N GLU G 51 -17.21 -8.92 33.51
CA GLU G 51 -16.83 -10.32 33.35
C GLU G 51 -16.05 -10.83 34.56
N THR G 52 -16.64 -10.60 35.73
CA THR G 52 -16.11 -10.89 37.06
C THR G 52 -14.87 -10.10 37.45
N SER G 53 -13.90 -9.96 36.56
CA SER G 53 -12.61 -9.45 37.01
C SER G 53 -11.88 -8.57 36.01
N ILE G 54 -12.39 -8.34 34.80
CA ILE G 54 -11.67 -7.50 33.85
C ILE G 54 -11.88 -6.04 34.22
N LEU G 55 -10.79 -5.32 34.43
CA LEU G 55 -10.81 -3.90 34.73
C LEU G 55 -11.08 -3.09 33.47
N THR G 56 -12.07 -2.20 33.55
CA THR G 56 -12.36 -1.30 32.43
C THR G 56 -11.20 -0.32 32.28
N SER G 57 -10.84 -0.03 31.02
CA SER G 57 -9.77 0.92 30.76
C SER G 57 -10.08 2.29 31.35
N GLY G 58 -9.00 3.01 31.69
CA GLY G 58 -9.04 4.27 32.38
C GLY G 58 -9.39 4.22 33.85
N VAL G 59 -9.82 3.09 34.37
CA VAL G 59 -10.04 2.94 35.81
C VAL G 59 -8.69 2.78 36.50
N PRO G 60 -8.39 3.56 37.54
CA PRO G 60 -7.13 3.39 38.25
C PRO G 60 -7.10 2.06 38.98
N SER G 61 -5.92 1.43 38.98
CA SER G 61 -5.78 0.08 39.53
C SER G 61 -5.96 -0.01 41.04
N ARG G 62 -6.67 0.95 41.64
CA ARG G 62 -7.12 0.79 43.03
C ARG G 62 -8.12 -0.35 43.14
N PHE G 63 -8.90 -0.62 42.10
CA PHE G 63 -10.04 -1.52 42.17
C PHE G 63 -9.68 -2.87 41.56
N SER G 64 -10.15 -3.93 42.21
CA SER G 64 -10.16 -5.26 41.62
C SER G 64 -11.29 -6.06 42.24
N GLY G 65 -11.64 -7.15 41.58
CA GLY G 65 -12.68 -8.02 42.09
C GLY G 65 -12.59 -9.41 41.52
N SER G 66 -13.19 -10.36 42.23
CA SER G 66 -13.37 -11.72 41.75
C SER G 66 -14.41 -12.41 42.62
N GLY G 67 -14.76 -13.63 42.26
CA GLY G 67 -15.80 -14.34 42.96
C GLY G 67 -16.01 -15.79 42.56
N SER G 68 -16.40 -16.60 43.56
CA SER G 68 -16.53 -18.05 43.40
C SER G 68 -17.81 -18.49 42.72
N GLY G 69 -18.18 -17.87 41.60
CA GLY G 69 -19.32 -18.31 40.82
C GLY G 69 -20.69 -18.02 41.41
N THR G 70 -20.80 -17.97 42.73
CA THR G 70 -22.06 -17.66 43.40
C THR G 70 -21.86 -16.59 44.46
N ASP G 71 -20.63 -16.18 44.70
CA ASP G 71 -20.25 -15.21 45.72
C ASP G 71 -19.17 -14.35 45.13
N PHE G 72 -19.28 -13.03 45.26
CA PHE G 72 -18.42 -12.13 44.50
C PHE G 72 -18.03 -10.95 45.38
N THR G 73 -16.79 -10.49 45.20
CA THR G 73 -16.24 -9.42 46.01
C THR G 73 -15.70 -8.34 45.09
N LEU G 74 -15.89 -7.09 45.51
CA LEU G 74 -15.18 -5.94 44.96
C LEU G 74 -14.32 -5.34 46.06
N THR G 75 -13.06 -5.05 45.75
CA THR G 75 -12.10 -4.59 46.74
C THR G 75 -11.42 -3.31 46.28
N ILE G 76 -11.32 -2.33 47.18
CA ILE G 76 -10.59 -1.08 46.95
C ILE G 76 -9.39 -1.05 47.88
N SER G 77 -8.20 -0.94 47.30
CA SER G 77 -6.96 -1.10 48.06
C SER G 77 -6.66 0.09 48.96
N SER G 78 -6.98 1.31 48.52
CA SER G 78 -6.73 2.48 49.36
C SER G 78 -7.71 3.60 48.99
N LEU G 79 -8.76 3.73 49.79
CA LEU G 79 -9.87 4.63 49.49
C LEU G 79 -9.41 6.07 49.37
N GLN G 80 -9.77 6.72 48.27
CA GLN G 80 -9.63 8.16 48.14
C GLN G 80 -10.99 8.82 48.39
N CYS G 81 -10.97 10.12 48.69
CA CYS G 81 -12.23 10.83 48.77
C CYS G 81 -12.95 10.87 47.42
N GLU G 82 -12.19 10.83 46.32
CA GLU G 82 -12.75 10.60 44.99
C GLU G 82 -13.57 9.33 44.87
N ASP G 83 -13.38 8.36 45.76
CA ASP G 83 -14.17 7.13 45.78
C ASP G 83 -15.51 7.28 46.49
N PHE G 84 -15.86 8.46 46.99
CA PHE G 84 -17.21 8.72 47.47
C PHE G 84 -18.24 8.49 46.38
N ALA G 85 -19.10 7.48 46.56
CA ALA G 85 -20.05 7.02 45.55
C ALA G 85 -20.96 5.96 46.16
N THR G 86 -22.03 5.62 45.44
CA THR G 86 -22.69 4.33 45.56
C THR G 86 -22.14 3.32 44.54
N TYR G 87 -22.03 2.05 44.97
CA TYR G 87 -21.61 0.93 44.14
C TYR G 87 -22.68 -0.14 44.06
N TYR G 88 -22.89 -0.69 42.85
CA TYR G 88 -23.84 -1.77 42.60
C TYR G 88 -23.16 -2.93 41.90
N CYS G 89 -23.49 -4.16 42.31
CA CYS G 89 -23.31 -5.33 41.46
C CYS G 89 -24.47 -5.46 40.46
N ALA G 90 -24.16 -6.00 39.28
CA ALA G 90 -25.16 -6.50 38.35
C ALA G 90 -24.77 -7.87 37.81
N GLY G 91 -25.75 -8.75 37.64
CA GLY G 91 -25.50 -10.11 37.25
C GLY G 91 -26.56 -10.62 36.29
N GLY G 92 -26.18 -11.65 35.54
CA GLY G 92 -27.10 -12.30 34.63
C GLY G 92 -27.08 -13.80 34.78
N PHE G 93 -28.26 -14.41 34.91
CA PHE G 93 -28.34 -15.82 35.27
C PHE G 93 -28.75 -16.73 34.13
N ASP G 94 -29.28 -16.19 33.04
CA ASP G 94 -29.44 -16.96 31.81
C ASP G 94 -29.34 -16.01 30.64
N ARG G 95 -29.86 -16.42 29.49
CA ARG G 95 -30.00 -15.57 28.32
C ARG G 95 -31.48 -15.36 28.03
N SER G 96 -31.90 -14.09 28.03
CA SER G 96 -33.29 -13.61 27.96
C SER G 96 -33.93 -13.40 29.32
N GLY G 97 -33.57 -14.21 30.32
CA GLY G 97 -34.37 -14.24 31.52
C GLY G 97 -33.91 -13.42 32.71
N ASP G 98 -33.44 -14.12 33.74
CA ASP G 98 -33.12 -13.52 35.03
C ASP G 98 -31.85 -12.70 34.93
N THR G 99 -31.99 -11.38 34.91
CA THR G 99 -30.89 -10.46 35.16
C THR G 99 -31.39 -9.32 36.05
N THR G 100 -30.56 -8.91 37.02
CA THR G 100 -30.96 -7.85 37.94
C THR G 100 -29.73 -7.13 38.46
N PHE G 101 -29.95 -5.91 38.96
CA PHE G 101 -29.03 -5.20 39.84
C PHE G 101 -29.15 -5.64 41.31
N GLY G 102 -28.10 -5.33 42.08
CA GLY G 102 -28.16 -5.29 43.53
C GLY G 102 -28.68 -3.98 44.14
N GLN G 103 -28.80 -4.00 45.47
CA GLN G 103 -29.36 -2.88 46.24
C GLN G 103 -28.45 -1.64 46.29
N GLY G 104 -27.14 -1.80 46.12
CA GLY G 104 -26.21 -0.68 46.16
C GLY G 104 -25.70 -0.26 47.54
N THR G 105 -24.38 -0.11 47.63
CA THR G 105 -23.63 0.24 48.84
C THR G 105 -23.12 1.68 48.83
N LYS G 106 -23.39 2.43 49.90
CA LYS G 106 -23.02 3.85 50.00
C LYS G 106 -21.74 3.98 50.82
N VAL G 107 -20.72 4.64 50.25
CA VAL G 107 -19.40 4.76 50.87
C VAL G 107 -19.14 6.23 51.20
N GLU G 108 -18.97 6.53 52.49
CA GLU G 108 -18.53 7.84 52.99
C GLU G 108 -17.07 7.81 53.43
N ILE G 109 -16.33 8.85 53.05
CA ILE G 109 -14.91 8.99 53.37
C ILE G 109 -14.72 9.94 54.55
N LYS G 110 -14.13 9.43 55.64
CA LYS G 110 -13.84 10.18 56.86
C LYS G 110 -12.61 11.08 56.69
N ARG G 111 -12.72 12.35 57.11
CA ARG G 111 -11.59 13.27 56.98
C ARG G 111 -11.43 14.12 58.24
N THR G 112 -10.25 14.72 58.34
CA THR G 112 -9.89 15.64 59.43
C THR G 112 -10.85 16.83 59.52
N VAL G 113 -11.24 17.17 60.75
CA VAL G 113 -12.31 18.13 61.01
C VAL G 113 -12.03 19.50 60.37
N ALA G 114 -13.10 20.24 60.10
CA ALA G 114 -13.05 21.62 59.65
C ALA G 114 -14.25 22.37 60.21
N ALA G 115 -14.04 23.73 60.55
CA ALA G 115 -15.15 24.52 61.07
C ALA G 115 -15.89 25.26 59.95
N PRO G 116 -17.22 25.40 60.11
CA PRO G 116 -18.04 26.10 59.11
C PRO G 116 -17.71 27.59 59.00
N SER G 117 -17.30 28.00 57.80
CA SER G 117 -17.17 29.41 57.46
C SER G 117 -18.54 30.00 57.12
N VAL G 118 -18.93 31.05 57.84
CA VAL G 118 -20.32 31.52 57.89
C VAL G 118 -20.46 32.83 57.11
N CYS G 119 -21.41 32.88 56.19
CA CYS G 119 -21.88 34.13 55.59
C CYS G 119 -23.38 34.32 55.85
N ILE G 120 -23.79 35.59 55.87
CA ILE G 120 -25.20 35.97 55.97
C ILE G 120 -25.49 37.11 54.99
N PHE G 121 -26.73 37.13 54.48
CA PHE G 121 -27.08 37.98 53.35
C PHE G 121 -28.41 38.69 53.60
N PRO G 122 -28.51 39.97 53.26
CA PRO G 122 -29.75 40.72 53.49
C PRO G 122 -30.84 40.32 52.50
N PRO G 123 -32.07 40.14 52.99
CA PRO G 123 -33.24 40.09 52.10
C PRO G 123 -33.33 41.33 51.22
N SER G 124 -33.25 41.15 49.91
CA SER G 124 -33.13 42.30 49.02
C SER G 124 -33.61 41.92 47.62
N ASP G 125 -33.92 42.95 46.84
CA ASP G 125 -34.54 42.87 45.52
C ASP G 125 -35.69 41.86 45.45
N GLU G 126 -35.55 40.81 44.62
CA GLU G 126 -36.62 39.84 44.43
C GLU G 126 -37.10 39.22 45.73
N CYS G 127 -36.20 39.04 46.70
CA CYS G 127 -36.58 38.51 48.00
C CYS G 127 -37.18 39.57 48.92
N LEU G 128 -37.61 40.69 48.35
CA LEU G 128 -38.65 41.55 48.92
C LEU G 128 -39.64 41.97 47.85
N LYS G 129 -39.15 42.21 46.64
CA LYS G 129 -40.00 42.67 45.56
C LYS G 129 -41.05 41.63 45.16
N SER G 130 -40.85 40.36 45.54
CA SER G 130 -41.90 39.35 45.41
C SER G 130 -42.93 39.41 46.54
N GLY G 131 -42.77 40.31 47.50
CA GLY G 131 -43.64 40.36 48.66
C GLY G 131 -43.40 39.31 49.73
N THR G 132 -42.98 38.11 49.34
CA THR G 132 -42.28 37.22 50.26
C THR G 132 -40.89 37.77 50.59
N ALA G 133 -40.38 37.41 51.78
CA ALA G 133 -39.01 37.70 52.14
C ALA G 133 -38.28 36.42 52.54
N SER G 134 -36.96 36.39 52.27
CA SER G 134 -36.13 35.25 52.60
C SER G 134 -34.71 35.72 52.94
N VAL G 135 -34.13 35.10 53.97
CA VAL G 135 -32.82 35.47 54.51
C VAL G 135 -32.01 34.18 54.64
N VAL G 136 -30.70 34.27 54.35
CA VAL G 136 -29.88 33.07 54.17
C VAL G 136 -28.64 33.14 55.05
N CYS G 137 -28.34 32.01 55.71
CA CYS G 137 -27.14 31.79 56.51
C CYS G 137 -26.41 30.59 55.91
N LEU G 138 -25.15 30.79 55.50
CA LEU G 138 -24.41 29.81 54.72
C LEU G 138 -23.20 29.28 55.50
N LEU G 139 -23.18 27.97 55.75
CA LEU G 139 -22.07 27.29 56.44
C LEU G 139 -21.24 26.52 55.42
N ASN G 140 -20.21 27.16 54.88
CA ASN G 140 -19.34 26.51 53.90
C ASN G 140 -18.37 25.53 54.56
N ASN G 141 -18.08 24.45 53.85
CA ASN G 141 -16.87 23.65 54.00
C ASN G 141 -16.60 23.22 55.45
N PHE G 142 -17.49 22.41 55.98
CA PHE G 142 -17.34 21.88 57.33
C PHE G 142 -17.35 20.36 57.32
N TYR G 143 -16.70 19.76 58.32
CA TYR G 143 -16.76 18.34 58.62
C TYR G 143 -16.54 18.13 60.12
N PRO G 144 -17.23 17.16 60.75
CA PRO G 144 -18.35 16.34 60.27
C PRO G 144 -19.67 17.07 60.15
N ARG G 145 -20.71 16.34 59.73
CA ARG G 145 -22.05 16.86 59.56
C ARG G 145 -22.72 17.27 60.86
N GLU G 146 -22.11 16.98 62.02
CA GLU G 146 -22.66 17.46 63.27
C GLU G 146 -22.50 18.97 63.33
N ALA G 147 -23.46 19.68 62.73
CA ALA G 147 -23.55 21.12 62.79
C ALA G 147 -25.02 21.52 62.91
N LYS G 148 -25.26 22.66 63.56
CA LYS G 148 -26.63 23.11 63.81
C LYS G 148 -26.65 24.63 63.81
N VAL G 149 -27.83 25.17 63.50
CA VAL G 149 -28.04 26.62 63.41
C VAL G 149 -29.23 26.99 64.28
N GLN G 150 -29.14 28.13 64.97
CA GLN G 150 -30.27 28.76 65.63
C GLN G 150 -30.55 30.10 64.95
N TRP G 151 -31.75 30.22 64.36
CA TRP G 151 -32.19 31.52 63.84
C TRP G 151 -32.72 32.40 64.97
N LYS G 152 -32.29 33.65 64.98
CA LYS G 152 -32.72 34.65 65.95
C LYS G 152 -33.07 35.96 65.27
N VAL G 153 -34.18 36.57 65.69
CA VAL G 153 -34.61 37.85 65.16
C VAL G 153 -34.99 38.72 66.36
N ASP G 154 -34.45 39.95 66.39
CA ASP G 154 -34.52 40.83 67.57
C ASP G 154 -34.16 40.09 68.86
N ASN G 155 -33.17 39.20 68.78
CA ASN G 155 -32.78 38.28 69.86
C ASN G 155 -33.78 37.17 70.15
N ALA G 156 -35.00 37.26 69.65
CA ALA G 156 -35.95 36.18 69.87
C ALA G 156 -35.56 34.94 69.06
N LEU G 157 -35.58 33.78 69.74
CA LEU G 157 -35.36 32.50 69.07
C LEU G 157 -36.53 32.18 68.14
N GLN G 158 -36.21 31.87 66.89
CA GLN G 158 -37.22 31.51 65.89
C GLN G 158 -37.34 29.99 65.83
N SER G 159 -38.52 29.52 65.40
CA SER G 159 -38.74 28.10 65.21
C SER G 159 -39.78 27.88 64.12
N GLY G 160 -39.74 26.68 63.54
CA GLY G 160 -40.38 26.44 62.25
C GLY G 160 -39.86 27.36 61.16
N ASN G 161 -40.74 27.61 60.18
CA ASN G 161 -40.59 28.70 59.22
C ASN G 161 -39.21 28.68 58.55
N SER G 162 -38.65 27.49 58.36
CA SER G 162 -37.27 27.37 57.90
C SER G 162 -37.05 26.00 57.28
N GLN G 163 -35.99 25.91 56.47
CA GLN G 163 -35.57 24.68 55.81
C GLN G 163 -34.06 24.71 55.66
N GLU G 164 -33.44 23.53 55.63
CA GLU G 164 -31.99 23.41 55.43
C GLU G 164 -31.69 22.35 54.38
N SER G 165 -30.61 22.58 53.62
CA SER G 165 -30.17 21.64 52.59
C SER G 165 -28.66 21.66 52.48
N VAL G 166 -28.10 20.54 52.00
CA VAL G 166 -26.67 20.28 52.10
C VAL G 166 -26.13 19.68 50.81
N THR G 167 -24.92 20.08 50.42
CA THR G 167 -24.23 19.51 49.28
C THR G 167 -23.77 18.08 49.57
N CYS G 168 -23.53 17.33 48.50
CA CYS G 168 -22.72 16.12 48.61
C CYS G 168 -21.25 16.47 48.90
N GLN G 169 -20.50 15.43 49.25
CA GLN G 169 -19.05 15.51 49.43
C GLN G 169 -18.34 15.50 48.07
N ASP G 170 -17.52 16.52 47.80
CA ASP G 170 -16.78 16.59 46.55
C ASP G 170 -15.49 15.78 46.57
N SER G 171 -15.10 15.30 45.38
CA SER G 171 -13.86 14.56 45.12
C SER G 171 -12.57 15.28 45.51
N LYS G 172 -12.61 16.58 45.77
CA LYS G 172 -11.40 17.31 46.15
C LYS G 172 -11.62 18.20 47.37
N ASP G 173 -12.74 18.91 47.44
CA ASP G 173 -13.05 19.65 48.65
C ASP G 173 -13.27 18.69 49.81
N CYS G 174 -14.08 17.65 49.60
CA CYS G 174 -14.31 16.57 50.55
C CYS G 174 -14.95 17.01 51.87
N THR G 175 -15.08 18.31 52.08
CA THR G 175 -16.06 18.85 53.01
C THR G 175 -17.38 19.10 52.28
N TYR G 176 -18.28 19.85 52.90
CA TYR G 176 -19.59 20.11 52.31
C TYR G 176 -20.17 21.38 52.90
N SER G 177 -21.15 21.93 52.21
CA SER G 177 -21.76 23.21 52.58
C SER G 177 -23.23 23.00 52.92
N LEU G 178 -23.72 23.84 53.83
CA LEU G 178 -25.13 23.84 54.24
C LEU G 178 -25.73 25.21 54.00
N SER G 179 -26.95 25.22 53.44
CA SER G 179 -27.73 26.43 53.22
C SER G 179 -28.91 26.46 54.19
N SER G 180 -28.93 27.47 55.05
CA SER G 180 -30.03 27.68 55.98
C SER G 180 -30.84 28.91 55.58
N THR G 181 -32.16 28.78 55.65
CA THR G 181 -33.08 29.79 55.14
C THR G 181 -34.16 30.07 56.18
N LEU G 182 -34.56 31.34 56.30
CA LEU G 182 -35.77 31.72 57.02
C LEU G 182 -36.70 32.49 56.11
N THR G 183 -38.00 32.30 56.32
CA THR G 183 -39.04 32.91 55.49
C THR G 183 -39.84 33.92 56.29
N LEU G 184 -40.35 34.94 55.58
CA LEU G 184 -41.02 36.06 56.21
C LEU G 184 -41.89 36.72 55.15
N SER G 185 -42.79 37.61 55.58
CA SER G 185 -43.34 38.55 54.62
C SER G 185 -42.42 39.77 54.49
N LYS G 186 -42.56 40.46 53.36
CA LYS G 186 -41.90 41.76 53.18
C LYS G 186 -42.29 42.75 54.28
N ALA G 187 -43.57 42.81 54.64
CA ALA G 187 -44.03 43.74 55.67
C ALA G 187 -43.53 43.39 57.06
N ASP G 188 -43.36 42.11 57.35
CA ASP G 188 -42.85 41.68 58.66
C ASP G 188 -41.33 41.74 58.75
N TYR G 189 -40.64 41.66 57.61
CA TYR G 189 -39.25 42.09 57.57
C TYR G 189 -39.14 43.58 57.88
N GLU G 190 -40.10 44.36 57.42
CA GLU G 190 -40.14 45.80 57.68
C GLU G 190 -40.60 46.15 59.09
N LYS G 191 -41.07 45.19 59.88
CA LYS G 191 -41.19 45.41 61.32
C LYS G 191 -39.84 45.28 62.03
N HIS G 192 -39.28 44.08 62.05
CA HIS G 192 -38.10 43.82 62.87
C HIS G 192 -36.83 44.32 62.21
N LYS G 193 -35.79 44.49 63.02
CA LYS G 193 -34.58 45.20 62.63
C LYS G 193 -33.33 44.36 62.82
N VAL G 194 -33.30 43.49 63.82
CA VAL G 194 -32.14 42.65 64.10
C VAL G 194 -32.39 41.25 63.57
N TYR G 195 -31.44 40.76 62.78
CA TYR G 195 -31.44 39.39 62.24
C TYR G 195 -30.11 38.72 62.58
N ALA G 196 -30.17 37.49 63.05
CA ALA G 196 -28.95 36.76 63.37
C ALA G 196 -29.15 35.27 63.09
N CYS G 197 -28.05 34.60 62.77
CA CYS G 197 -27.96 33.14 62.83
C CYS G 197 -26.78 32.75 63.69
N GLU G 198 -27.00 31.79 64.59
CA GLU G 198 -25.99 31.31 65.52
C GLU G 198 -25.60 29.89 65.13
N VAL G 199 -24.33 29.71 64.81
CA VAL G 199 -23.85 28.50 64.12
C VAL G 199 -23.13 27.63 65.13
N THR G 200 -23.43 26.34 65.11
CA THR G 200 -22.83 25.35 66.00
C THR G 200 -22.19 24.26 65.17
N HIS G 201 -21.06 23.75 65.64
CA HIS G 201 -20.39 22.63 65.00
C HIS G 201 -19.44 21.99 65.98
N GLN G 202 -19.37 20.65 65.94
CA GLN G 202 -18.70 19.89 66.99
C GLN G 202 -17.27 20.36 67.23
N GLY G 203 -16.55 20.69 66.17
CA GLY G 203 -15.33 21.46 66.32
C GLY G 203 -15.55 22.94 66.12
N LEU G 204 -15.62 23.69 67.22
CA LEU G 204 -15.64 25.14 67.15
C LEU G 204 -15.19 25.70 68.49
N SER G 205 -14.80 26.97 68.48
CA SER G 205 -14.50 27.67 69.73
C SER G 205 -15.75 27.88 70.57
N SER G 206 -16.90 28.04 69.93
CA SER G 206 -18.06 28.69 70.52
C SER G 206 -19.21 28.62 69.52
N PRO G 207 -20.44 28.97 69.90
CA PRO G 207 -21.38 29.50 68.91
C PRO G 207 -20.77 30.68 68.16
N VAL G 208 -20.74 30.59 66.83
CA VAL G 208 -20.24 31.68 65.99
C VAL G 208 -21.44 32.54 65.63
N THR G 209 -21.61 33.62 66.38
CA THR G 209 -22.69 34.57 66.18
C THR G 209 -22.38 35.48 65.00
N LYS G 210 -23.18 35.38 63.95
CA LYS G 210 -23.13 36.31 62.83
C LYS G 210 -24.50 36.96 62.68
N SER G 211 -24.50 38.26 62.39
CA SER G 211 -25.73 39.03 62.33
C SER G 211 -25.68 40.01 61.17
N PHE G 212 -26.84 40.58 60.86
CA PHE G 212 -26.93 41.84 60.14
C PHE G 212 -28.14 42.57 60.68
N ASN G 213 -28.22 43.87 60.42
CA ASN G 213 -29.25 44.72 60.99
C ASN G 213 -29.89 45.59 59.91
N ARG G 214 -31.21 45.71 59.97
CA ARG G 214 -31.97 46.46 58.97
C ARG G 214 -31.76 47.95 59.16
N GLY G 215 -30.71 48.50 58.57
CA GLY G 215 -30.39 49.91 58.70
C GLY G 215 -29.58 50.23 59.95
N VAL H 2 -18.38 9.40 20.59
CA VAL H 2 -19.62 8.65 20.44
C VAL H 2 -20.40 8.63 21.74
N GLN H 3 -21.62 9.17 21.72
CA GLN H 3 -22.34 9.39 22.96
C GLN H 3 -23.84 9.33 22.70
N LEU H 4 -24.57 9.06 23.77
CA LEU H 4 -26.02 8.86 23.75
C LEU H 4 -26.71 10.08 24.37
N VAL H 5 -27.82 10.51 23.77
CA VAL H 5 -28.66 11.55 24.36
C VAL H 5 -30.11 11.09 24.40
N GLU H 6 -30.70 11.12 25.58
CA GLU H 6 -32.13 10.92 25.77
C GLU H 6 -32.91 12.17 25.34
N SER H 7 -34.20 11.98 25.11
CA SER H 7 -35.14 13.11 25.02
C SER H 7 -36.49 12.70 25.56
N GLY H 8 -37.16 13.63 26.24
CA GLY H 8 -38.41 13.34 26.89
C GLY H 8 -39.11 14.56 27.47
N PRO H 9 -40.33 14.37 27.96
CA PRO H 9 -41.22 15.51 28.23
C PRO H 9 -41.01 16.19 29.58
N GLY H 10 -40.27 15.59 30.51
CA GLY H 10 -40.11 16.18 31.84
C GLY H 10 -41.28 16.06 32.80
N CYS H 11 -42.48 16.46 32.37
CA CYS H 11 -43.65 16.49 33.22
C CYS H 11 -44.79 15.88 32.41
N VAL H 12 -45.60 15.02 33.04
CA VAL H 12 -46.63 14.26 32.33
C VAL H 12 -47.84 14.10 33.23
N LYS H 13 -49.05 13.94 32.60
CA LYS H 13 -50.28 13.77 33.34
C LYS H 13 -50.69 12.31 33.39
N PRO H 14 -51.28 11.90 34.52
CA PRO H 14 -51.71 10.51 34.69
C PRO H 14 -52.56 9.99 33.53
N SER H 15 -52.37 8.70 33.21
CA SER H 15 -52.96 7.99 32.08
C SER H 15 -52.44 8.38 30.70
N GLU H 16 -51.59 9.38 30.58
CA GLU H 16 -50.88 9.56 29.32
C GLU H 16 -49.99 8.35 29.03
N THR H 17 -49.40 8.35 27.83
CA THR H 17 -48.33 7.44 27.47
C THR H 17 -47.01 8.20 27.33
N LEU H 18 -46.02 7.79 28.11
CA LEU H 18 -44.68 8.35 28.03
C LEU H 18 -43.98 7.88 26.77
N SER H 19 -43.41 8.82 26.01
CA SER H 19 -42.50 8.51 24.92
C SER H 19 -41.12 9.05 25.22
N LEU H 20 -40.11 8.18 25.13
CA LEU H 20 -38.72 8.58 25.19
C LEU H 20 -38.01 8.17 23.90
N THR H 21 -37.00 8.93 23.50
CA THR H 21 -36.10 8.51 22.43
C THR H 21 -34.65 8.54 22.92
N CYS H 22 -33.84 7.64 22.36
CA CYS H 22 -32.39 7.66 22.54
C CYS H 22 -31.77 7.87 21.17
N THR H 23 -30.92 8.88 21.04
CA THR H 23 -30.29 9.21 19.77
C THR H 23 -28.80 8.95 19.84
N VAL H 24 -28.25 8.38 18.76
CA VAL H 24 -26.82 8.13 18.63
C VAL H 24 -26.24 9.26 17.79
N SER H 25 -25.14 9.85 18.27
CA SER H 25 -24.70 11.17 17.81
C SER H 25 -23.81 11.16 16.58
N ARG H 26 -22.79 10.29 16.55
CA ARG H 26 -22.02 10.05 15.34
C ARG H 26 -21.64 8.58 15.24
N PHE H 27 -21.55 8.09 14.00
CA PHE H 27 -21.55 6.67 13.67
C PHE H 27 -22.85 6.01 14.10
N SER H 28 -22.91 4.68 14.05
CA SER H 28 -24.18 4.03 14.23
C SER H 28 -24.04 2.71 14.98
N LEU H 29 -25.11 2.37 15.68
CA LEU H 29 -25.23 1.18 16.53
C LEU H 29 -25.72 -0.04 15.76
N ILE H 30 -25.33 -0.17 14.48
CA ILE H 30 -25.81 -1.26 13.63
C ILE H 30 -25.62 -2.62 14.32
N GLY H 31 -24.42 -2.87 14.83
CA GLY H 31 -24.18 -4.10 15.53
C GLY H 31 -24.37 -4.09 17.03
N TYR H 32 -25.19 -3.18 17.56
CA TYR H 32 -25.20 -2.96 19.00
C TYR H 32 -26.61 -3.07 19.58
N ALA H 33 -26.65 -3.33 20.88
CA ALA H 33 -27.88 -3.37 21.67
C ALA H 33 -28.08 -2.07 22.45
N ILE H 34 -29.34 -1.77 22.75
CA ILE H 34 -29.73 -0.72 23.69
C ILE H 34 -30.62 -1.30 24.78
N THR H 35 -30.36 -0.93 26.03
CA THR H 35 -31.24 -1.21 27.16
C THR H 35 -31.71 0.08 27.82
N TRP H 36 -32.89 0.00 28.44
CA TRP H 36 -33.49 1.08 29.21
C TRP H 36 -33.50 0.77 30.70
N ILE H 37 -32.98 1.70 31.50
CA ILE H 37 -32.82 1.58 32.94
C ILE H 37 -33.60 2.69 33.63
N ARG H 38 -34.15 2.37 34.80
CA ARG H 38 -34.98 3.29 35.56
C ARG H 38 -34.43 3.41 36.99
N GLN H 39 -34.52 4.62 37.56
CA GLN H 39 -34.10 4.87 38.94
C GLN H 39 -35.11 5.75 39.66
N PRO H 40 -36.09 5.15 40.35
CA PRO H 40 -37.01 5.96 41.13
C PRO H 40 -36.29 6.66 42.26
N PRO H 41 -36.78 7.84 42.70
CA PRO H 41 -36.15 8.56 43.82
C PRO H 41 -35.99 7.73 45.09
N GLY H 42 -34.74 7.63 45.56
CA GLY H 42 -34.40 6.88 46.76
C GLY H 42 -34.27 5.38 46.59
N LYS H 43 -34.67 4.82 45.45
CA LYS H 43 -34.40 3.43 45.14
C LYS H 43 -33.00 3.27 44.53
N GLY H 44 -32.59 2.02 44.32
CA GLY H 44 -31.57 1.70 43.34
C GLY H 44 -32.02 1.64 41.89
N LEU H 45 -31.19 0.98 41.08
CA LEU H 45 -31.45 0.79 39.66
C LEU H 45 -32.38 -0.39 39.40
N GLU H 46 -33.36 -0.19 38.52
CA GLU H 46 -34.22 -1.26 38.03
C GLU H 46 -34.20 -1.29 36.51
N TRP H 47 -34.24 -2.50 35.95
CA TRP H 47 -34.16 -2.70 34.51
C TRP H 47 -35.54 -2.78 33.88
N ILE H 48 -35.72 -2.07 32.77
CA ILE H 48 -36.97 -2.10 32.01
C ILE H 48 -36.91 -3.16 30.92
N GLY H 49 -35.92 -3.06 30.05
CA GLY H 49 -35.89 -3.89 28.85
C GLY H 49 -34.81 -3.43 27.90
N GLY H 50 -34.72 -4.15 26.78
CA GLY H 50 -33.76 -3.80 25.76
C GLY H 50 -34.04 -4.47 24.43
N ILE H 51 -33.27 -4.05 23.43
CA ILE H 51 -33.34 -4.61 22.09
C ILE H 51 -31.94 -5.07 21.67
N SER H 52 -31.84 -6.29 21.14
CA SER H 52 -30.56 -6.83 20.70
C SER H 52 -30.17 -6.33 19.32
N SER H 53 -28.90 -6.56 19.00
CA SER H 53 -28.35 -6.35 17.66
C SER H 53 -29.16 -7.03 16.56
N ALA H 54 -29.85 -8.12 16.88
CA ALA H 54 -30.70 -8.85 15.94
C ALA H 54 -32.11 -8.26 15.82
N ALA H 55 -32.43 -7.21 16.56
CA ALA H 55 -33.76 -6.62 16.74
C ALA H 55 -34.73 -7.49 17.52
N THR H 56 -34.27 -8.52 18.22
CA THR H 56 -35.09 -9.18 19.22
C THR H 56 -35.29 -8.27 20.43
N THR H 57 -36.47 -8.32 21.03
CA THR H 57 -36.77 -7.51 22.20
C THR H 57 -37.03 -8.36 23.44
N PHE H 58 -36.63 -7.83 24.59
CA PHE H 58 -36.73 -8.50 25.88
C PHE H 58 -37.28 -7.52 26.90
N TYR H 59 -38.19 -7.98 27.75
CA TYR H 59 -38.82 -7.13 28.74
C TYR H 59 -38.75 -7.79 30.11
N SER H 60 -38.66 -6.96 31.14
CA SER H 60 -38.62 -7.44 32.52
C SER H 60 -39.93 -8.13 32.91
N SER H 61 -39.95 -8.62 34.15
CA SER H 61 -41.09 -9.30 34.73
C SER H 61 -42.33 -8.41 34.85
N TRP H 62 -42.15 -7.12 35.09
CA TRP H 62 -43.27 -6.17 35.15
C TRP H 62 -43.51 -5.43 33.84
N ALA H 63 -42.48 -5.21 33.04
CA ALA H 63 -42.59 -4.33 31.88
C ALA H 63 -43.42 -4.91 30.74
N LYS H 64 -43.44 -6.25 30.57
CA LYS H 64 -44.20 -6.87 29.48
C LYS H 64 -45.66 -6.44 29.42
N SER H 65 -46.22 -6.04 30.55
CA SER H 65 -47.61 -5.58 30.57
C SER H 65 -47.81 -4.29 29.77
N ARG H 66 -46.80 -3.42 29.70
CA ARG H 66 -47.05 -2.02 29.37
C ARG H 66 -46.01 -1.35 28.48
N VAL H 67 -44.91 -2.00 28.12
CA VAL H 67 -43.77 -1.34 27.50
C VAL H 67 -43.59 -1.84 26.07
N THR H 68 -43.19 -0.94 25.17
CA THR H 68 -42.77 -1.29 23.82
C THR H 68 -41.46 -0.56 23.50
N ILE H 69 -40.50 -1.30 22.94
CA ILE H 69 -39.20 -0.77 22.52
C ILE H 69 -39.03 -0.99 21.02
N SER H 70 -38.37 -0.05 20.36
CA SER H 70 -38.30 -0.07 18.90
C SER H 70 -37.06 0.69 18.44
N VAL H 71 -36.72 0.49 17.17
CA VAL H 71 -35.53 1.08 16.55
C VAL H 71 -35.92 1.65 15.19
N ASP H 72 -35.29 2.77 14.82
CA ASP H 72 -35.48 3.40 13.51
C ASP H 72 -34.11 3.85 13.02
N THR H 73 -33.54 3.10 12.07
CA THR H 73 -32.24 3.43 11.51
C THR H 73 -32.27 4.72 10.68
N SER H 74 -33.42 5.08 10.13
CA SER H 74 -33.52 6.29 9.32
C SER H 74 -33.29 7.55 10.14
N LYS H 75 -33.38 7.47 11.46
CA LYS H 75 -33.19 8.60 12.34
C LYS H 75 -32.04 8.38 13.30
N ASN H 76 -31.42 7.19 13.29
CA ASN H 76 -30.44 6.77 14.28
C ASN H 76 -31.02 6.78 15.70
N GLN H 77 -32.28 6.39 15.83
CA GLN H 77 -33.02 6.57 17.08
C GLN H 77 -33.50 5.24 17.64
N PHE H 78 -33.58 5.18 18.96
CA PHE H 78 -34.24 4.12 19.70
C PHE H 78 -35.36 4.75 20.52
N SER H 79 -36.46 4.03 20.68
CA SER H 79 -37.62 4.59 21.36
C SER H 79 -38.18 3.65 22.41
N LEU H 80 -38.77 4.25 23.44
CA LEU H 80 -39.45 3.57 24.52
C LEU H 80 -40.85 4.16 24.65
N LYS H 81 -41.86 3.31 24.80
CA LYS H 81 -43.19 3.76 25.18
C LYS H 81 -43.71 3.01 26.39
N LEU H 82 -44.21 3.75 27.39
CA LEU H 82 -44.83 3.17 28.57
C LEU H 82 -46.27 3.68 28.66
N SER H 83 -47.23 2.78 28.59
CA SER H 83 -48.65 3.14 28.62
C SER H 83 -49.18 3.26 30.06
N SER H 84 -50.25 4.04 30.18
CA SER H 84 -51.10 4.12 31.38
C SER H 84 -50.30 4.43 32.65
N VAL H 85 -49.59 5.54 32.61
CA VAL H 85 -48.60 5.85 33.64
C VAL H 85 -49.28 6.15 34.97
N THR H 86 -48.72 5.62 36.04
CA THR H 86 -49.08 6.01 37.40
C THR H 86 -48.03 6.96 37.95
N ALA H 87 -48.37 7.59 39.08
CA ALA H 87 -47.41 8.43 39.78
C ALA H 87 -46.13 7.68 40.14
N ALA H 88 -46.24 6.39 40.45
CA ALA H 88 -45.09 5.54 40.76
C ALA H 88 -44.15 5.31 39.59
N ASP H 89 -44.49 5.78 38.40
CA ASP H 89 -43.57 5.82 37.25
C ASP H 89 -42.64 7.03 37.24
N THR H 90 -42.67 7.88 38.26
CA THR H 90 -41.73 8.99 38.37
C THR H 90 -40.30 8.51 38.65
N ALA H 91 -39.36 8.82 37.75
CA ALA H 91 -37.99 8.34 37.85
C ALA H 91 -37.11 9.10 36.87
N VAL H 92 -35.80 8.97 37.06
CA VAL H 92 -34.81 9.18 36.00
C VAL H 92 -34.71 7.94 35.11
N TYR H 93 -34.70 8.17 33.79
CA TYR H 93 -34.61 7.11 32.78
C TYR H 93 -33.34 7.26 31.97
N TYR H 94 -32.61 6.15 31.79
CA TYR H 94 -31.37 6.13 31.00
C TYR H 94 -31.45 5.11 29.86
N CYS H 95 -30.78 5.45 28.76
CA CYS H 95 -30.42 4.47 27.73
C CYS H 95 -28.93 4.13 27.81
N ALA H 96 -28.60 2.85 27.63
CA ALA H 96 -27.22 2.38 27.67
C ALA H 96 -26.97 1.32 26.59
N ARG H 97 -25.72 1.21 26.18
CA ARG H 97 -25.29 0.26 25.15
C ARG H 97 -24.56 -0.92 25.77
N ASP H 98 -24.90 -2.13 25.34
CA ASP H 98 -24.03 -3.30 25.48
C ASP H 98 -23.18 -3.49 24.23
N PRO H 99 -21.84 -3.48 24.33
CA PRO H 99 -20.99 -3.67 23.16
C PRO H 99 -20.97 -5.07 22.56
N ARG H 100 -21.50 -6.08 23.24
CA ARG H 100 -21.58 -7.43 22.69
C ARG H 100 -22.84 -7.66 21.86
N GLY H 101 -23.82 -6.77 21.95
CA GLY H 101 -25.05 -6.87 21.20
C GLY H 101 -26.13 -7.70 21.86
N TYR H 102 -25.95 -8.10 23.11
CA TYR H 102 -26.95 -8.89 23.81
C TYR H 102 -28.12 -8.00 24.23
N GLY H 103 -29.33 -8.51 24.02
CA GLY H 103 -30.51 -7.74 24.35
C GLY H 103 -31.02 -7.86 25.77
N ALA H 104 -30.47 -8.77 26.56
CA ALA H 104 -30.92 -8.99 27.93
C ALA H 104 -29.71 -9.18 28.85
N ALA H 105 -28.86 -8.16 28.94
CA ALA H 105 -27.66 -8.25 29.75
C ALA H 105 -27.40 -6.93 30.45
N LEU H 106 -26.91 -7.02 31.68
CA LEU H 106 -26.63 -5.84 32.50
C LEU H 106 -25.19 -5.81 33.01
N ASP H 107 -24.39 -6.84 32.74
CA ASP H 107 -23.05 -6.96 33.30
C ASP H 107 -22.00 -6.12 32.59
N ARG H 108 -22.28 -5.60 31.39
CA ARG H 108 -21.27 -4.89 30.63
C ARG H 108 -21.87 -3.70 29.88
N LEU H 109 -22.58 -2.84 30.61
CA LEU H 109 -23.11 -1.61 30.03
C LEU H 109 -22.03 -0.54 30.01
N ASP H 110 -21.36 -0.41 28.86
CA ASP H 110 -20.13 0.36 28.75
C ASP H 110 -20.37 1.84 28.50
N LEU H 111 -21.46 2.21 27.82
CA LEU H 111 -21.73 3.60 27.47
C LEU H 111 -23.15 3.97 27.87
N TRP H 112 -23.30 5.11 28.53
CA TRP H 112 -24.59 5.59 29.05
C TRP H 112 -24.89 6.98 28.52
N GLY H 113 -26.17 7.30 28.39
CA GLY H 113 -26.60 8.68 28.29
C GLY H 113 -26.52 9.42 29.61
N GLN H 114 -26.81 10.74 29.55
CA GLN H 114 -26.85 11.51 30.79
C GLN H 114 -28.15 11.33 31.56
N GLY H 115 -29.22 10.93 30.92
CA GLY H 115 -30.50 10.68 31.57
C GLY H 115 -31.49 11.80 31.42
N THR H 116 -32.78 11.45 31.41
CA THR H 116 -33.87 12.40 31.51
C THR H 116 -34.78 12.04 32.69
N CYS H 117 -35.32 13.07 33.33
CA CYS H 117 -36.16 12.91 34.50
C CYS H 117 -37.61 13.16 34.12
N VAL H 118 -38.49 12.24 34.50
CA VAL H 118 -39.91 12.33 34.17
C VAL H 118 -40.74 12.38 35.44
N THR H 119 -41.54 13.42 35.58
CA THR H 119 -42.43 13.62 36.73
C THR H 119 -43.87 13.45 36.26
N VAL H 120 -44.63 12.59 36.93
CA VAL H 120 -46.04 12.40 36.64
C VAL H 120 -46.87 13.09 37.71
N SER H 121 -47.67 14.08 37.31
CA SER H 121 -48.45 14.83 38.29
C SER H 121 -49.63 15.48 37.60
N SER H 122 -50.64 15.82 38.41
CA SER H 122 -51.81 16.56 37.94
C SER H 122 -51.54 18.05 37.78
N PHE H 123 -50.54 18.58 38.45
CA PHE H 123 -50.31 20.02 38.60
C PHE H 123 -50.07 20.76 37.28
N SER H 125 -49.93 22.07 37.37
CA SER H 125 -49.34 22.90 36.33
C SER H 125 -47.92 23.31 36.69
N THR H 126 -47.04 23.29 35.68
CA THR H 126 -45.72 23.91 35.82
C THR H 126 -45.84 25.42 35.99
N LYS H 127 -44.93 25.98 36.79
CA LYS H 127 -44.72 27.42 36.89
C LYS H 127 -43.22 27.71 36.96
N GLY H 128 -42.77 28.70 36.19
CA GLY H 128 -41.40 29.14 36.20
C GLY H 128 -40.99 29.96 37.41
N PRO H 129 -39.68 30.12 37.61
CA PRO H 129 -39.16 30.72 38.84
C PRO H 129 -38.96 32.23 38.77
N SER H 130 -38.90 32.83 39.96
CA SER H 130 -38.21 34.09 40.23
C SER H 130 -36.76 33.86 40.65
N VAL H 131 -35.98 34.94 40.67
CA VAL H 131 -34.55 34.85 40.96
C VAL H 131 -34.07 35.99 41.87
N CYS H 132 -33.93 35.70 43.17
CA CYS H 132 -33.29 36.65 44.09
C CYS H 132 -31.79 36.71 43.87
N PRO H 133 -31.22 37.90 43.72
CA PRO H 133 -29.78 38.06 43.91
C PRO H 133 -29.38 37.91 45.36
N LEU H 134 -28.08 37.72 45.59
CA LEU H 134 -27.55 37.47 46.93
C LEU H 134 -26.26 38.26 47.14
N ALA H 135 -26.42 39.55 47.46
CA ALA H 135 -25.31 40.48 47.42
C ALA H 135 -24.46 40.35 48.69
N PRO H 136 -23.14 40.59 48.60
CA PRO H 136 -22.20 40.41 49.71
C PRO H 136 -22.63 41.05 51.02
N CYS H 147 -18.21 35.44 49.18
CA CYS H 147 -19.52 34.82 49.11
C CYS H 147 -20.58 35.77 48.55
N LEU H 148 -21.20 35.32 47.46
CA LEU H 148 -22.39 35.93 46.87
C LEU H 148 -23.09 34.84 46.06
N GLY H 149 -24.29 35.14 45.58
CA GLY H 149 -25.04 34.07 44.96
C GLY H 149 -26.26 34.53 44.19
N CYS H 150 -27.04 33.53 43.77
CA CYS H 150 -28.22 33.70 42.92
C CYS H 150 -29.22 32.64 43.36
N LEU H 151 -30.37 33.06 43.87
CA LEU H 151 -31.34 32.15 44.49
C LEU H 151 -32.62 32.05 43.66
N VAL H 152 -32.94 30.83 43.23
CA VAL H 152 -34.02 30.52 42.30
C VAL H 152 -35.18 29.87 43.05
N LYS H 153 -36.40 30.33 42.80
CA LYS H 153 -37.48 30.20 43.77
C LYS H 153 -38.81 29.94 43.07
N ASP H 154 -39.73 29.32 43.82
CA ASP H 154 -41.15 29.10 43.47
C ASP H 154 -41.40 28.37 42.16
N TYR H 155 -40.50 27.48 41.73
CA TYR H 155 -40.79 26.70 40.53
C TYR H 155 -41.43 25.36 40.86
N PHE H 156 -42.03 24.73 39.85
CA PHE H 156 -42.61 23.39 39.98
C PHE H 156 -42.24 22.51 38.80
N CYS H 157 -42.38 21.20 39.00
CA CYS H 157 -41.75 20.14 38.23
C CYS H 157 -40.23 20.34 38.31
N GLU H 158 -39.74 19.98 39.51
CA GLU H 158 -38.42 20.37 39.99
C GLU H 158 -37.30 19.85 39.10
N CYS H 159 -37.45 18.65 38.57
CA CYS H 159 -36.29 17.83 38.25
C CYS H 159 -35.45 18.29 37.07
N PRO H 160 -36.02 18.93 36.04
CA PRO H 160 -35.20 19.44 34.93
C PRO H 160 -34.62 20.85 35.11
N VAL H 161 -34.74 21.49 36.27
CA VAL H 161 -34.24 22.85 36.41
C VAL H 161 -32.72 22.86 36.40
N THR H 162 -32.14 23.92 35.81
CA THR H 162 -30.68 24.08 35.74
C THR H 162 -30.33 25.55 35.85
N VAL H 163 -29.15 25.82 36.39
CA VAL H 163 -28.62 27.17 36.58
C VAL H 163 -27.15 27.21 36.18
N SER H 164 -26.71 28.36 35.66
CA SER H 164 -25.36 28.53 35.15
C SER H 164 -24.94 29.98 35.32
N TRP H 165 -23.64 30.25 35.15
CA TRP H 165 -23.07 31.55 35.47
C TRP H 165 -22.14 32.07 34.37
N ASN H 166 -22.17 33.39 34.17
CA ASN H 166 -21.51 34.07 33.05
C ASN H 166 -21.73 33.35 31.72
N SER H 167 -22.96 32.91 31.49
CA SER H 167 -23.34 32.11 30.32
C SER H 167 -22.46 30.86 30.18
N GLY H 168 -22.09 30.28 31.33
CA GLY H 168 -21.24 29.11 31.35
C GLY H 168 -19.75 29.38 31.49
N ALA H 169 -19.29 30.60 31.25
CA ALA H 169 -17.86 30.87 31.35
C ALA H 169 -17.36 30.94 32.80
N LEU H 170 -18.23 31.14 33.78
CA LEU H 170 -17.86 31.07 35.19
C LEU H 170 -18.00 29.63 35.68
N THR H 171 -17.09 28.80 35.19
CA THR H 171 -17.00 27.37 35.47
C THR H 171 -16.66 27.03 36.92
N SER H 172 -16.43 28.00 37.80
CA SER H 172 -15.58 27.80 38.98
C SER H 172 -16.26 28.35 40.22
N GLY H 173 -16.07 27.66 41.35
CA GLY H 173 -16.61 28.08 42.63
C GLY H 173 -18.11 27.94 42.81
N VAL H 174 -18.86 27.64 41.75
CA VAL H 174 -20.30 27.48 41.87
C VAL H 174 -20.66 26.19 42.60
N HIS H 175 -20.93 26.32 43.90
CA HIS H 175 -21.75 25.35 44.60
C HIS H 175 -23.21 25.51 44.23
N THR H 176 -23.97 24.41 44.31
CA THR H 176 -25.40 24.45 44.06
C THR H 176 -26.04 23.35 44.91
N PHE H 177 -27.28 23.58 45.32
CA PHE H 177 -27.87 22.83 46.42
C PHE H 177 -29.07 22.00 45.96
N PRO H 178 -29.33 20.89 46.64
CA PRO H 178 -30.59 20.17 46.41
C PRO H 178 -31.81 21.06 46.64
N ALA H 179 -32.80 20.91 45.78
CA ALA H 179 -34.06 21.63 45.93
C ALA H 179 -34.75 21.23 47.23
N VAL H 180 -35.62 22.13 47.71
CA VAL H 180 -36.44 21.89 48.88
C VAL H 180 -37.89 22.18 48.53
N LEU H 181 -38.80 21.39 49.12
CA LEU H 181 -40.23 21.62 48.97
C LEU H 181 -40.65 22.81 49.81
N GLN H 182 -40.99 23.92 49.15
CA GLN H 182 -41.68 25.00 49.82
C GLN H 182 -43.01 24.51 50.39
N SER H 183 -43.44 25.12 51.49
CA SER H 183 -44.73 24.77 52.08
C SER H 183 -45.88 24.94 51.09
N SER H 184 -45.69 25.74 50.05
CA SER H 184 -46.65 25.87 48.96
C SER H 184 -46.66 24.67 48.03
N GLY H 185 -45.83 23.67 48.26
CA GLY H 185 -45.68 22.57 47.31
C GLY H 185 -44.87 22.92 46.08
N LEU H 186 -44.16 24.05 46.09
CA LEU H 186 -43.24 24.43 45.03
C LEU H 186 -41.81 24.20 45.52
N TYR H 187 -40.84 24.51 44.66
CA TYR H 187 -39.45 24.21 44.94
C TYR H 187 -38.61 25.48 44.85
N SER H 188 -37.55 25.52 45.66
CA SER H 188 -36.57 26.60 45.66
C SER H 188 -35.17 26.05 45.82
N LEU H 189 -34.20 26.76 45.26
CA LEU H 189 -32.82 26.30 45.20
C LEU H 189 -31.91 27.52 45.22
N SER H 190 -30.69 27.34 45.71
CA SER H 190 -29.73 28.44 45.82
C SER H 190 -28.43 28.08 45.11
N SER H 191 -27.84 29.07 44.45
CA SER H 191 -26.55 28.95 43.78
C SER H 191 -25.62 30.04 44.27
N VAL H 192 -24.40 29.65 44.65
CA VAL H 192 -23.50 30.50 45.43
C VAL H 192 -22.09 30.37 44.88
N VAL H 193 -21.39 31.51 44.76
CA VAL H 193 -19.96 31.53 44.45
C VAL H 193 -19.26 32.44 45.44
N THR H 194 -18.14 31.97 45.98
CA THR H 194 -17.26 32.79 46.80
C THR H 194 -16.40 33.70 45.94
N VAL H 195 -16.24 34.94 46.37
CA VAL H 195 -15.55 35.96 45.59
C VAL H 195 -14.58 36.76 46.46
N PRO H 196 -13.38 37.07 45.98
CA PRO H 196 -12.50 37.98 46.71
C PRO H 196 -12.95 39.44 46.59
N SER H 197 -12.78 40.18 47.69
CA SER H 197 -13.35 41.52 47.78
C SER H 197 -12.84 42.45 46.69
N SER H 198 -11.62 42.22 46.18
CA SER H 198 -11.13 42.99 45.04
C SER H 198 -11.92 42.70 43.78
N SER H 199 -12.51 41.51 43.67
CA SER H 199 -13.24 41.10 42.48
C SER H 199 -14.63 41.71 42.39
N LEU H 200 -15.09 42.38 43.45
CA LEU H 200 -16.39 43.05 43.43
C LEU H 200 -16.38 44.20 42.43
N GLY H 201 -17.39 44.22 41.55
CA GLY H 201 -17.33 45.04 40.35
C GLY H 201 -16.32 44.58 39.31
N THR H 202 -15.10 44.26 39.78
CA THR H 202 -14.00 43.89 38.89
C THR H 202 -14.27 42.59 38.11
N GLN H 203 -15.24 41.77 38.55
CA GLN H 203 -15.66 40.61 37.78
C GLN H 203 -17.18 40.62 37.59
N THR H 204 -17.62 40.05 36.44
CA THR H 204 -18.99 40.24 35.98
C THR H 204 -20.03 39.49 36.81
N TYR H 205 -19.73 38.28 37.24
CA TYR H 205 -20.64 37.46 38.05
C TYR H 205 -22.11 37.55 37.60
N ILE H 206 -22.33 37.17 36.34
CA ILE H 206 -23.66 37.04 35.75
C ILE H 206 -24.24 35.66 36.12
N CYS H 207 -25.54 35.63 36.37
CA CYS H 207 -26.29 34.40 36.64
C CYS H 207 -27.26 34.09 35.49
N ASN H 208 -27.29 32.84 35.05
CA ASN H 208 -28.09 32.39 33.92
C ASN H 208 -28.94 31.20 34.35
N VAL H 209 -30.26 31.33 34.20
CA VAL H 209 -31.22 30.34 34.67
C VAL H 209 -32.11 29.94 33.51
N ASN H 210 -32.54 28.68 33.49
CA ASN H 210 -33.65 28.32 32.62
C ASN H 210 -34.44 27.17 33.23
N HIS H 211 -35.72 27.11 32.90
CA HIS H 211 -36.59 26.00 33.27
C HIS H 211 -37.34 25.56 32.02
N LYS H 212 -36.97 24.43 31.46
CA LYS H 212 -37.35 24.14 30.08
C LYS H 212 -38.84 23.80 29.95
N PRO H 213 -39.42 22.99 30.85
CA PRO H 213 -40.88 22.79 30.79
C PRO H 213 -41.70 24.06 30.95
N SER H 214 -41.36 24.94 31.90
CA SER H 214 -42.00 26.23 31.98
C SER H 214 -41.49 27.24 30.95
N ASN H 215 -40.78 26.80 29.93
CA ASN H 215 -40.31 27.62 28.81
C ASN H 215 -39.51 28.84 29.24
N THR H 216 -39.00 28.85 30.47
CA THR H 216 -38.55 30.08 31.12
C THR H 216 -37.03 30.18 31.02
N LYS H 217 -36.54 31.35 30.60
CA LYS H 217 -35.14 31.71 30.78
C LYS H 217 -35.09 33.12 31.38
N VAL H 218 -34.17 33.33 32.34
CA VAL H 218 -33.94 34.64 32.95
C VAL H 218 -32.46 34.84 33.24
N ASP H 219 -32.09 36.11 33.44
CA ASP H 219 -30.71 36.51 33.70
C ASP H 219 -30.71 37.66 34.69
N LYS H 220 -29.58 37.82 35.39
CA LYS H 220 -29.44 38.86 36.40
C LYS H 220 -27.96 39.15 36.62
N LYS H 221 -27.68 40.24 37.34
CA LYS H 221 -26.36 40.53 37.86
C LYS H 221 -26.39 40.58 39.39
N VAL H 222 -25.28 40.20 40.01
CA VAL H 222 -25.03 40.43 41.43
C VAL H 222 -24.01 41.54 41.57
N GLU H 223 -24.27 42.48 42.48
CA GLU H 223 -23.28 43.47 42.88
C GLU H 223 -23.70 44.01 44.24
N PRO H 224 -22.77 44.53 45.04
CA PRO H 224 -23.19 45.23 46.26
C PRO H 224 -24.15 46.39 45.99
N GLN I 3 -26.99 4.38 -46.65
CA GLN I 3 -26.63 3.37 -47.64
C GLN I 3 -25.33 3.76 -48.34
N MET I 4 -24.63 2.77 -48.88
CA MET I 4 -23.25 2.96 -49.32
C MET I 4 -23.02 2.16 -50.60
N THR I 5 -22.02 2.61 -51.36
CA THR I 5 -21.46 1.82 -52.46
C THR I 5 -19.94 1.80 -52.33
N GLN I 6 -19.36 0.62 -52.48
CA GLN I 6 -17.94 0.40 -52.28
C GLN I 6 -17.33 0.05 -53.64
N SER I 7 -16.12 0.55 -53.90
CA SER I 7 -15.48 0.38 -55.21
C SER I 7 -13.97 0.33 -55.12
N PRO I 8 -13.31 -0.50 -55.93
CA PRO I 8 -13.85 -1.47 -56.90
C PRO I 8 -14.35 -2.76 -56.27
N SER I 9 -15.12 -3.56 -57.03
CA SER I 9 -15.54 -4.87 -56.54
C SER I 9 -14.40 -5.86 -56.43
N SER I 10 -13.38 -5.77 -57.28
CA SER I 10 -12.22 -6.62 -57.14
C SER I 10 -10.98 -5.95 -57.71
N LEU I 11 -9.82 -6.39 -57.21
CA LEU I 11 -8.54 -5.99 -57.77
C LEU I 11 -7.56 -7.15 -57.62
N SER I 12 -6.54 -7.14 -58.47
CA SER I 12 -5.41 -8.07 -58.33
C SER I 12 -4.12 -7.34 -58.64
N ALA I 13 -3.10 -7.61 -57.84
CA ALA I 13 -1.90 -6.78 -57.83
C ALA I 13 -0.71 -7.63 -57.41
N SER I 14 0.49 -7.09 -57.63
CA SER I 14 1.71 -7.78 -57.32
C SER I 14 1.86 -7.93 -55.80
N VAL I 15 2.70 -8.89 -55.39
CA VAL I 15 3.35 -8.76 -54.10
C VAL I 15 4.13 -7.46 -54.06
N GLY I 16 4.09 -6.78 -52.91
CA GLY I 16 4.76 -5.52 -52.73
C GLY I 16 4.01 -4.30 -53.22
N ASP I 17 2.90 -4.47 -53.91
CA ASP I 17 2.27 -3.39 -54.66
C ASP I 17 1.44 -2.49 -53.73
N ARG I 18 1.11 -1.32 -54.25
CA ARG I 18 0.50 -0.23 -53.49
C ARG I 18 -0.93 -0.09 -53.97
N VAL I 19 -1.91 -0.20 -53.07
CA VAL I 19 -3.31 -0.25 -53.46
C VAL I 19 -4.14 0.54 -52.47
N THR I 20 -5.34 0.92 -52.92
CA THR I 20 -6.30 1.61 -52.09
C THR I 20 -7.70 1.15 -52.45
N ILE I 21 -8.61 1.32 -51.50
CA ILE I 21 -10.01 0.95 -51.67
C ILE I 21 -10.85 2.15 -51.24
N THR I 22 -11.92 2.43 -51.97
CA THR I 22 -12.76 3.58 -51.71
C THR I 22 -14.17 3.14 -51.35
N CYS I 23 -14.80 3.91 -50.48
CA CYS I 23 -16.17 3.70 -50.05
C CYS I 23 -16.84 5.07 -49.97
N GLN I 24 -18.05 5.17 -50.51
CA GLN I 24 -18.75 6.45 -50.59
C GLN I 24 -20.21 6.25 -50.19
N SER I 25 -20.84 7.35 -49.78
CA SER I 25 -22.18 7.29 -49.21
C SER I 25 -22.95 8.55 -49.57
N ILE I 26 -24.28 8.44 -49.52
CA ILE I 26 -25.15 9.56 -49.83
C ILE I 26 -25.33 10.49 -48.63
N LYS I 27 -24.99 10.03 -47.43
CA LYS I 27 -24.93 10.87 -46.24
C LYS I 27 -23.53 10.80 -45.65
N SER I 28 -23.13 11.87 -44.97
CA SER I 28 -21.93 11.83 -44.14
C SER I 28 -22.15 11.01 -42.87
N VAL I 29 -21.07 10.36 -42.42
CA VAL I 29 -21.14 9.56 -41.20
C VAL I 29 -21.27 10.48 -39.98
N TYR I 30 -21.94 9.98 -38.96
CA TYR I 30 -22.45 10.82 -37.88
C TYR I 30 -21.33 11.53 -37.13
N ASN I 31 -20.40 10.77 -36.56
CA ASN I 31 -19.25 11.41 -35.92
C ASN I 31 -18.00 10.52 -36.01
N ASN I 32 -17.43 10.45 -37.20
CA ASN I 32 -16.30 9.59 -37.55
C ASN I 32 -16.59 8.10 -37.44
N ARG I 33 -17.85 7.70 -37.28
CA ARG I 33 -18.24 6.30 -37.20
C ARG I 33 -18.09 5.58 -38.54
N LEU I 34 -16.85 5.32 -38.97
CA LEU I 34 -16.59 4.40 -40.06
C LEU I 34 -15.43 3.46 -39.70
N GLY I 35 -15.57 2.18 -40.03
CA GLY I 35 -14.52 1.21 -39.81
C GLY I 35 -14.29 0.29 -41.00
N TRP I 36 -13.18 -0.45 -40.93
CA TRP I 36 -12.78 -1.40 -41.96
C TRP I 36 -12.54 -2.78 -41.37
N TYR I 37 -13.10 -3.81 -42.00
CA TYR I 37 -12.97 -5.19 -41.56
C TYR I 37 -12.30 -6.04 -42.63
N GLN I 38 -11.48 -6.99 -42.20
CA GLN I 38 -10.88 -8.02 -43.05
C GLN I 38 -11.50 -9.37 -42.76
N GLN I 39 -11.89 -10.09 -43.82
CA GLN I 39 -12.38 -11.46 -43.69
C GLN I 39 -11.58 -12.40 -44.58
N LYS I 40 -11.25 -13.57 -44.05
CA LYS I 40 -10.35 -14.53 -44.66
C LYS I 40 -11.06 -15.87 -44.86
N CYS I 41 -10.33 -16.84 -45.44
CA CYS I 41 -10.89 -18.12 -45.85
C CYS I 41 -11.65 -18.83 -44.73
N GLY I 42 -12.96 -18.66 -44.67
CA GLY I 42 -13.76 -19.28 -43.64
C GLY I 42 -13.44 -18.86 -42.23
N LYS I 43 -13.42 -17.56 -41.99
CA LYS I 43 -13.11 -16.99 -40.69
C LYS I 43 -14.09 -15.86 -40.42
N ALA I 44 -14.31 -15.57 -39.14
CA ALA I 44 -15.00 -14.34 -38.76
C ALA I 44 -14.21 -13.12 -39.23
N PRO I 45 -14.89 -12.01 -39.49
CA PRO I 45 -14.18 -10.75 -39.75
C PRO I 45 -13.31 -10.33 -38.58
N LYS I 46 -12.21 -9.65 -38.90
CA LYS I 46 -11.38 -8.95 -37.92
C LYS I 46 -11.44 -7.45 -38.19
N LEU I 47 -11.69 -6.67 -37.15
CA LEU I 47 -11.53 -5.22 -37.19
C LEU I 47 -10.08 -4.81 -37.41
N LEU I 48 -9.85 -3.98 -38.43
CA LEU I 48 -8.55 -3.38 -38.68
C LEU I 48 -8.49 -1.90 -38.31
N ILE I 49 -9.45 -1.10 -38.79
CA ILE I 49 -9.48 0.33 -38.57
C ILE I 49 -10.84 0.69 -37.99
N TYR I 50 -10.85 1.59 -37.00
CA TYR I 50 -12.08 2.14 -36.48
C TYR I 50 -11.95 3.65 -36.36
N GLU I 51 -13.08 4.32 -36.18
CA GLU I 51 -13.16 5.77 -35.99
C GLU I 51 -12.38 6.51 -37.07
N THR I 52 -12.66 6.15 -38.31
CA THR I 52 -12.02 6.62 -39.54
C THR I 52 -10.55 6.24 -39.69
N SER I 53 -9.75 6.37 -38.64
CA SER I 53 -8.32 6.27 -38.85
C SER I 53 -7.53 5.62 -37.72
N ILE I 54 -8.15 5.22 -36.61
CA ILE I 54 -7.39 4.61 -35.53
C ILE I 54 -7.10 3.16 -35.89
N LEU I 55 -5.83 2.80 -35.89
CA LEU I 55 -5.37 1.45 -36.16
C LEU I 55 -5.60 0.56 -34.94
N THR I 56 -6.26 -0.58 -35.16
CA THR I 56 -6.45 -1.56 -34.09
C THR I 56 -5.10 -2.16 -33.71
N SER I 57 -4.89 -2.36 -32.41
CA SER I 57 -3.65 -2.96 -31.94
C SER I 57 -3.43 -4.34 -32.54
N GLY I 58 -2.15 -4.70 -32.67
CA GLY I 58 -1.69 -5.90 -33.33
C GLY I 58 -1.79 -5.92 -34.84
N VAL I 59 -2.44 -4.95 -35.45
CA VAL I 59 -2.44 -4.83 -36.91
C VAL I 59 -1.11 -4.26 -37.36
N PRO I 60 -0.42 -4.91 -38.31
CA PRO I 60 0.85 -4.34 -38.80
C PRO I 60 0.60 -3.04 -39.55
N SER I 61 1.53 -2.09 -39.36
CA SER I 61 1.35 -0.75 -39.92
C SER I 61 1.42 -0.68 -41.44
N ARG I 62 1.14 -1.79 -42.13
CA ARG I 62 0.90 -1.72 -43.57
C ARG I 62 -0.36 -0.93 -43.89
N PHE I 63 -1.34 -0.93 -43.01
CA PHE I 63 -2.68 -0.41 -43.29
C PHE I 63 -2.84 0.97 -42.67
N SER I 64 -3.48 1.86 -43.41
CA SER I 64 -3.98 3.11 -42.86
C SER I 64 -5.17 3.56 -43.69
N GLY I 65 -5.94 4.49 -43.14
CA GLY I 65 -7.09 5.02 -43.84
C GLY I 65 -7.51 6.36 -43.29
N SER I 66 -8.23 7.10 -44.12
CA SER I 66 -8.88 8.34 -43.71
C SER I 66 -9.91 8.71 -44.76
N GLY I 67 -10.67 9.77 -44.49
CA GLY I 67 -11.73 10.16 -45.39
C GLY I 67 -12.43 11.46 -45.07
N SER I 68 -12.87 12.16 -46.13
CA SER I 68 -13.44 13.49 -46.05
C SER I 68 -14.90 13.52 -45.60
N GLY I 69 -15.25 12.79 -44.55
CA GLY I 69 -16.58 12.86 -43.99
C GLY I 69 -17.68 12.19 -44.79
N THR I 70 -17.55 12.14 -46.11
CA THR I 70 -18.52 11.49 -46.98
C THR I 70 -17.84 10.56 -47.96
N ASP I 71 -16.51 10.53 -47.98
CA ASP I 71 -15.71 9.75 -48.89
C ASP I 71 -14.53 9.23 -48.10
N PHE I 72 -14.22 7.94 -48.22
CA PHE I 72 -13.29 7.31 -47.30
C PHE I 72 -12.42 6.33 -48.06
N THR I 73 -11.15 6.24 -47.66
CA THR I 73 -10.17 5.40 -48.33
C THR I 73 -9.51 4.51 -47.31
N LEU I 74 -9.24 3.27 -47.73
CA LEU I 74 -8.33 2.37 -47.03
C LEU I 74 -7.16 2.07 -47.96
N THR I 75 -5.94 2.17 -47.42
CA THR I 75 -4.73 2.03 -48.22
C THR I 75 -3.79 1.00 -47.62
N ILE I 76 -3.26 0.12 -48.46
CA ILE I 76 -2.25 -0.87 -48.08
C ILE I 76 -0.95 -0.51 -48.78
N SER I 77 0.11 -0.28 -48.01
CA SER I 77 1.35 0.26 -48.54
C SER I 77 2.16 -0.77 -49.33
N SER I 78 2.12 -2.04 -48.93
CA SER I 78 2.85 -3.06 -49.69
C SER I 78 2.20 -4.43 -49.47
N LEU I 79 1.37 -4.84 -50.44
CA LEU I 79 0.56 -6.04 -50.31
C LEU I 79 1.39 -7.28 -50.07
N GLN I 80 1.05 -8.04 -49.04
CA GLN I 80 1.59 -9.38 -48.85
C GLN I 80 0.55 -10.40 -49.31
N CYS I 81 1.01 -11.63 -49.57
CA CYS I 81 0.04 -12.68 -49.84
C CYS I 81 -0.85 -12.96 -48.63
N GLU I 82 -0.33 -12.73 -47.42
CA GLU I 82 -1.15 -12.71 -46.21
C GLU I 82 -2.32 -11.74 -46.27
N ASP I 83 -2.28 -10.74 -47.14
CA ASP I 83 -3.38 -9.80 -47.33
C ASP I 83 -4.48 -10.31 -48.26
N PHE I 84 -4.37 -11.53 -48.77
CA PHE I 84 -5.48 -12.17 -49.47
C PHE I 84 -6.71 -12.28 -48.58
N ALA I 85 -7.78 -11.57 -48.93
CA ALA I 85 -8.98 -11.43 -48.11
C ALA I 85 -10.04 -10.67 -48.89
N THR I 86 -11.27 -10.68 -48.37
CA THR I 86 -12.25 -9.64 -48.64
C THR I 86 -12.21 -8.54 -47.57
N TYR I 87 -12.41 -7.29 -48.01
CA TYR I 87 -12.48 -6.12 -47.15
C TYR I 87 -13.83 -5.42 -47.27
N TYR I 88 -14.39 -4.98 -46.14
CA TYR I 88 -15.65 -4.23 -46.08
C TYR I 88 -15.47 -2.94 -45.31
N CYS I 89 -16.07 -1.86 -45.80
CA CYS I 89 -16.39 -0.71 -44.96
C CYS I 89 -17.69 -0.95 -44.18
N ALA I 90 -17.77 -0.37 -42.98
CA ALA I 90 -19.01 -0.22 -42.25
C ALA I 90 -19.14 1.19 -41.68
N GLY I 91 -20.35 1.73 -41.70
CA GLY I 91 -20.59 3.10 -41.31
C GLY I 91 -21.89 3.25 -40.56
N GLY I 92 -21.97 4.32 -39.78
CA GLY I 92 -23.18 4.65 -39.06
C GLY I 92 -23.58 6.09 -39.25
N PHE I 93 -24.84 6.33 -39.60
CA PHE I 93 -25.27 7.66 -39.99
C PHE I 93 -26.12 8.38 -38.96
N ASP I 94 -26.65 7.68 -37.98
CA ASP I 94 -27.24 8.34 -36.81
C ASP I 94 -27.07 7.43 -35.62
N ARG I 95 -27.87 7.64 -34.59
CA ARG I 95 -27.95 6.76 -33.43
C ARG I 95 -29.33 6.11 -33.39
N SER I 96 -29.35 4.77 -33.43
CA SER I 96 -30.53 3.91 -33.58
C SER I 96 -30.84 3.55 -35.03
N GLY I 97 -30.56 4.45 -35.97
CA GLY I 97 -31.12 4.28 -37.30
C GLY I 97 -30.24 3.67 -38.36
N ASP I 98 -29.83 4.50 -39.31
CA ASP I 98 -29.14 4.06 -40.52
C ASP I 98 -27.71 3.64 -40.18
N THR I 99 -27.46 2.34 -40.16
CA THR I 99 -26.11 1.79 -40.19
C THR I 99 -26.09 0.58 -41.12
N THR I 100 -25.02 0.45 -41.92
CA THR I 100 -24.93 -0.65 -42.87
C THR I 100 -23.47 -0.96 -43.15
N PHE I 101 -23.23 -2.18 -43.65
CA PHE I 101 -22.01 -2.56 -44.34
C PHE I 101 -22.00 -2.14 -45.82
N GLY I 102 -20.79 -2.10 -46.39
CA GLY I 102 -20.59 -2.12 -47.83
C GLY I 102 -20.58 -3.51 -48.48
N GLN I 103 -20.48 -3.49 -49.82
CA GLN I 103 -20.53 -4.71 -50.63
C GLN I 103 -19.31 -5.62 -50.50
N GLY I 104 -18.16 -5.10 -50.10
CA GLY I 104 -16.94 -5.89 -49.97
C GLY I 104 -16.10 -6.09 -51.21
N THR I 105 -14.80 -5.84 -51.08
CA THR I 105 -13.79 -5.93 -52.14
C THR I 105 -12.88 -7.15 -52.00
N LYS I 106 -12.73 -7.92 -53.08
CA LYS I 106 -11.94 -9.15 -53.09
C LYS I 106 -10.55 -8.89 -53.66
N VAL I 107 -9.50 -9.23 -52.92
CA VAL I 107 -8.12 -8.94 -53.29
C VAL I 107 -7.38 -10.26 -53.53
N GLU I 108 -6.92 -10.47 -54.77
CA GLU I 108 -6.04 -11.58 -55.15
C GLU I 108 -4.60 -11.11 -55.33
N ILE I 109 -3.65 -11.89 -54.80
CA ILE I 109 -2.22 -11.60 -54.88
C ILE I 109 -1.57 -12.42 -55.98
N LYS I 110 -0.97 -11.74 -56.97
CA LYS I 110 -0.28 -12.35 -58.10
C LYS I 110 1.11 -12.85 -57.71
N ARG I 111 1.45 -14.08 -58.09
CA ARG I 111 2.75 -14.64 -57.75
C ARG I 111 3.37 -15.39 -58.94
N THR I 112 4.68 -15.60 -58.84
CA THR I 112 5.47 -16.35 -59.81
C THR I 112 4.93 -17.77 -60.02
N VAL I 113 4.87 -18.19 -61.30
CA VAL I 113 4.21 -19.43 -61.69
C VAL I 113 4.78 -20.65 -60.98
N ALA I 114 3.95 -21.70 -60.86
CA ALA I 114 4.35 -23.00 -60.34
C ALA I 114 3.53 -24.08 -61.05
N ALA I 115 4.14 -25.26 -61.21
CA ALA I 115 3.44 -26.33 -61.94
C ALA I 115 2.80 -27.35 -61.00
N PRO I 116 1.62 -27.83 -61.38
CA PRO I 116 0.86 -28.78 -60.54
C PRO I 116 1.56 -30.11 -60.35
N SER I 117 1.91 -30.40 -59.09
CA SER I 117 2.40 -31.72 -58.71
C SER I 117 1.23 -32.71 -58.60
N VAL I 118 1.28 -33.80 -59.37
CA VAL I 118 0.12 -34.64 -59.64
C VAL I 118 0.24 -35.95 -58.87
N CYS I 119 -0.81 -36.31 -58.11
CA CYS I 119 -1.00 -37.66 -57.59
C CYS I 119 -2.31 -38.26 -58.12
N ILE I 120 -2.32 -39.59 -58.20
CA ILE I 120 -3.52 -40.35 -58.55
C ILE I 120 -3.63 -41.56 -57.62
N PHE I 121 -4.86 -41.96 -57.31
CA PHE I 121 -5.13 -42.91 -56.23
C PHE I 121 -6.10 -43.99 -56.68
N PRO I 122 -5.84 -45.24 -56.33
CA PRO I 122 -6.75 -46.33 -56.70
C PRO I 122 -8.05 -46.31 -55.91
N PRO I 123 -9.20 -46.46 -56.60
CA PRO I 123 -10.45 -46.79 -55.89
C PRO I 123 -10.32 -48.02 -55.02
N SER I 124 -10.48 -47.86 -53.70
CA SER I 124 -10.18 -48.95 -52.79
C SER I 124 -10.98 -48.76 -51.51
N ASP I 125 -11.13 -49.86 -50.77
CA ASP I 125 -12.05 -50.00 -49.65
C ASP I 125 -13.42 -49.38 -49.95
N GLU I 126 -13.88 -48.44 -49.13
CA GLU I 126 -15.26 -47.95 -49.20
C GLU I 126 -15.60 -47.31 -50.54
N CYS I 127 -14.62 -46.79 -51.28
CA CYS I 127 -14.89 -46.29 -52.62
C CYS I 127 -14.97 -47.39 -53.66
N LEU I 128 -15.10 -48.64 -53.21
CA LEU I 128 -15.74 -49.76 -53.89
C LEU I 128 -16.67 -50.52 -52.96
N LYS I 129 -16.29 -50.66 -51.69
CA LYS I 129 -17.12 -51.37 -50.72
C LYS I 129 -18.49 -50.73 -50.53
N SER I 130 -18.65 -49.46 -50.91
CA SER I 130 -19.98 -48.84 -50.98
C SER I 130 -20.74 -49.17 -52.27
N GLY I 131 -20.16 -49.94 -53.17
CA GLY I 131 -20.77 -50.19 -54.47
C GLY I 131 -20.70 -49.07 -55.48
N THR I 132 -20.75 -47.81 -55.04
CA THR I 132 -20.22 -46.71 -55.84
C THR I 132 -18.70 -46.78 -55.92
N ALA I 133 -18.14 -46.23 -57.00
CA ALA I 133 -16.70 -46.08 -57.13
C ALA I 133 -16.31 -44.63 -57.42
N SER I 134 -15.13 -44.25 -56.93
CA SER I 134 -14.61 -42.90 -57.09
C SER I 134 -13.08 -42.95 -57.18
N VAL I 135 -12.53 -42.17 -58.11
CA VAL I 135 -11.09 -42.15 -58.40
C VAL I 135 -10.64 -40.70 -58.43
N VAL I 136 -9.47 -40.42 -57.85
CA VAL I 136 -9.05 -39.05 -57.52
C VAL I 136 -7.75 -38.70 -58.23
N CYS I 137 -7.71 -37.50 -58.82
CA CYS I 137 -6.52 -36.91 -59.42
C CYS I 137 -6.29 -35.56 -58.74
N LEU I 138 -5.10 -35.37 -58.18
CA LEU I 138 -4.80 -34.23 -57.31
C LEU I 138 -3.68 -33.36 -57.89
N LEU I 139 -4.00 -32.10 -58.14
CA LEU I 139 -3.03 -31.11 -58.66
C LEU I 139 -2.65 -30.13 -57.55
N ASN I 140 -1.60 -30.45 -56.81
CA ASN I 140 -1.15 -29.60 -55.71
C ASN I 140 -0.40 -28.37 -56.22
N ASN I 141 -0.56 -27.27 -55.50
CA ASN I 141 0.37 -26.14 -55.46
C ASN I 141 0.75 -25.63 -56.85
N PHE I 142 -0.22 -25.03 -57.53
CA PHE I 142 0.01 -24.48 -58.85
C PHE I 142 -0.48 -23.03 -58.90
N TYR I 143 0.09 -22.27 -59.86
CA TYR I 143 -0.35 -20.94 -60.21
C TYR I 143 -0.03 -20.68 -61.68
N PRO I 144 -0.85 -19.89 -62.38
CA PRO I 144 -2.21 -19.43 -62.07
C PRO I 144 -3.25 -20.53 -62.13
N ARG I 145 -4.51 -20.15 -61.96
CA ARG I 145 -5.67 -21.03 -62.05
C ARG I 145 -5.95 -21.52 -63.47
N GLU I 146 -5.17 -21.09 -64.47
CA GLU I 146 -5.25 -21.70 -65.78
C GLU I 146 -4.64 -23.09 -65.69
N ALA I 147 -5.46 -24.08 -65.31
CA ALA I 147 -5.09 -25.48 -65.32
C ALA I 147 -6.33 -26.31 -65.59
N LYS I 148 -6.15 -27.46 -66.24
CA LYS I 148 -7.27 -28.27 -66.69
C LYS I 148 -6.85 -29.74 -66.68
N VAL I 149 -7.86 -30.61 -66.57
CA VAL I 149 -7.65 -32.05 -66.51
C VAL I 149 -8.51 -32.71 -67.58
N GLN I 150 -7.98 -33.76 -68.20
CA GLN I 150 -8.75 -34.68 -69.03
C GLN I 150 -8.73 -36.06 -68.38
N TRP I 151 -9.92 -36.56 -68.02
CA TRP I 151 -10.04 -37.94 -67.55
C TRP I 151 -10.09 -38.91 -68.73
N LYS I 152 -9.31 -39.99 -68.64
CA LYS I 152 -9.26 -41.03 -69.65
C LYS I 152 -9.31 -42.40 -68.99
N VAL I 153 -10.11 -43.30 -69.58
CA VAL I 153 -10.22 -44.67 -69.11
C VAL I 153 -10.11 -45.58 -70.34
N ASP I 154 -9.24 -46.59 -70.24
CA ASP I 154 -8.84 -47.42 -71.39
C ASP I 154 -8.50 -46.57 -72.62
N ASN I 155 -7.84 -45.43 -72.39
CA ASN I 155 -7.55 -44.42 -73.40
C ASN I 155 -8.77 -43.63 -73.91
N ALA I 156 -9.99 -44.09 -73.62
CA ALA I 156 -11.15 -43.32 -74.03
C ALA I 156 -11.29 -42.05 -73.21
N LEU I 157 -11.53 -40.94 -73.89
CA LEU I 157 -11.82 -39.67 -73.23
C LEU I 157 -13.17 -39.73 -72.53
N GLN I 158 -13.19 -39.38 -71.25
CA GLN I 158 -14.41 -39.34 -70.45
C GLN I 158 -14.98 -37.93 -70.45
N SER I 159 -16.29 -37.84 -70.23
CA SER I 159 -16.95 -36.55 -70.13
C SER I 159 -18.17 -36.66 -69.23
N GLY I 160 -18.59 -35.52 -68.68
CA GLY I 160 -19.47 -35.50 -67.54
C GLY I 160 -18.92 -36.25 -66.34
N ASN I 161 -19.84 -36.78 -65.53
CA ASN I 161 -19.56 -37.81 -64.53
C ASN I 161 -18.39 -37.42 -63.63
N SER I 162 -18.24 -36.12 -63.35
CA SER I 162 -17.06 -35.63 -62.65
C SER I 162 -17.37 -34.28 -62.01
N GLN I 163 -16.54 -33.93 -61.02
CA GLN I 163 -16.62 -32.66 -60.30
C GLN I 163 -15.20 -32.24 -59.94
N GLU I 164 -14.99 -30.92 -59.82
CA GLU I 164 -13.70 -30.38 -59.42
C GLU I 164 -13.89 -29.29 -58.37
N SER I 165 -12.93 -29.20 -57.45
CA SER I 165 -12.97 -28.19 -56.39
C SER I 165 -11.56 -27.76 -56.02
N VAL I 166 -11.44 -26.55 -55.48
CA VAL I 166 -10.15 -25.87 -55.35
C VAL I 166 -10.05 -25.18 -54.00
N THR I 167 -8.86 -25.22 -53.40
CA THR I 167 -8.57 -24.50 -52.17
C THR I 167 -8.53 -22.99 -52.41
N CYS I 168 -8.70 -22.22 -51.34
CA CYS I 168 -8.28 -20.83 -51.34
C CYS I 168 -6.75 -20.72 -51.37
N GLN I 169 -6.28 -19.50 -51.60
CA GLN I 169 -4.86 -19.15 -51.54
C GLN I 169 -4.44 -18.96 -50.08
N ASP I 170 -3.41 -19.68 -49.65
CA ASP I 170 -2.91 -19.58 -48.29
C ASP I 170 -1.93 -18.41 -48.11
N SER I 171 -1.90 -17.88 -46.88
CA SER I 171 -1.01 -16.81 -46.42
C SER I 171 0.48 -17.12 -46.57
N LYS I 172 0.87 -18.36 -46.79
CA LYS I 172 2.29 -18.69 -46.94
C LYS I 172 2.57 -19.57 -48.15
N ASP I 173 1.73 -20.57 -48.40
CA ASP I 173 1.86 -21.35 -49.63
C ASP I 173 1.57 -20.46 -50.83
N CYS I 174 0.47 -19.72 -50.79
CA CYS I 174 0.09 -18.72 -51.80
C CYS I 174 -0.16 -19.30 -53.18
N THR I 175 0.14 -20.59 -53.38
CA THR I 175 -0.45 -21.36 -54.47
C THR I 175 -1.76 -22.00 -53.96
N TYR I 176 -2.29 -22.96 -54.72
CA TYR I 176 -3.53 -23.60 -54.36
C TYR I 176 -3.59 -24.97 -55.02
N SER I 177 -4.47 -25.82 -54.48
CA SER I 177 -4.60 -27.20 -54.92
C SER I 177 -5.97 -27.44 -55.51
N LEU I 178 -6.04 -28.35 -56.48
CA LEU I 178 -7.30 -28.75 -57.11
C LEU I 178 -7.50 -30.25 -56.92
N SER I 179 -8.73 -30.62 -56.55
CA SER I 179 -9.15 -32.01 -56.41
C SER I 179 -10.09 -32.38 -57.55
N SER I 180 -9.70 -33.39 -58.33
CA SER I 180 -10.49 -33.89 -59.45
C SER I 180 -10.93 -35.31 -59.15
N THR I 181 -12.13 -35.67 -59.62
CA THR I 181 -12.71 -36.97 -59.28
C THR I 181 -13.57 -37.46 -60.44
N LEU I 182 -13.61 -38.77 -60.63
CA LEU I 182 -14.53 -39.43 -61.53
C LEU I 182 -15.37 -40.44 -60.77
N THR I 183 -16.63 -40.59 -61.18
CA THR I 183 -17.56 -41.50 -60.52
C THR I 183 -17.88 -42.69 -61.42
N LEU I 184 -18.16 -43.82 -60.78
CA LEU I 184 -18.35 -45.09 -61.47
C LEU I 184 -19.13 -46.00 -60.55
N SER I 185 -19.63 -47.12 -61.10
CA SER I 185 -20.02 -48.21 -60.22
C SER I 185 -18.82 -49.10 -59.91
N LYS I 186 -18.93 -49.83 -58.80
CA LYS I 186 -17.96 -50.89 -58.49
C LYS I 186 -17.84 -51.91 -59.61
N ALA I 187 -18.97 -52.34 -60.17
CA ALA I 187 -18.96 -53.34 -61.24
C ALA I 187 -18.35 -52.82 -62.54
N ASP I 188 -18.51 -51.53 -62.83
CA ASP I 188 -17.94 -50.94 -64.04
C ASP I 188 -16.48 -50.53 -63.87
N TYR I 189 -16.05 -50.29 -62.64
CA TYR I 189 -14.63 -50.28 -62.34
C TYR I 189 -14.03 -51.66 -62.59
N GLU I 190 -14.78 -52.72 -62.28
CA GLU I 190 -14.34 -54.09 -62.50
C GLU I 190 -14.43 -54.53 -63.97
N LYS I 191 -15.03 -53.72 -64.85
CA LYS I 191 -14.82 -53.93 -66.28
C LYS I 191 -13.47 -53.40 -66.75
N HIS I 192 -13.29 -52.08 -66.71
CA HIS I 192 -12.13 -51.46 -67.32
C HIS I 192 -10.90 -51.58 -66.43
N LYS I 193 -9.74 -51.41 -67.05
CA LYS I 193 -8.46 -51.74 -66.44
C LYS I 193 -7.48 -50.57 -66.43
N VAL I 194 -7.56 -49.69 -67.44
CA VAL I 194 -6.66 -48.55 -67.53
C VAL I 194 -7.39 -47.30 -67.08
N TYR I 195 -6.79 -46.57 -66.15
CA TYR I 195 -7.28 -45.28 -65.66
C TYR I 195 -6.18 -44.25 -65.77
N ALA I 196 -6.51 -43.06 -66.29
CA ALA I 196 -5.54 -42.00 -66.40
C ALA I 196 -6.22 -40.66 -66.18
N CYS I 197 -5.44 -39.68 -65.69
CA CYS I 197 -5.79 -38.28 -65.76
C CYS I 197 -4.65 -37.52 -66.41
N GLU I 198 -4.98 -36.66 -67.36
CA GLU I 198 -4.00 -35.89 -68.12
C GLU I 198 -4.12 -34.43 -67.72
N VAL I 199 -3.03 -33.88 -67.22
CA VAL I 199 -3.02 -32.61 -66.49
C VAL I 199 -2.44 -31.53 -67.40
N THR I 200 -3.12 -30.39 -67.44
CA THR I 200 -2.72 -29.25 -68.25
C THR I 200 -2.52 -28.05 -67.33
N HIS I 201 -1.53 -27.21 -67.65
CA HIS I 201 -1.27 -25.99 -66.91
C HIS I 201 -0.29 -25.14 -67.70
N GLN I 202 -0.55 -23.82 -67.71
CA GLN I 202 0.07 -22.93 -68.68
C GLN I 202 1.58 -23.06 -68.73
N GLY I 203 2.23 -23.22 -67.59
CA GLY I 203 3.62 -23.62 -67.61
C GLY I 203 3.83 -25.12 -67.50
N LEU I 204 3.97 -25.79 -68.66
CA LEU I 204 4.34 -27.19 -68.69
C LEU I 204 5.11 -27.47 -69.97
N SER I 205 5.90 -28.55 -69.93
CA SER I 205 6.52 -29.05 -71.15
C SER I 205 5.49 -29.71 -72.06
N SER I 206 4.42 -30.24 -71.49
CA SER I 206 3.51 -31.17 -72.16
C SER I 206 2.31 -31.36 -71.25
N PRO I 207 1.24 -31.99 -71.74
CA PRO I 207 0.36 -32.73 -70.82
C PRO I 207 1.16 -33.69 -69.96
N VAL I 208 0.98 -33.58 -68.64
CA VAL I 208 1.65 -34.46 -67.68
C VAL I 208 0.73 -35.66 -67.47
N THR I 209 1.01 -36.72 -68.21
CA THR I 209 0.23 -37.95 -68.16
C THR I 209 0.57 -38.76 -66.91
N LYS I 210 -0.40 -38.94 -66.03
CA LYS I 210 -0.28 -39.85 -64.90
C LYS I 210 -1.41 -40.86 -64.98
N SER I 211 -1.08 -42.12 -64.66
CA SER I 211 -2.02 -43.22 -64.79
C SER I 211 -1.88 -44.17 -63.61
N PHE I 212 -2.86 -45.06 -63.48
CA PHE I 212 -2.68 -46.31 -62.76
C PHE I 212 -3.52 -47.35 -63.48
N ASN I 213 -3.24 -48.63 -63.19
CA ASN I 213 -3.87 -49.74 -63.90
C ASN I 213 -4.40 -50.77 -62.93
N ARG I 214 -5.59 -51.29 -63.22
CA ARG I 214 -6.24 -52.25 -62.34
C ARG I 214 -5.58 -53.61 -62.46
N GLY I 215 -4.52 -53.82 -61.69
CA GLY I 215 -3.79 -55.08 -61.73
C GLY I 215 -2.72 -55.11 -62.81
N VAL J 2 -10.98 -13.86 -23.19
CA VAL J 2 -12.40 -13.52 -23.26
C VAL J 2 -12.92 -13.70 -24.67
N GLN J 3 -13.90 -14.58 -24.85
CA GLN J 3 -14.30 -14.97 -26.19
C GLN J 3 -15.78 -15.37 -26.19
N LEU J 4 -16.36 -15.29 -27.38
CA LEU J 4 -17.79 -15.54 -27.62
C LEU J 4 -17.98 -16.87 -28.31
N VAL J 5 -19.00 -17.63 -27.90
CA VAL J 5 -19.38 -18.85 -28.59
C VAL J 5 -20.88 -18.85 -28.89
N GLU J 6 -21.22 -19.02 -30.16
CA GLU J 6 -22.59 -19.25 -30.60
C GLU J 6 -23.01 -20.68 -30.29
N SER J 7 -24.33 -20.91 -30.33
CA SER J 7 -24.89 -22.25 -30.36
C SER J 7 -26.19 -22.25 -31.14
N GLY J 8 -26.44 -23.34 -31.85
CA GLY J 8 -27.59 -23.43 -32.72
C GLY J 8 -27.77 -24.78 -33.39
N PRO J 9 -28.90 -24.95 -34.09
CA PRO J 9 -29.33 -26.30 -34.50
C PRO J 9 -28.68 -26.82 -35.78
N GLY J 10 -28.03 -25.98 -36.57
CA GLY J 10 -27.47 -26.40 -37.84
C GLY J 10 -28.45 -26.63 -38.97
N CYS J 11 -29.50 -27.40 -38.72
CA CYS J 11 -30.47 -27.77 -39.75
C CYS J 11 -31.86 -27.54 -39.16
N VAL J 12 -32.76 -26.94 -39.94
CA VAL J 12 -34.07 -26.52 -39.44
C VAL J 12 -35.11 -26.72 -40.55
N LYS J 13 -36.41 -26.94 -40.12
CA LYS J 13 -37.49 -27.13 -41.06
C LYS J 13 -38.30 -25.85 -41.24
N PRO J 14 -38.78 -25.61 -42.45
CA PRO J 14 -39.57 -24.40 -42.73
C PRO J 14 -40.71 -24.19 -41.75
N SER J 15 -40.96 -22.90 -41.44
CA SER J 15 -41.94 -22.44 -40.44
C SER J 15 -41.56 -22.68 -38.98
N GLU J 16 -40.48 -23.39 -38.70
CA GLU J 16 -39.97 -23.39 -37.33
C GLU J 16 -39.54 -21.98 -36.92
N THR J 17 -39.19 -21.84 -35.64
CA THR J 17 -38.52 -20.66 -35.12
C THR J 17 -37.07 -20.99 -34.75
N LEU J 18 -36.13 -20.28 -35.36
CA LEU J 18 -34.72 -20.43 -35.03
C LEU J 18 -34.41 -19.79 -33.68
N SER J 19 -33.73 -20.55 -32.81
CA SER J 19 -33.14 -20.02 -31.59
C SER J 19 -31.63 -20.11 -31.63
N LEU J 20 -30.95 -19.00 -31.37
CA LEU J 20 -29.51 -18.98 -31.17
C LEU J 20 -29.19 -18.40 -29.80
N THR J 21 -28.09 -18.84 -29.21
CA THR J 21 -27.56 -18.22 -28.00
C THR J 21 -26.10 -17.85 -28.19
N CYS J 22 -25.72 -16.68 -27.68
CA CYS J 22 -24.32 -16.27 -27.56
C CYS J 22 -23.93 -16.34 -26.10
N THR J 23 -22.85 -17.05 -25.80
CA THR J 23 -22.38 -17.21 -24.42
C THR J 23 -21.04 -16.52 -24.24
N VAL J 24 -20.88 -15.86 -23.10
CA VAL J 24 -19.63 -15.21 -22.72
C VAL J 24 -18.88 -16.13 -21.76
N SER J 25 -17.61 -16.37 -22.03
CA SER J 25 -16.88 -17.51 -21.49
C SER J 25 -16.26 -17.26 -20.12
N ARG J 26 -15.58 -16.13 -19.92
CA ARG J 26 -15.14 -15.71 -18.60
C ARG J 26 -15.24 -14.19 -18.48
N PHE J 27 -15.49 -13.73 -17.25
CA PHE J 27 -15.96 -12.38 -16.95
C PHE J 27 -17.29 -12.11 -17.61
N SER J 28 -17.74 -10.85 -17.61
CA SER J 28 -19.10 -10.60 -18.04
C SER J 28 -19.21 -9.29 -18.78
N LEU J 29 -20.20 -9.25 -19.68
CA LEU J 29 -20.52 -8.14 -20.55
C LEU J 29 -21.50 -7.16 -19.91
N ILE J 30 -21.37 -6.92 -18.60
CA ILE J 30 -22.30 -6.06 -17.89
C ILE J 30 -22.41 -4.69 -18.55
N GLY J 31 -21.28 -4.06 -18.84
CA GLY J 31 -21.31 -2.80 -19.53
C GLY J 31 -21.22 -2.84 -21.04
N TYR J 32 -21.62 -3.94 -21.68
CA TYR J 32 -21.32 -4.12 -23.08
C TYR J 32 -22.56 -4.41 -23.90
N ALA J 33 -22.46 -4.14 -25.20
CA ALA J 33 -23.47 -4.44 -26.19
C ALA J 33 -23.15 -5.72 -26.97
N ILE J 34 -24.19 -6.37 -27.47
CA ILE J 34 -24.08 -7.46 -28.43
C ILE J 34 -24.91 -7.15 -29.67
N THR J 35 -24.35 -7.39 -30.86
CA THR J 35 -25.07 -7.36 -32.12
C THR J 35 -25.03 -8.71 -32.82
N TRP J 36 -26.06 -8.96 -33.64
CA TRP J 36 -26.17 -10.15 -34.47
C TRP J 36 -26.01 -9.82 -35.95
N ILE J 37 -25.11 -10.54 -36.62
CA ILE J 37 -24.75 -10.33 -38.01
C ILE J 37 -25.04 -11.61 -38.80
N ARG J 38 -25.45 -11.44 -40.05
CA ARG J 38 -25.83 -12.54 -40.92
C ARG J 38 -25.04 -12.46 -42.23
N GLN J 39 -24.66 -13.62 -42.77
CA GLN J 39 -23.97 -13.70 -44.06
C GLN J 39 -24.53 -14.82 -44.92
N PRO J 40 -25.50 -14.52 -45.78
CA PRO J 40 -26.00 -15.54 -46.69
C PRO J 40 -24.90 -15.96 -47.66
N PRO J 41 -24.94 -17.21 -48.14
CA PRO J 41 -23.95 -17.68 -49.12
C PRO J 41 -23.83 -16.83 -50.36
N GLY J 42 -22.61 -16.35 -50.62
CA GLY J 42 -22.31 -15.51 -51.76
C GLY J 42 -22.65 -14.04 -51.61
N LYS J 43 -23.39 -13.65 -50.57
CA LYS J 43 -23.59 -12.24 -50.26
C LYS J 43 -22.44 -11.70 -49.42
N GLY J 44 -22.46 -10.39 -49.17
CA GLY J 44 -21.75 -9.81 -48.04
C GLY J 44 -22.45 -9.92 -46.70
N LEU J 45 -22.00 -9.06 -45.77
CA LEU J 45 -22.54 -9.00 -44.42
C LEU J 45 -23.81 -8.15 -44.35
N GLU J 46 -24.82 -8.66 -43.65
CA GLU J 46 -26.03 -7.90 -43.34
C GLU J 46 -26.29 -7.91 -41.84
N TRP J 47 -26.78 -6.78 -41.32
CA TRP J 47 -27.01 -6.60 -39.89
C TRP J 47 -28.43 -6.95 -39.51
N ILE J 48 -28.59 -7.71 -38.43
CA ILE J 48 -29.90 -8.07 -37.90
C ILE J 48 -30.34 -7.07 -36.85
N GLY J 49 -29.52 -6.88 -35.81
CA GLY J 49 -29.95 -6.12 -34.65
C GLY J 49 -28.96 -6.28 -33.51
N GLY J 50 -29.27 -5.59 -32.42
CA GLY J 50 -28.43 -5.67 -31.24
C GLY J 50 -29.13 -5.14 -30.00
N ILE J 51 -28.46 -5.33 -28.87
CA ILE J 51 -28.91 -4.85 -27.57
C ILE J 51 -27.82 -4.02 -26.94
N SER J 52 -28.17 -2.84 -26.43
CA SER J 52 -27.20 -1.96 -25.80
C SER J 52 -26.93 -2.35 -24.34
N SER J 53 -25.84 -1.77 -23.81
CA SER J 53 -25.50 -1.84 -22.40
C SER J 53 -26.66 -1.46 -21.48
N ALA J 54 -27.57 -0.61 -21.94
CA ALA J 54 -28.74 -0.19 -21.18
C ALA J 54 -29.91 -1.17 -21.27
N ALA J 55 -29.77 -2.25 -22.05
CA ALA J 55 -30.82 -3.20 -22.42
C ALA J 55 -31.86 -2.64 -23.39
N THR J 56 -31.60 -1.51 -24.02
CA THR J 56 -32.40 -1.08 -25.16
C THR J 56 -32.11 -1.98 -26.36
N THR J 57 -33.13 -2.27 -27.16
CA THR J 57 -32.97 -3.10 -28.34
C THR J 57 -33.26 -2.32 -29.63
N PHE J 58 -32.54 -2.70 -30.68
CA PHE J 58 -32.61 -2.05 -31.98
C PHE J 58 -32.66 -3.13 -33.05
N TYR J 59 -33.52 -2.93 -34.06
CA TYR J 59 -33.69 -3.90 -35.12
C TYR J 59 -33.60 -3.21 -36.48
N SER J 60 -33.08 -3.95 -37.46
CA SER J 60 -32.97 -3.44 -38.82
C SER J 60 -34.31 -3.16 -39.49
N SER J 61 -34.24 -2.67 -40.73
CA SER J 61 -35.43 -2.35 -41.52
C SER J 61 -36.30 -3.56 -41.81
N TRP J 62 -35.71 -4.74 -41.97
CA TRP J 62 -36.47 -5.96 -42.19
C TRP J 62 -36.71 -6.77 -40.93
N ALA J 63 -35.81 -6.71 -39.96
CA ALA J 63 -35.86 -7.61 -38.80
C ALA J 63 -37.00 -7.31 -37.83
N LYS J 64 -37.45 -6.05 -37.72
CA LYS J 64 -38.53 -5.70 -36.78
C LYS J 64 -39.79 -6.55 -36.96
N SER J 65 -40.01 -7.08 -38.16
CA SER J 65 -41.17 -7.93 -38.39
C SER J 65 -41.11 -9.23 -37.62
N ARG J 66 -39.91 -9.77 -37.35
CA ARG J 66 -39.80 -11.18 -37.03
C ARG J 66 -38.78 -11.54 -35.95
N VAL J 67 -37.99 -10.61 -35.43
CA VAL J 67 -36.83 -10.93 -34.60
C VAL J 67 -37.06 -10.42 -33.18
N THR J 68 -36.58 -11.19 -32.20
CA THR J 68 -36.50 -10.76 -30.81
C THR J 68 -35.12 -11.09 -30.26
N ILE J 69 -34.53 -10.12 -29.55
CA ILE J 69 -33.22 -10.24 -28.91
C ILE J 69 -33.39 -10.02 -27.41
N SER J 70 -32.60 -10.74 -26.60
CA SER J 70 -32.79 -10.74 -25.16
C SER J 70 -31.47 -11.11 -24.48
N VAL J 71 -31.42 -10.84 -23.17
CA VAL J 71 -30.24 -11.07 -22.35
C VAL J 71 -30.68 -11.78 -21.06
N ASP J 72 -29.82 -12.69 -20.57
CA ASP J 72 -30.04 -13.38 -19.30
C ASP J 72 -28.71 -13.43 -18.56
N THR J 73 -28.54 -12.55 -17.56
CA THR J 73 -27.32 -12.51 -16.77
C THR J 73 -27.11 -13.76 -15.93
N SER J 74 -28.19 -14.44 -15.54
CA SER J 74 -28.06 -15.65 -14.73
C SER J 74 -27.33 -16.77 -15.47
N LYS J 75 -27.21 -16.67 -16.79
CA LYS J 75 -26.55 -17.67 -17.60
C LYS J 75 -25.38 -17.10 -18.37
N ASN J 76 -25.15 -15.79 -18.29
CA ASN J 76 -24.17 -15.07 -19.10
C ASN J 76 -24.48 -15.21 -20.60
N GLN J 77 -25.76 -15.21 -20.96
CA GLN J 77 -26.18 -15.58 -22.30
C GLN J 77 -26.94 -14.43 -22.97
N PHE J 78 -26.80 -14.37 -24.29
CA PHE J 78 -27.61 -13.52 -25.16
C PHE J 78 -28.33 -14.42 -26.14
N SER J 79 -29.57 -14.08 -26.49
CA SER J 79 -30.37 -14.94 -27.35
C SER J 79 -30.99 -14.17 -28.51
N LEU J 80 -31.15 -14.90 -29.62
CA LEU J 80 -31.82 -14.43 -30.82
C LEU J 80 -32.95 -15.39 -31.15
N LYS J 81 -34.12 -14.86 -31.50
CA LYS J 81 -35.18 -15.68 -32.09
C LYS J 81 -35.68 -15.09 -33.39
N LEU J 82 -35.75 -15.91 -34.43
CA LEU J 82 -36.32 -15.52 -35.73
C LEU J 82 -37.49 -16.43 -36.05
N SER J 83 -38.68 -15.85 -36.17
CA SER J 83 -39.90 -16.61 -36.43
C SER J 83 -40.11 -16.84 -37.93
N SER J 84 -40.88 -17.90 -38.22
CA SER J 84 -41.45 -18.20 -39.54
C SER J 84 -40.40 -18.21 -40.65
N VAL J 85 -39.40 -19.07 -40.45
CA VAL J 85 -38.20 -19.05 -41.28
C VAL J 85 -38.53 -19.51 -42.71
N THR J 86 -37.97 -18.81 -43.68
CA THR J 86 -37.96 -19.24 -45.07
C THR J 86 -36.60 -19.85 -45.41
N ALA J 87 -36.54 -20.51 -46.56
CA ALA J 87 -35.27 -21.02 -47.07
C ALA J 87 -34.23 -19.92 -47.22
N ALA J 88 -34.66 -18.70 -47.58
CA ALA J 88 -33.77 -17.55 -47.72
C ALA J 88 -33.16 -17.08 -46.41
N ASP J 89 -33.55 -17.66 -45.27
CA ASP J 89 -32.87 -17.45 -44.00
C ASP J 89 -31.64 -18.32 -43.79
N THR J 90 -31.23 -19.12 -44.77
CA THR J 90 -30.00 -19.90 -44.70
C THR J 90 -28.76 -19.01 -44.74
N ALA J 91 -27.94 -19.05 -43.69
CA ALA J 91 -26.77 -18.19 -43.56
C ALA J 91 -25.88 -18.68 -42.42
N VAL J 92 -24.66 -18.16 -42.39
CA VAL J 92 -23.85 -18.10 -41.16
C VAL J 92 -24.28 -16.91 -40.31
N TYR J 93 -24.47 -17.16 -39.01
CA TYR J 93 -24.85 -16.16 -38.02
C TYR J 93 -23.73 -15.93 -37.01
N TYR J 94 -23.41 -14.66 -36.73
CA TYR J 94 -22.39 -14.30 -35.76
C TYR J 94 -22.95 -13.39 -34.67
N CYS J 95 -22.41 -13.54 -33.45
CA CYS J 95 -22.53 -12.52 -32.40
C CYS J 95 -21.21 -11.75 -32.25
N ALA J 96 -21.31 -10.44 -32.04
CA ALA J 96 -20.15 -9.58 -31.85
C ALA J 96 -20.41 -8.53 -30.78
N ARG J 97 -19.34 -8.06 -30.16
CA ARG J 97 -19.40 -7.05 -29.09
C ARG J 97 -18.95 -5.70 -29.61
N ASP J 98 -19.71 -4.65 -29.26
CA ASP J 98 -19.20 -3.27 -29.28
C ASP J 98 -18.67 -2.87 -27.92
N PRO J 99 -17.40 -2.48 -27.80
CA PRO J 99 -16.85 -2.08 -26.49
C PRO J 99 -17.35 -0.74 -25.94
N ARG J 100 -18.04 0.07 -26.72
CA ARG J 100 -18.61 1.31 -26.22
C ARG J 100 -20.00 1.15 -25.63
N GLY J 101 -20.64 0.01 -25.87
CA GLY J 101 -21.96 -0.27 -25.35
C GLY J 101 -23.10 0.22 -26.20
N TYR J 102 -22.83 0.69 -27.41
CA TYR J 102 -23.88 1.16 -28.30
C TYR J 102 -24.66 -0.02 -28.89
N GLY J 103 -25.97 0.10 -28.90
CA GLY J 103 -26.81 -0.97 -29.40
C GLY J 103 -27.07 -0.98 -30.89
N ALA J 104 -26.69 0.09 -31.60
CA ALA J 104 -26.94 0.18 -33.04
C ALA J 104 -25.71 0.75 -33.74
N ALA J 105 -24.59 0.03 -33.65
CA ALA J 105 -23.35 0.50 -34.25
C ALA J 105 -22.59 -0.67 -34.86
N LEU J 106 -21.95 -0.41 -35.99
CA LEU J 106 -21.19 -1.43 -36.72
C LEU J 106 -19.75 -1.03 -36.97
N ASP J 107 -19.35 0.19 -36.59
CA ASP J 107 -18.03 0.71 -36.92
C ASP J 107 -16.92 0.20 -36.01
N ARG J 108 -17.23 -0.40 -34.87
CA ARG J 108 -16.19 -0.80 -33.93
C ARG J 108 -16.54 -2.14 -33.27
N LEU J 109 -16.83 -3.15 -34.08
CA LEU J 109 -17.06 -4.50 -33.58
C LEU J 109 -15.73 -5.20 -33.33
N ASP J 110 -15.26 -5.15 -32.09
CA ASP J 110 -13.90 -5.53 -31.75
C ASP J 110 -13.72 -7.03 -31.51
N LEU J 111 -14.76 -7.72 -31.02
CA LEU J 111 -14.67 -9.12 -30.68
C LEU J 111 -15.83 -9.88 -31.31
N TRP J 112 -15.53 -11.01 -31.96
CA TRP J 112 -16.50 -11.82 -32.68
C TRP J 112 -16.45 -13.26 -32.17
N GLY J 113 -17.58 -13.95 -32.27
CA GLY J 113 -17.59 -15.40 -32.19
C GLY J 113 -17.07 -16.05 -33.47
N GLN J 114 -17.04 -17.38 -33.47
CA GLN J 114 -16.65 -18.10 -34.67
C GLN J 114 -17.81 -18.34 -35.64
N GLY J 115 -19.05 -18.30 -35.17
CA GLY J 115 -20.22 -18.41 -36.02
C GLY J 115 -20.87 -19.78 -36.09
N THR J 116 -22.20 -19.81 -36.16
CA THR J 116 -22.97 -21.01 -36.46
C THR J 116 -23.64 -20.89 -37.82
N CYS J 117 -23.41 -21.88 -38.67
CA CYS J 117 -24.16 -22.00 -39.93
C CYS J 117 -25.50 -22.67 -39.68
N VAL J 118 -26.55 -22.15 -40.33
CA VAL J 118 -27.89 -22.72 -40.24
C VAL J 118 -28.44 -22.91 -41.64
N THR J 119 -28.86 -24.14 -41.95
CA THR J 119 -29.53 -24.48 -43.20
C THR J 119 -31.00 -24.81 -42.94
N VAL J 120 -31.90 -24.20 -43.70
CA VAL J 120 -33.32 -24.47 -43.61
C VAL J 120 -33.72 -25.36 -44.80
N SER J 121 -34.24 -26.56 -44.50
CA SER J 121 -34.59 -27.48 -45.57
C SER J 121 -35.63 -28.47 -45.09
N SER J 122 -36.34 -29.06 -46.05
CA SER J 122 -37.30 -30.13 -45.77
C SER J 122 -36.65 -31.48 -45.53
N PHE J 123 -35.42 -31.67 -46.01
CA PHE J 123 -34.77 -32.97 -46.08
C PHE J 123 -34.55 -33.65 -44.74
N SER J 125 -34.01 -34.86 -44.77
CA SER J 125 -33.39 -35.50 -43.61
C SER J 125 -31.87 -35.45 -43.71
N THR J 126 -31.22 -35.20 -42.58
CA THR J 126 -29.78 -35.40 -42.47
C THR J 126 -29.40 -36.88 -42.62
N LYS J 127 -28.25 -37.11 -43.24
CA LYS J 127 -27.60 -38.42 -43.26
C LYS J 127 -26.10 -38.25 -43.07
N GLY J 128 -25.52 -39.09 -42.22
CA GLY J 128 -24.08 -39.10 -41.99
C GLY J 128 -23.26 -39.76 -43.08
N PRO J 129 -21.95 -39.53 -43.05
CA PRO J 129 -21.08 -39.91 -44.17
C PRO J 129 -20.45 -41.30 -44.03
N SER J 130 -20.04 -41.82 -45.18
CA SER J 130 -18.96 -42.81 -45.32
C SER J 130 -17.59 -42.13 -45.43
N VAL J 131 -16.54 -42.93 -45.25
CA VAL J 131 -15.17 -42.43 -45.23
C VAL J 131 -14.20 -43.34 -45.98
N CYS J 132 -13.98 -43.06 -47.27
CA CYS J 132 -12.95 -43.77 -48.04
C CYS J 132 -11.55 -43.38 -47.57
N PRO J 133 -10.66 -44.33 -47.34
CA PRO J 133 -9.23 -44.04 -47.28
C PRO J 133 -8.69 -43.69 -48.66
N LEU J 134 -7.46 -43.16 -48.68
CA LEU J 134 -6.82 -42.72 -49.92
C LEU J 134 -5.34 -43.11 -49.88
N ALA J 135 -5.06 -44.37 -50.19
CA ALA J 135 -3.74 -44.93 -49.96
C ALA J 135 -2.78 -44.49 -51.06
N PRO J 136 -1.48 -44.35 -50.73
CA PRO J 136 -0.45 -43.84 -51.65
C PRO J 136 -0.46 -44.51 -53.03
N CYS J 147 1.78 -37.97 -50.63
CA CYS J 147 0.35 -37.75 -50.79
C CYS J 147 -0.47 -38.98 -50.39
N LEU J 148 -1.37 -38.76 -49.43
CA LEU J 148 -2.41 -39.71 -49.04
C LEU J 148 -3.53 -38.89 -48.40
N GLY J 149 -4.65 -39.55 -48.13
CA GLY J 149 -5.78 -38.76 -47.69
C GLY J 149 -6.92 -39.58 -47.10
N CYS J 150 -8.01 -38.88 -46.84
CA CYS J 150 -9.21 -39.39 -46.18
C CYS J 150 -10.39 -38.67 -46.80
N LEU J 151 -11.28 -39.41 -47.47
CA LEU J 151 -12.35 -38.83 -48.28
C LEU J 151 -13.72 -39.12 -47.69
N VAL J 152 -14.46 -38.05 -47.38
CA VAL J 152 -15.73 -38.09 -46.66
C VAL J 152 -16.87 -37.78 -47.63
N LYS J 153 -17.93 -38.60 -47.58
CA LYS J 153 -18.81 -38.74 -48.74
C LYS J 153 -20.27 -38.92 -48.29
N ASP J 154 -21.18 -38.57 -49.19
CA ASP J 154 -22.64 -38.79 -49.10
C ASP J 154 -23.31 -38.20 -47.86
N TYR J 155 -22.80 -37.11 -47.30
CA TYR J 155 -23.51 -36.49 -46.18
C TYR J 155 -24.46 -35.39 -46.67
N PHE J 156 -25.39 -35.00 -45.79
CA PHE J 156 -26.31 -33.90 -46.06
C PHE J 156 -26.44 -32.99 -44.85
N CYS J 157 -26.92 -31.77 -45.11
CA CYS J 157 -26.77 -30.59 -44.26
C CYS J 157 -25.27 -30.33 -44.08
N GLU J 158 -24.71 -29.82 -45.18
CA GLU J 158 -23.27 -29.76 -45.39
C GLU J 158 -22.54 -28.96 -44.32
N CYS J 159 -23.15 -27.92 -43.81
CA CYS J 159 -22.40 -26.77 -43.30
C CYS J 159 -21.61 -27.02 -42.01
N PRO J 160 -22.10 -27.83 -41.07
CA PRO J 160 -21.34 -28.08 -39.83
C PRO J 160 -20.36 -29.25 -39.88
N VAL J 161 -20.09 -29.87 -41.04
CA VAL J 161 -19.20 -31.02 -41.07
C VAL J 161 -17.76 -30.57 -40.80
N THR J 162 -17.00 -31.42 -40.10
CA THR J 162 -15.61 -31.15 -39.78
C THR J 162 -14.82 -32.46 -39.81
N VAL J 163 -13.54 -32.35 -40.15
CA VAL J 163 -12.62 -33.47 -40.23
C VAL J 163 -11.28 -33.08 -39.59
N SER J 164 -10.60 -34.08 -39.00
CA SER J 164 -9.37 -33.85 -38.25
C SER J 164 -8.52 -35.11 -38.32
N TRP J 165 -7.26 -34.98 -37.91
CA TRP J 165 -6.27 -36.04 -38.09
C TRP J 165 -5.44 -36.29 -36.83
N ASN J 166 -5.10 -37.56 -36.60
CA ASN J 166 -4.47 -38.02 -35.36
C ASN J 166 -5.12 -37.42 -34.11
N SER J 167 -6.45 -37.38 -34.12
CA SER J 167 -7.25 -36.76 -33.06
C SER J 167 -6.83 -35.30 -32.82
N GLY J 168 -6.44 -34.61 -33.88
CA GLY J 168 -5.98 -33.25 -33.81
C GLY J 168 -4.48 -33.05 -33.69
N ALA J 169 -3.73 -34.09 -33.33
CA ALA J 169 -2.29 -33.92 -33.17
C ALA J 169 -1.54 -33.81 -34.49
N LEU J 170 -2.14 -34.24 -35.61
CA LEU J 170 -1.56 -34.02 -36.94
C LEU J 170 -2.03 -32.68 -37.49
N THR J 171 -1.51 -31.62 -36.88
CA THR J 171 -1.78 -30.22 -37.19
C THR J 171 -1.31 -29.77 -38.56
N SER J 172 -0.63 -30.61 -39.35
CA SER J 172 0.30 -30.13 -40.36
C SER J 172 0.07 -30.84 -41.69
N GLY J 173 0.20 -30.08 -42.78
CA GLY J 173 0.04 -30.61 -44.12
C GLY J 173 -1.36 -30.95 -44.55
N VAL J 174 -2.35 -30.89 -43.67
CA VAL J 174 -3.73 -31.17 -44.03
C VAL J 174 -4.34 -30.03 -44.84
N HIS J 175 -4.38 -30.20 -46.16
CA HIS J 175 -5.32 -29.49 -47.01
C HIS J 175 -6.71 -30.10 -46.88
N THR J 176 -7.73 -29.27 -47.11
CA THR J 176 -9.11 -29.73 -47.11
C THR J 176 -9.89 -28.84 -48.07
N PHE J 177 -10.91 -29.41 -48.70
CA PHE J 177 -11.51 -28.83 -49.89
C PHE J 177 -12.95 -28.41 -49.66
N PRO J 178 -13.42 -27.39 -50.39
CA PRO J 178 -14.85 -27.08 -50.40
C PRO J 178 -15.69 -28.29 -50.81
N ALA J 179 -16.82 -28.46 -50.12
CA ALA J 179 -17.76 -29.51 -50.46
C ALA J 179 -18.32 -29.28 -51.86
N VAL J 180 -18.79 -30.38 -52.47
CA VAL J 180 -19.44 -30.34 -53.78
C VAL J 180 -20.77 -31.06 -53.68
N LEU J 181 -21.76 -30.56 -54.43
CA LEU J 181 -23.05 -31.21 -54.53
C LEU J 181 -22.94 -32.46 -55.41
N GLN J 182 -23.06 -33.63 -54.80
CA GLN J 182 -23.26 -34.85 -55.56
C GLN J 182 -24.55 -34.75 -56.37
N SER J 183 -24.58 -35.44 -57.51
CA SER J 183 -25.79 -35.48 -58.33
C SER J 183 -26.99 -36.01 -57.55
N SER J 184 -26.76 -36.75 -56.47
CA SER J 184 -27.80 -37.20 -55.57
C SER J 184 -28.33 -36.09 -54.67
N GLY J 185 -27.80 -34.88 -54.77
CA GLY J 185 -28.16 -33.82 -53.84
C GLY J 185 -27.52 -33.94 -52.48
N LEU J 186 -26.50 -34.81 -52.34
CA LEU J 186 -25.71 -34.92 -51.13
C LEU J 186 -24.36 -34.26 -51.35
N TYR J 187 -23.50 -34.29 -50.33
CA TYR J 187 -22.23 -33.59 -50.38
C TYR J 187 -21.08 -34.56 -50.11
N SER J 188 -19.94 -34.26 -50.73
CA SER J 188 -18.70 -35.01 -50.52
C SER J 188 -17.52 -34.06 -50.46
N LEU J 189 -16.49 -34.48 -49.72
CA LEU J 189 -15.33 -33.63 -49.44
C LEU J 189 -14.13 -34.52 -49.27
N SER J 190 -12.94 -33.99 -49.57
CA SER J 190 -11.70 -34.74 -49.47
C SER J 190 -10.71 -34.03 -48.57
N SER J 191 -9.97 -34.83 -47.79
CA SER J 191 -8.90 -34.34 -46.91
C SER J 191 -7.62 -35.11 -47.20
N VAL J 192 -6.52 -34.37 -47.37
CA VAL J 192 -5.29 -34.90 -47.96
C VAL J 192 -4.10 -34.37 -47.18
N VAL J 193 -3.11 -35.24 -46.94
CA VAL J 193 -1.82 -34.84 -46.40
C VAL J 193 -0.72 -35.47 -47.24
N THR J 194 0.28 -34.65 -47.61
CA THR J 194 1.50 -35.13 -48.25
C THR J 194 2.42 -35.79 -47.22
N VAL J 195 2.91 -36.98 -47.54
CA VAL J 195 3.74 -37.75 -46.63
C VAL J 195 5.02 -38.22 -47.31
N PRO J 196 6.17 -38.16 -46.62
CA PRO J 196 7.40 -38.74 -47.18
C PRO J 196 7.40 -40.26 -47.10
N SER J 197 7.98 -40.88 -48.13
CA SER J 197 7.87 -42.34 -48.29
C SER J 197 8.45 -43.09 -47.10
N SER J 198 9.45 -42.52 -46.42
CA SER J 198 9.95 -43.12 -45.19
C SER J 198 8.91 -43.13 -44.08
N SER J 199 7.99 -42.17 -44.10
CA SER J 199 6.97 -42.03 -43.06
C SER J 199 5.83 -43.03 -43.19
N LEU J 200 5.78 -43.79 -44.29
CA LEU J 200 4.76 -44.81 -44.46
C LEU J 200 4.96 -45.94 -43.45
N GLY J 201 3.87 -46.29 -42.75
CA GLY J 201 3.97 -47.07 -41.53
C GLY J 201 4.61 -46.35 -40.36
N THR J 202 5.72 -45.68 -40.62
CA THR J 202 6.51 -45.01 -39.57
C THR J 202 5.74 -43.87 -38.90
N GLN J 203 4.68 -43.36 -39.52
CA GLN J 203 3.79 -42.40 -38.85
C GLN J 203 2.34 -42.88 -38.90
N THR J 204 1.58 -42.49 -37.86
CA THR J 204 0.26 -43.08 -37.62
C THR J 204 -0.79 -42.66 -38.64
N TYR J 205 -0.80 -41.39 -39.05
CA TYR J 205 -1.77 -40.87 -40.03
C TYR J 205 -3.19 -41.42 -39.82
N ILE J 206 -3.71 -41.17 -38.62
CA ILE J 206 -5.10 -41.44 -38.28
C ILE J 206 -5.97 -40.28 -38.78
N CYS J 207 -7.20 -40.62 -39.20
CA CYS J 207 -8.21 -39.65 -39.61
C CYS J 207 -9.42 -39.70 -38.68
N ASN J 208 -9.97 -38.52 -38.38
CA ASN J 208 -11.05 -38.36 -37.42
C ASN J 208 -12.13 -37.45 -38.01
N VAL J 209 -13.36 -37.92 -38.01
CA VAL J 209 -14.48 -37.26 -38.68
C VAL J 209 -15.64 -37.18 -37.70
N ASN J 210 -16.42 -36.11 -37.79
CA ASN J 210 -17.72 -36.12 -37.14
C ASN J 210 -18.70 -35.23 -37.91
N HIS J 211 -19.97 -35.57 -37.81
CA HIS J 211 -21.06 -34.76 -38.35
C HIS J 211 -22.10 -34.60 -37.25
N LYS J 212 -22.18 -33.41 -36.67
CA LYS J 212 -22.86 -33.28 -35.38
C LYS J 212 -24.37 -33.40 -35.52
N PRO J 213 -25.01 -32.78 -36.52
CA PRO J 213 -26.45 -33.02 -36.72
C PRO J 213 -26.81 -34.48 -36.98
N SER J 214 -26.07 -35.19 -37.83
CA SER J 214 -26.28 -36.62 -37.99
C SER J 214 -25.67 -37.45 -36.87
N ASN J 215 -25.32 -36.83 -35.74
CA ASN J 215 -24.82 -37.50 -34.53
C ASN J 215 -23.63 -38.43 -34.79
N THR J 216 -22.93 -38.26 -35.91
CA THR J 216 -22.04 -39.28 -36.43
C THR J 216 -20.60 -38.94 -36.08
N LYS J 217 -19.86 -39.92 -35.55
CA LYS J 217 -18.40 -39.84 -35.46
C LYS J 217 -17.83 -41.14 -36.00
N VAL J 218 -16.74 -41.05 -36.77
CA VAL J 218 -16.04 -42.22 -37.30
C VAL J 218 -14.54 -41.96 -37.33
N ASP J 219 -13.77 -43.05 -37.43
CA ASP J 219 -12.32 -43.01 -37.42
C ASP J 219 -11.79 -44.09 -38.38
N LYS J 220 -10.55 -43.90 -38.83
CA LYS J 220 -9.93 -44.84 -39.75
C LYS J 220 -8.42 -44.69 -39.70
N LYS J 221 -7.71 -45.63 -40.32
CA LYS J 221 -6.30 -45.50 -40.62
C LYS J 221 -6.07 -45.54 -42.13
N VAL J 222 -5.06 -44.81 -42.59
CA VAL J 222 -4.53 -44.93 -43.94
C VAL J 222 -3.20 -45.66 -43.91
N GLU J 223 -3.01 -46.61 -44.82
CA GLU J 223 -1.72 -47.24 -45.02
C GLU J 223 -1.73 -47.86 -46.42
N PRO J 224 -0.56 -48.04 -47.05
CA PRO J 224 -0.53 -48.82 -48.29
C PRO J 224 -1.13 -50.22 -48.15
N VAL K 2 18.03 -6.17 -22.08
CA VAL K 2 19.37 -6.30 -21.51
C VAL K 2 20.25 -7.13 -22.42
N GLN K 3 21.34 -6.56 -22.93
CA GLN K 3 22.11 -7.22 -23.96
C GLN K 3 23.57 -6.78 -23.87
N LEU K 4 24.43 -7.63 -24.42
CA LEU K 4 25.88 -7.48 -24.40
C LEU K 4 26.40 -7.05 -25.75
N VAL K 5 27.35 -6.12 -25.78
CA VAL K 5 28.04 -5.76 -27.02
C VAL K 5 29.55 -5.80 -26.82
N GLU K 6 30.22 -6.58 -27.66
CA GLU K 6 31.67 -6.58 -27.77
C GLU K 6 32.17 -5.33 -28.50
N SER K 7 33.46 -5.06 -28.36
CA SER K 7 34.16 -4.11 -29.21
C SER K 7 35.61 -4.53 -29.36
N GLY K 8 36.15 -4.27 -30.56
CA GLY K 8 37.49 -4.72 -30.88
C GLY K 8 37.99 -4.26 -32.24
N PRO K 9 39.27 -4.51 -32.53
CA PRO K 9 39.94 -3.86 -33.65
C PRO K 9 39.70 -4.50 -35.02
N GLY K 10 39.18 -5.72 -35.08
CA GLY K 10 39.01 -6.43 -36.34
C GLY K 10 40.27 -6.98 -36.98
N CYS K 11 41.30 -6.15 -37.11
CA CYS K 11 42.54 -6.53 -37.79
C CYS K 11 43.69 -6.10 -36.89
N VAL K 12 44.69 -6.99 -36.72
CA VAL K 12 45.78 -6.76 -35.78
C VAL K 12 47.08 -7.30 -36.35
N LYS K 13 48.24 -6.70 -35.91
CA LYS K 13 49.54 -7.13 -36.38
C LYS K 13 50.21 -8.04 -35.35
N PRO K 14 50.96 -9.03 -35.84
CA PRO K 14 51.65 -9.96 -34.93
C PRO K 14 52.48 -9.27 -33.86
N SER K 15 52.50 -9.89 -32.66
CA SER K 15 53.11 -9.37 -31.44
C SER K 15 52.42 -8.19 -30.78
N GLU K 16 51.39 -7.61 -31.39
CA GLU K 16 50.55 -6.69 -30.64
C GLU K 16 49.87 -7.39 -29.46
N THR K 17 49.19 -6.60 -28.64
CA THR K 17 48.29 -7.10 -27.62
C THR K 17 46.85 -6.77 -27.99
N LEU K 18 46.01 -7.80 -28.10
CA LEU K 18 44.58 -7.62 -28.36
C LEU K 18 43.87 -7.11 -27.12
N SER K 19 43.08 -6.05 -27.29
CA SER K 19 42.15 -5.58 -26.26
C SER K 19 40.72 -5.72 -26.75
N LEU K 20 39.87 -6.36 -25.95
CA LEU K 20 38.44 -6.39 -26.17
C LEU K 20 37.71 -5.83 -24.96
N THR K 21 36.56 -5.23 -25.18
CA THR K 21 35.67 -4.83 -24.09
C THR K 21 34.27 -5.39 -24.32
N CYS K 22 33.65 -5.84 -23.24
CA CYS K 22 32.24 -6.20 -23.22
C CYS K 22 31.49 -5.13 -22.44
N THR K 23 30.45 -4.56 -23.03
CA THR K 23 29.67 -3.51 -22.41
C THR K 23 28.26 -3.99 -22.11
N VAL K 24 27.74 -3.63 -20.95
CA VAL K 24 26.37 -3.94 -20.55
C VAL K 24 25.51 -2.70 -20.80
N SER K 25 24.38 -2.89 -21.48
CA SER K 25 23.67 -1.79 -22.13
C SER K 25 22.70 -1.03 -21.23
N ARG K 26 21.86 -1.74 -20.47
CA ARG K 26 21.06 -1.13 -19.43
C ARG K 26 20.93 -2.06 -18.23
N PHE K 27 20.83 -1.46 -17.04
CA PHE K 27 21.05 -2.11 -15.76
C PHE K 27 22.47 -2.64 -15.65
N SER K 28 22.75 -3.43 -14.62
CA SER K 28 24.14 -3.75 -14.36
C SER K 28 24.30 -5.17 -13.85
N LEU K 29 25.46 -5.73 -14.14
CA LEU K 29 25.87 -7.09 -13.80
C LEU K 29 26.55 -7.17 -12.43
N ILE K 30 26.06 -6.38 -11.47
CA ILE K 30 26.67 -6.33 -10.14
C ILE K 30 26.80 -7.73 -9.54
N GLY K 31 25.72 -8.50 -9.57
CA GLY K 31 25.78 -9.86 -9.08
C GLY K 31 26.07 -10.93 -10.09
N TYR K 32 26.74 -10.62 -11.20
CA TYR K 32 26.82 -11.54 -12.31
C TYR K 32 28.26 -11.77 -12.74
N ALA K 33 28.45 -12.91 -13.41
CA ALA K 33 29.73 -13.31 -13.98
C ALA K 33 29.77 -13.07 -15.50
N ILE K 34 30.97 -12.87 -16.02
CA ILE K 34 31.24 -12.83 -17.45
C ILE K 34 32.31 -13.86 -17.80
N THR K 35 32.10 -14.61 -18.88
CA THR K 35 33.11 -15.48 -19.48
C THR K 35 33.40 -15.08 -20.93
N TRP K 36 34.62 -15.37 -21.37
CA TRP K 36 35.07 -15.16 -22.74
C TRP K 36 35.26 -16.48 -23.48
N ILE K 37 34.64 -16.58 -24.66
CA ILE K 37 34.64 -17.78 -25.49
C ILE K 37 35.25 -17.44 -26.85
N ARG K 38 35.95 -18.42 -27.42
CA ARG K 38 36.67 -18.26 -28.68
C ARG K 38 36.23 -19.35 -29.65
N GLN K 39 36.13 -19.00 -30.94
CA GLN K 39 35.80 -19.95 -31.99
C GLN K 39 36.68 -19.75 -33.21
N PRO K 40 37.80 -20.47 -33.29
CA PRO K 40 38.63 -20.39 -34.49
C PRO K 40 37.87 -20.93 -35.70
N PRO K 41 38.18 -20.42 -36.90
CA PRO K 41 37.53 -20.92 -38.12
C PRO K 41 37.63 -22.42 -38.32
N GLY K 42 36.47 -23.07 -38.46
CA GLY K 42 36.37 -24.50 -38.65
C GLY K 42 36.50 -25.35 -37.40
N LYS K 43 36.90 -24.77 -36.27
CA LYS K 43 36.86 -25.48 -34.99
C LYS K 43 35.48 -25.37 -34.36
N GLY K 44 35.28 -26.08 -33.25
CA GLY K 44 34.25 -25.73 -32.28
C GLY K 44 34.59 -24.60 -31.32
N LEU K 45 33.82 -24.56 -30.23
CA LEU K 45 33.99 -23.57 -29.18
C LEU K 45 35.10 -23.95 -28.20
N GLU K 46 35.95 -22.98 -27.86
CA GLU K 46 36.95 -23.14 -26.80
C GLU K 46 36.81 -22.02 -25.78
N TRP K 47 37.02 -22.35 -24.51
CA TRP K 47 36.85 -21.42 -23.40
C TRP K 47 38.17 -20.73 -23.06
N ILE K 48 38.13 -19.42 -22.87
CA ILE K 48 39.29 -18.64 -22.46
C ILE K 48 39.33 -18.51 -20.95
N GLY K 49 38.27 -17.97 -20.36
CA GLY K 49 38.30 -17.60 -18.96
C GLY K 49 37.07 -16.79 -18.59
N GLY K 50 37.02 -16.42 -17.32
CA GLY K 50 35.93 -15.60 -16.83
C GLY K 50 36.21 -14.98 -15.48
N ILE K 51 35.30 -14.11 -15.07
CA ILE K 51 35.35 -13.44 -13.78
C ILE K 51 34.04 -13.67 -13.04
N SER K 52 34.12 -14.06 -11.78
CA SER K 52 32.93 -14.31 -10.97
C SER K 52 32.34 -13.02 -10.40
N SER K 53 31.10 -13.16 -9.92
CA SER K 53 30.41 -12.12 -9.16
C SER K 53 31.24 -11.57 -8.00
N ALA K 54 32.14 -12.39 -7.44
CA ALA K 54 33.03 -11.99 -6.35
C ALA K 54 34.29 -11.27 -6.83
N ALA K 55 34.47 -11.10 -8.14
CA ALA K 55 35.69 -10.62 -8.80
C ALA K 55 36.87 -11.58 -8.75
N THR K 56 36.66 -12.84 -8.39
CA THR K 56 37.67 -13.86 -8.62
C THR K 56 37.79 -14.16 -10.11
N THR K 57 39.01 -14.43 -10.57
CA THR K 57 39.26 -14.74 -11.98
C THR K 57 39.77 -16.16 -12.15
N PHE K 58 39.38 -16.76 -13.27
CA PHE K 58 39.70 -18.14 -13.62
C PHE K 58 40.15 -18.18 -15.08
N TYR K 59 41.20 -18.95 -15.36
CA TYR K 59 41.75 -19.04 -16.70
C TYR K 59 41.91 -20.49 -17.09
N SER K 60 41.76 -20.76 -18.39
CA SER K 60 41.92 -22.10 -18.93
C SER K 60 43.37 -22.60 -18.77
N SER K 61 43.56 -23.84 -19.22
CA SER K 61 44.87 -24.50 -19.18
C SER K 61 45.93 -23.80 -20.03
N TRP K 62 45.53 -23.18 -21.14
CA TRP K 62 46.47 -22.44 -21.99
C TRP K 62 46.46 -20.94 -21.71
N ALA K 63 45.34 -20.37 -21.27
CA ALA K 63 45.19 -18.93 -21.17
C ALA K 63 46.01 -18.29 -20.06
N LYS K 64 46.27 -19.01 -18.95
CA LYS K 64 47.03 -18.45 -17.83
C LYS K 64 48.38 -17.86 -18.23
N SER K 65 48.95 -18.35 -19.32
CA SER K 65 50.22 -17.81 -19.80
C SER K 65 50.12 -16.37 -20.27
N ARG K 66 48.97 -15.95 -20.79
CA ARG K 66 48.93 -14.77 -21.64
C ARG K 66 47.72 -13.85 -21.48
N VAL K 67 46.72 -14.20 -20.67
CA VAL K 67 45.43 -13.52 -20.66
C VAL K 67 45.23 -12.80 -19.33
N THR K 68 44.60 -11.63 -19.38
CA THR K 68 44.13 -10.92 -18.20
C THR K 68 42.70 -10.46 -18.43
N ILE K 69 41.84 -10.67 -17.43
CA ILE K 69 40.44 -10.26 -17.44
C ILE K 69 40.19 -9.31 -16.28
N SER K 70 39.31 -8.33 -16.49
CA SER K 70 39.12 -7.26 -15.51
C SER K 70 37.72 -6.66 -15.68
N VAL K 71 37.32 -5.90 -14.67
CA VAL K 71 36.00 -5.28 -14.61
C VAL K 71 36.16 -3.81 -14.19
N ASP K 72 35.32 -2.94 -14.75
CA ASP K 72 35.28 -1.52 -14.38
C ASP K 72 33.81 -1.10 -14.29
N THR K 73 33.31 -0.99 -13.06
CA THR K 73 31.93 -0.59 -12.83
C THR K 73 31.66 0.85 -13.25
N SER K 74 32.67 1.72 -13.23
CA SER K 74 32.47 3.11 -13.62
C SER K 74 32.09 3.25 -15.09
N LYS K 75 32.30 2.21 -15.89
CA LYS K 75 31.99 2.23 -17.31
C LYS K 75 30.98 1.15 -17.68
N ASN K 76 30.59 0.29 -16.73
CA ASN K 76 29.79 -0.90 -16.98
C ASN K 76 30.47 -1.85 -17.97
N GLN K 77 31.80 -1.96 -17.88
CA GLN K 77 32.59 -2.64 -18.89
C GLN K 77 33.36 -3.82 -18.29
N PHE K 78 33.56 -4.84 -19.12
CA PHE K 78 34.46 -5.94 -18.86
C PHE K 78 35.51 -5.96 -19.96
N SER K 79 36.75 -6.32 -19.61
CA SER K 79 37.83 -6.27 -20.58
C SER K 79 38.63 -7.56 -20.61
N LEU K 80 39.15 -7.85 -21.79
CA LEU K 80 40.05 -8.97 -22.05
C LEU K 80 41.33 -8.43 -22.68
N LYS K 81 42.48 -8.91 -22.22
CA LYS K 81 43.74 -8.65 -22.92
C LYS K 81 44.48 -9.95 -23.19
N LEU K 82 44.92 -10.14 -24.44
CA LEU K 82 45.74 -11.28 -24.84
C LEU K 82 47.05 -10.77 -25.40
N SER K 83 48.17 -11.11 -24.76
CA SER K 83 49.48 -10.65 -25.16
C SER K 83 50.10 -11.55 -26.24
N SER K 84 51.03 -10.96 -27.00
CA SER K 84 51.95 -11.65 -27.91
C SER K 84 51.22 -12.56 -28.90
N VAL K 85 50.31 -11.95 -29.65
CA VAL K 85 49.37 -12.71 -30.48
C VAL K 85 50.09 -13.39 -31.63
N THR K 86 49.73 -14.63 -31.89
CA THR K 86 50.13 -15.35 -33.10
C THR K 86 48.97 -15.33 -34.10
N ALA K 87 49.28 -15.72 -35.33
CA ALA K 87 48.25 -15.90 -36.34
C ALA K 87 47.16 -16.87 -35.91
N ALA K 88 47.53 -17.91 -35.15
CA ALA K 88 46.59 -18.89 -34.63
C ALA K 88 45.61 -18.33 -33.60
N ASP K 89 45.76 -17.06 -33.20
CA ASP K 89 44.76 -16.36 -32.41
C ASP K 89 43.62 -15.75 -33.22
N THR K 90 43.58 -15.97 -34.53
CA THR K 90 42.45 -15.53 -35.37
C THR K 90 41.17 -16.30 -35.06
N ALA K 91 40.13 -15.60 -34.62
CA ALA K 91 38.88 -16.23 -34.22
C ALA K 91 37.79 -15.17 -34.07
N VAL K 92 36.54 -15.63 -33.99
CA VAL K 92 35.45 -14.88 -33.36
C VAL K 92 35.51 -15.02 -31.85
N TYR K 93 35.38 -13.88 -31.15
CA TYR K 93 35.39 -13.81 -29.69
C TYR K 93 34.03 -13.35 -29.17
N TYR K 94 33.51 -14.05 -28.15
CA TYR K 94 32.24 -13.70 -27.52
C TYR K 94 32.40 -13.46 -26.03
N CYS K 95 31.59 -12.55 -25.48
CA CYS K 95 31.31 -12.46 -24.06
C CYS K 95 29.93 -13.02 -23.74
N ALA K 96 29.83 -13.74 -22.62
CA ALA K 96 28.56 -14.32 -22.18
C ALA K 96 28.42 -14.23 -20.66
N ARG K 97 27.18 -14.21 -20.19
CA ARG K 97 26.84 -14.11 -18.77
C ARG K 97 26.39 -15.47 -18.23
N ASP K 98 26.92 -15.85 -17.06
CA ASP K 98 26.28 -16.85 -16.20
C ASP K 98 25.38 -16.19 -15.17
N PRO K 99 24.08 -16.51 -15.14
CA PRO K 99 23.17 -15.90 -14.14
C PRO K 99 23.37 -16.35 -12.70
N ARG K 100 24.13 -17.40 -12.43
CA ARG K 100 24.40 -17.82 -11.07
C ARG K 100 25.61 -17.12 -10.46
N GLY K 101 26.41 -16.43 -11.26
CA GLY K 101 27.58 -15.72 -10.81
C GLY K 101 28.84 -16.53 -10.70
N TYR K 102 28.85 -17.76 -11.21
CA TYR K 102 30.03 -18.61 -11.16
C TYR K 102 31.04 -18.15 -12.19
N GLY K 103 32.31 -18.10 -11.78
CA GLY K 103 33.36 -17.64 -12.67
C GLY K 103 33.99 -18.69 -13.56
N ALA K 104 33.68 -19.97 -13.33
CA ALA K 104 34.28 -21.05 -14.12
C ALA K 104 33.20 -22.08 -14.46
N ALA K 105 32.20 -21.66 -15.22
CA ALA K 105 31.11 -22.54 -15.58
C ALA K 105 30.66 -22.28 -17.01
N LEU K 106 30.31 -23.35 -17.71
CA LEU K 106 29.88 -23.27 -19.10
C LEU K 106 28.51 -23.89 -19.34
N ASP K 107 27.90 -24.48 -18.32
CA ASP K 107 26.65 -25.23 -18.49
C ASP K 107 25.41 -24.35 -18.56
N ARG K 108 25.49 -23.08 -18.19
CA ARG K 108 24.29 -22.23 -18.14
C ARG K 108 24.60 -20.81 -18.61
N LEU K 109 25.21 -20.69 -19.78
CA LEU K 109 25.46 -19.37 -20.38
C LEU K 109 24.21 -18.87 -21.07
N ASP K 110 23.42 -18.06 -20.37
CA ASP K 110 22.08 -17.71 -20.78
C ASP K 110 22.01 -16.53 -21.74
N LEU K 111 22.96 -15.60 -21.67
CA LEU K 111 22.94 -14.41 -22.49
C LEU K 111 24.30 -14.22 -23.15
N TRP K 112 24.31 -13.95 -24.46
CA TRP K 112 25.51 -13.81 -25.26
C TRP K 112 25.51 -12.48 -25.99
N GLY K 113 26.69 -11.95 -26.27
CA GLY K 113 26.84 -10.91 -27.27
C GLY K 113 26.75 -11.46 -28.69
N GLN K 114 26.87 -10.55 -29.66
CA GLN K 114 26.88 -10.98 -31.05
C GLN K 114 28.27 -11.40 -31.55
N GLY K 115 29.33 -10.94 -30.90
CA GLY K 115 30.69 -11.35 -31.22
C GLY K 115 31.49 -10.40 -32.11
N THR K 116 32.78 -10.28 -31.83
CA THR K 116 33.73 -9.60 -32.69
C THR K 116 34.71 -10.59 -33.30
N CYS K 117 34.82 -10.57 -34.63
CA CYS K 117 35.87 -11.30 -35.32
C CYS K 117 37.17 -10.52 -35.31
N VAL K 118 38.28 -11.22 -35.08
CA VAL K 118 39.61 -10.62 -35.10
C VAL K 118 40.52 -11.44 -35.99
N THR K 119 41.14 -10.78 -36.97
CA THR K 119 42.14 -11.38 -37.85
C THR K 119 43.52 -10.80 -37.55
N VAL K 120 44.51 -11.67 -37.36
CA VAL K 120 45.89 -11.26 -37.14
C VAL K 120 46.68 -11.47 -38.44
N SER K 121 47.23 -10.40 -38.98
CA SER K 121 47.95 -10.50 -40.25
C SER K 121 48.92 -9.35 -40.40
N SER K 122 49.93 -9.57 -41.26
CA SER K 122 50.90 -8.54 -41.61
C SER K 122 50.36 -7.52 -42.60
N PHE K 123 49.33 -7.88 -43.36
CA PHE K 123 48.87 -7.13 -44.51
C PHE K 123 48.39 -5.71 -44.20
N SER K 125 48.01 -4.97 -45.24
CA SER K 125 47.20 -3.76 -45.12
C SER K 125 45.77 -4.04 -45.54
N THR K 126 44.82 -3.46 -44.80
CA THR K 126 43.44 -3.41 -45.24
C THR K 126 43.27 -2.56 -46.49
N LYS K 127 42.35 -2.98 -47.36
CA LYS K 127 41.90 -2.18 -48.50
C LYS K 127 40.39 -2.32 -48.63
N GLY K 128 39.69 -1.20 -48.83
CA GLY K 128 38.26 -1.19 -49.06
C GLY K 128 37.81 -1.65 -50.44
N PRO K 129 36.52 -1.93 -50.57
CA PRO K 129 36.01 -2.57 -51.78
C PRO K 129 35.54 -1.60 -52.86
N SER K 130 35.46 -2.13 -54.08
CA SER K 130 34.58 -1.66 -55.14
C SER K 130 33.24 -2.39 -55.12
N VAL K 131 32.28 -1.85 -55.88
CA VAL K 131 30.91 -2.38 -55.89
C VAL K 131 30.31 -2.43 -57.30
N CYS K 132 30.33 -3.62 -57.92
CA CYS K 132 29.62 -3.83 -59.18
C CYS K 132 28.11 -3.90 -58.96
N PRO K 133 27.32 -3.14 -59.70
CA PRO K 133 25.89 -3.44 -59.83
C PRO K 133 25.66 -4.71 -60.64
N LEU K 134 24.44 -5.24 -60.54
CA LEU K 134 24.08 -6.51 -61.18
C LEU K 134 22.69 -6.39 -61.81
N ALA K 135 22.63 -5.77 -62.99
CA ALA K 135 21.37 -5.35 -63.57
C ALA K 135 20.67 -6.55 -64.22
N PRO K 136 19.33 -6.56 -64.25
CA PRO K 136 18.52 -7.68 -64.75
C PRO K 136 18.95 -8.18 -66.13
N CYS K 147 15.47 -11.19 -60.39
CA CYS K 147 16.86 -11.28 -59.97
C CYS K 147 17.67 -10.05 -60.40
N LEU K 148 18.28 -9.41 -59.41
CA LEU K 148 19.28 -8.37 -59.58
C LEU K 148 20.10 -8.34 -58.30
N GLY K 149 21.19 -7.57 -58.30
CA GLY K 149 22.07 -7.64 -57.15
C GLY K 149 23.10 -6.55 -57.09
N CYS K 150 24.02 -6.71 -56.13
CA CYS K 150 25.07 -5.76 -55.80
C CYS K 150 26.28 -6.58 -55.36
N LEU K 151 27.39 -6.46 -56.09
CA LEU K 151 28.56 -7.33 -55.90
C LEU K 151 29.75 -6.53 -55.39
N VAL K 152 30.26 -6.93 -54.22
CA VAL K 152 31.29 -6.24 -53.46
C VAL K 152 32.61 -7.00 -53.57
N LYS K 153 33.70 -6.30 -53.85
CA LYS K 153 34.87 -6.91 -54.48
C LYS K 153 36.16 -6.31 -53.93
N ASP K 154 37.23 -7.10 -54.04
CA ASP K 154 38.63 -6.71 -53.77
C ASP K 154 38.90 -6.14 -52.37
N TYR K 155 38.15 -6.55 -51.35
CA TYR K 155 38.47 -6.08 -50.01
C TYR K 155 39.39 -7.07 -49.27
N PHE K 156 40.00 -6.59 -48.20
CA PHE K 156 40.83 -7.43 -47.33
C PHE K 156 40.55 -7.15 -45.86
N CYS K 157 40.95 -8.11 -45.02
CA CYS K 157 40.44 -8.32 -43.66
C CYS K 157 38.93 -8.52 -43.74
N GLU K 158 38.62 -9.73 -44.22
CA GLU K 158 37.27 -10.09 -44.68
C GLU K 158 36.21 -9.95 -43.60
N CYS K 159 36.56 -10.21 -42.36
CA CYS K 159 35.58 -10.71 -41.40
C CYS K 159 34.52 -9.68 -40.95
N PRO K 160 34.84 -8.40 -40.81
CA PRO K 160 33.82 -7.41 -40.40
C PRO K 160 33.02 -6.77 -41.53
N VAL K 161 33.14 -7.22 -42.78
CA VAL K 161 32.42 -6.56 -43.87
C VAL K 161 30.92 -6.84 -43.74
N THR K 162 30.10 -5.85 -44.10
CA THR K 162 28.66 -5.95 -44.06
C THR K 162 28.05 -5.17 -45.22
N VAL K 163 26.90 -5.65 -45.69
CA VAL K 163 26.15 -5.04 -46.78
C VAL K 163 24.67 -4.99 -46.42
N SER K 164 23.98 -3.95 -46.91
CA SER K 164 22.59 -3.70 -46.58
C SER K 164 21.92 -3.00 -47.77
N TRP K 165 20.59 -2.95 -47.75
CA TRP K 165 19.81 -2.47 -48.89
C TRP K 165 18.72 -1.49 -48.47
N ASN K 166 18.48 -0.50 -49.33
CA ASN K 166 17.60 0.64 -49.04
C ASN K 166 17.83 1.22 -47.65
N SER K 167 19.10 1.34 -47.26
CA SER K 167 19.49 1.77 -45.92
C SER K 167 18.86 0.92 -44.83
N GLY K 168 18.69 -0.37 -45.12
CA GLY K 168 18.06 -1.30 -44.20
C GLY K 168 16.58 -1.53 -44.39
N ALA K 169 15.89 -0.65 -45.12
CA ALA K 169 14.45 -0.82 -45.29
C ALA K 169 14.08 -1.94 -46.27
N LEU K 170 15.00 -2.39 -47.11
CA LEU K 170 14.79 -3.57 -47.96
C LEU K 170 15.20 -4.83 -47.19
N THR K 171 14.40 -5.13 -46.17
CA THR K 171 14.60 -6.27 -45.28
C THR K 171 14.47 -7.64 -45.95
N SER K 172 14.10 -7.71 -47.23
CA SER K 172 13.42 -8.89 -47.75
C SER K 172 14.07 -9.37 -49.05
N GLY K 173 14.15 -10.69 -49.20
CA GLY K 173 14.70 -11.30 -50.40
C GLY K 173 16.19 -11.20 -50.59
N VAL K 174 16.91 -10.49 -49.73
CA VAL K 174 18.36 -10.36 -49.84
C VAL K 174 19.02 -11.66 -49.37
N HIS K 175 19.36 -12.52 -50.32
CA HIS K 175 20.40 -13.52 -50.10
C HIS K 175 21.77 -12.87 -50.10
N THR K 176 22.72 -13.48 -49.38
CA THR K 176 24.09 -13.01 -49.37
C THR K 176 24.99 -14.22 -49.12
N PHE K 177 26.20 -14.15 -49.66
CA PHE K 177 27.03 -15.33 -49.86
C PHE K 177 28.30 -15.28 -49.03
N PRO K 178 28.83 -16.45 -48.65
CA PRO K 178 30.18 -16.49 -48.07
C PRO K 178 31.22 -15.88 -49.00
N ALA K 179 32.15 -15.14 -48.41
CA ALA K 179 33.27 -14.58 -49.16
C ALA K 179 34.13 -15.68 -49.75
N VAL K 180 34.85 -15.33 -50.81
CA VAL K 180 35.81 -16.21 -51.45
C VAL K 180 37.15 -15.51 -51.57
N LEU K 181 38.23 -16.27 -51.42
CA LEU K 181 39.58 -15.76 -51.63
C LEU K 181 39.83 -15.56 -53.11
N GLN K 182 39.91 -14.31 -53.54
CA GLN K 182 40.44 -14.01 -54.86
C GLN K 182 41.88 -14.51 -54.98
N SER K 183 42.27 -14.87 -56.20
CA SER K 183 43.65 -15.30 -56.44
C SER K 183 44.66 -14.24 -56.03
N SER K 184 44.25 -12.99 -55.94
CA SER K 184 45.06 -11.90 -55.42
C SER K 184 45.22 -11.94 -53.91
N GLY K 185 44.61 -12.90 -53.22
CA GLY K 185 44.61 -12.90 -51.78
C GLY K 185 43.64 -11.91 -51.15
N LEU K 186 42.73 -11.35 -51.94
CA LEU K 186 41.67 -10.48 -51.45
C LEU K 186 40.35 -11.25 -51.47
N TYR K 187 39.28 -10.58 -51.06
CA TYR K 187 37.98 -11.23 -50.91
C TYR K 187 36.92 -10.51 -51.74
N SER K 188 35.94 -11.29 -52.21
CA SER K 188 34.79 -10.78 -52.94
C SER K 188 33.54 -11.52 -52.50
N LEU K 189 32.40 -10.82 -52.60
CA LEU K 189 31.13 -11.31 -52.10
C LEU K 189 30.02 -10.74 -52.95
N SER K 190 28.90 -11.45 -53.04
CA SER K 190 27.77 -11.03 -53.86
C SER K 190 26.50 -10.96 -53.02
N SER K 191 25.67 -9.97 -53.32
CA SER K 191 24.36 -9.79 -52.67
C SER K 191 23.29 -9.65 -53.74
N VAL K 192 22.20 -10.38 -53.58
CA VAL K 192 21.22 -10.61 -54.64
C VAL K 192 19.81 -10.51 -54.06
N VAL K 193 18.92 -9.86 -54.79
CA VAL K 193 17.49 -9.87 -54.48
C VAL K 193 16.70 -10.17 -55.75
N THR K 194 15.73 -11.08 -55.64
CA THR K 194 14.77 -11.34 -56.70
C THR K 194 13.73 -10.24 -56.77
N VAL K 195 13.48 -9.72 -57.96
CA VAL K 195 12.54 -8.62 -58.16
C VAL K 195 11.53 -8.94 -59.25
N PRO K 196 10.25 -8.62 -59.07
CA PRO K 196 9.28 -8.75 -60.17
C PRO K 196 9.44 -7.65 -61.21
N SER K 197 9.23 -8.02 -62.48
CA SER K 197 9.55 -7.12 -63.59
C SER K 197 8.77 -5.82 -63.52
N SER K 198 7.58 -5.83 -62.92
CA SER K 198 6.84 -4.59 -62.69
C SER K 198 7.56 -3.67 -61.72
N SER K 199 8.36 -4.23 -60.81
CA SER K 199 9.04 -3.46 -59.79
C SER K 199 10.29 -2.75 -60.30
N LEU K 200 10.70 -3.03 -61.54
CA LEU K 200 11.84 -2.35 -62.13
C LEU K 200 11.54 -0.88 -62.34
N GLY K 201 12.45 -0.02 -61.88
CA GLY K 201 12.16 1.39 -61.68
C GLY K 201 11.15 1.69 -60.58
N THR K 202 10.06 0.93 -60.54
CA THR K 202 8.97 1.14 -59.59
C THR K 202 9.40 0.94 -58.14
N GLN K 203 10.53 0.28 -57.89
CA GLN K 203 11.11 0.20 -56.55
C GLN K 203 12.57 0.63 -56.55
N THR K 204 13.01 1.22 -55.43
CA THR K 204 14.28 1.94 -55.38
C THR K 204 15.50 1.02 -55.45
N TYR K 205 15.46 -0.13 -54.79
CA TYR K 205 16.58 -1.09 -54.78
C TYR K 205 17.96 -0.42 -54.69
N ILE K 206 18.14 0.33 -53.59
CA ILE K 206 19.42 0.92 -53.22
C ILE K 206 20.26 -0.12 -52.47
N CYS K 207 21.57 -0.10 -52.72
CA CYS K 207 22.54 -0.94 -52.03
C CYS K 207 23.46 -0.09 -51.15
N ASN K 208 23.67 -0.56 -49.92
CA ASN K 208 24.45 0.17 -48.90
C ASN K 208 25.53 -0.76 -48.36
N VAL K 209 26.78 -0.31 -48.46
CA VAL K 209 27.94 -1.13 -48.12
C VAL K 209 28.79 -0.34 -47.13
N ASN K 210 29.45 -1.05 -46.21
CA ASN K 210 30.53 -0.42 -45.45
C ASN K 210 31.56 -1.47 -45.06
N HIS K 211 32.80 -1.01 -44.90
CA HIS K 211 33.89 -1.84 -44.38
C HIS K 211 34.60 -1.04 -43.30
N LYS K 212 34.38 -1.40 -42.04
CA LYS K 212 34.71 -0.48 -40.96
C LYS K 212 36.21 -0.32 -40.75
N PRO K 213 37.00 -1.41 -40.77
CA PRO K 213 38.46 -1.23 -40.70
C PRO K 213 39.05 -0.38 -41.83
N SER K 214 38.64 -0.61 -43.08
CA SER K 214 39.04 0.27 -44.17
C SER K 214 38.26 1.60 -44.21
N ASN K 215 37.57 1.94 -43.14
CA ASN K 215 36.86 3.22 -42.99
C ASN K 215 35.89 3.52 -44.12
N THR K 216 35.48 2.51 -44.89
CA THR K 216 34.88 2.72 -46.20
C THR K 216 33.36 2.58 -46.10
N LYS K 217 32.64 3.55 -46.66
CA LYS K 217 31.21 3.39 -46.93
C LYS K 217 30.95 3.81 -48.37
N VAL K 218 30.10 3.07 -49.08
CA VAL K 218 29.69 3.39 -50.44
C VAL K 218 28.23 3.03 -50.66
N ASP K 219 27.65 3.62 -51.71
CA ASP K 219 26.25 3.42 -52.07
C ASP K 219 26.12 3.40 -53.58
N LYS K 220 25.04 2.77 -54.07
CA LYS K 220 24.80 2.66 -55.50
C LYS K 220 23.32 2.38 -55.74
N LYS K 221 22.91 2.48 -57.00
CA LYS K 221 21.60 2.03 -57.45
C LYS K 221 21.76 0.92 -58.49
N VAL K 222 20.80 0.01 -58.51
CA VAL K 222 20.63 -0.96 -59.59
C VAL K 222 19.43 -0.56 -60.44
N GLU K 223 19.60 -0.59 -61.76
CA GLU K 223 18.48 -0.44 -62.67
C GLU K 223 18.91 -1.03 -64.01
N PRO K 224 17.97 -1.48 -64.86
CA PRO K 224 18.35 -1.86 -66.22
C PRO K 224 19.06 -0.74 -66.99
N GLN L 3 37.32 -33.76 -19.76
CA GLN L 3 37.34 -33.84 -21.22
C GLN L 3 36.23 -34.76 -21.71
N MET L 4 35.81 -34.56 -22.96
CA MET L 4 34.57 -35.16 -23.45
C MET L 4 34.76 -35.57 -24.91
N THR L 5 33.95 -36.54 -25.32
CA THR L 5 33.78 -36.87 -26.74
C THR L 5 32.30 -36.93 -27.06
N GLN L 6 31.91 -36.31 -28.16
CA GLN L 6 30.52 -36.17 -28.56
C GLN L 6 30.32 -36.99 -29.83
N SER L 7 29.17 -37.65 -29.95
CA SER L 7 28.92 -38.56 -31.07
C SER L 7 27.44 -38.63 -31.43
N PRO L 8 27.10 -38.73 -32.72
CA PRO L 8 27.98 -38.71 -33.91
C PRO L 8 28.45 -37.32 -34.32
N SER L 9 29.47 -37.24 -35.19
CA SER L 9 29.90 -35.95 -35.71
C SER L 9 28.88 -35.33 -36.66
N SER L 10 28.11 -36.13 -37.39
CA SER L 10 27.05 -35.58 -38.22
C SER L 10 25.94 -36.59 -38.41
N LEU L 11 24.74 -36.06 -38.70
CA LEU L 11 23.61 -36.87 -39.10
C LEU L 11 22.77 -36.09 -40.10
N SER L 12 22.00 -36.83 -40.89
CA SER L 12 20.99 -36.23 -41.76
C SER L 12 19.74 -37.09 -41.76
N ALA L 13 18.59 -36.44 -41.71
CA ALA L 13 17.34 -37.13 -41.41
C ALA L 13 16.18 -36.38 -42.05
N SER L 14 15.03 -37.05 -42.11
CA SER L 14 13.85 -36.48 -42.73
C SER L 14 13.35 -35.30 -41.90
N VAL L 15 12.54 -34.45 -42.55
CA VAL L 15 11.57 -33.67 -41.79
C VAL L 15 10.67 -34.62 -41.03
N GLY L 16 10.34 -34.25 -39.79
CA GLY L 16 9.50 -35.05 -38.92
C GLY L 16 10.21 -36.15 -38.16
N ASP L 17 11.48 -36.40 -38.44
CA ASP L 17 12.14 -37.60 -37.98
C ASP L 17 12.61 -37.45 -36.52
N ARG L 18 12.93 -38.58 -35.92
CA ARG L 18 13.20 -38.69 -34.49
C ARG L 18 14.68 -38.99 -34.33
N VAL L 19 15.40 -38.13 -33.59
CA VAL L 19 16.85 -38.24 -33.52
C VAL L 19 17.31 -37.96 -32.09
N THR L 20 18.52 -38.41 -31.80
CA THR L 20 19.17 -38.17 -30.52
C THR L 20 20.65 -37.96 -30.73
N ILE L 21 21.27 -37.28 -29.77
CA ILE L 21 22.70 -37.00 -29.79
C ILE L 21 23.25 -37.41 -28.43
N THR L 22 24.44 -38.00 -28.42
CA THR L 22 25.04 -38.50 -27.20
C THR L 22 26.35 -37.78 -26.94
N CYS L 23 26.65 -37.60 -25.66
CA CYS L 23 27.89 -36.99 -25.18
C CYS L 23 28.35 -37.79 -23.98
N GLN L 24 29.64 -38.11 -23.94
CA GLN L 24 30.20 -38.96 -22.88
C GLN L 24 31.51 -38.38 -22.39
N SER L 25 31.88 -38.75 -21.18
CA SER L 25 33.03 -38.14 -20.52
C SER L 25 33.72 -39.17 -19.63
N ILE L 26 34.99 -38.90 -19.33
CA ILE L 26 35.80 -39.79 -18.50
C ILE L 26 35.55 -39.54 -17.02
N LYS L 27 34.96 -38.40 -16.67
CA LYS L 27 34.51 -38.11 -15.32
C LYS L 27 33.02 -37.79 -15.35
N SER L 28 32.34 -38.06 -14.24
CA SER L 28 30.98 -37.57 -14.05
C SER L 28 30.96 -36.07 -13.77
N VAL L 29 29.89 -35.42 -14.23
CA VAL L 29 29.73 -33.99 -14.01
C VAL L 29 29.44 -33.72 -12.53
N TYR L 30 29.89 -32.56 -12.07
CA TYR L 30 30.00 -32.29 -10.64
C TYR L 30 28.66 -32.35 -9.93
N ASN L 31 27.70 -31.53 -10.36
CA ASN L 31 26.36 -31.63 -9.78
C ASN L 31 25.28 -31.23 -10.80
N ASN L 32 25.05 -32.11 -11.76
CA ASN L 32 24.15 -31.91 -12.89
C ASN L 32 24.57 -30.78 -13.82
N ARG L 33 25.79 -30.26 -13.69
CA ARG L 33 26.29 -29.21 -14.56
C ARG L 33 26.58 -29.70 -15.98
N LEU L 34 25.53 -29.98 -16.75
CA LEU L 34 25.65 -30.17 -18.19
C LEU L 34 24.55 -29.40 -18.92
N GLY L 35 24.92 -28.76 -20.04
CA GLY L 35 23.95 -28.06 -20.87
C GLY L 35 24.15 -28.33 -22.35
N TRP L 36 23.15 -27.90 -23.13
CA TRP L 36 23.13 -28.05 -24.58
C TRP L 36 22.91 -26.71 -25.26
N TYR L 37 23.72 -26.41 -26.27
CA TYR L 37 23.64 -25.16 -27.03
C TYR L 37 23.37 -25.43 -28.50
N GLN L 38 22.58 -24.57 -29.12
CA GLN L 38 22.34 -24.56 -30.56
C GLN L 38 23.01 -23.36 -31.20
N GLN L 39 23.73 -23.59 -32.30
CA GLN L 39 24.33 -22.51 -33.09
C GLN L 39 23.89 -22.61 -34.54
N LYS L 40 23.57 -21.47 -35.13
CA LYS L 40 22.97 -21.36 -36.46
C LYS L 40 23.86 -20.52 -37.37
N CYS L 41 23.41 -20.36 -38.63
CA CYS L 41 24.20 -19.73 -39.68
C CYS L 41 24.71 -18.34 -39.29
N GLY L 42 25.94 -18.27 -38.79
CA GLY L 42 26.53 -17.01 -38.38
C GLY L 42 25.80 -16.31 -37.26
N LYS L 43 25.58 -17.02 -36.16
CA LYS L 43 24.89 -16.50 -34.99
C LYS L 43 25.63 -16.97 -33.74
N ALA L 44 25.48 -16.21 -32.67
CA ALA L 44 25.91 -16.69 -31.36
C ALA L 44 25.13 -17.94 -30.97
N PRO L 45 25.73 -18.82 -30.16
CA PRO L 45 24.98 -19.94 -29.59
C PRO L 45 23.79 -19.47 -28.76
N LYS L 46 22.74 -20.29 -28.76
CA LYS L 46 21.62 -20.14 -27.83
C LYS L 46 21.57 -21.35 -26.90
N LEU L 47 21.45 -21.09 -25.60
CA LEU L 47 21.15 -22.13 -24.62
C LEU L 47 19.77 -22.73 -24.84
N LEU L 48 19.71 -24.06 -24.94
CA LEU L 48 18.46 -24.80 -24.99
C LEU L 48 18.14 -25.54 -23.71
N ILE L 49 19.09 -26.32 -23.19
CA ILE L 49 18.91 -27.13 -22.00
C ILE L 49 20.02 -26.80 -21.02
N TYR L 50 19.67 -26.69 -19.73
CA TYR L 50 20.67 -26.55 -18.69
C TYR L 50 20.34 -27.50 -17.55
N GLU L 51 21.30 -27.70 -16.66
CA GLU L 51 21.17 -28.53 -15.47
C GLU L 51 20.61 -29.91 -15.82
N THR L 52 21.24 -30.54 -16.81
CA THR L 52 20.88 -31.82 -17.41
C THR L 52 19.56 -31.83 -18.16
N SER L 53 18.51 -31.25 -17.60
CA SER L 53 17.19 -31.50 -18.16
C SER L 53 16.22 -30.33 -18.12
N ILE L 54 16.58 -29.18 -17.54
CA ILE L 54 15.64 -28.07 -17.48
C ILE L 54 15.62 -27.38 -18.84
N LEU L 55 14.44 -27.28 -19.43
CA LEU L 55 14.22 -26.60 -20.69
C LEU L 55 14.23 -25.09 -20.50
N THR L 56 15.05 -24.40 -21.31
CA THR L 56 15.07 -22.94 -21.28
C THR L 56 13.75 -22.41 -21.82
N SER L 57 13.23 -21.35 -21.18
CA SER L 57 11.99 -20.75 -21.63
C SER L 57 12.09 -20.27 -23.08
N GLY L 58 10.93 -20.27 -23.75
CA GLY L 58 10.80 -19.98 -25.16
C GLY L 58 11.28 -21.05 -26.11
N VAL L 59 11.95 -22.08 -25.63
CA VAL L 59 12.31 -23.22 -26.48
C VAL L 59 11.07 -24.08 -26.70
N PRO L 60 10.72 -24.41 -27.94
CA PRO L 60 9.58 -25.29 -28.17
C PRO L 60 9.85 -26.69 -27.64
N SER L 61 8.81 -27.31 -27.08
CA SER L 61 8.97 -28.60 -26.41
C SER L 61 9.29 -29.76 -27.34
N ARG L 62 9.86 -29.47 -28.52
CA ARG L 62 10.45 -30.54 -29.34
C ARG L 62 11.65 -31.17 -28.64
N PHE L 63 12.37 -30.41 -27.83
CA PHE L 63 13.66 -30.82 -27.29
C PHE L 63 13.50 -31.29 -25.85
N SER L 64 14.20 -32.36 -25.52
CA SER L 64 14.41 -32.75 -24.13
C SER L 64 15.71 -33.52 -24.03
N GLY L 65 16.21 -33.67 -22.80
CA GLY L 65 17.42 -34.40 -22.58
C GLY L 65 17.54 -34.87 -21.15
N SER L 66 18.36 -35.90 -20.95
CA SER L 66 18.74 -36.36 -19.63
C SER L 66 19.96 -37.26 -19.77
N GLY L 67 20.49 -37.70 -18.64
CA GLY L 67 21.70 -38.49 -18.65
C GLY L 67 22.14 -39.07 -17.32
N SER L 68 22.75 -40.26 -17.40
CA SER L 68 23.13 -41.04 -16.22
C SER L 68 24.42 -40.58 -15.55
N GLY L 69 24.56 -39.28 -15.31
CA GLY L 69 25.70 -38.77 -14.57
C GLY L 69 27.03 -38.77 -15.28
N THR L 70 27.24 -39.71 -16.19
CA THR L 70 28.47 -39.79 -16.97
C THR L 70 28.18 -39.94 -18.45
N ASP L 71 26.90 -40.09 -18.82
CA ASP L 71 26.46 -40.31 -20.18
C ASP L 71 25.18 -39.51 -20.35
N PHE L 72 25.06 -38.76 -21.44
CA PHE L 72 24.00 -37.77 -21.54
C PHE L 72 23.47 -37.76 -22.97
N THR L 73 22.17 -37.55 -23.10
CA THR L 73 21.49 -37.58 -24.38
C THR L 73 20.69 -36.31 -24.55
N LEU L 74 20.68 -35.80 -25.78
CA LEU L 74 19.73 -34.78 -26.23
C LEU L 74 18.88 -35.39 -27.33
N THR L 75 17.56 -35.20 -27.23
CA THR L 75 16.62 -35.83 -28.15
C THR L 75 15.67 -34.79 -28.75
N ILE L 76 15.47 -34.87 -30.06
CA ILE L 76 14.52 -34.04 -30.79
C ILE L 76 13.41 -34.93 -31.32
N SER L 77 12.18 -34.64 -30.92
CA SER L 77 11.06 -35.54 -31.18
C SER L 77 10.60 -35.51 -32.65
N SER L 78 10.68 -34.35 -33.30
CA SER L 78 10.28 -34.29 -34.72
C SER L 78 11.01 -33.13 -35.40
N LEU L 79 12.09 -33.46 -36.11
CA LEU L 79 12.98 -32.46 -36.69
C LEU L 79 12.26 -31.53 -37.65
N GLN L 80 12.42 -30.23 -37.46
CA GLN L 80 12.01 -29.25 -38.45
C GLN L 80 13.23 -28.77 -39.22
N CYS L 81 13.00 -28.17 -40.38
CA CYS L 81 14.11 -27.54 -41.08
C CYS L 81 14.69 -26.38 -40.28
N GLU L 82 13.87 -25.72 -39.47
CA GLU L 82 14.33 -24.76 -38.47
C GLU L 82 15.36 -25.33 -37.50
N ASP L 83 15.42 -26.65 -37.34
CA ASP L 83 16.43 -27.30 -36.51
C ASP L 83 17.77 -27.50 -37.19
N PHE L 84 17.94 -27.05 -38.43
CA PHE L 84 19.25 -27.01 -39.05
C PHE L 84 20.22 -26.14 -38.26
N ALA L 85 21.27 -26.76 -37.69
CA ALA L 85 22.19 -26.12 -36.76
C ALA L 85 23.32 -27.09 -36.44
N THR L 86 24.37 -26.57 -35.80
CA THR L 86 25.26 -27.36 -34.96
C THR L 86 24.82 -27.33 -33.49
N TYR L 87 24.98 -28.48 -32.82
CA TYR L 87 24.71 -28.64 -31.40
C TYR L 87 25.95 -29.06 -30.62
N TYR L 88 26.15 -28.46 -29.44
CA TYR L 88 27.26 -28.79 -28.54
C TYR L 88 26.74 -29.13 -27.15
N CYS L 89 27.33 -30.15 -26.53
CA CYS L 89 27.29 -30.28 -25.08
C CYS L 89 28.37 -29.40 -24.42
N ALA L 90 28.07 -28.92 -23.22
CA ALA L 90 29.06 -28.35 -22.32
C ALA L 90 28.87 -28.88 -20.90
N GLY L 91 29.99 -29.13 -20.22
CA GLY L 91 29.96 -29.75 -18.91
C GLY L 91 31.01 -29.16 -17.99
N GLY L 92 30.76 -29.31 -16.69
CA GLY L 92 31.70 -28.88 -15.69
C GLY L 92 31.97 -29.94 -14.66
N PHE L 93 33.25 -30.22 -14.39
CA PHE L 93 33.61 -31.36 -13.56
C PHE L 93 34.08 -31.01 -12.17
N ASP L 94 34.42 -29.75 -11.91
CA ASP L 94 34.61 -29.29 -10.54
C ASP L 94 34.24 -27.82 -10.48
N ARG L 95 34.73 -27.13 -9.46
CA ARG L 95 34.61 -25.68 -9.35
C ARG L 95 35.99 -25.06 -9.43
N SER L 96 36.18 -24.17 -10.42
CA SER L 96 37.44 -23.57 -10.85
C SER L 96 38.15 -24.34 -11.96
N GLY L 97 38.02 -25.67 -11.97
CA GLY L 97 38.92 -26.45 -12.80
C GLY L 97 38.41 -26.90 -14.15
N ASP L 98 38.17 -28.21 -14.26
CA ASP L 98 37.86 -28.86 -15.53
C ASP L 98 36.44 -28.49 -15.98
N THR L 99 36.35 -27.62 -16.97
CA THR L 99 35.12 -27.42 -17.73
C THR L 99 35.48 -27.28 -19.21
N THR L 100 34.67 -27.89 -20.09
CA THR L 100 34.95 -27.84 -21.52
C THR L 100 33.66 -28.01 -22.31
N PHE L 101 33.69 -27.56 -23.56
CA PHE L 101 32.73 -27.94 -24.59
C PHE L 101 33.06 -29.30 -25.23
N GLY L 102 32.03 -29.88 -25.89
CA GLY L 102 32.21 -30.93 -26.87
C GLY L 102 32.53 -30.46 -28.29
N GLN L 103 32.77 -31.46 -29.16
CA GLN L 103 33.17 -31.21 -30.55
C GLN L 103 32.06 -30.64 -31.43
N GLY L 104 30.79 -30.83 -31.10
CA GLY L 104 29.68 -30.34 -31.89
C GLY L 104 29.21 -31.20 -33.05
N THR L 105 27.90 -31.42 -33.11
CA THR L 105 27.21 -32.24 -34.12
C THR L 105 26.44 -31.41 -35.15
N LYS L 106 26.66 -31.69 -36.43
CA LYS L 106 26.04 -30.94 -37.52
C LYS L 106 24.83 -31.70 -38.06
N VAL L 107 23.67 -31.03 -38.11
CA VAL L 107 22.40 -31.67 -38.49
C VAL L 107 21.90 -31.03 -39.79
N GLU L 108 21.81 -31.84 -40.85
CA GLU L 108 21.18 -31.46 -42.12
C GLU L 108 19.78 -32.07 -42.26
N ILE L 109 18.82 -31.27 -42.72
CA ILE L 109 17.43 -31.68 -42.93
C ILE L 109 17.18 -32.01 -44.40
N LYS L 110 16.78 -33.25 -44.67
CA LYS L 110 16.47 -33.73 -46.02
C LYS L 110 15.09 -33.27 -46.48
N ARG L 111 14.99 -32.75 -47.72
CA ARG L 111 13.72 -32.27 -48.22
C ARG L 111 13.50 -32.71 -49.67
N THR L 112 12.24 -32.62 -50.09
CA THR L 112 11.80 -32.90 -51.46
C THR L 112 12.52 -32.04 -52.50
N VAL L 113 12.95 -32.67 -53.60
CA VAL L 113 13.86 -32.06 -54.57
C VAL L 113 13.27 -30.77 -55.16
N ALA L 114 14.17 -29.89 -55.61
CA ALA L 114 13.84 -28.68 -56.36
C ALA L 114 14.94 -28.39 -57.37
N ALA L 115 14.53 -27.87 -58.62
CA ALA L 115 15.51 -27.56 -59.66
C ALA L 115 16.03 -26.13 -59.54
N PRO L 116 17.32 -25.94 -59.86
CA PRO L 116 17.95 -24.60 -59.80
C PRO L 116 17.37 -23.63 -60.81
N SER L 117 16.75 -22.56 -60.31
CA SER L 117 16.30 -21.45 -61.15
C SER L 117 17.50 -20.55 -61.49
N VAL L 118 17.79 -20.39 -62.78
CA VAL L 118 19.06 -19.84 -63.25
C VAL L 118 18.86 -18.41 -63.75
N CYS L 119 19.70 -17.49 -63.26
CA CYS L 119 19.87 -16.16 -63.86
C CYS L 119 21.32 -15.96 -64.31
N ILE L 120 21.50 -15.12 -65.32
CA ILE L 120 22.82 -14.70 -65.79
C ILE L 120 22.82 -13.19 -66.03
N PHE L 121 23.98 -12.57 -65.82
CA PHE L 121 24.08 -11.11 -65.74
C PHE L 121 25.27 -10.61 -66.56
N PRO L 122 25.08 -9.52 -67.29
CA PRO L 122 26.19 -8.97 -68.11
C PRO L 122 27.24 -8.29 -67.26
N PRO L 123 28.52 -8.55 -67.53
CA PRO L 123 29.60 -7.69 -67.02
C PRO L 123 29.40 -6.23 -67.37
N SER L 124 29.24 -5.37 -66.37
CA SER L 124 28.84 -3.99 -66.63
C SER L 124 29.27 -3.11 -65.48
N ASP L 125 29.31 -1.79 -65.77
CA ASP L 125 29.82 -0.75 -64.89
C ASP L 125 31.13 -1.12 -64.18
N GLU L 126 31.12 -1.19 -62.85
CA GLU L 126 32.33 -1.46 -62.08
C GLU L 126 33.02 -2.75 -62.51
N CYS L 127 32.26 -3.75 -62.93
CA CYS L 127 32.84 -5.00 -63.41
C CYS L 127 33.30 -4.91 -64.86
N LEU L 128 33.47 -3.68 -65.38
CA LEU L 128 34.38 -3.39 -66.48
C LEU L 128 35.18 -2.14 -66.18
N LYS L 129 34.55 -1.16 -65.53
CA LYS L 129 35.22 0.10 -65.24
C LYS L 129 36.41 -0.07 -64.29
N SER L 130 36.48 -1.19 -63.57
CA SER L 130 37.68 -1.55 -62.83
C SER L 130 38.77 -2.18 -63.68
N GLY L 131 38.53 -2.35 -64.98
CA GLY L 131 39.47 -3.04 -65.86
C GLY L 131 39.51 -4.55 -65.74
N THR L 132 39.28 -5.10 -64.55
CA THR L 132 38.84 -6.47 -64.42
C THR L 132 37.40 -6.63 -64.93
N ALA L 133 37.07 -7.84 -65.38
CA ALA L 133 35.70 -8.19 -65.72
C ALA L 133 35.24 -9.43 -64.96
N SER L 134 33.94 -9.48 -64.65
CA SER L 134 33.36 -10.60 -63.94
C SER L 134 31.92 -10.82 -64.39
N VAL L 135 31.55 -12.08 -64.56
CA VAL L 135 30.25 -12.50 -65.08
C VAL L 135 29.70 -13.57 -64.13
N VAL L 136 28.38 -13.54 -63.90
CA VAL L 136 27.77 -14.32 -62.82
C VAL L 136 26.62 -15.17 -63.34
N CYS L 137 26.60 -16.44 -62.91
CA CYS L 137 25.53 -17.39 -63.16
C CYS L 137 24.99 -17.83 -61.80
N LEU L 138 23.70 -17.65 -61.58
CA LEU L 138 23.10 -17.82 -60.25
C LEU L 138 22.07 -18.93 -60.26
N LEU L 139 22.32 -19.98 -59.48
CA LEU L 139 21.40 -21.12 -59.30
C LEU L 139 20.65 -20.98 -57.99
N ASN L 140 19.48 -20.35 -58.04
CA ASN L 140 18.65 -20.16 -56.84
C ASN L 140 17.93 -21.45 -56.44
N ASN L 141 17.77 -21.62 -55.13
CA ASN L 141 16.73 -22.45 -54.51
C ASN L 141 16.67 -23.86 -55.11
N PHE L 142 17.73 -24.63 -54.89
CA PHE L 142 17.78 -26.00 -55.36
C PHE L 142 18.09 -26.95 -54.21
N TYR L 143 17.70 -28.21 -54.40
CA TYR L 143 18.01 -29.33 -53.52
C TYR L 143 17.86 -30.64 -54.26
N PRO L 144 18.81 -31.58 -54.15
CA PRO L 144 20.02 -31.58 -53.32
C PRO L 144 21.16 -30.73 -53.86
N ARG L 145 22.30 -30.78 -53.17
CA ARG L 145 23.54 -30.14 -53.59
C ARG L 145 24.17 -30.80 -54.80
N GLU L 146 23.59 -31.90 -55.31
CA GLU L 146 24.14 -32.57 -56.49
C GLU L 146 23.70 -31.75 -57.70
N ALA L 147 24.41 -30.64 -57.89
CA ALA L 147 24.29 -29.78 -59.06
C ALA L 147 25.69 -29.40 -59.50
N LYS L 148 25.92 -29.45 -60.82
CA LYS L 148 27.22 -29.10 -61.38
C LYS L 148 27.05 -28.10 -62.52
N VAL L 149 28.01 -27.19 -62.62
CA VAL L 149 27.92 -26.04 -63.53
C VAL L 149 29.06 -26.15 -64.52
N GLN L 150 28.80 -25.68 -65.75
CA GLN L 150 29.83 -25.48 -66.75
C GLN L 150 29.81 -24.03 -67.20
N TRP L 151 30.98 -23.50 -67.53
CA TRP L 151 31.10 -22.21 -68.21
C TRP L 151 31.54 -22.39 -69.65
N LYS L 152 30.88 -21.68 -70.55
CA LYS L 152 31.20 -21.67 -71.97
C LYS L 152 31.27 -20.25 -72.50
N VAL L 153 32.28 -19.97 -73.32
CA VAL L 153 32.43 -18.68 -73.97
C VAL L 153 32.72 -18.94 -75.44
N ASP L 154 31.98 -18.27 -76.32
CA ASP L 154 31.95 -18.58 -77.75
C ASP L 154 31.82 -20.09 -78.01
N ASN L 155 31.00 -20.75 -77.20
CA ASN L 155 30.83 -22.21 -77.18
C ASN L 155 32.03 -22.99 -76.67
N ALA L 156 33.19 -22.36 -76.54
CA ALA L 156 34.34 -23.07 -75.98
C ALA L 156 34.16 -23.30 -74.48
N LEU L 157 34.45 -24.52 -74.05
CA LEU L 157 34.46 -24.87 -72.64
C LEU L 157 35.60 -24.15 -71.91
N GLN L 158 35.31 -23.67 -70.70
CA GLN L 158 36.25 -22.92 -69.90
C GLN L 158 36.60 -23.72 -68.65
N SER L 159 37.82 -23.51 -68.14
CA SER L 159 38.29 -24.22 -66.96
C SER L 159 39.27 -23.35 -66.19
N GLY L 160 39.39 -23.63 -64.90
CA GLY L 160 39.96 -22.68 -63.97
C GLY L 160 39.21 -21.36 -63.92
N ASN L 161 39.94 -20.32 -63.54
CA ASN L 161 39.51 -18.93 -63.71
C ASN L 161 38.11 -18.68 -63.14
N SER L 162 37.76 -19.39 -62.07
CA SER L 162 36.40 -19.36 -61.56
C SER L 162 36.38 -19.80 -60.10
N GLN L 163 35.29 -19.43 -59.42
CA GLN L 163 35.04 -19.78 -58.02
C GLN L 163 33.54 -19.93 -57.83
N GLU L 164 33.15 -20.76 -56.88
CA GLU L 164 31.75 -20.96 -56.54
C GLU L 164 31.53 -20.90 -55.03
N SER L 165 30.37 -20.39 -54.62
CA SER L 165 30.03 -20.29 -53.21
C SER L 165 28.53 -20.49 -53.02
N VAL L 166 28.14 -20.92 -51.82
CA VAL L 166 26.79 -21.44 -51.58
C VAL L 166 26.28 -20.94 -50.22
N THR L 167 24.98 -20.62 -50.18
CA THR L 167 24.32 -20.24 -48.94
C THR L 167 24.17 -21.46 -48.01
N CYS L 168 23.97 -21.18 -46.72
CA CYS L 168 23.40 -22.17 -45.82
C CYS L 168 21.93 -22.44 -46.15
N GLN L 169 21.40 -23.49 -45.53
CA GLN L 169 19.99 -23.84 -45.58
C GLN L 169 19.18 -22.96 -44.63
N ASP L 170 18.18 -22.26 -45.15
CA ASP L 170 17.33 -21.41 -44.31
C ASP L 170 16.20 -22.18 -43.62
N SER L 171 15.81 -21.65 -42.46
CA SER L 171 14.70 -22.15 -41.62
C SER L 171 13.34 -22.21 -42.33
N LYS L 172 13.17 -21.58 -43.47
CA LYS L 172 11.89 -21.63 -44.18
C LYS L 172 12.04 -21.94 -45.65
N ASP L 173 13.02 -21.35 -46.32
CA ASP L 173 13.30 -21.73 -47.71
C ASP L 173 13.79 -23.17 -47.75
N CYS L 174 14.77 -23.52 -46.91
CA CYS L 174 15.26 -24.87 -46.73
C CYS L 174 15.93 -25.46 -47.97
N THR L 175 15.84 -24.78 -49.11
CA THR L 175 16.77 -24.97 -50.21
C THR L 175 17.97 -24.04 -50.01
N TYR L 176 18.79 -23.88 -51.05
CA TYR L 176 19.96 -23.03 -50.96
C TYR L 176 20.34 -22.55 -52.36
N SER L 177 21.12 -21.47 -52.40
CA SER L 177 21.51 -20.84 -53.65
C SER L 177 23.02 -20.94 -53.84
N LEU L 178 23.43 -21.02 -55.10
CA LEU L 178 24.85 -21.08 -55.47
C LEU L 178 25.17 -19.93 -56.43
N SER L 179 26.29 -19.27 -56.17
CA SER L 179 26.81 -18.20 -57.01
C SER L 179 28.04 -18.69 -57.76
N SER L 180 27.96 -18.71 -59.09
CA SER L 180 29.09 -19.08 -59.94
C SER L 180 29.61 -17.83 -60.67
N THR L 181 30.94 -17.71 -60.71
CA THR L 181 31.60 -16.52 -61.22
C THR L 181 32.70 -16.93 -62.21
N LEU L 182 32.85 -16.15 -63.28
CA LEU L 182 34.02 -16.24 -64.14
C LEU L 182 34.73 -14.89 -64.22
N THR L 183 36.05 -14.93 -64.32
CA THR L 183 36.89 -13.74 -64.32
C THR L 183 37.57 -13.55 -65.67
N LEU L 184 37.81 -12.29 -66.01
CA LEU L 184 38.34 -11.92 -67.32
C LEU L 184 38.97 -10.54 -67.20
N SER L 185 39.73 -10.15 -68.21
CA SER L 185 40.01 -8.72 -68.35
C SER L 185 38.88 -8.03 -69.10
N LYS L 186 38.78 -6.71 -68.89
CA LYS L 186 37.89 -5.89 -69.70
C LYS L 186 38.17 -6.00 -71.20
N ALA L 187 39.46 -6.00 -71.57
CA ALA L 187 39.82 -6.09 -72.99
C ALA L 187 39.50 -7.45 -73.61
N ASP L 188 39.58 -8.52 -72.83
CA ASP L 188 39.28 -9.86 -73.32
C ASP L 188 37.79 -10.17 -73.29
N TYR L 189 37.04 -9.50 -72.42
CA TYR L 189 35.59 -9.45 -72.59
C TYR L 189 35.24 -8.76 -73.90
N GLU L 190 35.99 -7.74 -74.27
CA GLU L 190 35.78 -7.02 -75.52
C GLU L 190 36.29 -7.76 -76.75
N LYS L 191 37.00 -8.88 -76.58
CA LYS L 191 37.19 -9.79 -77.71
C LYS L 191 35.96 -10.66 -77.97
N HIS L 192 35.62 -11.53 -77.02
CA HIS L 192 34.60 -12.54 -77.26
C HIS L 192 33.20 -11.95 -77.08
N LYS L 193 32.21 -12.65 -77.64
CA LYS L 193 30.86 -12.12 -77.81
C LYS L 193 29.79 -13.01 -77.21
N VAL L 194 30.01 -14.33 -77.20
CA VAL L 194 29.03 -15.27 -76.66
C VAL L 194 29.48 -15.73 -75.28
N TYR L 195 28.57 -15.64 -74.31
CA TYR L 195 28.77 -16.13 -72.95
C TYR L 195 27.61 -17.03 -72.57
N ALA L 196 27.91 -18.17 -71.96
CA ALA L 196 26.87 -19.09 -71.53
C ALA L 196 27.32 -19.82 -70.27
N CYS L 197 26.35 -20.23 -69.46
CA CYS L 197 26.57 -21.21 -68.39
C CYS L 197 25.56 -22.33 -68.51
N GLU L 198 26.00 -23.53 -68.16
CA GLU L 198 25.23 -24.76 -68.35
C GLU L 198 25.27 -25.57 -67.06
N VAL L 199 24.13 -26.17 -66.72
CA VAL L 199 23.95 -26.84 -65.44
C VAL L 199 23.39 -28.23 -65.68
N THR L 200 23.94 -29.22 -64.98
CA THR L 200 23.31 -30.51 -64.81
C THR L 200 23.05 -30.73 -63.32
N HIS L 201 21.79 -30.93 -62.97
CA HIS L 201 21.34 -31.09 -61.60
C HIS L 201 20.43 -32.30 -61.52
N GLN L 202 20.58 -33.08 -60.45
CA GLN L 202 20.04 -34.43 -60.42
C GLN L 202 18.54 -34.47 -60.63
N GLY L 203 17.80 -33.47 -60.14
CA GLY L 203 16.42 -33.32 -60.53
C GLY L 203 16.23 -32.52 -61.79
N LEU L 204 16.63 -33.09 -62.92
CA LEU L 204 16.33 -32.52 -64.23
C LEU L 204 16.11 -33.64 -65.24
N SER L 205 15.41 -33.29 -66.32
CA SER L 205 15.28 -34.18 -67.46
C SER L 205 16.57 -34.32 -68.25
N SER L 206 17.51 -33.39 -68.09
CA SER L 206 18.49 -33.08 -69.11
C SER L 206 19.48 -32.04 -68.58
N PRO L 207 20.50 -31.64 -69.33
CA PRO L 207 21.10 -30.32 -69.10
C PRO L 207 20.09 -29.19 -69.26
N VAL L 208 20.46 -28.04 -68.70
CA VAL L 208 19.76 -26.77 -68.88
C VAL L 208 20.79 -25.71 -69.22
N THR L 209 20.40 -24.75 -70.05
CA THR L 209 21.32 -23.74 -70.54
C THR L 209 20.71 -22.34 -70.37
N LYS L 210 21.59 -21.37 -70.20
CA LYS L 210 21.24 -19.95 -70.29
C LYS L 210 22.42 -19.21 -70.88
N SER L 211 22.13 -18.15 -71.63
CA SER L 211 23.17 -17.39 -72.31
C SER L 211 22.88 -15.91 -72.23
N PHE L 212 23.89 -15.12 -72.57
CA PHE L 212 23.72 -13.75 -73.03
C PHE L 212 24.82 -13.48 -74.05
N ASN L 213 24.65 -12.43 -74.85
CA ASN L 213 25.56 -12.15 -75.95
C ASN L 213 25.96 -10.68 -75.94
N ARG L 214 27.24 -10.42 -76.20
CA ARG L 214 27.77 -9.06 -76.17
C ARG L 214 27.31 -8.28 -77.39
N GLY L 215 26.12 -7.68 -77.31
CA GLY L 215 25.57 -6.94 -78.42
C GLY L 215 24.81 -7.80 -79.40
#